data_8DM3
#
_entry.id   8DM3
#
_cell.length_a   1.00
_cell.length_b   1.00
_cell.length_c   1.00
_cell.angle_alpha   90.00
_cell.angle_beta   90.00
_cell.angle_gamma   90.00
#
_symmetry.space_group_name_H-M   'P 1'
#
loop_
_entity.id
_entity.type
_entity.pdbx_description
1 polymer 'Spike glycoprotein'
2 polymer 'Fab 4A8 heavy chain'
3 polymer 'Fab 4A8 light chain'
4 branched 2-acetamido-2-deoxy-beta-D-glucopyranose-(1-4)-2-acetamido-2-deoxy-beta-D-glucopyranose
5 non-polymer 2-acetamido-2-deoxy-beta-D-glucopyranose
#
loop_
_entity_poly.entity_id
_entity_poly.type
_entity_poly.pdbx_seq_one_letter_code
_entity_poly.pdbx_strand_id
1 'polypeptide(L)'
;MFVFLVLLPLVSSQCVNLITRTQSYTNSFTRGVYYPDKVFRSSVLHSTQDLFLPFFSNVTWFHAIHVSGTNGTKRFDNPV
LPFNDGVYFASTEKSNIIRGWIFGTTLDSKTQSLLIVNNATNVVIKVCEFQFCNDPFLDVYYHKNNKSWMESEFRVYSSA
NNCTFEYVSQPFLMDLEGKQGNFKNLREFVFKNIDGYFKIYSKHTPINLGRDLPQGFSALEPLVDLPIGINITRFQTLLA
LHRSYLTPGDSSSGWTAGAAAYYVGYLQPRTFLLKYNENGTITDAVDCALDPLSETKCTLKSFTVEKGIYQTSNFRVQPT
ESIVRFPNITNLCPFDEVFNATRFASVYAWNRKRISNCVADYSVLYNFAPFFAFKCYGVSPTKLNDLCFTNVYADSFVIR
GNEVSQIAPGQTGNIADYNYKLPDDFTGCVIAWNSNKLDSKVGGNYNYLYRLFRKSNLKPFERDISTEIYQAGNKPCNGV
AGFNCYFPLRSYGFRPTYGVGHQPYRVVVLSFELLHAPATVCGPKKSTNLVKNKCVNFNFNGLTGTGVLTESNKKFLPFQ
QFGRDIADTTDAVRDPQTLEILDITPCSFGGVSVITPGTNTSNQVAVLYQGVNCTEVPVAIHADQLTPTWRVYSTGSNVF
QTRAGCLIGAEYVNNSYECDIPIGAGICASYQTQTKSHGSASSVASQSIIAYTMSLGAENSVAYSNNSIAIPTNFTISVT
TEILPVSMTKTSVDCTMYICGDSTECSNLLLQYGSFCTQLKRALTGIAVEQDKNTQEVFAQVKQIYKTPPIKYFGGFNFS
QILPDPSKPSKRSPIEDLLFNKVTLADAGFIKQYGDCLGDIAARDLICAQKFNGLTVLPPLLTDEMIAQYTSALLAGTIT
SGWTFGAGPALQIPFPMQMAYRFNGIGVTQNVLYENQKLIANQFNSAIGKIQDSLSSTPSALGKLQDVVNHNAQALNTLV
KQLSSKFGAISSVLNDILSRLDPPEAEVQIDRLITGRLQSLQTYVTQQLIRAAEIRASANLAATKMSECVLGQSKRVDFC
GKGYHLMSFPQSAPHGVVFLHVTYVPAQEKNFTTAPAICHDGKAHFPREGVFVSNGTHWFVTQRNFYEPQIITTDNTFVS
GNCDVVIGIVNNTVYDPLQPELDSFKEELDKYFKNHTSPDVDLGDISGINASVVNIQKEIDRLNEVAKNLNESLIDLQEL
GKYEQGSGYIPEAPRDGQAYVRKDGEWVLLSTFLGRSLEVLFQGPGHHHHHHHHSAWSHPQFEKGGGSGGGGSGGSAWSH
PQFEK
;
A,B,C
2 'polypeptide(L)'
;MDWTWRVFCLLAVAPGAHSEVQLVESGAEVKKPGASVKVSCKVSGYTLTELSMHWVRQAPGKGLEWMGGFDPEDGETMYA
QKFQGRVTMTEDTSTDTAYMELSSLRSEDTAVYYCATSTAVAGTPDLFDYYYGMDVWGQGTTVTVSSASTKGPSVFPLAP
SSKSTSGGTAALGCLVKDYFPEPVTVSWNSGALTSGVHTFPAVLQSSGLYSLSSVVTVPSSSLGTQTYICNVNHKPSNTK
VDKKVEPKSCGSHHHHHH
;
H,M,P
3 'polypeptide(L)'
;MVLQTQVFISLLLWISGAYGEIVMTQSPLSSPVTLGQPASISCRSSQSLVHSDGNTYLSWLQQRPGQPPRLLIYKISNRF
SGVPDRFSGSGAGTDFTLKISRVEAEDVGVYYCTQATQFPYTFGQGTKVDIKGQPKANPTVTLFPPSSEELQANKATLVC
LISDFYPGAVTVAWKADGSPVKAGVETTKPSKQSNNKYAASSYLSLTPEQWKSHRSYSCQVTHEGSTVEKTVAPTECS
;
L,N,Q
#
loop_
_chem_comp.id
_chem_comp.type
_chem_comp.name
_chem_comp.formula
NAG D-saccharide, beta linking 2-acetamido-2-deoxy-beta-D-glucopyranose 'C8 H15 N O6'
#
# COMPACT_ATOMS: atom_id res chain seq x y z
N GLN A 14 -17.61 -10.76 -64.44
CA GLN A 14 -16.38 -10.51 -65.18
C GLN A 14 -15.17 -11.05 -64.44
N CYS A 15 -15.40 -12.08 -63.62
CA CYS A 15 -14.34 -12.68 -62.82
C CYS A 15 -13.48 -13.60 -63.67
N VAL A 16 -12.19 -13.29 -63.76
CA VAL A 16 -11.22 -14.08 -64.52
C VAL A 16 -10.00 -14.33 -63.65
N ASN A 17 -9.41 -15.53 -63.77
CA ASN A 17 -8.18 -15.86 -63.09
C ASN A 17 -7.02 -15.57 -64.04
N LEU A 18 -6.26 -14.52 -63.75
CA LEU A 18 -5.41 -13.94 -64.77
C LEU A 18 -4.03 -13.49 -64.28
N ILE A 19 -3.77 -13.49 -62.98
CA ILE A 19 -2.46 -13.15 -62.42
C ILE A 19 -1.84 -14.39 -61.80
N THR A 20 -0.57 -14.66 -62.13
CA THR A 20 0.18 -15.67 -61.42
C THR A 20 1.16 -15.02 -60.45
N ARG A 21 1.61 -15.80 -59.48
CA ARG A 21 2.46 -15.26 -58.42
C ARG A 21 3.52 -16.26 -57.99
N THR A 22 4.75 -15.79 -57.90
CA THR A 22 5.86 -16.51 -57.29
C THR A 22 6.28 -15.79 -56.01
N GLN A 23 6.95 -16.53 -55.12
CA GLN A 23 7.37 -15.94 -53.86
C GLN A 23 8.79 -16.37 -53.50
N SER A 24 9.50 -15.47 -52.84
CA SER A 24 10.84 -15.71 -52.30
C SER A 24 10.85 -15.24 -50.85
N TYR A 25 11.97 -15.48 -50.17
CA TYR A 25 12.13 -15.10 -48.77
C TYR A 25 13.34 -14.19 -48.61
N THR A 26 13.18 -13.09 -47.88
CA THR A 26 14.25 -12.14 -47.66
C THR A 26 14.20 -11.63 -46.22
N ASN A 27 15.12 -10.71 -45.91
CA ASN A 27 15.34 -10.22 -44.56
C ASN A 27 14.71 -8.85 -44.38
N SER A 28 14.07 -8.65 -43.23
CA SER A 28 13.44 -7.36 -42.93
C SER A 28 14.46 -6.27 -42.60
N PHE A 29 15.67 -6.65 -42.17
CA PHE A 29 16.72 -5.76 -41.67
C PHE A 29 16.15 -4.97 -40.50
N THR A 30 16.07 -3.64 -40.57
CA THR A 30 15.54 -2.82 -39.48
C THR A 30 14.32 -2.02 -39.90
N ARG A 31 13.65 -2.43 -40.96
CA ARG A 31 12.49 -1.71 -41.47
C ARG A 31 11.25 -2.05 -40.64
N GLY A 32 10.20 -1.27 -40.82
CA GLY A 32 8.94 -1.51 -40.15
C GLY A 32 8.70 -0.71 -38.90
N VAL A 33 9.56 0.25 -38.59
CA VAL A 33 9.40 1.06 -37.38
C VAL A 33 8.42 2.18 -37.66
N TYR A 34 7.42 2.31 -36.80
CA TYR A 34 6.41 3.36 -36.91
C TYR A 34 6.23 4.03 -35.56
N TYR A 35 5.58 5.19 -35.57
CA TYR A 35 5.31 5.92 -34.34
C TYR A 35 4.17 5.24 -33.60
N PRO A 36 4.37 4.79 -32.36
CA PRO A 36 3.28 4.10 -31.65
C PRO A 36 2.16 5.02 -31.18
N ASP A 37 2.38 6.33 -31.17
CA ASP A 37 1.35 7.27 -30.76
C ASP A 37 1.60 8.59 -31.47
N LYS A 38 0.68 9.54 -31.29
CA LYS A 38 0.78 10.85 -31.92
C LYS A 38 1.31 11.89 -30.94
N VAL A 39 2.27 11.50 -30.12
CA VAL A 39 2.83 12.34 -29.06
C VAL A 39 4.25 12.70 -29.44
N PHE A 40 4.55 14.00 -29.45
CA PHE A 40 5.90 14.45 -29.73
C PHE A 40 6.82 14.12 -28.56
N ARG A 41 7.95 13.49 -28.85
CA ARG A 41 9.00 13.24 -27.88
C ARG A 41 10.33 13.63 -28.51
N SER A 42 11.19 14.28 -27.74
CA SER A 42 12.44 14.84 -28.26
C SER A 42 13.62 14.38 -27.43
N SER A 43 14.61 13.77 -28.10
CA SER A 43 15.91 13.39 -27.53
C SER A 43 15.76 12.44 -26.33
N VAL A 44 14.87 11.45 -26.46
CA VAL A 44 14.58 10.55 -25.36
C VAL A 44 14.72 9.11 -25.84
N LEU A 45 14.65 8.19 -24.87
CA LEU A 45 14.63 6.76 -25.14
C LEU A 45 13.34 6.21 -24.55
N HIS A 46 12.40 5.85 -25.42
CA HIS A 46 11.07 5.42 -24.98
C HIS A 46 10.88 3.95 -25.28
N SER A 47 10.51 3.18 -24.26
CA SER A 47 10.28 1.74 -24.41
C SER A 47 8.78 1.49 -24.49
N THR A 48 8.34 0.85 -25.57
CA THR A 48 6.92 0.58 -25.77
C THR A 48 6.70 -0.86 -26.22
N GLN A 49 5.62 -1.46 -25.73
CA GLN A 49 5.25 -2.82 -26.10
C GLN A 49 4.05 -2.75 -27.03
N ASP A 50 4.26 -3.08 -28.30
CA ASP A 50 3.24 -2.87 -29.31
C ASP A 50 3.51 -3.86 -30.45
N LEU A 51 2.55 -4.01 -31.35
CA LEU A 51 2.68 -4.95 -32.46
C LEU A 51 3.61 -4.34 -33.50
N PHE A 52 4.87 -4.77 -33.48
CA PHE A 52 5.91 -4.27 -34.37
C PHE A 52 6.37 -5.37 -35.30
N LEU A 53 7.01 -4.97 -36.40
CA LEU A 53 7.74 -5.92 -37.22
C LEU A 53 9.07 -6.23 -36.55
N PRO A 54 9.35 -7.50 -36.25
CA PRO A 54 10.64 -7.84 -35.62
C PRO A 54 11.81 -7.60 -36.55
N PHE A 55 12.95 -7.27 -35.94
CA PHE A 55 14.16 -7.00 -36.72
C PHE A 55 14.73 -8.29 -37.29
N PHE A 56 15.19 -8.20 -38.54
CA PHE A 56 15.81 -9.30 -39.29
C PHE A 56 14.88 -10.52 -39.38
N SER A 57 13.62 -10.28 -39.68
CA SER A 57 12.61 -11.34 -39.75
C SER A 57 12.43 -11.81 -41.18
N ASN A 58 11.63 -12.87 -41.32
CA ASN A 58 11.38 -13.51 -42.61
C ASN A 58 10.26 -12.76 -43.32
N VAL A 59 10.59 -12.12 -44.43
CA VAL A 59 9.63 -11.33 -45.20
C VAL A 59 9.48 -11.97 -46.58
N THR A 60 8.24 -12.23 -46.99
CA THR A 60 7.98 -12.90 -48.25
C THR A 60 7.92 -11.87 -49.37
N TRP A 61 8.76 -12.05 -50.37
CA TRP A 61 8.83 -11.18 -51.53
C TRP A 61 7.99 -11.80 -52.65
N PHE A 62 6.86 -11.18 -52.95
CA PHE A 62 5.91 -11.68 -53.93
C PHE A 62 6.16 -10.99 -55.27
N HIS A 63 6.24 -11.78 -56.33
CA HIS A 63 6.24 -11.29 -57.71
C HIS A 63 4.94 -11.75 -58.36
N ALA A 64 4.09 -10.79 -58.71
CA ALA A 64 2.81 -11.03 -59.39
C ALA A 64 2.97 -10.62 -60.84
N ILE A 65 2.75 -11.58 -61.74
CA ILE A 65 3.05 -11.42 -63.16
C ILE A 65 1.78 -11.74 -63.94
N HIS A 66 1.47 -10.89 -64.93
CA HIS A 66 0.63 -11.26 -66.06
C HIS A 66 1.47 -11.26 -67.32
N VAL A 67 1.33 -12.33 -68.11
CA VAL A 67 1.91 -12.42 -69.44
C VAL A 67 0.77 -12.48 -70.45
N SER A 68 0.96 -11.83 -71.60
CA SER A 68 -0.08 -11.77 -72.62
C SER A 68 0.07 -12.91 -73.62
N ARG A 75 -4.99 -19.97 -65.41
CA ARG A 75 -5.51 -20.63 -64.22
C ARG A 75 -5.39 -19.72 -63.00
N PHE A 76 -5.81 -20.22 -61.85
CA PHE A 76 -5.77 -19.46 -60.60
C PHE A 76 -4.44 -19.71 -59.89
N ASP A 77 -3.60 -18.68 -59.85
CA ASP A 77 -2.29 -18.79 -59.21
C ASP A 77 -1.97 -17.54 -58.38
N ASN A 78 -3.00 -16.87 -57.86
CA ASN A 78 -2.84 -15.70 -57.00
C ASN A 78 -3.68 -15.87 -55.74
N PRO A 79 -3.23 -16.69 -54.78
CA PRO A 79 -4.05 -16.98 -53.61
C PRO A 79 -4.09 -15.79 -52.65
N VAL A 80 -5.05 -15.87 -51.73
CA VAL A 80 -5.28 -14.80 -50.76
C VAL A 80 -4.43 -15.07 -49.51
N LEU A 81 -3.63 -14.07 -49.12
CA LEU A 81 -2.68 -14.19 -48.01
C LEU A 81 -3.39 -13.92 -46.69
N PRO A 82 -3.02 -14.63 -45.62
CA PRO A 82 -3.63 -14.36 -44.31
C PRO A 82 -3.07 -13.10 -43.66
N PHE A 83 -3.95 -12.37 -42.98
CA PHE A 83 -3.58 -11.09 -42.37
C PHE A 83 -2.91 -11.28 -41.02
N ASN A 84 -3.46 -12.18 -40.19
CA ASN A 84 -3.05 -12.43 -38.80
C ASN A 84 -3.16 -11.13 -38.02
N ASP A 85 -2.09 -10.65 -37.37
CA ASP A 85 -2.18 -9.54 -36.44
C ASP A 85 -1.77 -8.20 -37.04
N GLY A 86 -1.33 -8.18 -38.28
CA GLY A 86 -0.90 -6.95 -38.91
C GLY A 86 0.12 -7.23 -40.00
N VAL A 87 0.26 -6.27 -40.91
CA VAL A 87 1.05 -6.47 -42.12
C VAL A 87 2.00 -5.29 -42.30
N TYR A 88 3.28 -5.57 -42.44
CA TYR A 88 4.22 -4.61 -43.00
C TYR A 88 4.29 -4.85 -44.50
N PHE A 89 4.15 -3.78 -45.28
CA PHE A 89 4.09 -3.86 -46.73
C PHE A 89 5.15 -2.94 -47.30
N ALA A 90 5.83 -3.38 -48.36
CA ALA A 90 6.82 -2.55 -49.01
C ALA A 90 6.76 -2.75 -50.51
N SER A 91 7.06 -1.70 -51.25
CA SER A 91 7.09 -1.81 -52.71
C SER A 91 8.09 -0.81 -53.28
N THR A 92 8.96 -1.30 -54.16
CA THR A 92 9.87 -0.43 -54.89
C THR A 92 9.32 -0.02 -56.26
N GLU A 93 8.13 -0.50 -56.62
CA GLU A 93 7.53 -0.19 -57.90
C GLU A 93 6.95 1.22 -57.89
N LYS A 94 6.53 1.67 -59.06
CA LYS A 94 5.89 2.97 -59.20
C LYS A 94 4.45 2.93 -58.67
N SER A 95 3.85 4.11 -58.55
CA SER A 95 2.57 4.26 -57.88
C SER A 95 1.38 3.82 -58.74
N ASN A 96 1.59 3.57 -60.02
CA ASN A 96 0.49 3.24 -60.92
C ASN A 96 0.24 1.74 -61.06
N ILE A 97 1.19 0.90 -60.64
CA ILE A 97 1.00 -0.55 -60.78
C ILE A 97 0.15 -1.08 -59.62
N ILE A 98 0.64 -0.91 -58.39
CA ILE A 98 -0.09 -1.31 -57.20
C ILE A 98 -0.98 -0.14 -56.78
N ARG A 99 -2.30 -0.35 -56.80
CA ARG A 99 -3.22 0.76 -56.56
C ARG A 99 -4.21 0.48 -55.44
N GLY A 100 -3.87 -0.35 -54.48
CA GLY A 100 -4.73 -0.52 -53.33
C GLY A 100 -4.67 -1.92 -52.78
N TRP A 101 -5.61 -2.19 -51.86
CA TRP A 101 -5.62 -3.45 -51.13
C TRP A 101 -7.06 -3.85 -50.82
N ILE A 102 -7.22 -5.10 -50.39
CA ILE A 102 -8.51 -5.68 -50.00
C ILE A 102 -8.31 -6.44 -48.70
N PHE A 103 -9.20 -6.21 -47.73
CA PHE A 103 -9.12 -6.86 -46.43
C PHE A 103 -10.47 -7.50 -46.07
N GLY A 104 -10.40 -8.62 -45.36
CA GLY A 104 -11.60 -9.31 -44.94
C GLY A 104 -11.26 -10.66 -44.34
N THR A 105 -12.28 -11.52 -44.24
CA THR A 105 -12.09 -12.90 -43.79
C THR A 105 -12.42 -13.91 -44.87
N THR A 106 -13.64 -13.88 -45.40
CA THR A 106 -14.06 -14.82 -46.44
C THR A 106 -14.19 -14.16 -47.81
N LEU A 107 -14.18 -12.82 -47.86
CA LEU A 107 -14.16 -12.02 -49.09
C LEU A 107 -15.37 -12.29 -49.98
N ASP A 108 -16.51 -12.59 -49.37
CA ASP A 108 -17.75 -12.78 -50.11
C ASP A 108 -18.85 -11.86 -49.57
N SER A 109 -20.08 -12.01 -50.07
CA SER A 109 -21.15 -11.11 -49.69
C SER A 109 -21.68 -11.38 -48.28
N LYS A 110 -21.32 -12.51 -47.67
CA LYS A 110 -21.82 -12.84 -46.34
C LYS A 110 -21.13 -12.01 -45.26
N THR A 111 -19.91 -11.56 -45.50
CA THR A 111 -19.13 -10.85 -44.49
C THR A 111 -18.76 -9.46 -44.99
N GLN A 112 -18.55 -8.55 -44.05
CA GLN A 112 -18.08 -7.21 -44.36
C GLN A 112 -16.63 -7.24 -44.80
N SER A 113 -16.26 -6.28 -45.66
CA SER A 113 -14.91 -6.24 -46.20
C SER A 113 -14.51 -4.81 -46.51
N LEU A 114 -13.20 -4.59 -46.54
CA LEU A 114 -12.58 -3.29 -46.71
C LEU A 114 -11.83 -3.26 -48.03
N LEU A 115 -11.94 -2.14 -48.74
CA LEU A 115 -11.38 -2.02 -50.08
C LEU A 115 -10.76 -0.63 -50.23
N ILE A 116 -9.47 -0.58 -50.52
CA ILE A 116 -8.73 0.67 -50.72
C ILE A 116 -8.31 0.73 -52.17
N VAL A 117 -8.71 1.79 -52.88
CA VAL A 117 -8.26 2.04 -54.23
C VAL A 117 -7.67 3.44 -54.29
N ASN A 118 -6.42 3.55 -54.71
CA ASN A 118 -5.77 4.81 -55.01
C ASN A 118 -5.76 5.02 -56.51
N ASN A 119 -5.99 6.27 -56.93
CA ASN A 119 -5.72 6.64 -58.31
C ASN A 119 -4.94 7.95 -58.31
N ALA A 120 -4.78 8.58 -59.48
CA ALA A 120 -3.85 9.70 -59.60
C ALA A 120 -4.33 10.96 -58.91
N THR A 121 -5.62 11.04 -58.57
CA THR A 121 -6.18 12.22 -57.93
C THR A 121 -6.40 12.04 -56.42
N ASN A 122 -6.93 10.89 -55.99
CA ASN A 122 -7.34 10.72 -54.61
C ASN A 122 -7.30 9.24 -54.23
N VAL A 123 -7.73 8.94 -53.01
CA VAL A 123 -7.89 7.58 -52.51
C VAL A 123 -9.33 7.41 -52.03
N VAL A 124 -9.94 6.28 -52.39
CA VAL A 124 -11.28 5.92 -51.95
C VAL A 124 -11.18 4.61 -51.18
N ILE A 125 -11.67 4.62 -49.94
CA ILE A 125 -11.73 3.45 -49.09
C ILE A 125 -13.20 3.18 -48.79
N LYS A 126 -13.63 1.95 -49.01
CA LYS A 126 -15.02 1.57 -48.81
C LYS A 126 -15.06 0.28 -48.01
N VAL A 127 -15.86 0.26 -46.96
CA VAL A 127 -16.19 -0.97 -46.25
C VAL A 127 -17.64 -1.29 -46.57
N CYS A 128 -17.83 -2.36 -47.35
CA CYS A 128 -19.13 -2.75 -47.83
C CYS A 128 -19.24 -4.26 -47.65
N GLU A 129 -20.32 -4.85 -48.17
CA GLU A 129 -20.36 -6.30 -48.36
C GLU A 129 -20.18 -6.58 -49.86
N PHE A 130 -18.92 -6.61 -50.28
CA PHE A 130 -18.59 -6.84 -51.68
C PHE A 130 -18.67 -8.33 -52.01
N GLN A 131 -18.99 -8.62 -53.26
CA GLN A 131 -18.86 -9.97 -53.80
C GLN A 131 -17.63 -9.98 -54.72
N PHE A 132 -16.45 -10.14 -54.12
CA PHE A 132 -15.21 -10.19 -54.88
C PHE A 132 -15.11 -11.42 -55.78
N CYS A 133 -14.35 -11.26 -56.85
CA CYS A 133 -13.93 -12.36 -57.70
C CYS A 133 -12.79 -13.13 -57.04
N ASN A 134 -12.38 -14.23 -57.68
CA ASN A 134 -11.22 -14.97 -57.19
C ASN A 134 -9.94 -14.18 -57.41
N ASP A 135 -9.84 -13.44 -58.52
CA ASP A 135 -8.70 -12.56 -58.79
C ASP A 135 -9.16 -11.14 -59.03
N PRO A 136 -9.32 -10.33 -57.97
CA PRO A 136 -9.63 -8.91 -58.16
C PRO A 136 -8.48 -8.15 -58.80
N PHE A 137 -8.83 -7.24 -59.71
CA PHE A 137 -7.89 -6.28 -60.28
C PHE A 137 -8.67 -5.09 -60.84
N LEU A 138 -8.13 -3.91 -60.64
CA LEU A 138 -8.70 -2.68 -61.20
C LEU A 138 -8.21 -2.53 -62.64
N ASP A 139 -9.15 -2.48 -63.60
CA ASP A 139 -8.74 -2.43 -65.00
C ASP A 139 -9.07 -1.07 -65.61
N VAL A 140 -8.10 -0.50 -66.32
CA VAL A 140 -8.29 0.77 -67.01
C VAL A 140 -8.64 0.46 -68.46
N TYR A 141 -9.53 1.26 -69.03
CA TYR A 141 -9.89 1.12 -70.45
C TYR A 141 -10.43 2.45 -70.97
N TYR A 142 -10.30 2.64 -72.27
CA TYR A 142 -10.69 3.91 -72.90
C TYR A 142 -12.20 3.88 -73.17
N HIS A 143 -12.91 4.84 -72.57
CA HIS A 143 -14.32 5.05 -72.83
C HIS A 143 -14.47 6.00 -74.01
N LYS A 144 -15.16 5.53 -75.06
CA LYS A 144 -15.31 6.30 -76.28
C LYS A 144 -16.40 7.37 -76.16
N ASN A 145 -17.30 7.24 -75.19
CA ASN A 145 -18.26 8.31 -74.94
C ASN A 145 -17.66 9.38 -74.04
N ASN A 146 -16.91 8.96 -73.02
CA ASN A 146 -16.11 9.89 -72.23
C ASN A 146 -14.84 10.29 -72.95
N LYS A 147 -14.43 9.51 -73.96
CA LYS A 147 -13.21 9.73 -74.77
C LYS A 147 -11.96 9.83 -73.90
N SER A 148 -11.87 8.97 -72.89
CA SER A 148 -10.77 9.06 -71.95
C SER A 148 -10.56 7.71 -71.26
N TRP A 149 -9.36 7.51 -70.74
CA TRP A 149 -9.05 6.28 -70.02
C TRP A 149 -9.68 6.37 -68.63
N MET A 150 -10.65 5.49 -68.36
CA MET A 150 -11.29 5.44 -67.05
C MET A 150 -11.06 4.07 -66.41
N GLU A 151 -11.17 4.06 -65.09
CA GLU A 151 -10.88 2.89 -64.27
C GLU A 151 -12.16 2.17 -63.92
N SER A 152 -12.08 0.85 -63.82
CA SER A 152 -13.24 0.02 -63.50
C SER A 152 -12.89 -1.00 -62.41
N GLU A 153 -13.86 -1.22 -61.53
CA GLU A 153 -13.78 -2.15 -60.42
C GLU A 153 -14.65 -3.39 -60.66
N PHE A 154 -15.13 -3.61 -61.88
CA PHE A 154 -15.99 -4.75 -62.16
C PHE A 154 -15.24 -6.07 -62.11
N ARG A 155 -13.93 -6.06 -62.31
CA ARG A 155 -13.11 -7.25 -62.09
C ARG A 155 -12.68 -7.40 -60.64
N VAL A 156 -12.83 -6.35 -59.82
CA VAL A 156 -12.59 -6.47 -58.39
C VAL A 156 -13.75 -7.16 -57.71
N TYR A 157 -14.97 -6.71 -57.98
CA TYR A 157 -16.16 -7.29 -57.38
C TYR A 157 -17.29 -7.27 -58.41
N SER A 158 -18.29 -8.12 -58.17
CA SER A 158 -19.47 -8.18 -59.02
C SER A 158 -20.64 -7.38 -58.50
N SER A 159 -20.70 -7.13 -57.19
CA SER A 159 -21.81 -6.41 -56.58
C SER A 159 -21.32 -5.77 -55.29
N ALA A 160 -22.10 -4.79 -54.82
CA ALA A 160 -21.76 -4.08 -53.59
C ALA A 160 -23.06 -3.64 -52.94
N ASN A 161 -23.45 -4.32 -51.86
CA ASN A 161 -24.68 -4.03 -51.14
C ASN A 161 -24.37 -3.95 -49.65
N ASN A 162 -25.31 -3.33 -48.93
CA ASN A 162 -25.26 -3.14 -47.46
C ASN A 162 -23.98 -2.42 -47.01
N CYS A 163 -23.58 -1.40 -47.77
CA CYS A 163 -22.30 -0.77 -47.55
C CYS A 163 -22.33 0.15 -46.33
N THR A 164 -21.28 0.08 -45.51
CA THR A 164 -21.30 0.74 -44.21
C THR A 164 -20.31 1.89 -44.04
N PHE A 165 -19.26 1.99 -44.85
CA PHE A 165 -18.26 3.01 -44.57
C PHE A 165 -17.68 3.52 -45.88
N GLU A 166 -17.51 4.84 -45.95
CA GLU A 166 -17.03 5.56 -47.13
C GLU A 166 -16.00 6.59 -46.67
N TYR A 167 -14.88 6.68 -47.39
CA TYR A 167 -13.85 7.65 -47.04
C TYR A 167 -13.02 8.00 -48.27
N VAL A 168 -13.03 9.27 -48.67
CA VAL A 168 -12.25 9.76 -49.80
C VAL A 168 -11.28 10.82 -49.28
N SER A 169 -10.00 10.67 -49.62
CA SER A 169 -9.01 11.62 -49.12
C SER A 169 -7.87 11.74 -50.13
N GLN A 170 -6.82 12.47 -49.74
CA GLN A 170 -5.62 12.60 -50.56
C GLN A 170 -4.86 11.27 -50.60
N PRO A 171 -4.34 10.87 -51.76
CA PRO A 171 -3.79 9.52 -51.90
C PRO A 171 -2.45 9.36 -51.21
N PHE A 172 -2.17 8.14 -50.75
CA PHE A 172 -0.91 7.80 -50.11
C PHE A 172 -0.05 6.87 -50.95
N LEU A 173 -0.36 6.74 -52.25
CA LEU A 173 0.50 6.03 -53.20
C LEU A 173 0.87 7.03 -54.29
N MET A 174 1.97 7.75 -54.08
CA MET A 174 2.42 8.80 -54.99
C MET A 174 3.87 8.56 -55.37
N ASP A 175 4.35 9.34 -56.34
CA ASP A 175 5.72 9.22 -56.81
C ASP A 175 6.58 10.35 -56.26
N LYS A 184 13.17 3.41 -57.13
CA LYS A 184 13.77 4.69 -56.76
C LYS A 184 13.20 5.16 -55.43
N ASN A 185 11.90 5.35 -55.39
CA ASN A 185 11.18 5.76 -54.19
C ASN A 185 10.40 4.56 -53.69
N LEU A 186 10.83 3.95 -52.60
CA LEU A 186 10.09 2.80 -52.09
C LEU A 186 9.02 3.30 -51.14
N ARG A 187 7.89 2.61 -51.17
CA ARG A 187 6.73 2.97 -50.38
C ARG A 187 6.54 1.89 -49.33
N GLU A 188 6.50 2.29 -48.06
CA GLU A 188 6.38 1.39 -46.93
C GLU A 188 5.09 1.69 -46.19
N PHE A 189 4.41 0.64 -45.77
CA PHE A 189 3.11 0.71 -45.14
C PHE A 189 3.07 -0.22 -43.96
N VAL A 190 2.34 0.17 -42.93
CA VAL A 190 2.05 -0.68 -41.78
C VAL A 190 0.56 -0.66 -41.59
N PHE A 191 -0.06 -1.84 -41.65
CA PHE A 191 -1.50 -2.00 -41.46
C PHE A 191 -1.73 -2.77 -40.16
N LYS A 192 -2.50 -2.17 -39.26
CA LYS A 192 -2.90 -2.80 -38.02
C LYS A 192 -4.42 -2.76 -37.93
N ASN A 193 -4.99 -3.79 -37.32
CA ASN A 193 -6.44 -3.86 -37.10
C ASN A 193 -6.62 -4.11 -35.61
N ILE A 194 -6.75 -3.03 -34.85
CA ILE A 194 -6.82 -3.09 -33.39
C ILE A 194 -8.07 -2.37 -32.94
N ASP A 195 -8.86 -3.07 -32.10
CA ASP A 195 -10.08 -2.62 -31.38
C ASP A 195 -10.98 -1.66 -32.17
N GLY A 196 -11.25 -2.05 -33.43
CA GLY A 196 -12.15 -1.33 -34.28
C GLY A 196 -11.49 -0.47 -35.34
N TYR A 197 -10.29 0.03 -35.06
CA TYR A 197 -9.56 0.87 -36.01
C TYR A 197 -8.56 0.10 -36.86
N PHE A 198 -8.64 0.37 -38.16
CA PHE A 198 -7.63 -0.01 -39.13
C PHE A 198 -6.66 1.16 -39.25
N LYS A 199 -5.45 0.97 -38.75
CA LYS A 199 -4.43 1.99 -38.71
C LYS A 199 -3.46 1.77 -39.85
N ILE A 200 -3.24 2.82 -40.66
CA ILE A 200 -2.28 2.79 -41.75
C ILE A 200 -1.20 3.82 -41.45
N TYR A 201 0.04 3.36 -41.48
CA TYR A 201 1.25 4.15 -41.36
C TYR A 201 1.99 4.06 -42.68
N SER A 202 2.62 5.14 -43.13
CA SER A 202 3.27 5.08 -44.42
C SER A 202 4.53 5.94 -44.44
N LYS A 203 5.38 5.64 -45.40
CA LYS A 203 6.60 6.41 -45.63
C LYS A 203 7.04 6.22 -47.08
N HIS A 204 7.56 7.29 -47.68
CA HIS A 204 8.13 7.24 -49.03
C HIS A 204 9.59 7.63 -48.93
N THR A 205 10.50 6.75 -49.35
CA THR A 205 11.92 7.05 -49.20
C THR A 205 12.65 6.93 -50.53
N PRO A 206 13.35 7.98 -51.02
CA PRO A 206 14.16 7.84 -52.24
C PRO A 206 15.43 7.00 -52.05
N ILE A 207 15.47 5.79 -52.59
CA ILE A 207 16.62 4.90 -52.46
C ILE A 207 17.46 4.85 -53.73
N ASN A 208 18.73 5.26 -53.63
CA ASN A 208 19.66 5.16 -54.76
C ASN A 208 19.74 3.69 -55.17
N LEU A 209 19.77 3.45 -56.50
CA LEU A 209 19.74 2.13 -57.13
C LEU A 209 20.62 1.11 -56.43
N GLY A 210 19.96 0.05 -55.94
CA GLY A 210 20.62 -0.99 -55.17
C GLY A 210 19.57 -1.92 -54.59
N ARG A 211 19.88 -2.44 -53.39
CA ARG A 211 18.97 -3.32 -52.67
C ARG A 211 17.66 -2.58 -52.37
N ASP A 212 16.54 -3.25 -52.68
CA ASP A 212 15.23 -2.62 -52.51
C ASP A 212 14.93 -2.32 -51.04
N LEU A 213 15.13 -3.30 -50.15
CA LEU A 213 15.02 -3.08 -48.71
C LEU A 213 16.33 -2.50 -48.17
N PRO A 214 16.44 -1.19 -47.97
CA PRO A 214 17.73 -0.59 -47.63
C PRO A 214 18.04 -0.74 -46.15
N GLN A 215 19.27 -0.38 -45.81
CA GLN A 215 19.68 -0.31 -44.41
C GLN A 215 19.14 0.98 -43.78
N GLY A 216 19.47 1.20 -42.52
CA GLY A 216 19.10 2.42 -41.84
C GLY A 216 17.66 2.43 -41.38
N PHE A 217 17.27 3.56 -40.79
CA PHE A 217 15.95 3.74 -40.20
C PHE A 217 15.15 4.78 -40.96
N SER A 218 13.90 4.44 -41.30
CA SER A 218 12.94 5.38 -41.85
C SER A 218 11.62 5.14 -41.12
N ALA A 219 11.37 5.93 -40.08
CA ALA A 219 10.16 5.77 -39.28
C ALA A 219 8.92 6.21 -40.05
N LEU A 220 7.89 5.36 -39.99
CA LEU A 220 6.65 5.58 -40.72
C LEU A 220 5.70 6.46 -39.90
N GLU A 221 5.40 7.64 -40.42
CA GLU A 221 4.46 8.54 -39.78
C GLU A 221 3.04 7.99 -39.83
N PRO A 222 2.24 8.17 -38.77
CA PRO A 222 0.84 7.73 -38.83
C PRO A 222 0.02 8.58 -39.78
N LEU A 223 -0.38 7.99 -40.90
CA LEU A 223 -1.19 8.71 -41.88
C LEU A 223 -2.67 8.68 -41.53
N VAL A 224 -3.26 7.51 -41.35
CA VAL A 224 -4.72 7.52 -41.17
C VAL A 224 -5.17 6.38 -40.27
N ASP A 225 -6.16 6.68 -39.43
CA ASP A 225 -6.87 5.69 -38.61
C ASP A 225 -8.31 5.62 -39.10
N LEU A 226 -8.85 4.42 -39.22
CA LEU A 226 -10.21 4.28 -39.74
C LEU A 226 -11.07 3.52 -38.75
N PRO A 227 -12.20 4.07 -38.30
CA PRO A 227 -13.11 3.32 -37.42
C PRO A 227 -13.92 2.27 -38.18
N ILE A 228 -13.34 1.09 -38.37
CA ILE A 228 -13.94 0.06 -39.20
C ILE A 228 -14.75 -0.91 -38.36
N GLY A 229 -14.10 -1.58 -37.41
CA GLY A 229 -14.79 -2.49 -36.53
C GLY A 229 -15.29 -3.77 -37.17
N ILE A 230 -14.53 -4.35 -38.09
CA ILE A 230 -14.86 -5.62 -38.72
C ILE A 230 -13.78 -6.63 -38.39
N ASN A 231 -14.08 -7.89 -38.69
CA ASN A 231 -13.13 -8.98 -38.54
C ASN A 231 -12.34 -9.13 -39.83
N ILE A 232 -11.01 -9.16 -39.71
CA ILE A 232 -10.11 -9.32 -40.85
C ILE A 232 -9.11 -10.41 -40.53
N THR A 233 -9.06 -11.46 -41.36
CA THR A 233 -8.06 -12.52 -41.23
C THR A 233 -7.24 -12.74 -42.48
N ARG A 234 -7.70 -12.28 -43.64
CA ARG A 234 -7.02 -12.51 -44.91
C ARG A 234 -6.94 -11.20 -45.68
N PHE A 235 -5.93 -11.05 -46.54
CA PHE A 235 -5.81 -9.83 -47.33
C PHE A 235 -5.27 -10.15 -48.72
N GLN A 236 -5.37 -9.15 -49.60
CA GLN A 236 -5.00 -9.28 -50.99
C GLN A 236 -4.60 -7.91 -51.52
N THR A 237 -3.67 -7.90 -52.47
CA THR A 237 -3.13 -6.66 -53.05
C THR A 237 -3.74 -6.38 -54.41
N LEU A 238 -4.11 -5.13 -54.65
CA LEU A 238 -4.80 -4.72 -55.87
C LEU A 238 -3.80 -4.13 -56.86
N LEU A 239 -3.80 -4.68 -58.07
CA LEU A 239 -2.94 -4.24 -59.16
C LEU A 239 -3.77 -3.60 -60.26
N ALA A 240 -3.13 -2.71 -61.02
CA ALA A 240 -3.76 -2.05 -62.15
C ALA A 240 -3.28 -2.70 -63.44
N LEU A 241 -4.20 -2.98 -64.34
CA LEU A 241 -3.90 -3.69 -65.57
C LEU A 241 -4.41 -2.91 -66.76
N HIS A 242 -3.63 -2.94 -67.85
CA HIS A 242 -3.86 -2.11 -69.02
C HIS A 242 -4.33 -2.99 -70.17
N ARG A 243 -5.30 -2.50 -70.93
CA ARG A 243 -5.77 -3.25 -72.08
C ARG A 243 -4.78 -3.12 -73.24
N SER A 244 -4.77 -4.14 -74.10
CA SER A 244 -3.72 -4.26 -75.11
C SER A 244 -3.94 -3.30 -76.28
N TYR A 245 -5.08 -3.45 -76.98
CA TYR A 245 -5.43 -2.69 -78.19
C TYR A 245 -4.36 -2.81 -79.27
N LEU A 246 -3.83 -4.02 -79.46
CA LEU A 246 -2.82 -4.27 -80.47
C LEU A 246 -2.91 -5.70 -80.99
N SER A 253 -5.29 -12.98 -74.00
CA SER A 253 -4.27 -11.95 -74.16
C SER A 253 -4.91 -10.58 -74.36
N GLY A 254 -5.98 -10.31 -73.61
CA GLY A 254 -6.65 -9.02 -73.69
C GLY A 254 -6.02 -7.92 -72.87
N TRP A 255 -5.06 -8.24 -72.02
CA TRP A 255 -4.41 -7.27 -71.15
C TRP A 255 -2.91 -7.24 -71.43
N THR A 256 -2.33 -6.05 -71.23
CA THR A 256 -0.91 -5.86 -71.42
C THR A 256 -0.13 -6.57 -70.32
N ALA A 257 0.95 -7.25 -70.70
CA ALA A 257 1.77 -7.99 -69.74
C ALA A 257 2.48 -7.06 -68.78
N GLY A 258 2.47 -7.43 -67.49
CA GLY A 258 3.05 -6.60 -66.45
C GLY A 258 3.57 -7.44 -65.31
N ALA A 259 4.35 -6.78 -64.44
CA ALA A 259 4.95 -7.42 -63.28
C ALA A 259 4.91 -6.46 -62.10
N ALA A 260 4.79 -7.02 -60.89
CA ALA A 260 4.78 -6.24 -59.67
C ALA A 260 5.53 -6.99 -58.59
N ALA A 261 6.43 -6.30 -57.88
CA ALA A 261 7.21 -6.89 -56.81
C ALA A 261 6.89 -6.19 -55.50
N TYR A 262 6.55 -6.96 -54.47
CA TYR A 262 6.23 -6.34 -53.19
C TYR A 262 6.58 -7.26 -52.04
N TYR A 263 7.04 -6.66 -50.93
CA TYR A 263 7.43 -7.40 -49.74
C TYR A 263 6.32 -7.36 -48.70
N VAL A 264 6.05 -8.51 -48.11
CA VAL A 264 5.02 -8.65 -47.08
C VAL A 264 5.65 -9.31 -45.86
N GLY A 265 5.60 -8.62 -44.74
CA GLY A 265 6.04 -9.18 -43.47
C GLY A 265 4.94 -9.11 -42.44
N TYR A 266 5.03 -9.90 -41.38
CA TYR A 266 3.96 -10.03 -40.40
C TYR A 266 4.42 -9.47 -39.06
N LEU A 267 3.53 -8.76 -38.39
CA LEU A 267 3.85 -8.13 -37.12
C LEU A 267 3.65 -9.09 -35.96
N GLN A 268 4.37 -8.81 -34.87
CA GLN A 268 4.35 -9.58 -33.65
C GLN A 268 4.31 -8.61 -32.48
N PRO A 269 3.61 -8.93 -31.38
CA PRO A 269 3.64 -8.05 -30.21
C PRO A 269 4.99 -8.08 -29.52
N ARG A 270 5.77 -7.02 -29.69
CA ARG A 270 7.15 -6.98 -29.25
C ARG A 270 7.40 -5.69 -28.48
N THR A 271 8.42 -5.71 -27.64
CA THR A 271 8.86 -4.53 -26.91
C THR A 271 10.03 -3.90 -27.64
N PHE A 272 9.88 -2.62 -28.00
CA PHE A 272 10.90 -1.87 -28.70
C PHE A 272 11.40 -0.75 -27.81
N LEU A 273 12.63 -0.32 -28.07
CA LEU A 273 13.20 0.88 -27.46
C LEU A 273 13.55 1.84 -28.59
N LEU A 274 12.89 2.99 -28.59
CA LEU A 274 12.94 3.97 -29.67
C LEU A 274 13.75 5.17 -29.22
N LYS A 275 14.62 5.67 -30.09
CA LYS A 275 15.41 6.86 -29.82
C LYS A 275 14.81 8.04 -30.57
N TYR A 276 14.27 9.00 -29.83
CA TYR A 276 13.75 10.22 -30.40
C TYR A 276 14.85 11.27 -30.40
N ASN A 277 15.12 11.86 -31.57
CA ASN A 277 16.23 12.79 -31.74
C ASN A 277 15.82 14.19 -31.28
N GLU A 278 16.62 15.19 -31.66
CA GLU A 278 16.32 16.58 -31.31
C GLU A 278 15.05 17.07 -31.99
N ASN A 279 14.82 16.66 -33.23
CA ASN A 279 13.66 17.12 -34.00
C ASN A 279 12.47 16.19 -33.90
N GLY A 280 12.51 15.21 -33.00
CA GLY A 280 11.36 14.37 -32.74
C GLY A 280 11.21 13.16 -33.64
N THR A 281 12.17 12.91 -34.52
CA THR A 281 12.08 11.80 -35.46
C THR A 281 12.71 10.56 -34.84
N ILE A 282 12.04 9.42 -34.97
CA ILE A 282 12.60 8.15 -34.53
C ILE A 282 13.71 7.77 -35.52
N THR A 283 14.96 7.99 -35.12
CA THR A 283 16.08 7.74 -36.00
C THR A 283 16.77 6.41 -35.74
N ASP A 284 16.48 5.76 -34.61
CA ASP A 284 17.18 4.53 -34.25
C ASP A 284 16.32 3.77 -33.25
N ALA A 285 16.47 2.45 -33.23
CA ALA A 285 15.64 1.61 -32.38
C ALA A 285 16.33 0.28 -32.15
N VAL A 286 15.94 -0.39 -31.07
CA VAL A 286 16.29 -1.80 -30.83
C VAL A 286 15.05 -2.59 -30.48
N ASP A 287 15.01 -3.84 -30.94
CA ASP A 287 14.01 -4.81 -30.51
C ASP A 287 14.55 -5.57 -29.30
N CYS A 288 13.69 -5.78 -28.31
CA CYS A 288 14.14 -6.38 -27.07
C CYS A 288 14.17 -7.90 -27.10
N ALA A 289 13.73 -8.53 -28.19
CA ALA A 289 13.79 -9.98 -28.34
C ALA A 289 14.62 -10.29 -29.58
N LEU A 290 15.93 -10.33 -29.38
CA LEU A 290 16.94 -10.57 -30.42
C LEU A 290 18.10 -11.27 -29.76
N ASP A 291 19.28 -11.14 -30.36
CA ASP A 291 20.52 -11.46 -29.66
C ASP A 291 20.61 -10.66 -28.36
N PRO A 292 21.16 -11.23 -27.29
CA PRO A 292 21.03 -10.62 -25.95
C PRO A 292 21.74 -9.28 -25.77
N LEU A 293 22.55 -8.83 -26.74
CA LEU A 293 23.06 -7.46 -26.70
C LEU A 293 21.92 -6.45 -26.78
N SER A 294 20.94 -6.69 -27.65
CA SER A 294 19.78 -5.82 -27.76
C SER A 294 18.91 -5.84 -26.51
N GLU A 295 18.80 -7.00 -25.85
CA GLU A 295 18.05 -7.06 -24.61
C GLU A 295 18.81 -6.38 -23.46
N THR A 296 20.14 -6.43 -23.49
CA THR A 296 20.94 -5.63 -22.57
C THR A 296 20.75 -4.14 -22.81
N LYS A 297 20.63 -3.75 -24.09
CA LYS A 297 20.34 -2.36 -24.44
C LYS A 297 18.98 -1.94 -23.93
N CYS A 298 18.00 -2.84 -24.00
CA CYS A 298 16.67 -2.55 -23.46
C CYS A 298 16.69 -2.44 -21.95
N THR A 299 17.45 -3.31 -21.27
CA THR A 299 17.48 -3.30 -19.81
C THR A 299 18.21 -2.07 -19.28
N LEU A 300 19.31 -1.69 -19.92
CA LEU A 300 20.07 -0.52 -19.50
C LEU A 300 19.46 0.79 -19.98
N LYS A 301 18.46 0.71 -20.88
CA LYS A 301 17.80 1.87 -21.51
C LYS A 301 18.81 2.77 -22.22
N SER A 302 19.79 2.15 -22.88
CA SER A 302 20.86 2.87 -23.54
C SER A 302 21.25 2.13 -24.81
N PHE A 303 21.89 2.86 -25.72
CA PHE A 303 22.37 2.27 -26.96
C PHE A 303 23.85 1.97 -26.96
N THR A 304 24.59 2.48 -25.98
CA THR A 304 25.99 2.13 -25.78
C THR A 304 26.08 1.35 -24.49
N VAL A 305 26.64 0.14 -24.56
CA VAL A 305 26.76 -0.75 -23.42
C VAL A 305 28.24 -0.88 -23.09
N GLU A 306 28.60 -0.56 -21.84
CA GLU A 306 29.97 -0.66 -21.40
C GLU A 306 30.36 -2.12 -21.17
N LYS A 307 31.67 -2.35 -21.04
CA LYS A 307 32.18 -3.68 -20.79
C LYS A 307 31.79 -4.15 -19.39
N GLY A 308 31.23 -5.35 -19.31
CA GLY A 308 30.84 -5.91 -18.03
C GLY A 308 29.81 -7.00 -18.22
N ILE A 309 29.36 -7.53 -17.09
CA ILE A 309 28.31 -8.53 -17.04
C ILE A 309 27.05 -7.84 -16.54
N TYR A 310 25.93 -8.08 -17.22
CA TYR A 310 24.66 -7.45 -16.90
C TYR A 310 23.61 -8.52 -16.79
N GLN A 311 23.01 -8.67 -15.63
CA GLN A 311 21.93 -9.63 -15.46
C GLN A 311 20.68 -8.99 -16.05
N THR A 312 20.23 -9.50 -17.19
CA THR A 312 19.18 -8.85 -17.95
C THR A 312 17.86 -9.60 -17.91
N SER A 313 17.87 -10.93 -17.90
CA SER A 313 16.60 -11.63 -18.11
C SER A 313 16.43 -12.76 -17.11
N ASN A 314 15.36 -13.54 -17.28
CA ASN A 314 15.12 -14.72 -16.47
C ASN A 314 14.68 -15.85 -17.37
N PHE A 315 15.52 -16.89 -17.44
CA PHE A 315 15.14 -18.10 -18.16
C PHE A 315 14.03 -18.83 -17.41
N ARG A 316 13.03 -19.28 -18.15
CA ARG A 316 11.93 -20.07 -17.62
C ARG A 316 11.68 -21.25 -18.55
N VAL A 317 11.21 -22.35 -17.97
CA VAL A 317 10.75 -23.50 -18.76
C VAL A 317 9.24 -23.41 -18.89
N GLN A 318 8.76 -23.28 -20.12
CA GLN A 318 7.34 -23.11 -20.34
C GLN A 318 6.60 -24.42 -20.10
N PRO A 319 5.39 -24.37 -19.53
CA PRO A 319 4.62 -25.61 -19.33
C PRO A 319 4.13 -26.15 -20.66
N THR A 320 4.31 -27.46 -20.85
CA THR A 320 4.01 -28.11 -22.12
C THR A 320 2.61 -28.73 -22.15
N GLU A 321 2.26 -29.52 -21.13
CA GLU A 321 0.98 -30.21 -21.06
C GLU A 321 0.23 -29.76 -19.82
N SER A 322 -1.05 -30.12 -19.76
CA SER A 322 -1.88 -29.85 -18.60
C SER A 322 -2.39 -31.17 -18.04
N ILE A 323 -2.09 -31.43 -16.77
CA ILE A 323 -2.48 -32.65 -16.09
C ILE A 323 -3.40 -32.27 -14.96
N VAL A 324 -4.69 -32.59 -15.10
CA VAL A 324 -5.70 -32.33 -14.09
C VAL A 324 -6.16 -33.68 -13.57
N ARG A 325 -5.87 -33.99 -12.31
CA ARG A 325 -6.18 -35.31 -11.79
C ARG A 325 -7.07 -35.14 -10.56
N PHE A 326 -8.23 -35.80 -10.60
CA PHE A 326 -9.29 -35.76 -9.61
C PHE A 326 -9.63 -37.18 -9.21
N PRO A 327 -10.14 -37.41 -7.99
CA PRO A 327 -10.38 -38.79 -7.54
C PRO A 327 -11.55 -39.43 -8.26
N ASN A 328 -11.73 -40.73 -8.00
CA ASN A 328 -12.74 -41.53 -8.68
C ASN A 328 -14.14 -41.06 -8.35
N ILE A 329 -15.02 -41.20 -9.34
CA ILE A 329 -16.44 -40.89 -9.15
C ILE A 329 -17.10 -42.13 -8.55
N THR A 330 -16.99 -42.28 -7.23
CA THR A 330 -17.55 -43.43 -6.55
C THR A 330 -18.92 -43.16 -5.97
N ASN A 331 -19.37 -41.91 -5.98
CA ASN A 331 -20.70 -41.57 -5.49
C ASN A 331 -21.70 -41.82 -6.60
N LEU A 332 -22.63 -42.74 -6.38
CA LEU A 332 -23.58 -43.11 -7.42
C LEU A 332 -24.57 -41.98 -7.67
N CYS A 333 -25.16 -41.45 -6.60
CA CYS A 333 -26.27 -40.50 -6.56
C CYS A 333 -27.41 -40.98 -7.47
N PRO A 334 -28.20 -41.96 -7.02
CA PRO A 334 -29.04 -42.73 -7.95
C PRO A 334 -30.21 -41.93 -8.51
N PHE A 335 -30.10 -41.61 -9.80
CA PHE A 335 -31.22 -41.13 -10.59
C PHE A 335 -31.96 -42.26 -11.29
N ASP A 336 -31.48 -43.50 -11.15
CA ASP A 336 -32.22 -44.65 -11.65
C ASP A 336 -33.46 -44.93 -10.81
N GLU A 337 -33.47 -44.50 -9.55
CA GLU A 337 -34.69 -44.58 -8.76
C GLU A 337 -35.76 -43.64 -9.30
N VAL A 338 -35.35 -42.48 -9.82
CA VAL A 338 -36.30 -41.50 -10.31
C VAL A 338 -36.70 -41.81 -11.75
N PHE A 339 -35.72 -42.02 -12.64
CA PHE A 339 -36.01 -42.07 -14.07
C PHE A 339 -36.38 -43.46 -14.55
N ASN A 340 -35.91 -44.51 -13.86
CA ASN A 340 -36.12 -45.89 -14.30
C ASN A 340 -37.14 -46.60 -13.41
N ALA A 341 -37.95 -45.85 -12.67
CA ALA A 341 -38.98 -46.47 -11.84
C ALA A 341 -40.10 -47.04 -12.69
N THR A 342 -40.67 -48.15 -12.22
CA THR A 342 -41.74 -48.82 -12.96
C THR A 342 -43.06 -48.07 -12.85
N ARG A 343 -43.34 -47.49 -11.69
CA ARG A 343 -44.58 -46.77 -11.45
C ARG A 343 -44.29 -45.35 -10.98
N PHE A 344 -45.04 -44.40 -11.53
CA PHE A 344 -45.02 -43.02 -11.06
C PHE A 344 -46.32 -42.69 -10.36
N ALA A 345 -46.29 -41.60 -9.60
CA ALA A 345 -47.45 -41.12 -8.87
C ALA A 345 -48.30 -40.22 -9.77
N SER A 346 -49.52 -39.94 -9.32
CA SER A 346 -50.46 -39.14 -10.08
C SER A 346 -50.04 -37.67 -10.08
N VAL A 347 -50.70 -36.89 -10.93
CA VAL A 347 -50.29 -35.50 -11.12
C VAL A 347 -50.73 -34.61 -9.95
N TYR A 348 -51.81 -34.97 -9.26
CA TYR A 348 -52.21 -34.22 -8.08
C TYR A 348 -51.39 -34.62 -6.85
N ALA A 349 -50.78 -35.80 -6.88
CA ALA A 349 -49.96 -36.30 -5.79
C ALA A 349 -48.55 -36.57 -6.31
N TRP A 350 -47.99 -35.60 -7.02
CA TRP A 350 -46.70 -35.75 -7.70
C TRP A 350 -45.56 -36.02 -6.71
N ASN A 351 -44.70 -36.97 -7.08
CA ASN A 351 -43.70 -37.46 -6.13
C ASN A 351 -42.48 -36.55 -6.14
N ARG A 352 -42.12 -36.04 -4.96
CA ARG A 352 -41.00 -35.12 -4.81
C ARG A 352 -39.87 -35.81 -4.06
N LYS A 353 -38.68 -35.75 -4.63
CA LYS A 353 -37.48 -36.37 -4.05
C LYS A 353 -36.38 -35.32 -3.93
N ARG A 354 -35.77 -35.26 -2.75
CA ARG A 354 -34.65 -34.34 -2.52
C ARG A 354 -33.34 -35.06 -2.78
N ILE A 355 -32.47 -34.41 -3.56
CA ILE A 355 -31.18 -34.96 -3.97
C ILE A 355 -30.08 -34.09 -3.37
N SER A 356 -29.22 -34.70 -2.56
CA SER A 356 -28.16 -33.97 -1.89
C SER A 356 -27.02 -34.92 -1.56
N ASN A 357 -25.84 -34.31 -1.34
CA ASN A 357 -24.62 -35.01 -0.89
C ASN A 357 -24.19 -36.12 -1.86
N CYS A 358 -24.02 -35.74 -3.12
CA CYS A 358 -23.58 -36.69 -4.15
C CYS A 358 -23.03 -35.88 -5.30
N VAL A 359 -22.34 -36.57 -6.21
CA VAL A 359 -21.96 -35.99 -7.49
C VAL A 359 -22.84 -36.64 -8.56
N ALA A 360 -23.46 -35.79 -9.39
CA ALA A 360 -24.43 -36.22 -10.38
C ALA A 360 -23.82 -36.14 -11.77
N ASP A 361 -23.80 -37.26 -12.47
CA ASP A 361 -23.29 -37.31 -13.85
C ASP A 361 -24.48 -37.22 -14.79
N TYR A 362 -24.65 -36.07 -15.43
CA TYR A 362 -25.76 -35.85 -16.35
C TYR A 362 -25.45 -36.31 -17.77
N SER A 363 -24.23 -36.79 -18.02
CA SER A 363 -23.89 -37.30 -19.35
C SER A 363 -24.59 -38.63 -19.63
N VAL A 364 -24.81 -39.44 -18.61
CA VAL A 364 -25.47 -40.73 -18.82
C VAL A 364 -26.96 -40.55 -19.08
N LEU A 365 -27.53 -39.40 -18.70
CA LEU A 365 -28.89 -39.06 -19.10
C LEU A 365 -28.99 -38.86 -20.61
N TYR A 366 -27.96 -38.28 -21.21
CA TYR A 366 -27.92 -38.14 -22.67
C TYR A 366 -27.49 -39.43 -23.36
N ASN A 367 -26.69 -40.27 -22.69
CA ASN A 367 -26.15 -41.48 -23.33
C ASN A 367 -27.25 -42.48 -23.63
N PHE A 368 -28.07 -42.81 -22.63
CA PHE A 368 -29.30 -43.57 -22.82
C PHE A 368 -30.46 -42.62 -22.58
N ALA A 369 -31.29 -42.44 -23.60
CA ALA A 369 -32.32 -41.40 -23.56
C ALA A 369 -33.47 -41.78 -24.50
N PRO A 370 -34.56 -42.32 -23.96
CA PRO A 370 -35.82 -42.36 -24.71
C PRO A 370 -36.63 -41.08 -24.53
N PHE A 371 -35.98 -40.03 -24.04
CA PHE A 371 -36.64 -38.80 -23.65
C PHE A 371 -36.91 -37.96 -24.89
N PHE A 372 -38.19 -37.79 -25.22
CA PHE A 372 -38.56 -36.99 -26.39
C PHE A 372 -38.36 -35.50 -26.12
N ALA A 373 -38.74 -35.04 -24.93
CA ALA A 373 -38.64 -33.62 -24.58
C ALA A 373 -37.63 -33.44 -23.45
N PHE A 374 -36.64 -32.58 -23.69
CA PHE A 374 -35.53 -32.31 -22.76
C PHE A 374 -35.37 -30.79 -22.77
N LYS A 375 -36.10 -30.10 -21.91
CA LYS A 375 -36.17 -28.64 -22.01
C LYS A 375 -35.69 -27.99 -20.72
N CYS A 376 -34.65 -27.18 -20.80
CA CYS A 376 -34.08 -26.51 -19.63
C CYS A 376 -34.28 -25.01 -19.76
N TYR A 377 -34.75 -24.37 -18.68
CA TYR A 377 -35.12 -22.96 -18.69
C TYR A 377 -34.03 -22.05 -18.14
N GLY A 378 -33.64 -22.24 -16.88
CA GLY A 378 -32.72 -21.36 -16.22
C GLY A 378 -31.27 -21.78 -16.19
N VAL A 379 -30.91 -22.88 -16.86
CA VAL A 379 -29.55 -23.38 -16.89
C VAL A 379 -29.33 -24.06 -18.23
N SER A 380 -28.10 -24.00 -18.73
CA SER A 380 -27.81 -24.68 -19.98
C SER A 380 -27.72 -26.19 -19.74
N PRO A 381 -28.23 -27.01 -20.66
CA PRO A 381 -28.11 -28.47 -20.51
C PRO A 381 -26.68 -28.98 -20.54
N THR A 382 -25.79 -28.36 -21.31
CA THR A 382 -24.42 -28.84 -21.41
C THR A 382 -23.51 -28.31 -20.31
N LYS A 383 -23.97 -27.37 -19.49
CA LYS A 383 -23.14 -26.83 -18.42
C LYS A 383 -23.50 -27.41 -17.06
N LEU A 384 -24.34 -28.46 -17.02
CA LEU A 384 -24.75 -29.06 -15.76
C LEU A 384 -23.60 -29.77 -15.08
N ASN A 385 -22.68 -30.31 -15.88
CA ASN A 385 -21.55 -31.03 -15.31
C ASN A 385 -20.49 -30.07 -14.80
N ASP A 386 -20.62 -28.77 -15.10
CA ASP A 386 -19.62 -27.80 -14.67
C ASP A 386 -20.12 -26.87 -13.57
N LEU A 387 -21.28 -27.15 -13.00
CA LEU A 387 -21.87 -26.33 -11.96
C LEU A 387 -22.16 -27.15 -10.71
N CYS A 388 -22.23 -26.45 -9.58
CA CYS A 388 -22.54 -27.05 -8.30
C CYS A 388 -23.89 -26.54 -7.82
N PHE A 389 -24.71 -27.44 -7.27
CA PHE A 389 -26.08 -27.10 -6.91
C PHE A 389 -26.43 -27.66 -5.54
N THR A 390 -27.48 -27.09 -4.97
CA THR A 390 -28.19 -27.68 -3.84
C THR A 390 -29.67 -27.33 -4.01
N ASN A 391 -30.49 -27.77 -3.05
CA ASN A 391 -31.96 -27.75 -3.13
C ASN A 391 -32.45 -28.42 -4.40
N VAL A 392 -31.86 -29.58 -4.71
CA VAL A 392 -32.20 -30.32 -5.92
C VAL A 392 -33.45 -31.14 -5.65
N TYR A 393 -34.51 -30.90 -6.42
CA TYR A 393 -35.77 -31.60 -6.21
C TYR A 393 -36.26 -32.19 -7.53
N ALA A 394 -36.66 -33.46 -7.48
CA ALA A 394 -37.21 -34.16 -8.63
C ALA A 394 -38.70 -34.38 -8.40
N ASP A 395 -39.52 -33.88 -9.31
CA ASP A 395 -40.97 -34.02 -9.24
C ASP A 395 -41.41 -34.92 -10.39
N SER A 396 -41.86 -36.12 -10.06
CA SER A 396 -42.25 -37.11 -11.06
C SER A 396 -43.76 -37.25 -11.08
N PHE A 397 -44.34 -37.23 -12.29
CA PHE A 397 -45.77 -37.44 -12.47
C PHE A 397 -46.02 -37.93 -13.90
N VAL A 398 -47.28 -38.26 -14.17
CA VAL A 398 -47.72 -38.76 -15.48
C VAL A 398 -48.85 -37.87 -15.98
N ILE A 399 -48.68 -37.32 -17.18
CA ILE A 399 -49.67 -36.42 -17.78
C ILE A 399 -50.01 -36.93 -19.18
N ARG A 400 -50.84 -36.14 -19.88
CA ARG A 400 -51.24 -36.45 -21.24
C ARG A 400 -50.16 -35.98 -22.23
N GLY A 401 -50.31 -36.42 -23.49
CA GLY A 401 -49.39 -36.01 -24.52
C GLY A 401 -49.51 -34.54 -24.89
N ASN A 402 -50.75 -34.02 -24.91
CA ASN A 402 -50.99 -32.62 -25.21
C ASN A 402 -50.77 -31.70 -24.02
N GLU A 403 -50.55 -32.24 -22.83
CA GLU A 403 -50.37 -31.44 -21.63
C GLU A 403 -48.91 -31.14 -21.32
N VAL A 404 -47.99 -31.53 -22.20
CA VAL A 404 -46.56 -31.33 -21.94
C VAL A 404 -46.16 -29.87 -22.07
N SER A 405 -46.95 -29.06 -22.79
CA SER A 405 -46.67 -27.64 -22.88
C SER A 405 -47.13 -26.88 -21.64
N GLN A 406 -48.03 -27.45 -20.84
CA GLN A 406 -48.55 -26.77 -19.67
C GLN A 406 -47.59 -26.79 -18.49
N ILE A 407 -46.59 -27.67 -18.50
CA ILE A 407 -45.60 -27.73 -17.40
C ILE A 407 -44.51 -26.73 -17.76
N ALA A 408 -44.78 -25.47 -17.44
CA ALA A 408 -43.90 -24.35 -17.76
C ALA A 408 -44.29 -23.19 -16.86
N PRO A 409 -43.37 -22.24 -16.63
CA PRO A 409 -43.75 -21.02 -15.91
C PRO A 409 -44.75 -20.18 -16.67
N GLY A 410 -45.73 -19.64 -15.95
CA GLY A 410 -46.67 -18.70 -16.52
C GLY A 410 -47.69 -19.27 -17.48
N GLN A 411 -47.94 -20.58 -17.42
CA GLN A 411 -48.88 -21.22 -18.33
C GLN A 411 -50.26 -21.34 -17.68
N THR A 412 -51.29 -21.20 -18.51
CA THR A 412 -52.67 -21.31 -18.08
C THR A 412 -53.23 -22.65 -18.56
N GLY A 413 -53.82 -23.40 -17.64
CA GLY A 413 -54.35 -24.70 -18.00
C GLY A 413 -55.07 -25.33 -16.83
N ASN A 414 -55.37 -26.63 -16.98
CA ASN A 414 -56.08 -27.38 -15.95
C ASN A 414 -55.10 -27.93 -14.91
N ILE A 415 -54.11 -28.71 -15.36
CA ILE A 415 -53.15 -29.29 -14.43
C ILE A 415 -52.13 -28.26 -13.95
N ALA A 416 -51.96 -27.16 -14.70
CA ALA A 416 -51.04 -26.10 -14.28
C ALA A 416 -51.61 -25.32 -13.09
N ASP A 417 -52.93 -25.19 -13.01
CA ASP A 417 -53.57 -24.41 -11.96
C ASP A 417 -54.02 -25.25 -10.78
N TYR A 418 -54.52 -26.47 -11.02
CA TYR A 418 -55.16 -27.26 -9.97
C TYR A 418 -54.37 -28.48 -9.55
N ASN A 419 -53.30 -28.85 -10.28
CA ASN A 419 -52.52 -30.02 -9.92
C ASN A 419 -51.08 -29.70 -9.60
N TYR A 420 -50.38 -28.98 -10.49
CA TYR A 420 -48.96 -28.72 -10.31
C TYR A 420 -48.65 -27.33 -10.86
N LYS A 421 -48.27 -26.41 -9.99
CA LYS A 421 -48.00 -25.02 -10.36
C LYS A 421 -46.50 -24.77 -10.30
N LEU A 422 -45.96 -24.12 -11.34
CA LEU A 422 -44.55 -23.75 -11.41
C LEU A 422 -44.39 -22.25 -11.21
N PRO A 423 -43.36 -21.82 -10.49
CA PRO A 423 -43.16 -20.38 -10.27
C PRO A 423 -42.64 -19.69 -11.51
N ASP A 424 -42.75 -18.36 -11.52
CA ASP A 424 -42.28 -17.56 -12.64
C ASP A 424 -40.77 -17.52 -12.73
N ASP A 425 -40.07 -17.59 -11.59
CA ASP A 425 -38.62 -17.61 -11.53
C ASP A 425 -38.08 -19.04 -11.43
N PHE A 426 -38.75 -19.99 -12.07
CA PHE A 426 -38.35 -21.39 -12.01
C PHE A 426 -37.06 -21.62 -12.79
N THR A 427 -36.12 -22.34 -12.18
CA THR A 427 -34.91 -22.77 -12.85
C THR A 427 -34.77 -24.29 -12.72
N GLY A 428 -34.21 -24.89 -13.76
CA GLY A 428 -34.09 -26.33 -13.82
C GLY A 428 -34.45 -26.84 -15.19
N CYS A 429 -34.83 -28.11 -15.25
CA CYS A 429 -35.16 -28.77 -16.51
C CYS A 429 -36.42 -29.60 -16.35
N VAL A 430 -37.11 -29.82 -17.46
CA VAL A 430 -38.23 -30.75 -17.54
C VAL A 430 -37.90 -31.85 -18.54
N ILE A 431 -38.20 -33.08 -18.16
CA ILE A 431 -37.93 -34.27 -18.96
C ILE A 431 -39.28 -34.93 -19.21
N ALA A 432 -39.63 -35.15 -20.48
CA ALA A 432 -40.89 -35.79 -20.83
C ALA A 432 -40.63 -36.90 -21.83
N TRP A 433 -41.14 -38.09 -21.53
CA TRP A 433 -40.99 -39.23 -22.44
C TRP A 433 -42.23 -40.09 -22.44
N ASN A 434 -42.50 -40.71 -23.59
CA ASN A 434 -43.70 -41.51 -23.76
C ASN A 434 -43.62 -42.81 -22.96
N SER A 435 -44.73 -43.19 -22.35
CA SER A 435 -44.83 -44.39 -21.52
C SER A 435 -46.03 -45.23 -21.94
N ASN A 436 -46.20 -45.40 -23.26
CA ASN A 436 -47.31 -46.20 -23.75
C ASN A 436 -47.07 -47.69 -23.51
N LYS A 437 -45.80 -48.10 -23.43
CA LYS A 437 -45.46 -49.49 -23.20
C LYS A 437 -45.70 -49.91 -21.76
N LEU A 438 -45.59 -48.98 -20.81
CA LEU A 438 -45.64 -49.30 -19.38
C LEU A 438 -46.86 -48.75 -18.68
N ASP A 439 -47.32 -47.54 -19.02
CA ASP A 439 -48.41 -46.89 -18.31
C ASP A 439 -49.72 -46.93 -19.09
N SER A 440 -49.92 -47.97 -19.90
CA SER A 440 -51.16 -48.11 -20.67
C SER A 440 -51.62 -49.56 -20.63
N LYS A 441 -52.94 -49.73 -20.70
CA LYS A 441 -53.57 -51.05 -20.75
C LYS A 441 -54.63 -51.05 -21.82
N VAL A 442 -54.85 -52.24 -22.41
CA VAL A 442 -55.81 -52.36 -23.51
C VAL A 442 -57.25 -52.18 -23.00
N GLY A 443 -57.52 -52.57 -21.76
CA GLY A 443 -58.81 -52.32 -21.16
C GLY A 443 -59.00 -50.93 -20.58
N GLY A 444 -57.92 -50.13 -20.55
CA GLY A 444 -57.98 -48.81 -19.96
C GLY A 444 -57.25 -48.71 -18.64
N ASN A 445 -56.16 -47.94 -18.62
CA ASN A 445 -55.35 -47.76 -17.41
C ASN A 445 -55.89 -46.54 -16.65
N TYR A 446 -56.65 -46.79 -15.59
CA TYR A 446 -57.28 -45.73 -14.82
C TYR A 446 -56.58 -45.49 -13.50
N ASN A 447 -55.31 -45.86 -13.38
CA ASN A 447 -54.56 -45.65 -12.14
C ASN A 447 -54.13 -44.21 -11.94
N TYR A 448 -54.11 -43.41 -13.01
CA TYR A 448 -53.66 -42.02 -12.95
C TYR A 448 -54.87 -41.09 -13.00
N LEU A 449 -54.98 -40.22 -12.00
CA LEU A 449 -56.10 -39.30 -11.88
C LEU A 449 -55.58 -37.87 -11.83
N TYR A 450 -56.43 -36.94 -12.24
CA TYR A 450 -56.11 -35.52 -12.22
C TYR A 450 -57.24 -34.75 -11.55
N ARG A 451 -56.88 -33.63 -10.92
CA ARG A 451 -57.82 -32.77 -10.21
C ARG A 451 -58.40 -31.78 -11.21
N LEU A 452 -59.60 -32.09 -11.72
CA LEU A 452 -60.24 -31.22 -12.70
C LEU A 452 -60.81 -29.97 -12.07
N PHE A 453 -61.42 -30.09 -10.89
CA PHE A 453 -62.16 -29.00 -10.26
C PHE A 453 -61.50 -28.63 -8.92
N ARG A 454 -61.34 -27.32 -8.70
CA ARG A 454 -60.87 -26.80 -7.43
C ARG A 454 -61.37 -25.37 -7.28
N LYS A 455 -61.43 -24.91 -6.03
CA LYS A 455 -61.92 -23.57 -5.75
C LYS A 455 -60.90 -22.50 -6.16
N SER A 456 -59.61 -22.75 -5.92
CA SER A 456 -58.58 -21.78 -6.19
C SER A 456 -57.34 -22.48 -6.74
N ASN A 457 -56.49 -21.71 -7.40
CA ASN A 457 -55.26 -22.24 -7.96
C ASN A 457 -54.25 -22.58 -6.88
N LEU A 458 -53.40 -23.56 -7.17
CA LEU A 458 -52.39 -24.00 -6.22
C LEU A 458 -51.20 -23.05 -6.21
N LYS A 459 -50.46 -23.08 -5.11
CA LYS A 459 -49.19 -22.39 -4.98
C LYS A 459 -48.10 -23.14 -5.74
N PRO A 460 -47.01 -22.48 -6.11
CA PRO A 460 -45.86 -23.20 -6.66
C PRO A 460 -45.27 -24.17 -5.64
N PHE A 461 -44.91 -25.36 -6.14
CA PHE A 461 -44.36 -26.48 -5.35
C PHE A 461 -45.31 -26.87 -4.21
N GLU A 462 -46.61 -26.88 -4.50
CA GLU A 462 -47.64 -27.23 -3.54
C GLU A 462 -48.41 -28.45 -4.04
N ARG A 463 -48.63 -29.41 -3.16
CA ARG A 463 -49.33 -30.64 -3.48
C ARG A 463 -50.66 -30.68 -2.74
N ASP A 464 -51.73 -31.01 -3.47
CA ASP A 464 -53.07 -31.10 -2.90
C ASP A 464 -53.59 -32.52 -3.12
N ILE A 465 -53.84 -33.22 -2.01
CA ILE A 465 -54.34 -34.59 -2.03
C ILE A 465 -55.68 -34.69 -1.29
N SER A 466 -56.33 -33.55 -1.07
CA SER A 466 -57.59 -33.53 -0.33
C SER A 466 -58.74 -33.97 -1.23
N THR A 467 -59.40 -35.07 -0.85
CA THR A 467 -60.51 -35.62 -1.63
C THR A 467 -61.85 -35.09 -1.13
N GLU A 468 -61.97 -33.77 -1.12
CA GLU A 468 -63.20 -33.10 -0.73
C GLU A 468 -64.01 -32.72 -1.96
N ILE A 469 -65.32 -32.57 -1.76
CA ILE A 469 -66.23 -32.28 -2.85
C ILE A 469 -66.10 -30.81 -3.24
N TYR A 470 -66.41 -30.50 -4.49
CA TYR A 470 -66.39 -29.14 -5.01
C TYR A 470 -67.80 -28.68 -5.29
N GLN A 471 -68.10 -27.43 -4.94
CA GLN A 471 -69.42 -26.83 -5.18
C GLN A 471 -69.35 -26.04 -6.47
N ALA A 472 -69.89 -26.62 -7.55
CA ALA A 472 -69.85 -25.97 -8.85
C ALA A 472 -71.05 -25.09 -9.12
N GLY A 473 -72.05 -25.07 -8.24
CA GLY A 473 -73.23 -24.26 -8.45
C GLY A 473 -73.62 -23.44 -7.24
N ASN A 474 -74.81 -22.82 -7.29
CA ASN A 474 -75.28 -22.05 -6.14
C ASN A 474 -75.72 -22.96 -5.00
N LYS A 475 -76.30 -24.11 -5.31
CA LYS A 475 -76.77 -25.03 -4.28
C LYS A 475 -75.58 -25.72 -3.63
N PRO A 476 -75.53 -25.81 -2.30
CA PRO A 476 -74.45 -26.56 -1.65
C PRO A 476 -74.57 -28.06 -1.89
N CYS A 477 -73.43 -28.74 -1.87
CA CYS A 477 -73.39 -30.18 -2.12
C CYS A 477 -73.49 -31.00 -0.85
N ASN A 478 -72.97 -30.45 0.27
CA ASN A 478 -73.00 -31.07 1.61
C ASN A 478 -72.35 -32.46 1.63
N GLY A 479 -71.28 -32.62 0.84
CA GLY A 479 -70.55 -33.87 0.82
C GLY A 479 -71.18 -34.99 0.02
N VAL A 480 -72.30 -34.73 -0.66
CA VAL A 480 -73.02 -35.74 -1.42
C VAL A 480 -73.03 -35.31 -2.88
N ALA A 481 -72.59 -36.19 -3.77
CA ALA A 481 -72.60 -35.90 -5.19
C ALA A 481 -74.02 -35.92 -5.73
N GLY A 482 -74.21 -35.19 -6.84
CA GLY A 482 -75.53 -35.07 -7.44
C GLY A 482 -75.55 -34.08 -8.59
N PHE A 483 -76.64 -33.32 -8.69
CA PHE A 483 -76.77 -32.31 -9.73
C PHE A 483 -75.86 -31.13 -9.41
N ASN A 484 -74.99 -30.77 -10.37
CA ASN A 484 -73.96 -29.73 -10.24
C ASN A 484 -73.01 -29.99 -9.09
N CYS A 485 -72.77 -31.27 -8.77
CA CYS A 485 -71.81 -31.67 -7.74
C CYS A 485 -71.03 -32.86 -8.30
N TYR A 486 -69.75 -32.64 -8.59
CA TYR A 486 -68.92 -33.64 -9.23
C TYR A 486 -67.66 -33.88 -8.41
N PHE A 487 -67.11 -35.09 -8.54
CA PHE A 487 -65.86 -35.41 -7.88
C PHE A 487 -64.70 -34.65 -8.54
N PRO A 488 -63.78 -34.09 -7.76
CA PRO A 488 -62.69 -33.30 -8.36
C PRO A 488 -61.66 -34.16 -9.09
N LEU A 489 -61.45 -35.40 -8.67
CA LEU A 489 -60.43 -36.26 -9.25
C LEU A 489 -61.08 -37.18 -10.29
N ARG A 490 -60.56 -37.14 -11.51
CA ARG A 490 -61.05 -37.99 -12.59
C ARG A 490 -59.89 -38.74 -13.23
N SER A 491 -60.18 -39.94 -13.72
CA SER A 491 -59.16 -40.84 -14.21
C SER A 491 -58.91 -40.63 -15.70
N TYR A 492 -57.66 -40.85 -16.11
CA TYR A 492 -57.29 -40.78 -17.51
C TYR A 492 -57.66 -42.07 -18.22
N GLY A 493 -58.16 -41.93 -19.45
CA GLY A 493 -58.45 -43.07 -20.28
C GLY A 493 -57.27 -43.48 -21.15
N PHE A 494 -56.24 -44.05 -20.53
CA PHE A 494 -55.03 -44.40 -21.26
C PHE A 494 -55.22 -45.73 -21.97
N ARG A 495 -55.18 -45.71 -23.30
CA ARG A 495 -55.27 -46.91 -24.13
C ARG A 495 -54.20 -46.86 -25.21
N PRO A 496 -53.64 -48.01 -25.59
CA PRO A 496 -52.60 -48.00 -26.63
C PRO A 496 -53.14 -47.78 -28.03
N THR A 497 -54.45 -47.89 -28.25
CA THR A 497 -55.01 -47.71 -29.58
C THR A 497 -55.03 -46.25 -30.02
N TYR A 498 -54.91 -45.31 -29.08
CA TYR A 498 -54.94 -43.89 -29.42
C TYR A 498 -53.61 -43.46 -30.03
N GLY A 499 -53.66 -42.32 -30.72
CA GLY A 499 -52.48 -41.74 -31.32
C GLY A 499 -51.70 -40.86 -30.36
N VAL A 500 -50.78 -40.08 -30.93
CA VAL A 500 -49.97 -39.17 -30.13
C VAL A 500 -50.83 -38.00 -29.67
N GLY A 501 -50.46 -37.42 -28.52
CA GLY A 501 -51.21 -36.36 -27.91
C GLY A 501 -52.15 -36.80 -26.81
N HIS A 502 -52.52 -38.08 -26.79
CA HIS A 502 -53.33 -38.65 -25.72
C HIS A 502 -52.65 -39.82 -25.02
N GLN A 503 -51.48 -40.24 -25.51
CA GLN A 503 -50.74 -41.31 -24.86
C GLN A 503 -50.17 -40.83 -23.52
N PRO A 504 -50.00 -41.73 -22.55
CA PRO A 504 -49.43 -41.31 -21.26
C PRO A 504 -47.96 -40.92 -21.38
N TYR A 505 -47.61 -39.78 -20.80
CA TYR A 505 -46.27 -39.23 -20.85
C TYR A 505 -45.76 -39.05 -19.42
N ARG A 506 -44.58 -39.63 -19.15
CA ARG A 506 -43.93 -39.49 -17.87
C ARG A 506 -43.08 -38.23 -17.88
N VAL A 507 -43.28 -37.36 -16.88
CA VAL A 507 -42.58 -36.09 -16.78
C VAL A 507 -41.87 -36.02 -15.43
N VAL A 508 -40.57 -35.76 -15.47
CA VAL A 508 -39.76 -35.52 -14.28
C VAL A 508 -39.19 -34.11 -14.37
N VAL A 509 -39.45 -33.31 -13.33
CA VAL A 509 -39.03 -31.92 -13.26
C VAL A 509 -37.89 -31.84 -12.27
N LEU A 510 -36.71 -31.43 -12.74
CA LEU A 510 -35.55 -31.20 -11.89
C LEU A 510 -35.46 -29.72 -11.59
N SER A 511 -35.50 -29.37 -10.31
CA SER A 511 -35.43 -27.98 -9.85
C SER A 511 -34.18 -27.78 -9.01
N PHE A 512 -33.45 -26.72 -9.31
CA PHE A 512 -32.20 -26.38 -8.65
C PHE A 512 -32.34 -24.98 -8.04
N GLU A 513 -31.23 -24.48 -7.48
CA GLU A 513 -31.11 -23.06 -7.14
C GLU A 513 -29.71 -22.59 -7.51
N LEU A 514 -29.58 -21.28 -7.71
CA LEU A 514 -28.33 -20.68 -8.17
C LEU A 514 -27.70 -19.85 -7.06
N LEU A 515 -26.64 -20.39 -6.46
CA LEU A 515 -25.59 -19.70 -5.70
C LEU A 515 -26.06 -19.15 -4.34
N HIS A 516 -27.34 -19.26 -3.99
CA HIS A 516 -27.85 -18.65 -2.77
C HIS A 516 -27.70 -19.55 -1.54
N ALA A 517 -27.04 -20.71 -1.68
CA ALA A 517 -26.86 -21.62 -0.56
C ALA A 517 -25.58 -22.42 -0.82
N PRO A 518 -24.95 -22.95 0.23
CA PRO A 518 -23.82 -23.86 0.04
C PRO A 518 -24.24 -25.16 -0.66
N ALA A 519 -23.49 -25.54 -1.68
CA ALA A 519 -23.89 -26.59 -2.59
C ALA A 519 -23.50 -27.97 -2.08
N THR A 520 -24.35 -28.95 -2.36
CA THR A 520 -24.10 -30.34 -2.02
C THR A 520 -24.09 -31.28 -3.22
N VAL A 521 -24.60 -30.85 -4.37
CA VAL A 521 -24.60 -31.63 -5.59
C VAL A 521 -23.75 -30.91 -6.62
N CYS A 522 -22.74 -31.59 -7.14
CA CYS A 522 -21.80 -31.01 -8.09
C CYS A 522 -21.67 -31.94 -9.28
N GLY A 523 -21.23 -31.38 -10.39
CA GLY A 523 -20.99 -32.17 -11.57
C GLY A 523 -19.59 -32.75 -11.57
N PRO A 524 -19.38 -33.80 -12.37
CA PRO A 524 -18.06 -34.42 -12.44
C PRO A 524 -17.15 -33.75 -13.46
N LYS A 525 -15.86 -33.81 -13.17
CA LYS A 525 -14.85 -33.22 -14.03
C LYS A 525 -13.92 -34.32 -14.52
N LYS A 526 -13.46 -34.17 -15.75
CA LYS A 526 -12.65 -35.22 -16.38
C LYS A 526 -11.26 -35.26 -15.78
N SER A 527 -10.66 -36.45 -15.84
CA SER A 527 -9.30 -36.66 -15.36
C SER A 527 -8.49 -37.29 -16.48
N THR A 528 -7.35 -36.70 -16.80
CA THR A 528 -6.52 -37.13 -17.91
C THR A 528 -5.42 -38.07 -17.42
N ASN A 529 -4.53 -38.45 -18.31
CA ASN A 529 -3.39 -39.29 -18.00
C ASN A 529 -2.31 -38.47 -17.30
N LEU A 530 -1.25 -39.16 -16.87
CA LEU A 530 -0.20 -38.54 -16.09
C LEU A 530 1.08 -38.48 -16.91
N VAL A 531 1.78 -37.35 -16.83
CA VAL A 531 3.11 -37.21 -17.40
C VAL A 531 4.08 -36.91 -16.27
N LYS A 532 5.07 -37.77 -16.10
CA LYS A 532 6.12 -37.51 -15.13
C LYS A 532 7.31 -36.85 -15.82
N ASN A 533 8.13 -36.18 -15.01
CA ASN A 533 9.43 -35.61 -15.39
C ASN A 533 9.35 -34.55 -16.49
N LYS A 534 8.18 -33.96 -16.72
CA LYS A 534 8.02 -32.92 -17.72
C LYS A 534 7.22 -31.77 -17.12
N CYS A 535 7.57 -30.56 -17.55
CA CYS A 535 7.04 -29.33 -16.97
C CYS A 535 5.58 -29.16 -17.41
N VAL A 536 4.64 -29.48 -16.51
CA VAL A 536 3.22 -29.49 -16.83
C VAL A 536 2.48 -28.61 -15.84
N ASN A 537 1.30 -28.17 -16.24
CA ASN A 537 0.38 -27.46 -15.35
C ASN A 537 -0.46 -28.50 -14.61
N PHE A 538 -0.23 -28.67 -13.32
CA PHE A 538 -0.91 -29.70 -12.55
C PHE A 538 -2.06 -29.11 -11.76
N ASN A 539 -3.15 -29.88 -11.69
CA ASN A 539 -4.33 -29.55 -10.89
C ASN A 539 -4.64 -30.79 -10.05
N PHE A 540 -4.16 -30.80 -8.81
CA PHE A 540 -4.28 -31.94 -7.90
C PHE A 540 -5.29 -31.59 -6.81
N ASN A 541 -6.54 -32.01 -7.02
CA ASN A 541 -7.65 -31.89 -6.06
C ASN A 541 -7.86 -30.46 -5.61
N GLY A 542 -7.86 -29.54 -6.58
CA GLY A 542 -8.06 -28.15 -6.30
C GLY A 542 -6.79 -27.36 -6.08
N LEU A 543 -5.63 -28.03 -5.92
CA LEU A 543 -4.37 -27.33 -5.79
C LEU A 543 -3.74 -27.20 -7.17
N THR A 544 -3.60 -25.98 -7.66
CA THR A 544 -3.08 -25.73 -8.99
C THR A 544 -1.62 -25.30 -8.93
N GLY A 545 -0.92 -25.52 -10.03
CA GLY A 545 0.48 -25.15 -10.10
C GLY A 545 1.10 -25.59 -11.40
N THR A 546 2.42 -25.43 -11.48
CA THR A 546 3.18 -25.83 -12.66
C THR A 546 4.51 -26.44 -12.19
N GLY A 547 4.77 -27.68 -12.58
CA GLY A 547 6.01 -28.33 -12.19
C GLY A 547 6.07 -29.76 -12.66
N VAL A 548 7.30 -30.31 -12.61
CA VAL A 548 7.50 -31.73 -12.86
C VAL A 548 7.07 -32.51 -11.63
N LEU A 549 6.58 -33.73 -11.85
CA LEU A 549 6.13 -34.63 -10.79
C LEU A 549 7.04 -35.85 -10.78
N THR A 550 8.12 -35.78 -10.00
CA THR A 550 9.07 -36.89 -9.93
C THR A 550 8.62 -37.92 -8.89
N GLU A 551 9.30 -39.06 -8.88
CA GLU A 551 9.03 -40.07 -7.88
C GLU A 551 9.50 -39.61 -6.50
N SER A 552 8.75 -40.00 -5.48
CA SER A 552 9.00 -39.56 -4.12
C SER A 552 9.30 -40.74 -3.21
N ASN A 553 10.31 -40.58 -2.36
CA ASN A 553 10.64 -41.57 -1.34
C ASN A 553 10.00 -41.25 0.01
N LYS A 554 9.15 -40.24 0.08
CA LYS A 554 8.48 -39.87 1.32
C LYS A 554 7.28 -40.77 1.56
N LYS A 555 7.19 -41.31 2.78
CA LYS A 555 6.09 -42.18 3.17
C LYS A 555 5.04 -41.34 3.92
N PHE A 556 3.95 -41.03 3.23
CA PHE A 556 2.90 -40.21 3.80
C PHE A 556 2.06 -41.03 4.77
N LEU A 557 1.45 -40.34 5.71
CA LEU A 557 0.39 -40.93 6.50
C LEU A 557 -0.92 -40.84 5.71
N PRO A 558 -1.81 -41.83 5.82
CA PRO A 558 -2.90 -41.96 4.81
C PRO A 558 -3.93 -40.85 4.83
N PHE A 559 -4.03 -40.08 5.91
CA PHE A 559 -4.93 -38.93 5.92
C PHE A 559 -4.35 -37.71 5.23
N GLN A 560 -3.03 -37.67 5.02
CA GLN A 560 -2.41 -36.51 4.42
C GLN A 560 -2.46 -36.59 2.91
N GLN A 561 -2.69 -35.44 2.27
CA GLN A 561 -2.69 -35.31 0.82
C GLN A 561 -1.59 -34.39 0.32
N PHE A 562 -1.49 -33.19 0.88
CA PHE A 562 -0.56 -32.19 0.41
C PHE A 562 0.70 -32.24 1.26
N GLY A 563 1.79 -31.72 0.72
CA GLY A 563 3.04 -31.66 1.47
C GLY A 563 3.68 -30.31 1.30
N ARG A 564 4.37 -29.87 2.35
CA ARG A 564 4.97 -28.55 2.38
C ARG A 564 6.40 -28.61 2.90
N ASP A 565 7.17 -27.59 2.52
CA ASP A 565 8.56 -27.44 2.90
C ASP A 565 8.66 -26.89 4.33
N ILE A 566 9.88 -26.59 4.75
CA ILE A 566 10.08 -25.87 6.01
C ILE A 566 9.54 -24.44 5.89
N ALA A 567 9.67 -23.85 4.70
CA ALA A 567 9.11 -22.54 4.41
C ALA A 567 7.73 -22.61 3.75
N ASP A 568 6.94 -23.63 4.12
CA ASP A 568 5.55 -23.90 3.67
C ASP A 568 5.36 -23.77 2.17
N THR A 569 6.29 -24.31 1.39
CA THR A 569 6.16 -24.38 -0.05
C THR A 569 5.85 -25.83 -0.38
N THR A 570 4.86 -26.05 -1.25
CA THR A 570 4.40 -27.39 -1.57
C THR A 570 5.47 -28.16 -2.32
N ASP A 571 5.89 -29.29 -1.75
CA ASP A 571 6.93 -30.11 -2.34
C ASP A 571 6.48 -31.50 -2.71
N ALA A 572 5.31 -31.95 -2.24
CA ALA A 572 4.87 -33.32 -2.48
C ALA A 572 3.36 -33.36 -2.44
N VAL A 573 2.81 -34.39 -3.09
CA VAL A 573 1.36 -34.59 -3.09
C VAL A 573 1.09 -36.08 -3.28
N ARG A 574 -0.03 -36.55 -2.75
CA ARG A 574 -0.46 -37.90 -3.07
C ARG A 574 -1.44 -37.86 -4.23
N ASP A 575 -1.40 -38.87 -5.01
CA ASP A 575 -2.23 -38.93 -6.20
C ASP A 575 -3.55 -39.62 -5.86
N PRO A 576 -4.68 -39.07 -6.29
CA PRO A 576 -5.99 -39.60 -5.83
C PRO A 576 -6.41 -40.88 -6.54
N GLN A 577 -6.05 -41.05 -7.81
CA GLN A 577 -6.40 -42.27 -8.54
C GLN A 577 -5.59 -43.46 -8.05
N THR A 578 -4.27 -43.31 -7.96
CA THR A 578 -3.39 -44.35 -7.48
C THR A 578 -2.63 -43.80 -6.28
N LEU A 579 -2.73 -44.48 -5.14
CA LEU A 579 -2.20 -43.94 -3.89
C LEU A 579 -0.68 -44.04 -3.92
N GLU A 580 -0.06 -43.05 -4.55
CA GLU A 580 1.38 -42.92 -4.65
C GLU A 580 1.76 -41.47 -4.35
N ILE A 581 3.00 -41.27 -3.96
CA ILE A 581 3.49 -39.96 -3.57
C ILE A 581 4.36 -39.42 -4.70
N LEU A 582 4.12 -38.17 -5.10
CA LEU A 582 4.85 -37.52 -6.16
C LEU A 582 5.49 -36.26 -5.62
N ASP A 583 6.77 -36.08 -5.92
CA ASP A 583 7.51 -34.89 -5.53
C ASP A 583 7.27 -33.83 -6.58
N ILE A 584 6.63 -32.74 -6.18
CA ILE A 584 6.39 -31.61 -7.06
C ILE A 584 7.63 -30.73 -7.04
N THR A 585 8.24 -30.56 -8.20
CA THR A 585 9.38 -29.66 -8.38
C THR A 585 8.99 -28.64 -9.44
N PRO A 586 8.71 -27.39 -9.09
CA PRO A 586 8.35 -26.41 -10.12
C PRO A 586 9.51 -26.10 -11.03
N CYS A 587 9.17 -25.69 -12.25
CA CYS A 587 10.00 -25.90 -13.44
C CYS A 587 11.28 -25.07 -13.36
N SER A 588 12.23 -25.45 -14.21
CA SER A 588 13.58 -24.90 -14.12
C SER A 588 13.60 -23.42 -14.52
N PHE A 589 14.40 -22.66 -13.79
CA PHE A 589 14.47 -21.21 -13.90
C PHE A 589 15.93 -20.82 -13.90
N GLY A 590 16.19 -19.55 -14.18
CA GLY A 590 17.54 -19.05 -14.06
C GLY A 590 17.60 -17.56 -14.26
N GLY A 591 18.70 -16.97 -13.80
CA GLY A 591 19.00 -15.60 -14.16
C GLY A 591 19.84 -15.59 -15.42
N VAL A 592 19.39 -14.89 -16.44
CA VAL A 592 20.15 -14.75 -17.68
C VAL A 592 20.98 -13.49 -17.59
N SER A 593 22.30 -13.65 -17.55
CA SER A 593 23.25 -12.55 -17.51
C SER A 593 23.97 -12.48 -18.84
N VAL A 594 24.24 -11.27 -19.31
CA VAL A 594 24.86 -11.06 -20.61
C VAL A 594 26.26 -10.50 -20.40
N ILE A 595 27.26 -11.21 -20.90
CA ILE A 595 28.65 -10.81 -20.80
C ILE A 595 29.03 -10.18 -22.12
N THR A 596 29.42 -8.92 -22.10
CA THR A 596 29.78 -8.22 -23.31
C THR A 596 30.99 -7.33 -23.06
N PRO A 597 31.79 -7.09 -24.09
CA PRO A 597 32.70 -5.94 -24.03
C PRO A 597 31.95 -4.67 -24.40
N GLY A 598 32.65 -3.55 -24.52
CA GLY A 598 32.00 -2.33 -24.95
C GLY A 598 31.52 -2.40 -26.39
N THR A 599 30.42 -1.71 -26.67
CA THR A 599 29.94 -1.63 -28.04
C THR A 599 30.84 -0.77 -28.91
N ASN A 600 31.68 0.07 -28.30
CA ASN A 600 32.77 0.70 -29.02
C ASN A 600 33.79 -0.33 -29.48
N THR A 601 33.96 -1.41 -28.71
CA THR A 601 34.91 -2.46 -29.05
C THR A 601 34.32 -3.51 -29.98
N SER A 602 33.21 -4.13 -29.57
CA SER A 602 32.69 -5.28 -30.29
C SER A 602 31.22 -5.49 -29.96
N ASN A 603 30.61 -6.43 -30.68
CA ASN A 603 29.19 -6.74 -30.52
C ASN A 603 28.89 -8.20 -30.18
N GLN A 604 29.92 -9.06 -30.07
CA GLN A 604 29.66 -10.41 -29.61
C GLN A 604 29.34 -10.43 -28.13
N VAL A 605 28.46 -11.35 -27.74
CA VAL A 605 28.03 -11.50 -26.36
C VAL A 605 28.11 -12.97 -25.96
N ALA A 606 28.15 -13.20 -24.66
CA ALA A 606 28.03 -14.53 -24.08
C ALA A 606 26.88 -14.50 -23.09
N VAL A 607 26.28 -15.66 -22.86
CA VAL A 607 25.10 -15.77 -22.01
C VAL A 607 25.40 -16.71 -20.85
N LEU A 608 25.18 -16.23 -19.63
CA LEU A 608 25.33 -17.03 -18.43
C LEU A 608 23.95 -17.33 -17.88
N TYR A 609 23.60 -18.62 -17.82
CA TYR A 609 22.39 -19.07 -17.15
C TYR A 609 22.80 -19.47 -15.73
N GLN A 610 22.43 -18.64 -14.76
CA GLN A 610 22.94 -18.80 -13.40
C GLN A 610 22.24 -19.93 -12.68
N GLY A 611 23.02 -20.85 -12.13
CA GLY A 611 22.48 -21.96 -11.38
C GLY A 611 21.89 -23.07 -12.22
N VAL A 612 22.04 -23.02 -13.54
CA VAL A 612 21.42 -23.98 -14.45
C VAL A 612 22.50 -24.93 -14.95
N ASN A 613 22.23 -26.22 -14.88
CA ASN A 613 23.10 -27.21 -15.51
C ASN A 613 23.01 -27.06 -17.03
N CYS A 614 24.12 -27.37 -17.71
CA CYS A 614 24.19 -27.13 -19.14
C CYS A 614 23.35 -28.12 -19.94
N THR A 615 22.94 -29.23 -19.34
CA THR A 615 22.05 -30.19 -20.01
C THR A 615 20.58 -29.83 -19.87
N GLU A 616 20.25 -28.77 -19.14
CA GLU A 616 18.87 -28.39 -18.88
C GLU A 616 18.52 -27.03 -19.49
N VAL A 617 19.23 -26.60 -20.52
CA VAL A 617 18.94 -25.33 -21.17
C VAL A 617 18.56 -25.56 -22.62
N ASN A 638 30.29 -23.92 -28.16
CA ASN A 638 30.85 -23.06 -27.12
C ASN A 638 29.97 -23.07 -25.87
N VAL A 639 29.81 -24.24 -25.28
CA VAL A 639 29.01 -24.43 -24.08
C VAL A 639 29.93 -24.94 -22.98
N PHE A 640 30.00 -24.20 -21.88
CA PHE A 640 30.90 -24.53 -20.77
C PHE A 640 30.09 -24.55 -19.48
N GLN A 641 30.40 -25.51 -18.61
CA GLN A 641 29.71 -25.64 -17.34
C GLN A 641 30.60 -25.08 -16.23
N THR A 642 30.10 -24.05 -15.55
CA THR A 642 30.75 -23.47 -14.39
C THR A 642 29.90 -23.74 -13.16
N ARG A 643 30.48 -23.47 -11.99
CA ARG A 643 29.70 -23.54 -10.77
C ARG A 643 28.74 -22.36 -10.65
N ALA A 644 29.02 -21.26 -11.36
CA ALA A 644 28.06 -20.17 -11.42
C ALA A 644 26.86 -20.51 -12.29
N GLY A 645 27.05 -21.32 -13.32
CA GLY A 645 25.97 -21.72 -14.20
C GLY A 645 26.52 -22.22 -15.53
N CYS A 646 25.69 -22.10 -16.56
CA CYS A 646 26.06 -22.51 -17.91
C CYS A 646 26.43 -21.29 -18.74
N LEU A 647 27.62 -21.31 -19.33
CA LEU A 647 28.12 -20.20 -20.13
C LEU A 647 28.12 -20.62 -21.59
N ILE A 648 27.35 -19.89 -22.40
CA ILE A 648 27.20 -20.20 -23.82
C ILE A 648 27.73 -19.02 -24.63
N GLY A 649 28.60 -19.30 -25.58
CA GLY A 649 29.18 -18.28 -26.42
C GLY A 649 30.59 -17.88 -26.05
N ALA A 650 31.19 -18.51 -25.06
CA ALA A 650 32.57 -18.28 -24.68
C ALA A 650 33.29 -19.61 -24.59
N GLU A 651 34.53 -19.64 -25.08
CA GLU A 651 35.34 -20.86 -25.07
C GLU A 651 36.25 -20.85 -23.85
N TYR A 652 36.33 -21.99 -23.17
CA TYR A 652 37.21 -22.12 -22.02
C TYR A 652 38.64 -22.30 -22.50
N VAL A 653 39.57 -21.56 -21.90
CA VAL A 653 40.98 -21.64 -22.22
C VAL A 653 41.74 -22.02 -20.95
N ASN A 654 42.77 -22.85 -21.09
CA ASN A 654 43.50 -23.37 -19.95
C ASN A 654 44.48 -22.36 -19.35
N ASN A 655 44.90 -21.36 -20.10
CA ASN A 655 45.80 -20.36 -19.55
C ASN A 655 45.04 -19.39 -18.66
N SER A 656 45.74 -18.83 -17.68
CA SER A 656 45.12 -18.01 -16.64
C SER A 656 45.58 -16.57 -16.81
N TYR A 657 44.61 -15.66 -16.87
CA TYR A 657 44.85 -14.23 -17.04
C TYR A 657 44.27 -13.50 -15.82
N GLU A 658 44.46 -12.19 -15.79
CA GLU A 658 43.79 -11.38 -14.79
C GLU A 658 42.30 -11.31 -15.12
N CYS A 659 41.50 -11.08 -14.08
CA CYS A 659 40.05 -11.05 -14.28
C CYS A 659 39.64 -9.76 -14.97
N ASP A 660 38.91 -9.89 -16.08
CA ASP A 660 38.39 -8.75 -16.82
C ASP A 660 36.90 -8.56 -16.58
N ILE A 661 36.11 -9.58 -16.89
CA ILE A 661 34.67 -9.59 -16.59
C ILE A 661 34.41 -10.76 -15.68
N PRO A 662 34.01 -10.54 -14.43
CA PRO A 662 33.84 -11.66 -13.49
C PRO A 662 32.59 -12.47 -13.78
N ILE A 663 32.76 -13.78 -13.91
CA ILE A 663 31.64 -14.70 -14.01
C ILE A 663 31.28 -15.26 -12.65
N GLY A 664 32.29 -15.65 -11.88
CA GLY A 664 32.06 -16.22 -10.58
C GLY A 664 32.71 -17.58 -10.44
N ALA A 665 32.89 -18.02 -9.19
CA ALA A 665 33.50 -19.31 -8.84
C ALA A 665 34.88 -19.49 -9.46
N GLY A 666 35.65 -18.40 -9.49
CA GLY A 666 36.97 -18.44 -10.08
C GLY A 666 37.01 -18.21 -11.57
N ILE A 667 35.87 -18.15 -12.24
CA ILE A 667 35.81 -18.02 -13.70
C ILE A 667 35.61 -16.55 -14.04
N CYS A 668 36.40 -16.08 -15.00
CA CYS A 668 36.29 -14.72 -15.52
C CYS A 668 36.28 -14.79 -17.04
N ALA A 669 35.78 -13.73 -17.66
CA ALA A 669 35.66 -13.66 -19.11
C ALA A 669 36.39 -12.43 -19.64
N SER A 670 36.85 -12.52 -20.88
CA SER A 670 37.57 -11.42 -21.51
C SER A 670 37.39 -11.50 -23.01
N TYR A 671 37.78 -10.43 -23.69
CA TYR A 671 37.72 -10.36 -25.15
C TYR A 671 39.14 -10.31 -25.70
N GLN A 672 39.44 -11.23 -26.61
CA GLN A 672 40.78 -11.32 -27.19
C GLN A 672 40.71 -11.47 -28.71
N SER A 688 37.23 -12.88 -30.21
CA SER A 688 36.21 -13.67 -29.55
C SER A 688 36.27 -13.50 -28.04
N ILE A 689 35.26 -14.03 -27.36
CA ILE A 689 35.15 -13.95 -25.90
C ILE A 689 35.60 -15.27 -25.32
N ILE A 690 36.56 -15.23 -24.41
CA ILE A 690 37.12 -16.41 -23.78
C ILE A 690 36.80 -16.39 -22.29
N ALA A 691 36.73 -17.57 -21.70
CA ALA A 691 36.52 -17.76 -20.28
C ALA A 691 37.69 -18.54 -19.72
N TYR A 692 38.09 -18.20 -18.49
CA TYR A 692 39.29 -18.77 -17.91
C TYR A 692 39.18 -18.75 -16.40
N THR A 693 40.01 -19.57 -15.76
CA THR A 693 40.24 -19.44 -14.33
C THR A 693 41.16 -18.26 -14.11
N MET A 694 40.78 -17.37 -13.20
CA MET A 694 41.55 -16.14 -12.99
C MET A 694 42.89 -16.46 -12.34
N SER A 695 43.90 -15.68 -12.70
CA SER A 695 45.21 -15.82 -12.11
C SER A 695 45.34 -14.90 -10.91
N LEU A 696 45.79 -15.46 -9.79
CA LEU A 696 45.90 -14.67 -8.57
C LEU A 696 47.11 -13.76 -8.61
N GLY A 697 48.18 -14.18 -9.26
CA GLY A 697 49.36 -13.36 -9.37
C GLY A 697 50.49 -14.15 -9.98
N ALA A 698 51.62 -13.47 -10.14
CA ALA A 698 52.82 -14.10 -10.66
C ALA A 698 53.40 -15.05 -9.61
N GLU A 699 54.02 -16.13 -10.10
CA GLU A 699 54.63 -17.11 -9.22
C GLU A 699 56.02 -16.64 -8.83
N ASN A 700 56.29 -16.63 -7.52
CA ASN A 700 57.58 -16.19 -7.01
C ASN A 700 57.93 -17.12 -5.86
N SER A 701 59.16 -17.59 -5.84
CA SER A 701 59.68 -18.39 -4.73
C SER A 701 60.82 -17.63 -4.08
N VAL A 702 60.65 -17.29 -2.81
CA VAL A 702 61.67 -16.53 -2.09
C VAL A 702 62.77 -17.50 -1.66
N ALA A 703 64.01 -17.18 -2.01
CA ALA A 703 65.14 -18.06 -1.74
C ALA A 703 65.52 -17.94 -0.26
N TYR A 704 64.71 -18.56 0.59
CA TYR A 704 64.99 -18.56 2.01
C TYR A 704 66.13 -19.51 2.33
N SER A 705 67.07 -19.05 3.16
CA SER A 705 67.99 -19.92 3.84
C SER A 705 68.32 -19.28 5.18
N ASN A 706 68.95 -20.05 6.05
CA ASN A 706 69.11 -19.63 7.43
C ASN A 706 70.31 -18.72 7.64
N ASN A 707 71.09 -18.41 6.59
CA ASN A 707 72.19 -17.46 6.77
C ASN A 707 72.35 -16.51 5.58
N SER A 708 71.32 -16.30 4.77
CA SER A 708 71.38 -15.41 3.63
C SER A 708 70.37 -14.29 3.79
N ILE A 709 70.77 -13.08 3.41
CA ILE A 709 69.90 -11.91 3.47
C ILE A 709 69.96 -11.22 2.11
N ALA A 710 68.89 -10.50 1.79
CA ALA A 710 68.84 -9.67 0.59
C ALA A 710 68.78 -8.22 1.02
N ILE A 711 69.78 -7.44 0.62
CA ILE A 711 69.89 -6.03 1.02
C ILE A 711 69.72 -5.18 -0.23
N PRO A 712 68.85 -4.16 -0.20
CA PRO A 712 68.70 -3.29 -1.37
C PRO A 712 69.92 -2.41 -1.57
N THR A 713 70.33 -2.27 -2.83
CA THR A 713 71.44 -1.40 -3.17
C THR A 713 70.97 -0.11 -3.83
N ASN A 714 69.66 0.07 -4.00
CA ASN A 714 69.13 1.24 -4.68
C ASN A 714 67.70 1.45 -4.22
N PHE A 715 67.07 2.52 -4.72
CA PHE A 715 65.70 2.82 -4.34
C PHE A 715 64.98 3.44 -5.52
N THR A 716 63.66 3.50 -5.38
CA THR A 716 62.78 4.18 -6.31
C THR A 716 61.85 5.08 -5.50
N ILE A 717 61.80 6.36 -5.88
CA ILE A 717 60.86 7.29 -5.29
C ILE A 717 59.57 7.17 -6.08
N SER A 718 58.56 6.55 -5.49
CA SER A 718 57.33 6.20 -6.20
C SER A 718 56.19 7.07 -5.71
N VAL A 719 55.49 7.71 -6.64
CA VAL A 719 54.29 8.48 -6.34
C VAL A 719 53.09 7.72 -6.87
N THR A 720 52.13 7.45 -5.99
CA THR A 720 50.90 6.77 -6.36
C THR A 720 49.70 7.63 -6.00
N THR A 721 48.55 7.30 -6.57
CA THR A 721 47.33 8.07 -6.34
C THR A 721 46.36 7.28 -5.48
N GLU A 722 45.65 7.99 -4.62
CA GLU A 722 44.54 7.42 -3.87
C GLU A 722 43.36 8.37 -3.98
N ILE A 723 42.25 7.90 -4.54
CA ILE A 723 41.07 8.72 -4.80
C ILE A 723 40.02 8.36 -3.76
N LEU A 724 39.55 9.35 -3.02
CA LEU A 724 38.57 9.11 -1.96
C LEU A 724 37.40 10.08 -2.12
N PRO A 725 36.17 9.60 -2.22
CA PRO A 725 35.01 10.50 -2.17
C PRO A 725 34.83 11.11 -0.79
N VAL A 726 34.36 12.34 -0.76
CA VAL A 726 34.23 13.12 0.47
C VAL A 726 32.78 13.53 0.70
N SER A 727 32.13 14.08 -0.32
CA SER A 727 30.76 14.58 -0.20
C SER A 727 29.93 14.06 -1.37
N MET A 728 28.61 14.20 -1.24
CA MET A 728 27.69 13.89 -2.32
C MET A 728 27.06 15.16 -2.85
N THR A 729 26.09 14.99 -3.73
CA THR A 729 25.20 16.06 -4.14
C THR A 729 24.16 16.28 -3.03
N LYS A 730 24.08 17.51 -2.54
CA LYS A 730 23.08 17.86 -1.55
C LYS A 730 21.74 18.05 -2.25
N THR A 731 20.74 17.26 -1.86
CA THR A 731 19.43 17.31 -2.49
C THR A 731 18.38 17.73 -1.48
N SER A 732 17.42 18.51 -1.94
CA SER A 732 16.25 18.91 -1.17
C SER A 732 15.01 18.53 -1.97
N VAL A 733 13.98 18.06 -1.28
CA VAL A 733 12.74 17.64 -1.92
C VAL A 733 11.58 18.38 -1.27
N ASP A 734 10.80 19.08 -2.09
CA ASP A 734 9.48 19.54 -1.65
C ASP A 734 8.55 18.34 -1.72
N CYS A 735 8.13 17.85 -0.56
CA CYS A 735 7.30 16.67 -0.48
C CYS A 735 5.92 16.91 -1.10
N THR A 736 5.34 18.07 -0.82
CA THR A 736 4.02 18.41 -1.35
C THR A 736 4.04 18.58 -2.86
N MET A 737 5.08 19.24 -3.40
CA MET A 737 5.16 19.43 -4.85
C MET A 737 5.45 18.12 -5.57
N TYR A 738 6.25 17.24 -4.98
CA TYR A 738 6.54 15.95 -5.61
C TYR A 738 5.30 15.07 -5.62
N ILE A 739 4.64 14.93 -4.46
CA ILE A 739 3.49 14.04 -4.38
C ILE A 739 2.29 14.63 -5.10
N CYS A 740 2.07 15.93 -4.94
CA CYS A 740 0.81 16.53 -5.37
C CYS A 740 0.95 17.64 -6.40
N GLY A 741 2.01 18.43 -6.37
CA GLY A 741 2.12 19.55 -7.28
C GLY A 741 1.23 20.68 -6.82
N ASP A 742 0.43 21.21 -7.74
CA ASP A 742 -0.42 22.36 -7.47
C ASP A 742 -1.82 21.98 -7.00
N SER A 743 -2.11 20.70 -6.81
CA SER A 743 -3.45 20.24 -6.47
C SER A 743 -3.70 20.45 -4.98
N THR A 744 -4.73 21.24 -4.66
CA THR A 744 -5.05 21.51 -3.25
C THR A 744 -5.75 20.34 -2.58
N GLU A 745 -6.58 19.60 -3.33
CA GLU A 745 -7.26 18.44 -2.78
C GLU A 745 -6.27 17.34 -2.43
N CYS A 746 -5.24 17.15 -3.28
CA CYS A 746 -4.19 16.17 -2.98
C CYS A 746 -3.44 16.54 -1.71
N SER A 747 -3.13 17.83 -1.53
CA SER A 747 -2.44 18.23 -0.31
C SER A 747 -3.33 18.10 0.92
N ASN A 748 -4.64 18.34 0.75
CA ASN A 748 -5.58 18.14 1.85
C ASN A 748 -5.63 16.67 2.27
N LEU A 749 -5.57 15.76 1.29
CA LEU A 749 -5.39 14.35 1.64
C LEU A 749 -4.00 14.05 2.18
N LEU A 750 -2.99 14.86 1.82
CA LEU A 750 -1.62 14.56 2.21
C LEU A 750 -1.36 14.91 3.68
N LEU A 751 -1.98 15.98 4.19
CA LEU A 751 -1.90 16.26 5.63
C LEU A 751 -2.54 15.18 6.49
N GLN A 752 -3.43 14.36 5.93
CA GLN A 752 -4.06 13.30 6.69
C GLN A 752 -3.08 12.16 7.00
N TYR A 753 -1.99 12.05 6.23
CA TYR A 753 -0.97 11.04 6.46
C TYR A 753 0.01 11.39 7.56
N GLY A 754 0.00 12.62 8.06
CA GLY A 754 0.81 12.95 9.21
C GLY A 754 2.09 13.71 8.90
N SER A 755 3.14 13.43 9.67
CA SER A 755 4.41 14.13 9.59
C SER A 755 5.45 13.37 8.79
N PHE A 756 5.02 12.66 7.74
CA PHE A 756 5.96 11.93 6.89
C PHE A 756 6.86 12.89 6.11
N CYS A 757 6.28 13.97 5.57
CA CYS A 757 7.03 14.92 4.77
C CYS A 757 8.06 15.66 5.61
N THR A 758 7.70 15.97 6.85
CA THR A 758 8.65 16.60 7.78
C THR A 758 9.80 15.67 8.09
N GLN A 759 9.52 14.37 8.24
CA GLN A 759 10.57 13.38 8.49
C GLN A 759 11.53 13.28 7.31
N LEU A 760 11.00 13.24 6.08
CA LEU A 760 11.85 13.15 4.89
C LEU A 760 12.68 14.42 4.71
N LYS A 761 12.08 15.59 4.94
CA LYS A 761 12.80 16.85 4.83
C LYS A 761 13.89 16.96 5.89
N ARG A 762 13.61 16.49 7.11
CA ARG A 762 14.61 16.50 8.18
C ARG A 762 15.77 15.58 7.87
N ALA A 763 15.49 14.38 7.34
CA ALA A 763 16.55 13.44 6.97
C ALA A 763 17.41 14.00 5.84
N LEU A 764 16.79 14.61 4.84
CA LEU A 764 17.56 15.18 3.73
C LEU A 764 18.36 16.40 4.16
N THR A 765 17.84 17.20 5.09
CA THR A 765 18.60 18.33 5.62
C THR A 765 19.79 17.87 6.44
N GLY A 766 19.62 16.77 7.19
CA GLY A 766 20.75 16.19 7.91
C GLY A 766 21.83 15.67 6.98
N ILE A 767 21.42 15.03 5.88
CA ILE A 767 22.38 14.60 4.85
C ILE A 767 23.10 15.79 4.22
N ALA A 768 22.35 16.86 3.93
CA ALA A 768 22.92 18.03 3.27
C ALA A 768 23.92 18.75 4.15
N VAL A 769 23.65 18.85 5.46
CA VAL A 769 24.64 19.46 6.33
C VAL A 769 25.79 18.50 6.63
N GLU A 770 25.54 17.19 6.54
CA GLU A 770 26.61 16.22 6.75
C GLU A 770 27.64 16.26 5.64
N GLN A 771 27.21 16.57 4.41
CA GLN A 771 28.17 16.68 3.30
C GLN A 771 29.13 17.85 3.50
N ASP A 772 28.60 18.99 3.94
CA ASP A 772 29.45 20.15 4.23
C ASP A 772 30.36 19.88 5.43
N LYS A 773 29.84 19.15 6.43
CA LYS A 773 30.69 18.74 7.55
C LYS A 773 31.82 17.82 7.10
N ASN A 774 31.52 16.92 6.15
CA ASN A 774 32.54 16.01 5.60
C ASN A 774 33.65 16.79 4.90
N THR A 775 33.26 17.77 4.08
CA THR A 775 34.25 18.59 3.38
C THR A 775 35.06 19.44 4.35
N GLN A 776 34.43 19.94 5.41
CA GLN A 776 35.15 20.68 6.44
C GLN A 776 36.14 19.80 7.19
N GLU A 777 35.75 18.58 7.53
CA GLU A 777 36.66 17.69 8.26
C GLU A 777 37.82 17.22 7.39
N VAL A 778 37.61 17.08 6.08
CA VAL A 778 38.71 16.66 5.23
C VAL A 778 39.67 17.82 4.95
N PHE A 779 39.14 18.96 4.50
CA PHE A 779 40.01 20.01 3.98
C PHE A 779 40.33 21.12 4.96
N ALA A 780 39.40 21.50 5.83
CA ALA A 780 39.62 22.63 6.74
C ALA A 780 40.29 22.13 8.03
N GLN A 781 41.53 21.69 7.87
CA GLN A 781 42.31 21.17 8.98
C GLN A 781 43.35 22.15 9.49
N VAL A 782 43.60 23.24 8.77
CA VAL A 782 44.54 24.27 9.18
C VAL A 782 43.82 25.61 9.25
N LYS A 783 44.11 26.37 10.29
CA LYS A 783 43.54 27.70 10.45
C LYS A 783 44.44 28.79 9.88
N GLN A 784 45.59 28.42 9.34
CA GLN A 784 46.50 29.35 8.70
C GLN A 784 46.59 29.01 7.22
N ILE A 785 46.33 29.99 6.37
CA ILE A 785 46.43 29.80 4.92
C ILE A 785 47.88 30.07 4.53
N TYR A 786 48.63 29.01 4.33
CA TYR A 786 50.05 29.11 4.00
C TYR A 786 50.25 29.34 2.51
N LYS A 787 51.28 30.12 2.17
CA LYS A 787 51.66 30.34 0.79
C LYS A 787 53.13 30.00 0.61
N THR A 788 53.45 29.46 -0.57
CA THR A 788 54.82 29.19 -0.95
C THR A 788 55.57 30.50 -1.21
N PRO A 789 56.90 30.50 -1.08
CA PRO A 789 57.67 31.68 -1.47
C PRO A 789 57.60 31.93 -2.96
N PRO A 790 57.81 33.16 -3.42
CA PRO A 790 57.75 33.45 -4.87
C PRO A 790 58.79 32.72 -5.70
N ILE A 791 59.95 32.40 -5.13
CA ILE A 791 60.92 31.56 -5.81
C ILE A 791 60.64 30.09 -5.47
N LYS A 792 60.45 29.27 -6.50
CA LYS A 792 60.08 27.87 -6.32
C LYS A 792 61.29 26.96 -6.53
N TYR A 793 62.30 27.12 -5.68
CA TYR A 793 63.44 26.23 -5.66
C TYR A 793 63.45 25.50 -4.33
N PHE A 794 63.44 24.17 -4.38
CA PHE A 794 63.35 23.32 -3.20
C PHE A 794 64.38 22.20 -3.28
N GLY A 795 65.62 22.57 -3.60
CA GLY A 795 66.69 21.59 -3.67
C GLY A 795 66.62 20.69 -4.88
N GLY A 796 66.03 21.17 -5.98
CA GLY A 796 65.85 20.37 -7.17
C GLY A 796 64.51 19.70 -7.29
N PHE A 797 63.70 19.72 -6.23
CA PHE A 797 62.38 19.13 -6.28
C PHE A 797 61.40 20.08 -6.96
N ASN A 798 60.57 19.54 -7.83
CA ASN A 798 59.66 20.31 -8.67
C ASN A 798 58.23 20.01 -8.22
N PHE A 799 57.53 21.06 -7.79
CA PHE A 799 56.14 20.92 -7.35
C PHE A 799 55.17 21.70 -8.23
N SER A 800 55.56 22.03 -9.46
CA SER A 800 54.73 22.90 -10.30
C SER A 800 53.44 22.22 -10.73
N GLN A 801 53.43 20.89 -10.80
CA GLN A 801 52.22 20.18 -11.17
C GLN A 801 51.23 20.06 -10.02
N ILE A 802 51.64 20.37 -8.79
CA ILE A 802 50.72 20.33 -7.66
C ILE A 802 50.56 21.70 -7.01
N LEU A 803 51.46 22.64 -7.22
CA LEU A 803 51.26 24.01 -6.76
C LEU A 803 50.24 24.71 -7.68
N PRO A 804 49.54 25.72 -7.16
CA PRO A 804 48.54 26.41 -7.99
C PRO A 804 49.14 27.16 -9.17
N ASP A 805 48.37 27.21 -10.25
CA ASP A 805 48.77 27.92 -11.46
C ASP A 805 48.21 29.34 -11.39
N PRO A 806 49.05 30.37 -11.37
CA PRO A 806 48.54 31.75 -11.39
C PRO A 806 47.87 32.13 -12.70
N SER A 807 48.19 31.46 -13.80
CA SER A 807 47.59 31.81 -15.09
C SER A 807 46.12 31.42 -15.15
N LYS A 808 45.77 30.29 -14.52
CA LYS A 808 44.38 29.87 -14.50
C LYS A 808 43.55 30.76 -13.59
N PRO A 809 42.35 31.16 -14.02
CA PRO A 809 41.48 31.95 -13.13
C PRO A 809 41.01 31.19 -11.90
N SER A 810 40.92 29.87 -11.98
CA SER A 810 40.48 29.05 -10.85
C SER A 810 41.55 28.86 -9.80
N LYS A 811 42.81 29.24 -10.10
CA LYS A 811 43.96 29.12 -9.21
C LYS A 811 44.19 27.68 -8.76
N ARG A 812 44.00 26.74 -9.69
CA ARG A 812 44.17 25.33 -9.41
C ARG A 812 45.52 24.85 -9.93
N SER A 813 45.94 23.70 -9.43
CA SER A 813 47.12 23.02 -9.95
C SER A 813 46.79 22.38 -11.29
N PRO A 814 47.81 22.11 -12.12
CA PRO A 814 47.56 21.37 -13.37
C PRO A 814 46.93 20.00 -13.14
N ILE A 815 47.36 19.29 -12.09
CA ILE A 815 46.76 18.02 -11.74
C ILE A 815 45.33 18.22 -11.26
N GLU A 816 45.09 19.25 -10.45
CA GLU A 816 43.74 19.55 -9.98
C GLU A 816 42.84 20.00 -11.12
N ASP A 817 43.40 20.74 -12.08
CA ASP A 817 42.63 21.13 -13.27
C ASP A 817 42.25 19.91 -14.11
N LEU A 818 43.18 18.96 -14.24
CA LEU A 818 42.88 17.74 -14.97
C LEU A 818 41.84 16.90 -14.24
N LEU A 819 41.90 16.85 -12.90
CA LEU A 819 40.92 16.13 -12.11
C LEU A 819 39.54 16.78 -12.21
N PHE A 820 39.51 18.12 -12.25
CA PHE A 820 38.25 18.84 -12.42
C PHE A 820 37.66 18.58 -13.80
N ASN A 821 38.52 18.48 -14.82
CA ASN A 821 38.01 18.21 -16.16
C ASN A 821 37.54 16.77 -16.32
N LYS A 822 38.19 15.82 -15.64
CA LYS A 822 37.89 14.41 -15.84
C LYS A 822 36.63 13.95 -15.10
N VAL A 823 36.10 14.75 -14.18
CA VAL A 823 34.89 14.41 -13.44
C VAL A 823 33.81 15.42 -13.81
N THR A 824 32.70 14.94 -14.34
CA THR A 824 31.61 15.82 -14.76
C THR A 824 30.37 15.61 -13.91
N ASP A 845 17.25 18.77 -20.74
CA ASP A 845 16.18 19.27 -19.89
C ASP A 845 15.87 18.28 -18.77
N LEU A 846 16.81 17.39 -18.49
CA LEU A 846 16.62 16.41 -17.42
C LEU A 846 16.72 17.06 -16.04
N ILE A 847 17.71 17.93 -15.85
CA ILE A 847 17.86 18.66 -14.59
C ILE A 847 16.67 19.60 -14.39
N CYS A 848 16.20 20.21 -15.48
CA CYS A 848 15.06 21.10 -15.44
C CYS A 848 13.78 20.34 -15.09
N ALA A 849 13.65 19.11 -15.61
CA ALA A 849 12.51 18.27 -15.26
C ALA A 849 12.56 17.84 -13.79
N GLN A 850 13.75 17.54 -13.27
CA GLN A 850 13.90 17.22 -11.85
C GLN A 850 13.54 18.42 -10.98
N LYS A 851 13.93 19.63 -11.41
CA LYS A 851 13.56 20.86 -10.72
C LYS A 851 12.05 21.09 -10.73
N PHE A 852 11.41 20.89 -11.89
CA PHE A 852 9.97 21.15 -12.03
C PHE A 852 9.10 20.22 -11.19
N ASN A 853 9.59 19.03 -10.87
CA ASN A 853 8.86 18.13 -9.99
C ASN A 853 9.27 18.25 -8.52
N GLY A 854 9.91 19.36 -8.15
CA GLY A 854 10.17 19.63 -6.75
C GLY A 854 11.46 19.08 -6.18
N LEU A 855 12.41 18.67 -7.02
CA LEU A 855 13.66 18.09 -6.55
C LEU A 855 14.78 19.07 -6.90
N THR A 856 15.36 19.70 -5.88
CA THR A 856 16.34 20.75 -6.05
C THR A 856 17.70 20.26 -5.55
N VAL A 857 18.76 20.76 -6.20
CA VAL A 857 20.12 20.49 -5.76
C VAL A 857 20.65 21.76 -5.09
N LEU A 858 21.11 21.62 -3.85
CA LEU A 858 21.70 22.67 -3.04
C LEU A 858 23.20 22.75 -3.32
N PRO A 859 23.76 23.95 -3.45
CA PRO A 859 25.19 24.08 -3.70
C PRO A 859 25.99 23.72 -2.47
N PRO A 860 27.22 23.25 -2.65
CA PRO A 860 28.10 23.03 -1.49
C PRO A 860 28.46 24.34 -0.84
N LEU A 861 28.69 24.28 0.48
CA LEU A 861 29.06 25.48 1.22
C LEU A 861 30.45 25.96 0.82
N LEU A 862 31.39 25.04 0.64
CA LEU A 862 32.72 25.38 0.15
C LEU A 862 32.74 25.31 -1.35
N THR A 863 33.10 26.41 -2.00
CA THR A 863 33.30 26.41 -3.45
C THR A 863 34.58 25.66 -3.79
N ASP A 864 34.73 25.34 -5.08
CA ASP A 864 35.92 24.64 -5.56
C ASP A 864 37.16 25.49 -5.41
N GLU A 865 37.03 26.82 -5.53
CA GLU A 865 38.16 27.71 -5.32
C GLU A 865 38.64 27.68 -3.88
N MET A 866 37.71 27.60 -2.92
CA MET A 866 38.12 27.60 -1.52
C MET A 866 38.66 26.23 -1.09
N ILE A 867 38.15 25.15 -1.67
CA ILE A 867 38.75 23.83 -1.42
C ILE A 867 40.15 23.77 -2.03
N ALA A 868 40.33 24.38 -3.21
CA ALA A 868 41.66 24.46 -3.81
C ALA A 868 42.59 25.33 -2.98
N GLN A 869 42.07 26.38 -2.34
CA GLN A 869 42.88 27.22 -1.48
C GLN A 869 43.28 26.49 -0.20
N TYR A 870 42.37 25.67 0.35
CA TYR A 870 42.72 24.76 1.45
C TYR A 870 43.83 23.79 1.07
N THR A 871 43.72 23.18 -0.11
CA THR A 871 44.76 22.24 -0.53
C THR A 871 46.08 22.94 -0.80
N SER A 872 46.03 24.17 -1.30
CA SER A 872 47.25 24.96 -1.52
C SER A 872 47.89 25.34 -0.19
N ALA A 873 47.08 25.67 0.82
CA ALA A 873 47.62 25.94 2.15
C ALA A 873 48.28 24.71 2.75
N LEU A 874 47.66 23.55 2.58
CA LEU A 874 48.24 22.29 3.06
C LEU A 874 49.55 21.98 2.33
N LEU A 875 49.58 22.19 1.02
CA LEU A 875 50.79 21.95 0.23
C LEU A 875 51.92 22.90 0.62
N ALA A 876 51.61 24.19 0.82
CA ALA A 876 52.63 25.15 1.22
C ALA A 876 53.14 24.86 2.62
N GLY A 877 52.25 24.42 3.52
CA GLY A 877 52.70 24.04 4.85
C GLY A 877 53.57 22.79 4.85
N THR A 878 53.22 21.78 4.06
CA THR A 878 54.01 20.56 4.05
C THR A 878 55.28 20.69 3.22
N ILE A 879 55.37 21.70 2.35
CA ILE A 879 56.59 21.90 1.57
C ILE A 879 57.56 22.81 2.32
N THR A 880 57.07 23.92 2.87
CA THR A 880 57.96 24.87 3.52
C THR A 880 58.27 24.52 4.96
N SER A 881 57.42 23.74 5.62
CA SER A 881 57.57 23.49 7.04
C SER A 881 57.56 22.03 7.47
N GLY A 882 57.29 21.10 6.57
CA GLY A 882 57.30 19.69 6.93
C GLY A 882 56.07 19.28 7.71
N TRP A 883 56.25 18.49 8.76
CA TRP A 883 55.14 18.09 9.61
C TRP A 883 54.95 19.02 10.80
N THR A 884 55.72 20.10 10.89
CA THR A 884 55.68 20.95 12.06
C THR A 884 54.41 21.80 12.12
N PHE A 885 53.84 22.14 10.96
CA PHE A 885 52.64 22.96 10.95
C PHE A 885 51.41 22.18 11.37
N GLY A 886 51.45 20.86 11.30
CA GLY A 886 50.34 20.05 11.76
C GLY A 886 50.29 19.83 13.25
N ALA A 887 51.36 20.16 13.97
CA ALA A 887 51.44 19.94 15.40
C ALA A 887 51.66 21.22 16.19
N GLY A 888 51.59 22.38 15.54
CA GLY A 888 51.84 23.64 16.18
C GLY A 888 52.14 24.72 15.18
N PRO A 889 53.04 25.64 15.54
CA PRO A 889 53.46 26.67 14.59
C PRO A 889 54.28 26.08 13.46
N ALA A 890 54.16 26.70 12.29
CA ALA A 890 54.88 26.23 11.11
C ALA A 890 56.36 26.60 11.24
N LEU A 891 57.21 25.59 11.30
CA LEU A 891 58.64 25.75 11.50
C LEU A 891 59.32 25.50 10.17
N GLN A 892 59.96 26.53 9.61
CA GLN A 892 60.57 26.39 8.30
C GLN A 892 61.80 25.50 8.38
N ILE A 893 62.05 24.78 7.29
CA ILE A 893 63.15 23.84 7.18
C ILE A 893 63.45 23.70 5.68
N PRO A 894 64.71 23.62 5.27
CA PRO A 894 65.00 23.30 3.87
C PRO A 894 64.45 21.95 3.47
N PHE A 895 63.89 21.88 2.27
CA PHE A 895 63.22 20.65 1.81
C PHE A 895 64.12 19.43 1.63
N PRO A 896 65.39 19.54 1.18
CA PRO A 896 66.28 18.37 1.32
C PRO A 896 66.45 17.91 2.75
N MET A 897 66.49 18.83 3.71
CA MET A 897 66.62 18.44 5.10
C MET A 897 65.33 17.84 5.65
N GLN A 898 64.18 18.34 5.19
CA GLN A 898 62.90 17.73 5.54
C GLN A 898 62.79 16.32 5.00
N MET A 899 63.23 16.10 3.76
CA MET A 899 63.15 14.76 3.20
C MET A 899 64.20 13.85 3.85
N ALA A 900 65.30 14.42 4.34
CA ALA A 900 66.27 13.63 5.12
C ALA A 900 65.70 13.23 6.47
N TYR A 901 64.91 14.11 7.09
CA TYR A 901 64.15 13.75 8.28
C TYR A 901 63.20 12.59 7.97
N ARG A 902 62.57 12.62 6.79
CA ARG A 902 61.65 11.55 6.44
C ARG A 902 62.36 10.24 6.13
N PHE A 903 63.60 10.32 5.62
CA PHE A 903 64.40 9.09 5.51
C PHE A 903 64.78 8.55 6.87
N ASN A 904 65.09 9.43 7.83
CA ASN A 904 65.31 8.96 9.20
C ASN A 904 64.03 8.39 9.78
N GLY A 905 62.88 8.86 9.30
CA GLY A 905 61.60 8.29 9.72
C GLY A 905 61.39 6.89 9.21
N ILE A 906 61.98 6.56 8.07
CA ILE A 906 61.78 5.23 7.49
C ILE A 906 63.01 4.34 7.66
N GLY A 907 63.96 4.75 8.51
CA GLY A 907 65.08 3.89 8.84
C GLY A 907 66.25 3.97 7.89
N VAL A 908 66.36 5.03 7.10
CA VAL A 908 67.48 5.24 6.18
C VAL A 908 68.25 6.47 6.67
N THR A 909 69.58 6.39 6.64
CA THR A 909 70.37 7.48 7.18
C THR A 909 70.31 8.70 6.26
N GLN A 910 70.68 9.86 6.81
CA GLN A 910 70.56 11.13 6.11
C GLN A 910 71.53 11.23 4.94
N ASN A 911 72.69 10.60 5.04
CA ASN A 911 73.72 10.69 4.01
C ASN A 911 73.30 9.99 2.73
N VAL A 912 72.37 9.04 2.80
CA VAL A 912 71.84 8.40 1.61
C VAL A 912 71.09 9.40 0.76
N LEU A 913 70.35 10.31 1.40
CA LEU A 913 69.72 11.39 0.64
C LEU A 913 70.72 12.43 0.22
N TYR A 914 71.60 12.87 1.13
CA TYR A 914 72.45 14.01 0.83
C TYR A 914 73.48 13.67 -0.24
N GLU A 915 73.86 12.40 -0.36
CA GLU A 915 74.75 11.97 -1.41
C GLU A 915 74.02 11.71 -2.72
N ASN A 916 72.71 11.50 -2.67
CA ASN A 916 71.91 11.19 -3.85
C ASN A 916 70.76 12.17 -4.02
N GLN A 917 70.98 13.45 -3.75
CA GLN A 917 69.89 14.43 -3.72
C GLN A 917 69.35 14.70 -5.12
N LYS A 918 70.25 14.81 -6.10
CA LYS A 918 69.82 15.07 -7.47
C LYS A 918 69.06 13.89 -8.05
N LEU A 919 69.49 12.66 -7.73
CA LEU A 919 68.80 11.46 -8.21
C LEU A 919 67.40 11.34 -7.61
N ILE A 920 67.27 11.62 -6.31
CA ILE A 920 65.96 11.56 -5.65
C ILE A 920 65.04 12.64 -6.19
N ALA A 921 65.57 13.84 -6.43
CA ALA A 921 64.78 14.92 -7.03
C ALA A 921 64.32 14.56 -8.44
N ASN A 922 65.21 13.97 -9.25
CA ASN A 922 64.83 13.57 -10.61
C ASN A 922 63.80 12.46 -10.61
N GLN A 923 63.94 11.49 -9.69
CA GLN A 923 62.96 10.42 -9.57
C GLN A 923 61.59 10.95 -9.14
N PHE A 924 61.59 11.91 -8.21
CA PHE A 924 60.33 12.51 -7.77
C PHE A 924 59.65 13.29 -8.89
N ASN A 925 60.44 14.06 -9.66
CA ASN A 925 59.88 14.82 -10.77
C ASN A 925 59.33 13.91 -11.86
N SER A 926 60.05 12.83 -12.17
CA SER A 926 59.58 11.87 -13.17
C SER A 926 58.33 11.14 -12.70
N ALA A 927 58.25 10.83 -11.40
CA ALA A 927 57.07 10.16 -10.88
C ALA A 927 55.85 11.08 -10.88
N ILE A 928 56.05 12.37 -10.59
CA ILE A 928 54.95 13.33 -10.65
C ILE A 928 54.45 13.49 -12.09
N GLY A 929 55.40 13.57 -13.05
CA GLY A 929 55.01 13.62 -14.45
C GLY A 929 54.29 12.37 -14.92
N LYS A 930 54.70 11.20 -14.41
CA LYS A 930 54.01 9.96 -14.73
C LYS A 930 52.61 9.91 -14.12
N ILE A 931 52.43 10.49 -12.93
CA ILE A 931 51.09 10.62 -12.35
C ILE A 931 50.20 11.47 -13.22
N GLN A 932 50.72 12.60 -13.71
CA GLN A 932 49.93 13.46 -14.60
C GLN A 932 49.57 12.76 -15.89
N ASP A 933 50.53 12.04 -16.50
CA ASP A 933 50.26 11.33 -17.74
C ASP A 933 49.30 10.16 -17.52
N SER A 934 49.42 9.45 -16.40
CA SER A 934 48.56 8.31 -16.13
C SER A 934 47.13 8.76 -15.83
N LEU A 935 46.97 9.89 -15.14
CA LEU A 935 45.63 10.43 -14.95
C LEU A 935 45.06 10.95 -16.26
N SER A 936 45.90 11.55 -17.11
CA SER A 936 45.41 12.08 -18.39
C SER A 936 45.10 10.97 -19.40
N SER A 937 45.67 9.78 -19.24
CA SER A 937 45.51 8.74 -20.25
C SER A 937 44.59 7.60 -19.82
N THR A 938 44.12 7.58 -18.57
CA THR A 938 43.24 6.52 -18.11
C THR A 938 41.86 7.09 -17.83
N PRO A 939 40.81 6.67 -18.55
CA PRO A 939 39.47 7.22 -18.28
C PRO A 939 38.81 6.68 -17.02
N SER A 940 39.20 5.49 -16.57
CA SER A 940 38.58 4.85 -15.41
C SER A 940 39.32 5.13 -14.10
N ALA A 941 40.30 6.03 -14.13
CA ALA A 941 41.06 6.36 -12.93
C ALA A 941 40.21 7.12 -11.91
N LEU A 942 39.32 7.99 -12.40
CA LEU A 942 38.43 8.78 -11.56
C LEU A 942 37.06 8.15 -11.42
N GLY A 943 36.99 6.82 -11.43
CA GLY A 943 35.72 6.12 -11.47
C GLY A 943 34.94 6.17 -10.18
N LYS A 944 35.59 6.42 -9.05
CA LYS A 944 34.90 6.44 -7.76
C LYS A 944 33.98 7.66 -7.67
N LEU A 945 34.55 8.86 -7.87
CA LEU A 945 33.80 10.11 -7.75
C LEU A 945 32.67 10.14 -8.78
N GLN A 946 33.01 9.75 -10.02
CA GLN A 946 32.02 9.66 -11.07
C GLN A 946 30.91 8.68 -10.71
N ASP A 947 31.25 7.56 -10.07
CA ASP A 947 30.24 6.61 -9.62
C ASP A 947 29.32 7.22 -8.57
N VAL A 948 29.86 8.06 -7.69
CA VAL A 948 29.04 8.78 -6.70
C VAL A 948 28.03 9.70 -7.40
N VAL A 949 28.50 10.47 -8.39
CA VAL A 949 27.60 11.30 -9.20
C VAL A 949 26.60 10.44 -9.96
N ASN A 950 27.05 9.33 -10.54
CA ASN A 950 26.23 8.43 -11.32
C ASN A 950 25.27 7.63 -10.46
N HIS A 951 25.48 7.61 -9.14
CA HIS A 951 24.45 7.10 -8.25
C HIS A 951 23.40 8.18 -8.08
N ASN A 952 23.85 9.38 -7.69
CA ASN A 952 22.94 10.37 -7.10
C ASN A 952 21.97 10.88 -8.16
N ALA A 953 22.51 11.28 -9.32
CA ALA A 953 21.67 11.72 -10.44
C ALA A 953 20.73 10.63 -10.92
N GLN A 954 21.21 9.37 -10.95
CA GLN A 954 20.36 8.24 -11.35
C GLN A 954 19.19 8.06 -10.38
N ALA A 955 19.45 8.20 -9.09
CA ALA A 955 18.40 8.12 -8.08
C ALA A 955 17.36 9.22 -8.27
N LEU A 956 17.82 10.44 -8.54
CA LEU A 956 16.88 11.54 -8.82
C LEU A 956 16.07 11.27 -10.08
N ASN A 957 16.71 10.71 -11.11
CA ASN A 957 16.02 10.34 -12.35
C ASN A 957 14.96 9.29 -12.09
N THR A 958 15.29 8.29 -11.27
CA THR A 958 14.34 7.23 -10.92
C THR A 958 13.16 7.79 -10.16
N LEU A 959 13.43 8.75 -9.26
CA LEU A 959 12.36 9.38 -8.50
C LEU A 959 11.44 10.18 -9.43
N VAL A 960 12.02 10.81 -10.46
CA VAL A 960 11.22 11.53 -11.43
C VAL A 960 10.38 10.56 -12.28
N LYS A 961 10.95 9.39 -12.63
CA LYS A 961 10.22 8.37 -13.37
C LYS A 961 9.10 7.72 -12.57
N GLN A 962 9.20 7.77 -11.24
CA GLN A 962 8.14 7.21 -10.40
C GLN A 962 6.87 8.07 -10.41
N LEU A 963 6.92 9.28 -10.96
CA LEU A 963 5.72 10.09 -11.15
C LEU A 963 4.90 9.67 -12.35
N SER A 964 5.41 8.80 -13.22
CA SER A 964 4.69 8.33 -14.39
C SER A 964 4.01 6.99 -14.14
N SER A 965 3.94 6.56 -12.89
CA SER A 965 3.39 5.26 -12.52
C SER A 965 1.96 5.44 -12.04
N LYS A 966 1.09 4.55 -12.51
CA LYS A 966 -0.32 4.65 -12.15
C LYS A 966 -0.57 4.23 -10.71
N PHE A 967 0.24 3.28 -10.19
CA PHE A 967 0.13 2.72 -8.84
C PHE A 967 -1.26 2.14 -8.57
N GLY A 968 -1.83 1.50 -9.59
CA GLY A 968 -3.15 0.91 -9.45
C GLY A 968 -4.30 1.88 -9.63
N ALA A 969 -4.03 3.10 -10.07
CA ALA A 969 -5.07 4.09 -10.31
C ALA A 969 -5.37 4.18 -11.81
N ILE A 970 -6.37 5.00 -12.15
CA ILE A 970 -6.77 5.12 -13.54
C ILE A 970 -5.76 5.94 -14.34
N SER A 971 -5.05 6.86 -13.68
CA SER A 971 -4.07 7.69 -14.36
C SER A 971 -2.98 8.07 -13.38
N SER A 972 -1.81 8.41 -13.92
CA SER A 972 -0.71 8.94 -13.13
C SER A 972 -0.71 10.45 -13.07
N VAL A 973 -1.66 11.11 -13.73
CA VAL A 973 -1.78 12.56 -13.72
C VAL A 973 -2.90 12.91 -12.75
N LEU A 974 -2.59 13.77 -11.77
CA LEU A 974 -3.58 14.14 -10.77
C LEU A 974 -4.66 15.04 -11.35
N ASN A 975 -4.27 15.91 -12.30
CA ASN A 975 -5.23 16.84 -12.90
C ASN A 975 -6.25 16.10 -13.75
N ASP A 976 -5.83 15.00 -14.39
CA ASP A 976 -6.77 14.16 -15.13
C ASP A 976 -7.77 13.50 -14.19
N ILE A 977 -7.32 13.05 -13.02
CA ILE A 977 -8.20 12.43 -12.04
C ILE A 977 -9.18 13.46 -11.49
N LEU A 978 -8.70 14.68 -11.23
CA LEU A 978 -9.57 15.75 -10.75
C LEU A 978 -10.60 16.15 -11.81
N SER A 979 -10.19 16.25 -13.07
CA SER A 979 -11.11 16.65 -14.12
C SER A 979 -12.00 15.52 -14.61
N ARG A 980 -11.73 14.27 -14.23
CA ARG A 980 -12.51 13.15 -14.73
C ARG A 980 -13.50 12.57 -13.74
N LEU A 981 -13.25 12.70 -12.43
CA LEU A 981 -14.06 11.97 -11.46
C LEU A 981 -14.67 12.90 -10.43
N ASP A 982 -15.76 12.41 -9.84
CA ASP A 982 -16.34 13.01 -8.65
C ASP A 982 -15.38 12.89 -7.47
N PRO A 983 -15.45 13.82 -6.51
CA PRO A 983 -14.53 13.81 -5.35
C PRO A 983 -14.55 12.53 -4.51
N PRO A 984 -15.69 11.82 -4.30
CA PRO A 984 -15.59 10.57 -3.53
C PRO A 984 -14.72 9.47 -4.15
N GLU A 985 -14.66 9.36 -5.48
CA GLU A 985 -13.74 8.41 -6.09
C GLU A 985 -12.38 9.04 -6.38
N ALA A 986 -12.33 10.36 -6.46
CA ALA A 986 -11.06 11.06 -6.49
C ALA A 986 -10.28 10.85 -5.20
N GLU A 987 -10.98 10.68 -4.07
CA GLU A 987 -10.35 10.24 -2.83
C GLU A 987 -9.54 8.96 -3.02
N VAL A 988 -10.15 7.94 -3.64
CA VAL A 988 -9.51 6.65 -3.78
C VAL A 988 -8.34 6.72 -4.77
N GLN A 989 -8.55 7.37 -5.91
CA GLN A 989 -7.49 7.44 -6.92
C GLN A 989 -6.31 8.30 -6.46
N ILE A 990 -6.60 9.47 -5.87
CA ILE A 990 -5.56 10.34 -5.35
C ILE A 990 -4.84 9.69 -4.18
N ASP A 991 -5.55 8.91 -3.36
CA ASP A 991 -4.91 8.22 -2.25
C ASP A 991 -3.97 7.13 -2.74
N ARG A 992 -4.36 6.41 -3.81
CA ARG A 992 -3.45 5.42 -4.40
C ARG A 992 -2.19 6.07 -4.95
N LEU A 993 -2.34 7.20 -5.66
CA LEU A 993 -1.18 7.92 -6.17
C LEU A 993 -0.32 8.48 -5.04
N ILE A 994 -0.96 8.95 -3.97
CA ILE A 994 -0.24 9.51 -2.82
C ILE A 994 0.58 8.43 -2.13
N THR A 995 0.00 7.25 -1.91
CA THR A 995 0.76 6.22 -1.21
C THR A 995 1.86 5.63 -2.09
N GLY A 996 1.66 5.58 -3.41
CA GLY A 996 2.74 5.15 -4.29
C GLY A 996 3.90 6.13 -4.32
N ARG A 997 3.59 7.43 -4.45
CA ARG A 997 4.64 8.43 -4.51
C ARG A 997 5.32 8.61 -3.16
N LEU A 998 4.57 8.44 -2.07
CA LEU A 998 5.14 8.51 -0.73
C LEU A 998 6.08 7.33 -0.48
N GLN A 999 5.72 6.13 -0.96
CA GLN A 999 6.62 4.99 -0.86
C GLN A 999 7.89 5.21 -1.67
N SER A 1000 7.75 5.80 -2.86
CA SER A 1000 8.92 6.10 -3.69
C SER A 1000 9.84 7.12 -3.01
N LEU A 1001 9.27 8.16 -2.40
CA LEU A 1001 10.05 9.18 -1.72
C LEU A 1001 10.74 8.62 -0.48
N GLN A 1002 10.04 7.77 0.28
CA GLN A 1002 10.63 7.14 1.46
C GLN A 1002 11.77 6.21 1.08
N THR A 1003 11.62 5.46 -0.02
CA THR A 1003 12.68 4.60 -0.51
C THR A 1003 13.90 5.42 -0.93
N TYR A 1004 13.66 6.54 -1.63
CA TYR A 1004 14.76 7.40 -2.05
C TYR A 1004 15.52 7.97 -0.86
N VAL A 1005 14.80 8.40 0.17
CA VAL A 1005 15.44 8.91 1.39
C VAL A 1005 16.21 7.80 2.11
N THR A 1006 15.70 6.56 2.06
CA THR A 1006 16.38 5.44 2.72
C THR A 1006 17.74 5.12 2.09
N GLN A 1007 17.78 4.92 0.75
CA GLN A 1007 19.11 4.75 0.17
C GLN A 1007 19.96 6.02 0.16
N GLN A 1008 19.36 7.21 0.25
CA GLN A 1008 20.17 8.41 0.42
C GLN A 1008 20.86 8.42 1.78
N LEU A 1009 20.16 7.97 2.82
CA LEU A 1009 20.78 7.88 4.15
C LEU A 1009 21.87 6.81 4.20
N ILE A 1010 21.64 5.67 3.53
CA ILE A 1010 22.65 4.62 3.50
C ILE A 1010 23.90 5.08 2.73
N ARG A 1011 23.70 5.73 1.58
CA ARG A 1011 24.83 6.29 0.84
C ARG A 1011 25.51 7.42 1.60
N ALA A 1012 24.76 8.16 2.41
CA ALA A 1012 25.36 9.19 3.25
C ALA A 1012 26.25 8.59 4.31
N ALA A 1013 25.83 7.46 4.89
CA ALA A 1013 26.68 6.76 5.85
C ALA A 1013 27.96 6.24 5.19
N GLU A 1014 27.84 5.71 3.96
CA GLU A 1014 29.02 5.23 3.24
C GLU A 1014 29.98 6.37 2.88
N ILE A 1015 29.44 7.48 2.42
CA ILE A 1015 30.25 8.64 2.05
C ILE A 1015 30.86 9.28 3.30
N ARG A 1016 30.14 9.26 4.43
CA ARG A 1016 30.71 9.76 5.68
C ARG A 1016 31.86 8.89 6.17
N ALA A 1017 31.74 7.57 6.01
CA ALA A 1017 32.86 6.68 6.33
C ALA A 1017 34.06 6.94 5.45
N SER A 1018 33.81 7.15 4.14
CA SER A 1018 34.90 7.46 3.20
C SER A 1018 35.54 8.82 3.53
N ALA A 1019 34.75 9.79 3.95
CA ALA A 1019 35.28 11.10 4.26
C ALA A 1019 36.01 11.11 5.59
N ASN A 1020 35.58 10.30 6.56
CA ASN A 1020 36.33 10.14 7.79
C ASN A 1020 37.68 9.47 7.53
N LEU A 1021 37.69 8.49 6.62
CA LEU A 1021 38.95 7.91 6.17
C LEU A 1021 39.83 8.94 5.48
N ALA A 1022 39.23 9.80 4.65
CA ALA A 1022 40.01 10.83 3.94
C ALA A 1022 40.57 11.88 4.88
N ALA A 1023 39.81 12.22 5.92
CA ALA A 1023 40.32 13.14 6.95
C ALA A 1023 41.46 12.51 7.75
N THR A 1024 41.35 11.19 8.01
CA THR A 1024 42.43 10.48 8.68
C THR A 1024 43.68 10.43 7.81
N LYS A 1025 43.51 10.25 6.50
CA LYS A 1025 44.67 10.25 5.59
C LYS A 1025 45.25 11.65 5.44
N MET A 1026 44.41 12.69 5.50
CA MET A 1026 44.93 14.05 5.50
C MET A 1026 45.73 14.35 6.75
N SER A 1027 45.28 13.86 7.90
CA SER A 1027 46.02 14.08 9.14
C SER A 1027 47.31 13.27 9.17
N GLU A 1028 47.27 12.02 8.73
CA GLU A 1028 48.37 11.10 8.99
C GLU A 1028 49.35 10.95 7.83
N CYS A 1029 48.92 11.21 6.59
CA CYS A 1029 49.84 11.13 5.46
C CYS A 1029 50.33 12.50 5.00
N VAL A 1030 49.50 13.53 5.07
CA VAL A 1030 49.88 14.85 4.60
C VAL A 1030 50.52 15.67 5.72
N LEU A 1031 49.88 15.71 6.89
CA LEU A 1031 50.36 16.50 8.01
C LEU A 1031 51.45 15.80 8.81
N GLY A 1032 51.78 14.56 8.46
CA GLY A 1032 52.84 13.84 9.13
C GLY A 1032 53.28 12.67 8.27
N GLN A 1033 54.30 11.97 8.77
CA GLN A 1033 54.82 10.77 8.11
C GLN A 1033 54.34 9.54 8.88
N SER A 1034 53.73 8.59 8.18
CA SER A 1034 53.05 7.47 8.80
C SER A 1034 53.90 6.21 8.73
N LYS A 1035 53.98 5.50 9.85
CA LYS A 1035 54.59 4.18 9.92
C LYS A 1035 53.60 3.06 9.63
N ARG A 1036 52.34 3.39 9.42
CA ARG A 1036 51.33 2.38 9.14
C ARG A 1036 51.50 1.86 7.71
N VAL A 1037 51.58 0.53 7.59
CA VAL A 1037 51.87 -0.09 6.30
C VAL A 1037 50.64 -0.01 5.41
N ASP A 1038 50.84 0.48 4.19
CA ASP A 1038 49.86 0.64 3.12
C ASP A 1038 48.75 1.64 3.44
N PHE A 1039 48.87 2.41 4.52
CA PHE A 1039 47.87 3.44 4.78
C PHE A 1039 48.09 4.64 3.87
N CYS A 1040 49.33 4.96 3.53
CA CYS A 1040 49.68 6.12 2.73
C CYS A 1040 50.50 5.70 1.53
N GLY A 1041 50.02 4.70 0.81
CA GLY A 1041 50.65 4.25 -0.41
C GLY A 1041 51.43 2.98 -0.22
N LYS A 1042 51.83 2.40 -1.35
CA LYS A 1042 52.60 1.17 -1.37
C LYS A 1042 54.08 1.49 -1.25
N GLY A 1043 54.74 0.91 -0.27
CA GLY A 1043 56.12 1.20 0.03
C GLY A 1043 56.26 1.88 1.38
N TYR A 1044 57.48 2.28 1.69
CA TYR A 1044 57.76 3.00 2.92
C TYR A 1044 57.41 4.46 2.69
N HIS A 1045 56.39 4.94 3.42
CA HIS A 1045 55.80 6.24 3.15
C HIS A 1045 56.76 7.36 3.50
N LEU A 1046 56.96 8.28 2.57
CA LEU A 1046 57.76 9.47 2.83
C LEU A 1046 56.87 10.66 3.13
N MET A 1047 56.03 11.07 2.17
CA MET A 1047 55.17 12.22 2.40
C MET A 1047 54.00 12.13 1.41
N SER A 1048 53.06 13.05 1.54
CA SER A 1048 51.86 12.99 0.70
C SER A 1048 51.41 14.39 0.35
N PHE A 1049 50.67 14.48 -0.75
CA PHE A 1049 50.22 15.74 -1.31
C PHE A 1049 48.72 15.67 -1.55
N PRO A 1050 47.93 16.58 -0.99
CA PRO A 1050 46.50 16.59 -1.29
C PRO A 1050 46.19 17.37 -2.57
N GLN A 1051 45.21 16.87 -3.32
CA GLN A 1051 44.68 17.56 -4.49
C GLN A 1051 43.17 17.51 -4.41
N SER A 1052 42.53 18.65 -4.57
CA SER A 1052 41.08 18.70 -4.57
C SER A 1052 40.52 18.08 -5.85
N ALA A 1053 39.37 17.44 -5.72
CA ALA A 1053 38.69 16.83 -6.85
C ALA A 1053 37.20 17.02 -6.65
N PRO A 1054 36.41 16.99 -7.74
CA PRO A 1054 34.95 17.11 -7.60
C PRO A 1054 34.35 16.02 -6.72
N HIS A 1055 33.80 16.45 -5.59
CA HIS A 1055 33.29 15.61 -4.51
C HIS A 1055 34.34 14.65 -3.96
N GLY A 1056 35.61 15.06 -3.90
CA GLY A 1056 36.58 14.13 -3.36
C GLY A 1056 37.96 14.72 -3.22
N VAL A 1057 38.88 13.87 -2.80
CA VAL A 1057 40.28 14.24 -2.61
C VAL A 1057 41.14 13.17 -3.26
N VAL A 1058 42.25 13.59 -3.85
CA VAL A 1058 43.23 12.69 -4.43
C VAL A 1058 44.53 12.92 -3.69
N PHE A 1059 45.05 11.86 -3.08
CA PHE A 1059 46.31 11.91 -2.36
C PHE A 1059 47.40 11.37 -3.26
N LEU A 1060 48.44 12.17 -3.47
CA LEU A 1060 49.65 11.72 -4.13
C LEU A 1060 50.59 11.26 -3.03
N HIS A 1061 50.71 9.95 -2.88
CA HIS A 1061 51.55 9.34 -1.86
C HIS A 1061 52.93 9.14 -2.44
N VAL A 1062 53.91 9.88 -1.91
CA VAL A 1062 55.31 9.69 -2.24
C VAL A 1062 55.88 8.72 -1.23
N THR A 1063 56.32 7.56 -1.72
CA THR A 1063 56.84 6.48 -0.91
C THR A 1063 58.21 6.08 -1.43
N TYR A 1064 58.92 5.35 -0.57
CA TYR A 1064 60.24 4.82 -0.84
C TYR A 1064 60.11 3.33 -1.12
N VAL A 1065 60.58 2.89 -2.28
CA VAL A 1065 60.52 1.48 -2.65
C VAL A 1065 61.96 0.98 -2.78
N PRO A 1066 62.35 -0.07 -2.06
CA PRO A 1066 63.68 -0.65 -2.26
C PRO A 1066 63.83 -1.28 -3.63
N ALA A 1067 65.05 -1.25 -4.15
CA ALA A 1067 65.29 -1.77 -5.50
C ALA A 1067 66.72 -2.25 -5.62
N GLN A 1068 66.94 -3.11 -6.61
CA GLN A 1068 68.24 -3.67 -6.99
C GLN A 1068 68.91 -4.38 -5.81
N GLU A 1069 68.21 -5.36 -5.28
CA GLU A 1069 68.69 -6.07 -4.10
C GLU A 1069 69.82 -7.03 -4.46
N LYS A 1070 70.63 -7.32 -3.46
CA LYS A 1070 71.80 -8.17 -3.63
C LYS A 1070 71.85 -9.16 -2.48
N ASN A 1071 72.26 -10.39 -2.79
CA ASN A 1071 72.44 -11.43 -1.80
C ASN A 1071 73.70 -11.18 -0.97
N PHE A 1072 73.60 -11.47 0.33
CA PHE A 1072 74.77 -11.45 1.21
C PHE A 1072 74.64 -12.57 2.23
N THR A 1073 75.77 -13.03 2.73
CA THR A 1073 75.78 -14.01 3.81
C THR A 1073 75.72 -13.27 5.13
N THR A 1074 74.77 -13.62 5.97
CA THR A 1074 74.54 -12.83 7.17
C THR A 1074 74.71 -13.70 8.42
N ALA A 1075 74.99 -13.03 9.52
CA ALA A 1075 75.16 -13.69 10.82
C ALA A 1075 74.47 -12.87 11.90
N PRO A 1076 73.96 -13.52 12.94
CA PRO A 1076 73.32 -12.75 14.02
C PRO A 1076 74.30 -11.98 14.89
N ALA A 1077 75.51 -12.48 15.08
CA ALA A 1077 76.46 -11.85 15.97
C ALA A 1077 77.87 -12.17 15.51
N ILE A 1078 78.83 -11.41 16.04
CA ILE A 1078 80.24 -11.55 15.71
C ILE A 1078 80.97 -11.98 16.98
N CYS A 1079 81.70 -13.08 16.89
CA CYS A 1079 82.51 -13.53 18.02
C CYS A 1079 83.88 -12.87 17.94
N HIS A 1080 84.25 -12.14 18.99
CA HIS A 1080 85.55 -11.48 19.03
C HIS A 1080 86.02 -11.47 20.47
N ASP A 1081 87.24 -11.99 20.69
CA ASP A 1081 87.87 -12.10 22.02
C ASP A 1081 86.99 -12.84 23.02
N GLY A 1082 86.22 -13.82 22.55
CA GLY A 1082 85.32 -14.56 23.40
C GLY A 1082 84.07 -13.84 23.81
N LYS A 1083 83.76 -12.68 23.21
CA LYS A 1083 82.52 -11.98 23.51
C LYS A 1083 81.76 -11.71 22.23
N ALA A 1084 80.43 -11.63 22.35
CA ALA A 1084 79.53 -11.55 21.22
C ALA A 1084 79.13 -10.10 20.96
N HIS A 1085 79.25 -9.68 19.71
CA HIS A 1085 78.92 -8.32 19.28
C HIS A 1085 77.68 -8.37 18.40
N PHE A 1086 76.75 -7.45 18.66
CA PHE A 1086 75.51 -7.30 17.93
C PHE A 1086 75.46 -5.90 17.32
N PRO A 1087 74.82 -5.73 16.17
CA PRO A 1087 74.73 -4.38 15.57
C PRO A 1087 73.79 -3.49 16.37
N ARG A 1088 74.18 -2.22 16.48
CA ARG A 1088 73.35 -1.27 17.23
C ARG A 1088 72.08 -0.92 16.46
N GLU A 1089 72.22 -0.67 15.16
CA GLU A 1089 71.06 -0.33 14.35
C GLU A 1089 71.09 -0.97 12.96
N GLY A 1090 72.03 -1.85 12.68
CA GLY A 1090 72.12 -2.44 11.36
C GLY A 1090 72.06 -3.94 11.31
N VAL A 1091 72.83 -4.54 10.41
CA VAL A 1091 72.85 -5.97 10.18
C VAL A 1091 74.24 -6.35 9.68
N PHE A 1092 74.73 -7.50 10.12
CA PHE A 1092 76.01 -8.01 9.66
C PHE A 1092 75.82 -8.69 8.31
N VAL A 1093 76.60 -8.26 7.32
CA VAL A 1093 76.56 -8.85 5.99
C VAL A 1093 77.98 -9.23 5.59
N SER A 1094 78.06 -10.13 4.61
CA SER A 1094 79.34 -10.58 4.08
C SER A 1094 79.18 -10.78 2.57
N ASN A 1095 80.13 -10.22 1.83
CA ASN A 1095 80.19 -10.36 0.37
C ASN A 1095 80.99 -11.58 -0.05
N GLY A 1096 81.44 -12.40 0.89
CA GLY A 1096 82.13 -13.64 0.57
C GLY A 1096 83.42 -13.81 1.34
N THR A 1097 84.11 -12.72 1.60
CA THR A 1097 85.38 -12.78 2.33
C THR A 1097 85.41 -11.87 3.55
N HIS A 1098 84.81 -10.69 3.47
CA HIS A 1098 84.92 -9.68 4.50
C HIS A 1098 83.55 -9.43 5.13
N TRP A 1099 83.55 -9.14 6.43
CA TRP A 1099 82.31 -8.91 7.16
C TRP A 1099 82.14 -7.43 7.42
N PHE A 1100 80.91 -6.96 7.24
CA PHE A 1100 80.58 -5.55 7.44
C PHE A 1100 79.28 -5.45 8.21
N VAL A 1101 79.00 -4.25 8.69
CA VAL A 1101 77.69 -3.93 9.26
C VAL A 1101 77.10 -2.83 8.38
N THR A 1102 75.83 -2.98 8.03
CA THR A 1102 75.18 -2.02 7.16
C THR A 1102 73.80 -1.69 7.71
N GLN A 1103 73.24 -0.58 7.26
CA GLN A 1103 71.87 -0.28 7.60
C GLN A 1103 70.93 -1.24 6.85
N ARG A 1104 69.74 -1.41 7.40
CA ARG A 1104 68.87 -2.51 6.98
C ARG A 1104 68.20 -2.26 5.63
N ASN A 1105 67.87 -1.00 5.33
CA ASN A 1105 67.07 -0.68 4.16
C ASN A 1105 67.88 -0.26 2.95
N PHE A 1106 69.20 -0.18 3.08
CA PHE A 1106 70.05 0.29 1.99
C PHE A 1106 71.44 -0.29 2.20
N TYR A 1107 72.11 -0.66 1.12
CA TYR A 1107 73.41 -1.30 1.25
C TYR A 1107 74.48 -0.22 1.38
N GLU A 1108 74.98 -0.05 2.61
CA GLU A 1108 76.08 0.87 2.90
C GLU A 1108 77.00 0.17 3.87
N PRO A 1109 77.95 -0.63 3.37
CA PRO A 1109 78.78 -1.44 4.28
C PRO A 1109 79.79 -0.59 5.03
N GLN A 1110 79.91 -0.86 6.32
CA GLN A 1110 80.82 -0.17 7.21
C GLN A 1110 81.70 -1.18 7.91
N ILE A 1111 82.88 -0.74 8.35
CA ILE A 1111 83.77 -1.60 9.12
C ILE A 1111 83.13 -1.87 10.48
N ILE A 1112 83.13 -3.14 10.89
CA ILE A 1112 82.57 -3.53 12.19
C ILE A 1112 83.50 -3.01 13.27
N THR A 1113 83.04 -2.01 14.02
CA THR A 1113 83.81 -1.40 15.09
C THR A 1113 83.06 -1.59 16.41
N THR A 1114 83.65 -1.05 17.48
CA THR A 1114 82.95 -1.00 18.76
C THR A 1114 81.95 0.15 18.82
N ASP A 1115 82.00 1.09 17.88
CA ASP A 1115 81.06 2.20 17.86
C ASP A 1115 79.69 1.80 17.33
N ASN A 1116 79.64 0.89 16.36
CA ASN A 1116 78.38 0.47 15.76
C ASN A 1116 77.91 -0.89 16.26
N THR A 1117 78.58 -1.47 17.25
CA THR A 1117 78.18 -2.73 17.83
C THR A 1117 78.14 -2.60 19.35
N PHE A 1118 77.38 -3.49 19.98
CA PHE A 1118 77.35 -3.60 21.44
C PHE A 1118 77.61 -5.04 21.84
N VAL A 1119 78.08 -5.21 23.06
CA VAL A 1119 78.50 -6.51 23.57
C VAL A 1119 77.44 -7.04 24.53
N SER A 1120 76.99 -8.28 24.32
CA SER A 1120 76.11 -8.96 25.27
C SER A 1120 76.51 -10.42 25.34
N GLY A 1121 77.13 -10.82 26.44
CA GLY A 1121 77.44 -12.22 26.68
C GLY A 1121 78.64 -12.72 25.91
N ASN A 1122 78.86 -14.03 26.00
CA ASN A 1122 79.94 -14.69 25.29
C ASN A 1122 79.41 -15.32 24.00
N CYS A 1123 80.25 -16.11 23.34
CA CYS A 1123 79.94 -16.68 22.04
C CYS A 1123 79.26 -18.04 22.13
N ASP A 1124 78.97 -18.53 23.33
CA ASP A 1124 78.51 -19.90 23.50
C ASP A 1124 77.01 -20.07 23.30
N VAL A 1125 76.23 -19.02 23.46
CA VAL A 1125 74.77 -19.14 23.55
C VAL A 1125 74.09 -18.80 22.23
N VAL A 1126 74.69 -17.91 21.43
CA VAL A 1126 74.03 -17.43 20.22
C VAL A 1126 74.22 -18.47 19.11
N ILE A 1127 73.10 -18.90 18.52
CA ILE A 1127 73.12 -19.90 17.47
C ILE A 1127 73.45 -19.21 16.14
N GLY A 1128 74.52 -19.65 15.49
CA GLY A 1128 74.89 -19.11 14.21
C GLY A 1128 75.91 -18.00 14.25
N ILE A 1129 76.55 -17.77 15.41
CA ILE A 1129 77.55 -16.72 15.52
C ILE A 1129 78.79 -17.11 14.72
N VAL A 1130 79.31 -16.15 13.96
CA VAL A 1130 80.56 -16.34 13.24
C VAL A 1130 81.64 -15.53 13.94
N ASN A 1131 82.88 -15.94 13.75
CA ASN A 1131 84.01 -15.32 14.43
C ASN A 1131 84.74 -14.37 13.47
N ASN A 1132 85.03 -13.18 13.96
CA ASN A 1132 85.56 -12.11 13.11
C ASN A 1132 86.19 -11.07 14.03
N THR A 1133 87.05 -10.25 13.45
CA THR A 1133 87.67 -9.17 14.20
C THR A 1133 86.72 -7.98 14.31
N VAL A 1134 86.89 -7.23 15.39
CA VAL A 1134 86.12 -6.01 15.63
C VAL A 1134 87.12 -4.90 15.87
N TYR A 1135 87.08 -3.87 15.04
CA TYR A 1135 88.06 -2.81 15.11
C TYR A 1135 87.81 -1.91 16.32
N ASP A 1136 88.89 -1.47 16.96
CA ASP A 1136 88.78 -0.50 18.04
C ASP A 1136 89.41 0.81 17.60
N PRO A 1137 88.66 1.90 17.54
CA PRO A 1137 89.26 3.20 17.18
C PRO A 1137 90.27 3.70 18.19
N LEU A 1138 90.10 3.37 19.46
CA LEU A 1138 90.93 3.92 20.53
C LEU A 1138 92.29 3.25 20.62
N GLN A 1139 92.46 2.05 20.05
CA GLN A 1139 93.74 1.35 20.08
C GLN A 1139 94.86 2.03 19.29
N PRO A 1140 94.64 2.54 18.05
CA PRO A 1140 95.71 3.35 17.43
C PRO A 1140 95.92 4.68 18.12
N GLU A 1141 94.90 5.19 18.83
CA GLU A 1141 95.08 6.44 19.55
C GLU A 1141 95.97 6.23 20.76
N LEU A 1142 95.80 5.09 21.46
CA LEU A 1142 96.66 4.82 22.60
C LEU A 1142 98.06 4.40 22.15
N ASP A 1143 98.19 3.88 20.92
CA ASP A 1143 99.53 3.51 20.44
C ASP A 1143 100.38 4.73 20.14
N SER A 1144 99.80 5.72 19.47
CA SER A 1144 100.54 6.91 19.09
C SER A 1144 100.67 7.88 20.26
N GLN B 14 -40.79 -45.18 25.58
CA GLN B 14 -40.10 -46.18 26.40
C GLN B 14 -38.92 -45.56 27.14
N CYS B 15 -38.99 -44.25 27.38
CA CYS B 15 -37.91 -43.53 28.05
C CYS B 15 -37.94 -43.86 29.54
N VAL B 16 -36.93 -44.60 30.00
CA VAL B 16 -36.83 -45.06 31.38
C VAL B 16 -35.47 -44.66 31.94
N ASN B 17 -35.44 -44.31 33.23
CA ASN B 17 -34.25 -43.76 33.87
C ASN B 17 -33.56 -44.84 34.70
N LEU B 18 -32.34 -45.19 34.30
CA LEU B 18 -31.57 -46.25 34.97
C LEU B 18 -30.15 -45.87 35.32
N ILE B 19 -29.60 -44.79 34.77
CA ILE B 19 -28.18 -44.46 34.87
C ILE B 19 -28.00 -43.38 35.93
N THR B 20 -27.19 -43.65 36.94
CA THR B 20 -26.70 -42.61 37.83
C THR B 20 -25.24 -42.32 37.50
N ARG B 21 -24.75 -41.17 37.95
CA ARG B 21 -23.42 -40.75 37.54
C ARG B 21 -22.72 -39.99 38.65
N THR B 22 -21.46 -40.35 38.89
CA THR B 22 -20.57 -39.60 39.77
C THR B 22 -19.46 -38.98 38.92
N GLN B 23 -18.83 -37.95 39.46
CA GLN B 23 -17.76 -37.28 38.72
C GLN B 23 -16.63 -36.87 39.66
N SER B 24 -15.43 -36.88 39.10
CA SER B 24 -14.22 -36.38 39.75
C SER B 24 -13.51 -35.46 38.77
N TYR B 25 -12.43 -34.84 39.23
CA TYR B 25 -11.65 -33.94 38.38
C TYR B 25 -10.19 -34.37 38.40
N THR B 26 -9.56 -34.40 37.22
CA THR B 26 -8.19 -34.85 37.09
C THR B 26 -7.48 -34.00 36.04
N ASN B 27 -6.24 -34.36 35.77
CA ASN B 27 -5.32 -33.56 34.96
C ASN B 27 -5.28 -34.10 33.55
N SER B 28 -5.32 -33.20 32.57
CA SER B 28 -5.30 -33.58 31.16
C SER B 28 -3.91 -33.97 30.68
N PHE B 29 -2.88 -33.51 31.39
CA PHE B 29 -1.45 -33.67 31.06
C PHE B 29 -1.21 -33.08 29.68
N THR B 30 -0.74 -33.84 28.70
CA THR B 30 -0.44 -33.32 27.36
C THR B 30 -1.27 -34.01 26.28
N ARG B 31 -2.47 -34.46 26.63
CA ARG B 31 -3.36 -35.13 25.68
C ARG B 31 -4.18 -34.11 24.91
N GLY B 32 -4.92 -34.59 23.92
CA GLY B 32 -5.87 -33.76 23.21
C GLY B 32 -5.36 -33.00 22.01
N VAL B 33 -4.13 -33.25 21.57
CA VAL B 33 -3.56 -32.54 20.42
C VAL B 33 -3.88 -33.33 19.16
N TYR B 34 -4.42 -32.63 18.15
CA TYR B 34 -4.81 -33.24 16.89
C TYR B 34 -4.09 -32.55 15.73
N TYR B 35 -4.24 -33.13 14.55
CA TYR B 35 -3.68 -32.54 13.34
C TYR B 35 -4.55 -31.36 12.91
N PRO B 36 -3.99 -30.15 12.80
CA PRO B 36 -4.82 -28.99 12.46
C PRO B 36 -5.23 -28.93 10.99
N ASP B 37 -4.54 -29.66 10.12
CA ASP B 37 -4.87 -29.68 8.71
C ASP B 37 -4.51 -31.06 8.15
N LYS B 38 -4.64 -31.21 6.84
CA LYS B 38 -4.39 -32.48 6.15
C LYS B 38 -3.13 -32.38 5.30
N VAL B 39 -2.09 -31.75 5.84
CA VAL B 39 -0.88 -31.42 5.11
C VAL B 39 0.28 -32.20 5.72
N PHE B 40 1.00 -32.95 4.88
CA PHE B 40 2.22 -33.60 5.32
C PHE B 40 3.29 -32.55 5.57
N ARG B 41 3.97 -32.67 6.71
CA ARG B 41 5.10 -31.82 7.05
C ARG B 41 6.17 -32.70 7.67
N SER B 42 7.43 -32.47 7.31
CA SER B 42 8.53 -33.35 7.72
C SER B 42 9.61 -32.55 8.43
N SER B 43 9.88 -32.91 9.69
CA SER B 43 11.00 -32.38 10.50
C SER B 43 10.96 -30.86 10.64
N VAL B 44 9.77 -30.33 10.95
CA VAL B 44 9.57 -28.89 11.02
C VAL B 44 8.91 -28.52 12.33
N LEU B 45 8.81 -27.21 12.56
CA LEU B 45 8.09 -26.63 13.69
C LEU B 45 7.00 -25.74 13.12
N HIS B 46 5.74 -26.11 13.34
CA HIS B 46 4.61 -25.38 12.78
C HIS B 46 3.78 -24.79 13.90
N SER B 47 3.54 -23.49 13.86
CA SER B 47 2.76 -22.80 14.89
C SER B 47 1.37 -22.50 14.33
N THR B 48 0.34 -22.92 15.05
CA THR B 48 -1.03 -22.72 14.59
C THR B 48 -1.92 -22.25 15.73
N GLN B 49 -2.91 -21.42 15.38
CA GLN B 49 -3.89 -20.92 16.32
C GLN B 49 -5.23 -21.60 16.01
N ASP B 50 -5.68 -22.44 16.93
CA ASP B 50 -6.84 -23.28 16.64
C ASP B 50 -7.43 -23.71 17.98
N LEU B 51 -8.62 -24.32 17.94
CA LEU B 51 -9.33 -24.77 19.14
C LEU B 51 -8.61 -26.00 19.69
N PHE B 52 -7.77 -25.80 20.70
CA PHE B 52 -6.97 -26.87 21.27
C PHE B 52 -7.33 -27.09 22.72
N LEU B 53 -7.01 -28.28 23.21
CA LEU B 53 -7.12 -28.59 24.62
C LEU B 53 -5.87 -28.10 25.34
N PRO B 54 -5.98 -27.24 26.36
CA PRO B 54 -4.79 -26.74 27.05
C PRO B 54 -4.07 -27.84 27.82
N PHE B 55 -2.75 -27.68 27.90
CA PHE B 55 -1.91 -28.65 28.58
C PHE B 55 -2.14 -28.60 30.09
N PHE B 56 -2.19 -29.79 30.71
CA PHE B 56 -2.39 -29.96 32.16
C PHE B 56 -3.68 -29.30 32.64
N SER B 57 -4.75 -29.43 31.85
CA SER B 57 -5.98 -28.75 32.19
C SER B 57 -6.89 -29.65 33.03
N ASN B 58 -7.95 -29.04 33.55
CA ASN B 58 -8.91 -29.71 34.42
C ASN B 58 -9.94 -30.45 33.57
N VAL B 59 -9.89 -31.79 33.57
CA VAL B 59 -10.83 -32.59 32.82
C VAL B 59 -11.65 -33.42 33.79
N THR B 60 -12.92 -33.64 33.45
CA THR B 60 -13.87 -34.28 34.35
C THR B 60 -13.99 -35.77 34.03
N TRP B 61 -13.77 -36.59 35.05
CA TRP B 61 -13.94 -38.03 34.96
C TRP B 61 -15.37 -38.37 35.37
N PHE B 62 -16.13 -38.97 34.47
CA PHE B 62 -17.49 -39.41 34.75
C PHE B 62 -17.51 -40.93 34.89
N HIS B 63 -18.07 -41.40 36.00
CA HIS B 63 -18.41 -42.81 36.21
C HIS B 63 -19.92 -42.93 36.16
N ALA B 64 -20.44 -43.59 35.12
CA ALA B 64 -21.87 -43.80 34.96
C ALA B 64 -22.18 -45.25 35.32
N ILE B 65 -23.02 -45.44 36.33
CA ILE B 65 -23.30 -46.75 36.90
C ILE B 65 -24.80 -47.00 36.82
N HIS B 66 -25.17 -48.18 36.32
CA HIS B 66 -26.53 -48.71 36.48
C HIS B 66 -26.46 -49.91 37.41
N VAL B 67 -27.31 -49.91 38.43
CA VAL B 67 -27.42 -51.01 39.38
C VAL B 67 -28.79 -51.67 39.24
N SER B 68 -28.81 -52.99 39.36
CA SER B 68 -30.07 -53.74 39.24
C SER B 68 -30.63 -54.06 40.62
N ARG B 75 -33.85 -42.73 40.26
CA ARG B 75 -34.22 -41.39 39.83
C ARG B 75 -33.33 -40.93 38.68
N PHE B 76 -33.56 -39.70 38.21
CA PHE B 76 -32.79 -39.13 37.12
C PHE B 76 -31.54 -38.48 37.70
N ASP B 77 -30.39 -39.13 37.53
CA ASP B 77 -29.11 -38.64 38.01
C ASP B 77 -28.05 -38.79 36.93
N ASN B 78 -28.42 -38.52 35.68
CA ASN B 78 -27.48 -38.45 34.55
C ASN B 78 -27.72 -37.13 33.81
N PRO B 79 -27.22 -36.02 34.35
CA PRO B 79 -27.56 -34.71 33.79
C PRO B 79 -26.88 -34.44 32.45
N VAL B 80 -27.31 -33.33 31.85
CA VAL B 80 -27.01 -32.98 30.48
C VAL B 80 -25.76 -32.08 30.42
N LEU B 81 -24.75 -32.50 29.65
CA LEU B 81 -23.49 -31.79 29.51
C LEU B 81 -23.47 -30.89 28.28
N PRO B 82 -22.99 -29.66 28.40
CA PRO B 82 -22.88 -28.78 27.23
C PRO B 82 -21.68 -29.13 26.35
N PHE B 83 -21.80 -28.74 25.08
CA PHE B 83 -20.76 -28.98 24.08
C PHE B 83 -19.68 -27.91 24.07
N ASN B 84 -20.07 -26.65 24.31
CA ASN B 84 -19.23 -25.44 24.25
C ASN B 84 -18.63 -25.33 22.85
N ASP B 85 -17.31 -25.21 22.71
CA ASP B 85 -16.68 -24.98 21.41
C ASP B 85 -15.99 -26.24 20.87
N GLY B 86 -16.24 -27.39 21.48
CA GLY B 86 -15.62 -28.63 21.05
C GLY B 86 -15.28 -29.43 22.28
N VAL B 87 -15.28 -30.76 22.14
CA VAL B 87 -15.17 -31.68 23.26
C VAL B 87 -14.02 -32.64 23.00
N TYR B 88 -13.12 -32.76 23.98
CA TYR B 88 -12.18 -33.85 24.02
C TYR B 88 -12.79 -34.97 24.86
N PHE B 89 -12.75 -36.19 24.34
CA PHE B 89 -13.37 -37.36 24.95
C PHE B 89 -12.33 -38.46 25.05
N ALA B 90 -12.32 -39.17 26.17
CA ALA B 90 -11.38 -40.26 26.34
C ALA B 90 -12.05 -41.41 27.08
N SER B 91 -11.65 -42.63 26.73
CA SER B 91 -12.19 -43.80 27.41
C SER B 91 -11.18 -44.94 27.41
N THR B 92 -10.95 -45.50 28.60
CA THR B 92 -10.12 -46.69 28.75
C THR B 92 -10.95 -47.96 28.62
N GLU B 93 -12.24 -47.87 28.90
CA GLU B 93 -13.17 -48.98 28.81
C GLU B 93 -13.31 -49.48 27.37
N LYS B 94 -13.95 -50.65 27.24
CA LYS B 94 -13.94 -51.41 25.99
C LYS B 94 -14.79 -50.74 24.91
N SER B 95 -14.83 -51.38 23.75
CA SER B 95 -15.54 -50.86 22.59
C SER B 95 -17.04 -51.11 22.64
N ASN B 96 -17.51 -51.90 23.60
CA ASN B 96 -18.89 -52.37 23.58
C ASN B 96 -19.79 -51.60 24.54
N ILE B 97 -19.23 -50.97 25.58
CA ILE B 97 -20.07 -50.33 26.58
C ILE B 97 -20.54 -48.96 26.09
N ILE B 98 -19.61 -48.12 25.67
CA ILE B 98 -19.95 -46.86 25.02
C ILE B 98 -20.00 -47.09 23.52
N ARG B 99 -21.16 -46.84 22.91
CA ARG B 99 -21.34 -47.14 21.49
C ARG B 99 -21.97 -45.97 20.71
N GLY B 100 -21.74 -44.74 21.13
CA GLY B 100 -22.11 -43.62 20.30
C GLY B 100 -22.28 -42.33 21.07
N TRP B 101 -22.76 -41.31 20.35
CA TRP B 101 -22.98 -39.98 20.92
C TRP B 101 -24.25 -39.35 20.36
N ILE B 102 -24.76 -38.37 21.10
CA ILE B 102 -25.91 -37.56 20.74
C ILE B 102 -25.47 -36.10 20.76
N PHE B 103 -25.78 -35.36 19.69
CA PHE B 103 -25.32 -34.00 19.50
C PHE B 103 -26.49 -33.11 19.12
N GLY B 104 -26.57 -31.93 19.72
CA GLY B 104 -27.64 -31.00 19.36
C GLY B 104 -27.82 -29.94 20.43
N THR B 105 -28.98 -29.30 20.38
CA THR B 105 -29.32 -28.20 21.29
C THR B 105 -30.47 -28.52 22.22
N THR B 106 -31.65 -28.82 21.68
CA THR B 106 -32.86 -28.99 22.49
C THR B 106 -33.32 -30.43 22.60
N LEU B 107 -32.76 -31.34 21.78
CA LEU B 107 -32.88 -32.80 21.94
C LEU B 107 -34.32 -33.28 21.78
N ASP B 108 -35.11 -32.61 20.95
CA ASP B 108 -36.49 -33.00 20.73
C ASP B 108 -36.84 -32.79 19.26
N SER B 109 -38.13 -32.90 18.94
CA SER B 109 -38.62 -32.82 17.57
C SER B 109 -38.62 -31.41 17.01
N LYS B 110 -38.37 -30.38 17.83
CA LYS B 110 -38.42 -29.02 17.33
C LYS B 110 -37.13 -28.60 16.63
N THR B 111 -35.99 -29.17 17.01
CA THR B 111 -34.71 -28.83 16.42
C THR B 111 -34.02 -30.08 15.91
N GLN B 112 -33.10 -29.87 14.97
CA GLN B 112 -32.35 -30.97 14.38
C GLN B 112 -31.36 -31.55 15.38
N SER B 113 -31.03 -32.82 15.19
CA SER B 113 -30.18 -33.55 16.12
C SER B 113 -29.35 -34.59 15.38
N LEU B 114 -28.17 -34.87 15.93
CA LEU B 114 -27.18 -35.78 15.38
C LEU B 114 -27.04 -37.00 16.28
N LEU B 115 -27.07 -38.19 15.68
CA LEU B 115 -27.01 -39.45 16.40
C LEU B 115 -25.93 -40.30 15.75
N ILE B 116 -24.94 -40.72 16.54
CA ILE B 116 -23.85 -41.57 16.08
C ILE B 116 -23.89 -42.86 16.88
N VAL B 117 -24.04 -43.98 16.19
CA VAL B 117 -24.07 -45.31 16.82
C VAL B 117 -23.05 -46.21 16.14
N ASN B 118 -22.13 -46.76 16.93
CA ASN B 118 -21.24 -47.82 16.48
C ASN B 118 -21.77 -49.17 16.94
N ASN B 119 -21.55 -50.19 16.13
CA ASN B 119 -21.75 -51.57 16.57
C ASN B 119 -20.61 -52.40 15.99
N ALA B 120 -20.77 -53.72 16.00
CA ALA B 120 -19.68 -54.62 15.67
C ALA B 120 -19.36 -54.64 14.17
N THR B 121 -20.25 -54.13 13.33
CA THR B 121 -20.07 -54.15 11.88
C THR B 121 -19.74 -52.80 11.30
N ASN B 122 -20.48 -51.75 11.66
CA ASN B 122 -20.32 -50.46 11.01
C ASN B 122 -20.67 -49.35 12.01
N VAL B 123 -20.74 -48.12 11.50
CA VAL B 123 -21.15 -46.96 12.27
C VAL B 123 -22.19 -46.19 11.44
N VAL B 124 -23.25 -45.74 12.12
CA VAL B 124 -24.30 -44.94 11.51
C VAL B 124 -24.24 -43.54 12.10
N ILE B 125 -24.14 -42.54 11.23
CA ILE B 125 -24.17 -41.14 11.60
C ILE B 125 -25.40 -40.54 10.93
N LYS B 126 -26.30 -39.96 11.72
CA LYS B 126 -27.61 -39.62 11.18
C LYS B 126 -28.11 -38.33 11.81
N VAL B 127 -28.46 -37.36 10.97
CA VAL B 127 -29.05 -36.11 11.43
C VAL B 127 -30.53 -36.15 11.08
N CYS B 128 -31.36 -36.28 12.11
CA CYS B 128 -32.81 -36.28 11.95
C CYS B 128 -33.38 -35.30 12.96
N GLU B 129 -34.70 -35.26 13.13
CA GLU B 129 -35.30 -34.60 14.29
C GLU B 129 -35.78 -35.67 15.27
N PHE B 130 -34.85 -36.15 16.10
CA PHE B 130 -35.16 -37.17 17.08
C PHE B 130 -35.84 -36.55 18.30
N GLN B 131 -36.89 -37.21 18.78
CA GLN B 131 -37.48 -36.86 20.08
C GLN B 131 -36.78 -37.71 21.13
N PHE B 132 -35.68 -37.19 21.65
CA PHE B 132 -34.79 -37.96 22.50
C PHE B 132 -35.37 -38.14 23.90
N CYS B 133 -34.97 -39.24 24.55
CA CYS B 133 -35.33 -39.49 25.93
C CYS B 133 -34.41 -38.73 26.88
N ASN B 134 -34.85 -38.64 28.14
CA ASN B 134 -34.06 -37.93 29.15
C ASN B 134 -32.82 -38.70 29.55
N ASP B 135 -32.95 -40.03 29.70
CA ASP B 135 -31.82 -40.92 29.98
C ASP B 135 -31.67 -41.88 28.80
N PRO B 136 -31.02 -41.45 27.72
CA PRO B 136 -30.94 -42.28 26.52
C PRO B 136 -29.83 -43.34 26.65
N PHE B 137 -30.20 -44.59 26.37
CA PHE B 137 -29.28 -45.71 26.40
C PHE B 137 -29.67 -46.69 25.32
N LEU B 138 -28.68 -47.32 24.70
CA LEU B 138 -28.92 -48.27 23.63
C LEU B 138 -28.96 -49.68 24.24
N ASP B 139 -30.03 -50.43 23.97
CA ASP B 139 -30.19 -51.68 24.70
C ASP B 139 -30.22 -52.88 23.76
N VAL B 140 -29.52 -53.94 24.14
CA VAL B 140 -29.55 -55.17 23.35
C VAL B 140 -30.56 -56.12 23.98
N TYR B 141 -31.14 -56.99 23.14
CA TYR B 141 -31.96 -58.09 23.64
C TYR B 141 -32.03 -59.19 22.59
N TYR B 142 -32.38 -60.38 23.06
CA TYR B 142 -32.52 -61.55 22.20
C TYR B 142 -33.92 -61.56 21.59
N HIS B 143 -34.00 -61.73 20.28
CA HIS B 143 -35.27 -61.91 19.58
C HIS B 143 -35.42 -63.39 19.25
N LYS B 144 -36.59 -63.95 19.60
CA LYS B 144 -36.86 -65.37 19.47
C LYS B 144 -37.25 -65.77 18.05
N ASN B 145 -37.76 -64.83 17.26
CA ASN B 145 -38.08 -65.12 15.86
C ASN B 145 -36.86 -64.98 14.97
N ASN B 146 -36.05 -63.94 15.20
CA ASN B 146 -34.76 -63.82 14.55
C ASN B 146 -33.71 -64.70 15.22
N LYS B 147 -34.01 -65.18 16.44
CA LYS B 147 -33.16 -66.10 17.22
C LYS B 147 -31.77 -65.53 17.48
N SER B 148 -31.68 -64.22 17.72
CA SER B 148 -30.37 -63.59 17.82
C SER B 148 -30.48 -62.32 18.65
N TRP B 149 -29.33 -61.89 19.17
CA TRP B 149 -29.25 -60.65 19.95
C TRP B 149 -29.19 -59.47 18.99
N MET B 150 -30.21 -58.61 19.02
CA MET B 150 -30.17 -57.37 18.24
C MET B 150 -30.20 -56.17 19.17
N GLU B 151 -29.96 -55.00 18.57
CA GLU B 151 -29.81 -53.75 19.28
C GLU B 151 -31.02 -52.86 19.02
N SER B 152 -31.41 -52.08 20.04
CA SER B 152 -32.58 -51.23 19.94
C SER B 152 -32.26 -49.82 20.40
N GLU B 153 -32.79 -48.87 19.62
CA GLU B 153 -32.71 -47.43 19.85
C GLU B 153 -33.94 -46.87 20.54
N PHE B 154 -34.89 -47.74 20.94
CA PHE B 154 -36.19 -47.27 21.42
C PHE B 154 -36.12 -46.60 22.78
N ARG B 155 -35.07 -46.84 23.55
CA ARG B 155 -34.84 -46.12 24.79
C ARG B 155 -34.03 -44.86 24.58
N VAL B 156 -33.56 -44.61 23.36
CA VAL B 156 -32.84 -43.37 23.06
C VAL B 156 -33.78 -42.29 22.56
N TYR B 157 -34.61 -42.60 21.57
CA TYR B 157 -35.59 -41.66 21.05
C TYR B 157 -36.92 -42.38 20.86
N SER B 158 -37.99 -41.58 20.83
CA SER B 158 -39.33 -42.11 20.60
C SER B 158 -39.83 -41.89 19.18
N SER B 159 -39.32 -40.88 18.48
CA SER B 159 -39.72 -40.62 17.11
C SER B 159 -38.55 -39.97 16.37
N ALA B 160 -38.58 -40.07 15.04
CA ALA B 160 -37.53 -39.49 14.20
C ALA B 160 -38.15 -39.15 12.85
N ASN B 161 -38.48 -37.88 12.65
CA ASN B 161 -39.08 -37.39 11.42
C ASN B 161 -38.22 -36.27 10.84
N ASN B 162 -38.52 -35.92 9.58
CA ASN B 162 -37.86 -34.84 8.83
C ASN B 162 -36.35 -35.02 8.77
N CYS B 163 -35.93 -36.25 8.47
CA CYS B 163 -34.52 -36.62 8.59
C CYS B 163 -33.72 -36.10 7.40
N THR B 164 -32.57 -35.49 7.68
CA THR B 164 -31.84 -34.73 6.66
C THR B 164 -30.46 -35.28 6.30
N PHE B 165 -29.88 -36.18 7.11
CA PHE B 165 -28.54 -36.67 6.77
C PHE B 165 -28.37 -38.11 7.25
N GLU B 166 -27.71 -38.92 6.42
CA GLU B 166 -27.41 -40.31 6.74
C GLU B 166 -26.05 -40.67 6.15
N TYR B 167 -25.24 -41.38 6.94
CA TYR B 167 -23.88 -41.74 6.51
C TYR B 167 -23.46 -42.98 7.29
N VAL B 168 -23.28 -44.09 6.59
CA VAL B 168 -22.85 -45.34 7.21
C VAL B 168 -21.43 -45.64 6.73
N SER B 169 -20.54 -45.96 7.67
CA SER B 169 -19.14 -46.21 7.32
C SER B 169 -18.55 -47.24 8.26
N GLN B 170 -17.25 -47.51 8.08
CA GLN B 170 -16.54 -48.39 8.99
C GLN B 170 -16.45 -47.79 10.39
N PRO B 171 -16.61 -48.59 11.44
CA PRO B 171 -16.68 -48.04 12.80
C PRO B 171 -15.32 -47.57 13.29
N PHE B 172 -15.36 -46.75 14.34
CA PHE B 172 -14.16 -46.21 14.95
C PHE B 172 -14.04 -46.57 16.44
N LEU B 173 -14.84 -47.50 16.93
CA LEU B 173 -14.73 -48.00 18.30
C LEU B 173 -14.46 -49.50 18.23
N MET B 174 -13.18 -49.87 18.23
CA MET B 174 -12.75 -51.27 18.18
C MET B 174 -11.92 -51.59 19.41
N ASP B 175 -11.49 -52.85 19.50
CA ASP B 175 -10.56 -53.26 20.55
C ASP B 175 -9.14 -53.40 20.02
N LYS B 184 -6.96 -50.78 28.82
CA LYS B 184 -5.84 -51.28 28.03
C LYS B 184 -5.67 -50.48 26.74
N ASN B 185 -6.80 -50.14 26.10
CA ASN B 185 -6.79 -49.39 24.87
C ASN B 185 -7.49 -48.06 25.12
N LEU B 186 -6.73 -46.97 25.17
CA LEU B 186 -7.32 -45.65 25.34
C LEU B 186 -7.84 -45.15 24.01
N ARG B 187 -9.09 -44.74 23.99
CA ARG B 187 -9.76 -44.24 22.80
C ARG B 187 -9.98 -42.75 23.01
N GLU B 188 -9.42 -41.93 22.12
CA GLU B 188 -9.44 -40.49 22.25
C GLU B 188 -10.13 -39.87 21.05
N PHE B 189 -11.01 -38.91 21.31
CA PHE B 189 -11.82 -38.25 20.30
C PHE B 189 -11.79 -36.74 20.54
N VAL B 190 -11.86 -35.99 19.45
CA VAL B 190 -12.03 -34.54 19.49
C VAL B 190 -13.16 -34.20 18.54
N PHE B 191 -14.20 -33.55 19.05
CA PHE B 191 -15.35 -33.12 18.26
C PHE B 191 -15.35 -31.60 18.17
N LYS B 192 -15.37 -31.10 16.95
CA LYS B 192 -15.47 -29.66 16.69
C LYS B 192 -16.61 -29.42 15.72
N ASN B 193 -17.16 -28.20 15.75
CA ASN B 193 -18.17 -27.76 14.80
C ASN B 193 -17.70 -26.41 14.28
N ILE B 194 -17.04 -26.41 13.13
CA ILE B 194 -16.48 -25.20 12.54
C ILE B 194 -17.17 -24.93 11.20
N ASP B 195 -17.82 -23.77 11.11
CA ASP B 195 -18.49 -23.10 9.97
C ASP B 195 -19.17 -24.04 8.98
N GLY B 196 -19.98 -24.96 9.51
CA GLY B 196 -20.78 -25.86 8.70
C GLY B 196 -20.20 -27.25 8.58
N TYR B 197 -19.25 -27.63 9.43
CA TYR B 197 -18.62 -28.93 9.36
C TYR B 197 -18.48 -29.47 10.78
N PHE B 198 -18.90 -30.71 10.97
CA PHE B 198 -18.59 -31.44 12.19
C PHE B 198 -17.33 -32.27 11.99
N LYS B 199 -16.24 -31.86 12.63
CA LYS B 199 -14.95 -32.50 12.49
C LYS B 199 -14.72 -33.44 13.66
N ILE B 200 -14.40 -34.71 13.37
CA ILE B 200 -14.07 -35.71 14.37
C ILE B 200 -12.63 -36.14 14.14
N TYR B 201 -11.84 -36.08 15.21
CA TYR B 201 -10.46 -36.55 15.24
C TYR B 201 -10.40 -37.71 16.23
N SER B 202 -9.60 -38.74 15.93
CA SER B 202 -9.58 -39.89 16.82
C SER B 202 -8.19 -40.51 16.88
N LYS B 203 -7.96 -41.29 17.95
CA LYS B 203 -6.73 -42.04 18.14
C LYS B 203 -6.98 -43.22 19.08
N HIS B 204 -6.33 -44.35 18.81
CA HIS B 204 -6.34 -45.52 19.69
C HIS B 204 -4.93 -45.82 20.15
N THR B 205 -4.71 -45.82 21.47
CA THR B 205 -3.35 -46.02 21.99
C THR B 205 -3.35 -47.19 22.97
N PRO B 206 -2.52 -48.22 22.77
CA PRO B 206 -2.43 -49.29 23.78
C PRO B 206 -1.75 -48.83 25.05
N ILE B 207 -2.49 -48.67 26.13
CA ILE B 207 -1.92 -48.19 27.39
C ILE B 207 -1.69 -49.35 28.36
N ASN B 208 -0.42 -49.57 28.71
CA ASN B 208 -0.05 -50.59 29.70
C ASN B 208 -0.77 -50.30 31.02
N LEU B 209 -1.28 -51.36 31.67
CA LEU B 209 -2.06 -51.31 32.92
C LEU B 209 -1.47 -50.34 33.94
N GLY B 210 -2.24 -49.31 34.27
CA GLY B 210 -1.79 -48.27 35.18
C GLY B 210 -2.78 -47.15 35.18
N ARG B 211 -2.26 -45.93 35.34
CA ARG B 211 -3.06 -44.71 35.31
C ARG B 211 -3.72 -44.64 33.92
N ASP B 212 -5.03 -44.38 33.92
CA ASP B 212 -5.80 -44.38 32.67
C ASP B 212 -5.35 -43.27 31.72
N LEU B 213 -5.21 -42.05 32.22
CA LEU B 213 -4.65 -40.94 31.44
C LEU B 213 -3.12 -40.97 31.46
N PRO B 214 -2.43 -41.52 30.46
CA PRO B 214 -0.99 -41.70 30.57
C PRO B 214 -0.23 -40.42 30.27
N GLN B 215 1.08 -40.46 30.51
CA GLN B 215 1.96 -39.38 30.13
C GLN B 215 2.28 -39.47 28.63
N GLY B 216 3.09 -38.53 28.16
CA GLY B 216 3.51 -38.51 26.77
C GLY B 216 2.51 -37.79 25.88
N PHE B 217 2.92 -37.58 24.64
CA PHE B 217 2.08 -36.87 23.66
C PHE B 217 1.67 -37.85 22.56
N SER B 218 0.37 -37.93 22.30
CA SER B 218 -0.15 -38.70 21.18
C SER B 218 -0.91 -37.77 20.25
N ALA B 219 -0.55 -37.77 18.98
CA ALA B 219 -1.30 -37.00 17.99
C ALA B 219 -2.65 -37.65 17.75
N LEU B 220 -3.68 -36.82 17.54
CA LEU B 220 -5.01 -37.34 17.21
C LEU B 220 -5.29 -37.16 15.71
N GLU B 221 -5.16 -38.26 14.97
CA GLU B 221 -5.36 -38.26 13.52
C GLU B 221 -6.77 -37.79 13.15
N PRO B 222 -6.93 -37.06 12.05
CA PRO B 222 -8.27 -36.63 11.62
C PRO B 222 -9.07 -37.80 11.09
N LEU B 223 -10.19 -38.09 11.74
CA LEU B 223 -10.96 -39.26 11.36
C LEU B 223 -11.97 -38.94 10.26
N VAL B 224 -12.87 -37.99 10.49
CA VAL B 224 -13.91 -37.74 9.50
C VAL B 224 -14.39 -36.29 9.59
N ASP B 225 -14.71 -35.71 8.44
CA ASP B 225 -15.30 -34.39 8.34
C ASP B 225 -16.69 -34.52 7.73
N LEU B 226 -17.70 -33.96 8.40
CA LEU B 226 -19.08 -34.19 8.01
C LEU B 226 -19.76 -32.85 7.69
N PRO B 227 -20.25 -32.64 6.47
CA PRO B 227 -21.01 -31.42 6.19
C PRO B 227 -22.37 -31.41 6.85
N ILE B 228 -22.43 -31.08 8.14
CA ILE B 228 -23.67 -31.12 8.89
C ILE B 228 -24.36 -29.76 8.86
N GLY B 229 -23.70 -28.76 9.40
CA GLY B 229 -24.23 -27.40 9.41
C GLY B 229 -25.45 -27.19 10.28
N ILE B 230 -25.48 -27.78 11.47
CA ILE B 230 -26.56 -27.57 12.42
C ILE B 230 -25.98 -26.95 13.69
N ASN B 231 -26.87 -26.50 14.57
CA ASN B 231 -26.49 -25.92 15.84
C ASN B 231 -26.38 -27.03 16.88
N ILE B 232 -25.23 -27.12 17.55
CA ILE B 232 -24.96 -28.13 18.57
C ILE B 232 -24.42 -27.40 19.80
N THR B 233 -25.15 -27.49 20.93
CA THR B 233 -24.68 -26.89 22.17
C THR B 233 -24.58 -27.85 23.34
N ARG B 234 -25.17 -29.05 23.26
CA ARG B 234 -25.13 -30.01 24.35
C ARG B 234 -24.90 -31.40 23.79
N PHE B 235 -24.33 -32.30 24.60
CA PHE B 235 -23.95 -33.61 24.11
C PHE B 235 -24.14 -34.67 25.19
N GLN B 236 -24.28 -35.92 24.74
CA GLN B 236 -24.42 -37.07 25.63
C GLN B 236 -23.53 -38.21 25.15
N THR B 237 -23.57 -39.31 25.89
CA THR B 237 -22.93 -40.58 25.52
C THR B 237 -23.95 -41.71 25.43
N LEU B 238 -23.83 -42.55 24.40
CA LEU B 238 -24.63 -43.77 24.34
C LEU B 238 -23.97 -44.90 25.13
N LEU B 239 -24.70 -45.43 26.10
CA LEU B 239 -24.25 -46.56 26.90
C LEU B 239 -25.02 -47.81 26.50
N ALA B 240 -24.34 -48.95 26.53
CA ALA B 240 -24.96 -50.24 26.25
C ALA B 240 -25.62 -50.79 27.51
N LEU B 241 -26.84 -51.30 27.36
CA LEU B 241 -27.45 -52.07 28.44
C LEU B 241 -27.94 -53.43 27.96
N HIS B 242 -27.59 -54.45 28.73
CA HIS B 242 -27.84 -55.85 28.45
C HIS B 242 -28.97 -56.35 29.35
N ARG B 243 -29.77 -57.27 28.83
CA ARG B 243 -30.89 -57.77 29.60
C ARG B 243 -30.43 -58.84 30.59
N SER B 244 -31.21 -59.01 31.66
CA SER B 244 -30.83 -59.89 32.75
C SER B 244 -31.02 -61.36 32.40
N TYR B 245 -32.26 -61.74 32.07
CA TYR B 245 -32.69 -63.11 31.81
C TYR B 245 -32.35 -64.06 32.97
N LEU B 246 -32.55 -63.58 34.19
CA LEU B 246 -32.26 -64.36 35.39
C LEU B 246 -33.15 -63.94 36.55
N SER B 253 -35.31 -54.32 37.84
CA SER B 253 -34.03 -55.00 37.64
C SER B 253 -34.03 -55.77 36.32
N GLY B 254 -34.60 -55.17 35.28
CA GLY B 254 -34.66 -55.82 33.98
C GLY B 254 -33.39 -55.73 33.16
N TRP B 255 -32.41 -54.96 33.60
CA TRP B 255 -31.18 -54.76 32.84
C TRP B 255 -29.97 -55.13 33.70
N THR B 256 -28.91 -55.58 33.03
CA THR B 256 -27.69 -56.01 33.72
C THR B 256 -26.93 -54.80 34.24
N ALA B 257 -26.48 -54.89 35.49
CA ALA B 257 -25.76 -53.80 36.13
C ALA B 257 -24.40 -53.58 35.48
N GLY B 258 -24.02 -52.31 35.31
CA GLY B 258 -22.77 -52.02 34.64
C GLY B 258 -22.23 -50.66 35.02
N ALA B 259 -20.99 -50.40 34.60
CA ALA B 259 -20.33 -49.13 34.84
C ALA B 259 -19.51 -48.72 33.62
N ALA B 260 -19.38 -47.42 33.43
CA ALA B 260 -18.60 -46.85 32.33
C ALA B 260 -17.83 -45.64 32.82
N ALA B 261 -16.55 -45.55 32.47
CA ALA B 261 -15.68 -44.46 32.92
C ALA B 261 -15.15 -43.70 31.72
N TYR B 262 -15.33 -42.38 31.71
CA TYR B 262 -14.86 -41.60 30.57
C TYR B 262 -14.50 -40.18 30.98
N TYR B 263 -13.48 -39.63 30.34
CA TYR B 263 -13.01 -38.28 30.60
C TYR B 263 -13.51 -37.31 29.54
N VAL B 264 -13.94 -36.13 30.01
CA VAL B 264 -14.46 -35.06 29.16
C VAL B 264 -13.67 -33.80 29.45
N GLY B 265 -13.10 -33.20 28.40
CA GLY B 265 -12.50 -31.89 28.48
C GLY B 265 -13.05 -30.97 27.40
N TYR B 266 -12.75 -29.69 27.53
CA TYR B 266 -13.28 -28.68 26.63
C TYR B 266 -12.14 -27.97 25.92
N LEU B 267 -12.44 -27.47 24.72
CA LEU B 267 -11.45 -26.84 23.85
C LEU B 267 -11.51 -25.32 23.98
N GLN B 268 -10.33 -24.68 24.03
CA GLN B 268 -10.21 -23.23 24.01
C GLN B 268 -9.36 -22.81 22.82
N PRO B 269 -9.60 -21.62 22.24
CA PRO B 269 -8.75 -21.17 21.12
C PRO B 269 -7.35 -20.81 21.58
N ARG B 270 -6.38 -21.66 21.27
CA ARG B 270 -5.02 -21.51 21.77
C ARG B 270 -4.03 -21.61 20.61
N THR B 271 -2.85 -21.03 20.83
CA THR B 271 -1.74 -21.13 19.90
C THR B 271 -0.84 -22.28 20.35
N PHE B 272 -0.60 -23.23 19.47
CA PHE B 272 0.28 -24.36 19.74
C PHE B 272 1.45 -24.35 18.76
N LEU B 273 2.56 -24.95 19.20
CA LEU B 273 3.71 -25.18 18.34
C LEU B 273 3.93 -26.67 18.26
N LEU B 274 3.91 -27.21 17.04
CA LEU B 274 3.90 -28.63 16.76
C LEU B 274 5.22 -29.04 16.12
N LYS B 275 5.76 -30.18 16.54
CA LYS B 275 6.99 -30.73 15.98
C LYS B 275 6.63 -31.89 15.05
N TYR B 276 6.98 -31.76 13.78
CA TYR B 276 6.76 -32.81 12.80
C TYR B 276 8.09 -33.53 12.56
N ASN B 277 8.10 -34.84 12.74
CA ASN B 277 9.32 -35.62 12.57
C ASN B 277 9.49 -35.96 11.09
N GLU B 278 10.47 -36.82 10.79
CA GLU B 278 10.81 -37.08 9.40
C GLU B 278 9.84 -38.04 8.73
N ASN B 279 8.97 -38.70 9.49
CA ASN B 279 7.88 -39.49 8.91
C ASN B 279 6.57 -38.72 8.83
N GLY B 280 6.52 -37.49 9.32
CA GLY B 280 5.31 -36.69 9.24
C GLY B 280 4.36 -36.79 10.40
N THR B 281 4.75 -37.45 11.49
CA THR B 281 3.90 -37.58 12.66
C THR B 281 4.20 -36.46 13.65
N ILE B 282 3.15 -35.89 14.23
CA ILE B 282 3.33 -34.91 15.30
C ILE B 282 3.79 -35.68 16.53
N THR B 283 5.05 -35.48 16.92
CA THR B 283 5.64 -36.22 18.02
C THR B 283 5.64 -35.43 19.32
N ASP B 284 5.64 -34.10 19.26
CA ASP B 284 5.69 -33.30 20.46
C ASP B 284 5.10 -31.93 20.15
N ALA B 285 4.69 -31.23 21.21
CA ALA B 285 4.06 -29.92 21.05
C ALA B 285 4.27 -29.10 22.31
N VAL B 286 4.20 -27.78 22.17
CA VAL B 286 4.15 -26.89 23.33
C VAL B 286 2.95 -25.94 23.21
N ASP B 287 2.29 -25.70 24.34
CA ASP B 287 1.24 -24.70 24.45
C ASP B 287 1.91 -23.38 24.82
N CYS B 288 1.62 -22.34 24.05
CA CYS B 288 2.32 -21.07 24.21
C CYS B 288 1.97 -20.34 25.51
N ALA B 289 0.67 -20.12 25.74
CA ALA B 289 0.20 -19.34 26.88
C ALA B 289 0.52 -19.93 28.26
N LEU B 290 0.41 -21.25 28.42
CA LEU B 290 0.46 -21.87 29.76
C LEU B 290 1.78 -21.66 30.49
N ASP B 291 2.91 -21.76 29.81
CA ASP B 291 4.20 -21.74 30.48
C ASP B 291 5.07 -20.64 29.86
N PRO B 292 5.75 -19.80 30.69
CA PRO B 292 6.71 -18.82 30.17
C PRO B 292 7.79 -19.42 29.26
N LEU B 293 8.51 -20.43 29.76
CA LEU B 293 9.48 -21.18 28.95
C LEU B 293 8.87 -21.68 27.64
N SER B 294 7.63 -22.18 27.69
CA SER B 294 6.96 -22.62 26.47
C SER B 294 6.58 -21.44 25.58
N GLU B 295 6.28 -20.27 26.16
CA GLU B 295 6.07 -19.08 25.37
C GLU B 295 7.34 -18.63 24.67
N THR B 296 8.49 -18.80 25.34
CA THR B 296 9.79 -18.55 24.71
C THR B 296 10.05 -19.54 23.59
N LYS B 297 9.64 -20.79 23.79
CA LYS B 297 9.75 -21.80 22.74
C LYS B 297 8.89 -21.46 21.53
N CYS B 298 7.69 -20.92 21.79
CA CYS B 298 6.81 -20.47 20.71
C CYS B 298 7.39 -19.26 19.98
N THR B 299 8.01 -18.34 20.73
CA THR B 299 8.59 -17.14 20.11
C THR B 299 9.81 -17.49 19.26
N LEU B 300 10.68 -18.36 19.77
CA LEU B 300 11.90 -18.74 19.05
C LEU B 300 11.67 -19.78 17.98
N LYS B 301 10.47 -20.36 17.92
CA LYS B 301 10.10 -21.45 17.00
C LYS B 301 11.04 -22.64 17.13
N SER B 302 11.41 -22.97 18.36
CA SER B 302 12.33 -24.06 18.62
C SER B 302 11.98 -24.71 19.96
N PHE B 303 12.29 -25.99 20.08
CA PHE B 303 12.07 -26.72 21.31
C PHE B 303 13.24 -26.63 22.28
N THR B 304 14.42 -26.28 21.79
CA THR B 304 15.59 -26.07 22.63
C THR B 304 15.88 -24.59 22.64
N VAL B 305 15.87 -24.00 23.83
CA VAL B 305 16.09 -22.57 24.03
C VAL B 305 17.46 -22.41 24.67
N GLU B 306 18.32 -21.64 24.00
CA GLU B 306 19.67 -21.41 24.50
C GLU B 306 19.64 -20.47 25.71
N LYS B 307 20.78 -20.35 26.38
CA LYS B 307 20.90 -19.48 27.54
C LYS B 307 20.81 -18.01 27.11
N GLY B 308 19.97 -17.26 27.81
CA GLY B 308 19.81 -15.86 27.51
C GLY B 308 18.51 -15.33 28.08
N ILE B 309 18.23 -14.06 27.74
CA ILE B 309 17.01 -13.37 28.14
C ILE B 309 16.26 -13.02 26.86
N TYR B 310 14.97 -13.34 26.83
CA TYR B 310 14.18 -13.28 25.60
C TYR B 310 12.93 -12.46 25.81
N GLN B 311 12.74 -11.43 25.00
CA GLN B 311 11.48 -10.68 24.97
C GLN B 311 10.41 -11.55 24.31
N THR B 312 9.35 -11.87 25.07
CA THR B 312 8.33 -12.79 24.58
C THR B 312 6.99 -12.10 24.34
N SER B 313 6.43 -11.43 25.33
CA SER B 313 5.11 -10.83 25.19
C SER B 313 5.00 -9.65 26.14
N ASN B 314 3.77 -9.18 26.34
CA ASN B 314 3.49 -8.06 27.23
C ASN B 314 2.41 -8.46 28.22
N PHE B 315 2.69 -8.25 29.50
CA PHE B 315 1.69 -8.42 30.55
C PHE B 315 0.77 -7.20 30.56
N ARG B 316 -0.52 -7.44 30.79
CA ARG B 316 -1.52 -6.40 30.86
C ARG B 316 -2.67 -6.88 31.73
N VAL B 317 -3.09 -6.08 32.69
CA VAL B 317 -4.23 -6.44 33.51
C VAL B 317 -5.51 -6.17 32.72
N GLN B 318 -6.39 -7.17 32.68
CA GLN B 318 -7.60 -7.11 31.88
C GLN B 318 -8.67 -6.27 32.58
N PRO B 319 -9.57 -5.65 31.83
CA PRO B 319 -10.71 -4.97 32.45
C PRO B 319 -11.66 -5.97 33.11
N THR B 320 -12.21 -5.57 34.25
CA THR B 320 -13.03 -6.47 35.06
C THR B 320 -14.52 -6.35 34.77
N GLU B 321 -15.05 -5.13 34.64
CA GLU B 321 -16.45 -4.94 34.31
C GLU B 321 -16.60 -3.77 33.36
N SER B 322 -17.79 -3.67 32.76
CA SER B 322 -18.12 -2.61 31.83
C SER B 322 -19.05 -1.60 32.49
N ILE B 323 -18.73 -0.32 32.37
CA ILE B 323 -19.58 0.77 32.86
C ILE B 323 -19.99 1.63 31.67
N VAL B 324 -21.27 1.94 31.58
CA VAL B 324 -21.82 2.77 30.51
C VAL B 324 -22.35 4.03 31.16
N ARG B 325 -21.90 5.19 30.70
CA ARG B 325 -22.33 6.46 31.27
C ARG B 325 -22.99 7.29 30.18
N PHE B 326 -24.30 7.46 30.30
CA PHE B 326 -25.14 8.23 29.40
C PHE B 326 -25.86 9.31 30.18
N PRO B 327 -26.34 10.36 29.51
CA PRO B 327 -27.15 11.37 30.21
C PRO B 327 -28.42 10.79 30.81
N ASN B 328 -28.80 11.29 31.99
CA ASN B 328 -29.94 10.78 32.71
C ASN B 328 -31.27 11.23 32.12
N ILE B 329 -31.27 12.26 31.28
CA ILE B 329 -32.50 12.78 30.71
C ILE B 329 -33.04 11.82 29.67
N THR B 330 -34.32 11.46 29.79
CA THR B 330 -34.99 10.52 28.91
C THR B 330 -36.22 11.20 28.34
N ASN B 331 -36.23 11.42 27.03
CA ASN B 331 -37.35 12.05 26.34
C ASN B 331 -37.66 11.25 25.08
N LEU B 332 -38.95 11.01 24.85
CA LEU B 332 -39.38 10.27 23.66
C LEU B 332 -39.13 11.14 22.43
N CYS B 333 -38.42 10.57 21.46
CA CYS B 333 -37.87 11.43 20.42
C CYS B 333 -38.84 11.54 19.25
N PRO B 334 -39.17 12.75 18.79
CA PRO B 334 -40.24 12.92 17.79
C PRO B 334 -39.78 12.59 16.37
N PHE B 335 -39.59 11.29 16.11
CA PHE B 335 -39.41 10.81 14.75
C PHE B 335 -40.73 10.64 14.03
N ASP B 336 -41.84 10.62 14.76
CA ASP B 336 -43.17 10.49 14.15
C ASP B 336 -43.56 11.75 13.39
N GLU B 337 -43.10 12.91 13.84
CA GLU B 337 -43.37 14.16 13.14
C GLU B 337 -42.64 14.23 11.80
N VAL B 338 -41.52 13.55 11.65
CA VAL B 338 -40.74 13.61 10.42
C VAL B 338 -41.26 12.60 9.41
N PHE B 339 -41.29 11.32 9.78
CA PHE B 339 -41.49 10.27 8.79
C PHE B 339 -42.95 9.93 8.54
N ASN B 340 -43.87 10.36 9.42
CA ASN B 340 -45.29 10.09 9.25
C ASN B 340 -46.06 11.34 8.85
N ALA B 341 -45.37 12.38 8.42
CA ALA B 341 -46.02 13.61 7.97
C ALA B 341 -46.72 13.38 6.65
N THR B 342 -47.93 13.96 6.52
CA THR B 342 -48.74 13.71 5.33
C THR B 342 -48.19 14.45 4.12
N ARG B 343 -47.64 15.64 4.31
CA ARG B 343 -47.11 16.44 3.22
C ARG B 343 -45.67 16.85 3.50
N PHE B 344 -44.82 16.73 2.49
CA PHE B 344 -43.44 17.18 2.56
C PHE B 344 -43.26 18.41 1.68
N ALA B 345 -42.09 19.03 1.83
CA ALA B 345 -41.77 20.25 1.11
C ALA B 345 -41.10 19.92 -0.22
N SER B 346 -40.94 20.95 -1.05
CA SER B 346 -40.28 20.83 -2.33
C SER B 346 -38.76 20.78 -2.14
N VAL B 347 -38.04 20.47 -3.22
CA VAL B 347 -36.61 20.26 -3.11
C VAL B 347 -35.85 21.58 -2.98
N TYR B 348 -36.37 22.67 -3.56
CA TYR B 348 -35.69 23.95 -3.40
C TYR B 348 -35.96 24.58 -2.04
N ALA B 349 -37.06 24.20 -1.39
CA ALA B 349 -37.44 24.73 -0.09
C ALA B 349 -37.54 23.60 0.92
N TRP B 350 -36.51 22.76 0.96
CA TRP B 350 -36.50 21.53 1.74
C TRP B 350 -36.63 21.81 3.24
N ASN B 351 -37.39 20.95 3.93
CA ASN B 351 -37.76 21.20 5.32
C ASN B 351 -36.69 20.62 6.24
N ARG B 352 -36.18 21.45 7.15
CA ARG B 352 -35.03 21.11 7.96
C ARG B 352 -35.45 21.12 9.43
N LYS B 353 -35.36 19.96 10.08
CA LYS B 353 -35.81 19.81 11.46
C LYS B 353 -34.65 19.41 12.34
N ARG B 354 -34.48 20.13 13.45
CA ARG B 354 -33.50 19.82 14.47
C ARG B 354 -33.99 18.71 15.38
N ILE B 355 -33.11 17.78 15.72
CA ILE B 355 -33.37 16.75 16.71
C ILE B 355 -32.37 16.94 17.84
N SER B 356 -32.87 17.22 19.04
CA SER B 356 -32.01 17.44 20.19
C SER B 356 -32.80 17.18 21.47
N ASN B 357 -32.05 16.88 22.54
CA ASN B 357 -32.58 16.65 23.89
C ASN B 357 -33.60 15.52 23.94
N CYS B 358 -33.27 14.42 23.28
CA CYS B 358 -34.12 13.23 23.27
C CYS B 358 -33.25 12.00 23.39
N VAL B 359 -33.86 10.89 23.79
CA VAL B 359 -33.26 9.57 23.63
C VAL B 359 -33.97 8.88 22.46
N ALA B 360 -33.19 8.32 21.55
CA ALA B 360 -33.70 7.87 20.27
C ALA B 360 -33.68 6.35 20.23
N ASP B 361 -34.84 5.77 19.95
CA ASP B 361 -34.98 4.34 19.70
C ASP B 361 -35.06 4.18 18.19
N TYR B 362 -33.97 3.73 17.57
CA TYR B 362 -33.96 3.51 16.14
C TYR B 362 -34.56 2.16 15.76
N SER B 363 -34.86 1.31 16.74
CA SER B 363 -35.43 -0.01 16.44
C SER B 363 -36.86 0.09 15.95
N VAL B 364 -37.59 1.13 16.38
CA VAL B 364 -38.96 1.28 15.93
C VAL B 364 -39.03 1.72 14.47
N LEU B 365 -37.93 2.28 13.93
CA LEU B 365 -37.85 2.48 12.49
C LEU B 365 -37.76 1.16 11.75
N TYR B 366 -37.10 0.16 12.34
CA TYR B 366 -37.07 -1.16 11.74
C TYR B 366 -38.37 -1.93 11.96
N ASN B 367 -39.09 -1.63 13.05
CA ASN B 367 -40.29 -2.40 13.38
C ASN B 367 -41.41 -2.13 12.38
N PHE B 368 -41.68 -0.87 12.09
CA PHE B 368 -42.56 -0.47 11.00
C PHE B 368 -41.70 0.26 9.96
N ALA B 369 -41.61 -0.31 8.76
CA ALA B 369 -40.69 0.20 7.73
C ALA B 369 -41.24 -0.06 6.35
N PRO B 370 -41.88 0.93 5.74
CA PRO B 370 -42.13 0.90 4.29
C PRO B 370 -41.00 1.48 3.46
N PHE B 371 -39.83 1.72 4.06
CA PHE B 371 -38.74 2.42 3.39
C PHE B 371 -38.00 1.45 2.48
N PHE B 372 -38.06 1.70 1.17
CA PHE B 372 -37.37 0.85 0.21
C PHE B 372 -35.86 1.09 0.25
N ALA B 373 -35.45 2.36 0.34
CA ALA B 373 -34.04 2.73 0.34
C ALA B 373 -33.64 3.22 1.74
N PHE B 374 -32.69 2.52 2.35
CA PHE B 374 -32.23 2.73 3.73
C PHE B 374 -30.70 2.73 3.67
N LYS B 375 -30.08 3.88 3.38
CA LYS B 375 -28.66 3.88 3.03
C LYS B 375 -27.89 4.82 3.95
N CYS B 376 -27.01 4.26 4.78
CA CYS B 376 -26.19 5.03 5.71
C CYS B 376 -24.75 5.05 5.22
N TYR B 377 -24.07 6.17 5.43
CA TYR B 377 -22.76 6.38 4.81
C TYR B 377 -21.60 6.24 5.78
N GLY B 378 -21.58 7.02 6.86
CA GLY B 378 -20.47 6.94 7.80
C GLY B 378 -20.72 6.13 9.05
N VAL B 379 -21.96 5.71 9.28
CA VAL B 379 -22.33 4.94 10.46
C VAL B 379 -22.99 3.65 9.97
N SER B 380 -22.70 2.54 10.65
CA SER B 380 -23.42 1.31 10.38
C SER B 380 -24.88 1.45 10.85
N PRO B 381 -25.83 0.90 10.10
CA PRO B 381 -27.25 0.99 10.50
C PRO B 381 -27.58 0.32 11.83
N THR B 382 -26.88 -0.76 12.20
CA THR B 382 -27.13 -1.43 13.47
C THR B 382 -26.41 -0.77 14.64
N LYS B 383 -25.56 0.23 14.37
CA LYS B 383 -24.79 0.89 15.42
C LYS B 383 -25.38 2.23 15.84
N LEU B 384 -26.59 2.58 15.38
CA LEU B 384 -27.23 3.81 15.82
C LEU B 384 -27.63 3.75 17.29
N ASN B 385 -28.05 2.59 17.77
CA ASN B 385 -28.39 2.45 19.18
C ASN B 385 -27.18 2.43 20.10
N ASP B 386 -25.97 2.27 19.55
CA ASP B 386 -24.75 2.18 20.33
C ASP B 386 -23.99 3.48 20.41
N LEU B 387 -24.56 4.58 19.92
CA LEU B 387 -23.84 5.84 19.83
C LEU B 387 -24.67 6.98 20.42
N CYS B 388 -23.97 8.04 20.81
CA CYS B 388 -24.57 9.31 21.21
C CYS B 388 -24.30 10.35 20.14
N PHE B 389 -25.27 11.24 19.92
CA PHE B 389 -25.16 12.22 18.84
C PHE B 389 -25.64 13.57 19.32
N THR B 390 -25.18 14.61 18.63
CA THR B 390 -25.85 15.89 18.57
C THR B 390 -25.68 16.41 17.14
N ASN B 391 -26.07 17.67 16.91
CA ASN B 391 -26.09 18.32 15.59
C ASN B 391 -26.98 17.55 14.61
N VAL B 392 -28.05 16.96 15.12
CA VAL B 392 -28.86 15.99 14.38
C VAL B 392 -29.95 16.72 13.60
N TYR B 393 -30.02 16.45 12.30
CA TYR B 393 -31.01 17.04 11.41
C TYR B 393 -31.72 16.00 10.57
N ALA B 394 -32.97 16.32 10.25
CA ALA B 394 -33.77 15.63 9.25
C ALA B 394 -34.17 16.64 8.18
N ASP B 395 -33.66 16.46 6.97
CA ASP B 395 -33.98 17.33 5.85
C ASP B 395 -34.85 16.55 4.88
N SER B 396 -36.10 16.98 4.74
CA SER B 396 -37.11 16.26 3.98
C SER B 396 -37.49 17.01 2.72
N PHE B 397 -37.59 16.28 1.61
CA PHE B 397 -38.11 16.80 0.36
C PHE B 397 -38.64 15.64 -0.46
N VAL B 398 -39.24 15.96 -1.62
CA VAL B 398 -39.81 14.97 -2.53
C VAL B 398 -39.14 15.16 -3.89
N ILE B 399 -38.57 14.08 -4.41
CA ILE B 399 -37.91 14.11 -5.72
C ILE B 399 -38.35 12.89 -6.51
N ARG B 400 -37.76 12.75 -7.70
CA ARG B 400 -38.07 11.64 -8.59
C ARG B 400 -37.42 10.35 -8.10
N GLY B 401 -37.86 9.23 -8.66
CA GLY B 401 -37.30 7.95 -8.29
C GLY B 401 -35.89 7.74 -8.77
N ASN B 402 -35.54 8.34 -9.91
CA ASN B 402 -34.18 8.20 -10.42
C ASN B 402 -33.20 9.20 -9.82
N GLU B 403 -33.68 10.18 -9.05
CA GLU B 403 -32.82 11.19 -8.46
C GLU B 403 -32.41 10.88 -7.03
N VAL B 404 -32.81 9.72 -6.49
CA VAL B 404 -32.45 9.38 -5.12
C VAL B 404 -30.97 9.02 -5.00
N SER B 405 -30.33 8.65 -6.10
CA SER B 405 -28.89 8.45 -6.11
C SER B 405 -28.14 9.78 -6.08
N GLN B 406 -28.79 10.87 -6.47
CA GLN B 406 -28.15 12.18 -6.53
C GLN B 406 -28.06 12.87 -5.18
N ILE B 407 -28.77 12.38 -4.16
CA ILE B 407 -28.66 12.94 -2.80
C ILE B 407 -27.55 12.15 -2.11
N ALA B 408 -26.33 12.59 -2.34
CA ALA B 408 -25.12 11.96 -1.82
C ALA B 408 -23.99 12.98 -1.91
N PRO B 409 -22.92 12.79 -1.13
CA PRO B 409 -21.73 13.64 -1.32
C PRO B 409 -21.10 13.42 -2.68
N GLY B 410 -20.80 14.52 -3.36
CA GLY B 410 -20.09 14.46 -4.62
C GLY B 410 -20.89 13.93 -5.79
N GLN B 411 -22.21 13.87 -5.69
CA GLN B 411 -23.01 13.34 -6.79
C GLN B 411 -23.42 14.43 -7.76
N THR B 412 -23.87 13.99 -8.93
CA THR B 412 -24.10 14.85 -10.08
C THR B 412 -25.59 14.94 -10.37
N GLY B 413 -26.09 16.16 -10.54
CA GLY B 413 -27.48 16.34 -10.90
C GLY B 413 -27.85 17.80 -11.00
N ASN B 414 -29.13 18.03 -11.26
CA ASN B 414 -29.72 19.37 -11.27
C ASN B 414 -30.13 19.77 -9.85
N ILE B 415 -30.79 18.85 -9.15
CA ILE B 415 -31.13 19.09 -7.75
C ILE B 415 -29.90 19.01 -6.86
N ALA B 416 -28.81 18.39 -7.34
CA ALA B 416 -27.60 18.28 -6.55
C ALA B 416 -26.88 19.62 -6.46
N ASP B 417 -26.87 20.40 -7.54
CA ASP B 417 -26.13 21.66 -7.56
C ASP B 417 -27.00 22.90 -7.47
N TYR B 418 -28.29 22.81 -7.85
CA TYR B 418 -29.15 23.98 -7.85
C TYR B 418 -30.19 23.98 -6.73
N ASN B 419 -30.47 22.83 -6.12
CA ASN B 419 -31.50 22.72 -5.10
C ASN B 419 -30.96 22.32 -3.74
N TYR B 420 -30.19 21.22 -3.67
CA TYR B 420 -29.70 20.70 -2.40
C TYR B 420 -28.35 20.05 -2.62
N LYS B 421 -27.32 20.58 -1.96
CA LYS B 421 -25.98 20.02 -2.05
C LYS B 421 -25.54 19.52 -0.67
N LEU B 422 -24.96 18.33 -0.64
CA LEU B 422 -24.36 17.70 0.52
C LEU B 422 -22.85 17.98 0.54
N PRO B 423 -22.26 18.16 1.72
CA PRO B 423 -20.80 18.34 1.77
C PRO B 423 -20.08 17.01 1.52
N ASP B 424 -18.78 17.14 1.19
CA ASP B 424 -17.99 15.95 0.87
C ASP B 424 -17.71 15.10 2.10
N ASP B 425 -17.66 15.70 3.29
CA ASP B 425 -17.46 14.98 4.53
C ASP B 425 -18.77 14.71 5.26
N PHE B 426 -19.86 14.52 4.53
CA PHE B 426 -21.16 14.28 5.13
C PHE B 426 -21.22 12.89 5.75
N THR B 427 -21.73 12.81 6.98
CA THR B 427 -22.04 11.55 7.64
C THR B 427 -23.51 11.55 8.03
N GLY B 428 -24.13 10.39 7.93
CA GLY B 428 -25.54 10.26 8.21
C GLY B 428 -26.17 9.22 7.32
N CYS B 429 -27.50 9.30 7.20
CA CYS B 429 -28.27 8.31 6.47
C CYS B 429 -29.31 8.98 5.56
N VAL B 430 -29.44 8.46 4.35
CA VAL B 430 -30.51 8.87 3.45
C VAL B 430 -31.61 7.82 3.47
N ILE B 431 -32.86 8.29 3.54
CA ILE B 431 -34.03 7.44 3.61
C ILE B 431 -34.91 7.83 2.44
N ALA B 432 -35.08 6.93 1.48
CA ALA B 432 -35.88 7.24 0.29
C ALA B 432 -36.95 6.16 0.15
N TRP B 433 -38.20 6.60 0.05
CA TRP B 433 -39.29 5.64 -0.11
C TRP B 433 -40.34 6.17 -1.07
N ASN B 434 -41.00 5.23 -1.75
CA ASN B 434 -42.03 5.58 -2.72
C ASN B 434 -43.25 6.15 -2.00
N SER B 435 -43.84 7.17 -2.61
CA SER B 435 -45.03 7.83 -2.08
C SER B 435 -46.08 7.98 -3.18
N ASN B 436 -46.32 6.89 -3.91
CA ASN B 436 -47.31 6.92 -4.97
C ASN B 436 -48.73 6.92 -4.43
N LYS B 437 -48.94 6.36 -3.23
CA LYS B 437 -50.28 6.34 -2.65
C LYS B 437 -50.71 7.71 -2.14
N LEU B 438 -49.75 8.53 -1.68
CA LEU B 438 -50.07 9.80 -1.06
C LEU B 438 -49.66 11.01 -1.88
N ASP B 439 -48.51 10.99 -2.53
CA ASP B 439 -47.99 12.16 -3.25
C ASP B 439 -48.21 12.07 -4.75
N SER B 440 -49.25 11.36 -5.19
CA SER B 440 -49.56 11.24 -6.60
C SER B 440 -51.06 11.35 -6.81
N LYS B 441 -51.46 12.00 -7.89
CA LYS B 441 -52.86 12.15 -8.25
C LYS B 441 -53.08 11.68 -9.67
N VAL B 442 -54.27 11.13 -9.92
CA VAL B 442 -54.59 10.59 -11.24
C VAL B 442 -54.71 11.70 -12.28
N GLY B 443 -55.12 12.91 -11.86
CA GLY B 443 -55.08 14.06 -12.74
C GLY B 443 -53.75 14.74 -12.83
N GLY B 444 -52.79 14.36 -11.99
CA GLY B 444 -51.47 14.95 -12.00
C GLY B 444 -51.19 15.80 -10.78
N ASN B 445 -50.21 15.38 -9.97
CA ASN B 445 -49.84 16.12 -8.77
C ASN B 445 -48.70 17.07 -9.11
N TYR B 446 -49.01 18.37 -9.22
CA TYR B 446 -48.03 19.37 -9.61
C TYR B 446 -47.62 20.27 -8.44
N ASN B 447 -47.82 19.81 -7.20
CA ASN B 447 -47.46 20.60 -6.03
C ASN B 447 -45.96 20.64 -5.77
N TYR B 448 -45.21 19.69 -6.30
CA TYR B 448 -43.77 19.59 -6.04
C TYR B 448 -43.00 20.14 -7.22
N LEU B 449 -42.14 21.12 -6.96
CA LEU B 449 -41.40 21.82 -8.01
C LEU B 449 -39.91 21.76 -7.73
N TYR B 450 -39.12 21.86 -8.79
CA TYR B 450 -37.66 21.85 -8.69
C TYR B 450 -37.08 23.02 -9.47
N ARG B 451 -35.94 23.51 -9.00
CA ARG B 451 -35.20 24.58 -9.68
C ARG B 451 -34.35 23.96 -10.78
N LEU B 452 -34.86 24.02 -12.01
CA LEU B 452 -34.11 23.49 -13.15
C LEU B 452 -32.91 24.37 -13.49
N PHE B 453 -33.06 25.68 -13.42
CA PHE B 453 -32.09 26.62 -13.94
C PHE B 453 -31.62 27.57 -12.83
N ARG B 454 -30.30 27.78 -12.76
CA ARG B 454 -29.71 28.74 -11.84
C ARG B 454 -28.35 29.16 -12.40
N LYS B 455 -27.90 30.35 -11.97
CA LYS B 455 -26.65 30.89 -12.48
C LYS B 455 -25.44 30.15 -11.95
N SER B 456 -25.41 29.88 -10.64
CA SER B 456 -24.25 29.26 -10.02
C SER B 456 -24.70 28.17 -9.06
N ASN B 457 -23.77 27.28 -8.73
CA ASN B 457 -24.08 26.18 -7.82
C ASN B 457 -24.20 26.66 -6.39
N LEU B 458 -24.97 25.93 -5.59
CA LEU B 458 -25.20 26.26 -4.20
C LEU B 458 -24.02 25.84 -3.33
N LYS B 459 -24.04 26.32 -2.09
CA LYS B 459 -23.16 25.84 -1.04
C LYS B 459 -23.79 24.60 -0.39
N PRO B 460 -23.00 23.78 0.30
CA PRO B 460 -23.59 22.68 1.09
C PRO B 460 -24.50 23.21 2.19
N PHE B 461 -25.62 22.48 2.39
CA PHE B 461 -26.66 22.81 3.37
C PHE B 461 -27.22 24.23 3.18
N GLU B 462 -27.49 24.57 1.93
CA GLU B 462 -28.01 25.89 1.57
C GLU B 462 -29.38 25.75 0.91
N ARG B 463 -30.31 26.63 1.29
CA ARG B 463 -31.66 26.63 0.75
C ARG B 463 -31.85 27.89 -0.08
N ASP B 464 -32.40 27.73 -1.28
CA ASP B 464 -32.67 28.83 -2.19
C ASP B 464 -34.15 28.86 -2.50
N ILE B 465 -34.82 29.95 -2.13
CA ILE B 465 -36.25 30.13 -2.35
C ILE B 465 -36.55 31.33 -3.23
N SER B 466 -35.53 31.90 -3.88
CA SER B 466 -35.71 33.10 -4.69
C SER B 466 -36.37 32.73 -6.01
N THR B 467 -37.51 33.36 -6.30
CA THR B 467 -38.25 33.10 -7.52
C THR B 467 -37.92 34.14 -8.59
N GLU B 468 -36.65 34.20 -8.96
CA GLU B 468 -36.20 35.12 -10.00
C GLU B 468 -35.97 34.36 -11.31
N ILE B 469 -36.04 35.09 -12.41
CA ILE B 469 -35.90 34.50 -13.73
C ILE B 469 -34.41 34.24 -14.01
N TYR B 470 -34.14 33.25 -14.85
CA TYR B 470 -32.79 32.92 -15.26
C TYR B 470 -32.61 33.26 -16.73
N GLN B 471 -31.46 33.85 -17.07
CA GLN B 471 -31.15 34.21 -18.44
C GLN B 471 -30.37 33.05 -19.05
N ALA B 472 -31.04 32.26 -19.90
CA ALA B 472 -30.46 31.07 -20.48
C ALA B 472 -29.80 31.32 -21.83
N GLY B 473 -29.88 32.55 -22.36
CA GLY B 473 -29.29 32.86 -23.64
C GLY B 473 -28.49 34.14 -23.60
N ASN B 474 -28.01 34.58 -24.76
CA ASN B 474 -27.28 35.84 -24.83
C ASN B 474 -28.20 37.04 -24.65
N LYS B 475 -29.46 36.91 -25.05
CA LYS B 475 -30.43 37.97 -24.88
C LYS B 475 -30.88 38.02 -23.42
N PRO B 476 -30.87 39.19 -22.78
CA PRO B 476 -31.42 39.29 -21.42
C PRO B 476 -32.93 39.10 -21.42
N CYS B 477 -33.42 38.57 -20.30
CA CYS B 477 -34.85 38.26 -20.18
C CYS B 477 -35.65 39.40 -19.58
N ASN B 478 -35.02 40.22 -18.73
CA ASN B 478 -35.63 41.39 -18.08
C ASN B 478 -36.89 41.05 -17.30
N GLY B 479 -36.89 39.88 -16.66
CA GLY B 479 -38.01 39.47 -15.84
C GLY B 479 -39.22 38.95 -16.59
N VAL B 480 -39.11 38.81 -17.91
CA VAL B 480 -40.21 38.34 -18.74
C VAL B 480 -39.75 37.08 -19.45
N ALA B 481 -40.52 36.00 -19.33
CA ALA B 481 -40.21 34.76 -20.02
C ALA B 481 -40.48 34.90 -21.51
N GLY B 482 -39.79 34.08 -22.30
CA GLY B 482 -39.91 34.15 -23.74
C GLY B 482 -38.94 33.23 -24.45
N PHE B 483 -38.36 33.71 -25.56
CA PHE B 483 -37.36 32.95 -26.29
C PHE B 483 -36.08 32.86 -25.47
N ASN B 484 -35.64 31.61 -25.19
CA ASN B 484 -34.47 31.29 -24.36
C ASN B 484 -34.58 31.90 -22.95
N CYS B 485 -35.82 32.01 -22.45
CA CYS B 485 -36.09 32.46 -21.09
C CYS B 485 -37.13 31.53 -20.50
N TYR B 486 -36.75 30.75 -19.50
CA TYR B 486 -37.63 29.76 -18.91
C TYR B 486 -37.67 29.97 -17.40
N PHE B 487 -38.81 29.63 -16.81
CA PHE B 487 -38.95 29.72 -15.37
C PHE B 487 -38.10 28.64 -14.69
N PRO B 488 -37.40 28.99 -13.61
CA PRO B 488 -36.52 27.98 -12.97
C PRO B 488 -37.31 26.87 -12.27
N LEU B 489 -38.44 27.18 -11.67
CA LEU B 489 -39.19 26.20 -10.90
C LEU B 489 -40.20 25.52 -11.82
N ARG B 490 -40.01 24.22 -12.01
CA ARG B 490 -40.89 23.41 -12.84
C ARG B 490 -41.50 22.28 -12.03
N SER B 491 -42.73 21.91 -12.38
CA SER B 491 -43.49 20.93 -11.62
C SER B 491 -43.25 19.53 -12.16
N TYR B 492 -43.29 18.56 -11.26
CA TYR B 492 -43.20 17.16 -11.63
C TYR B 492 -44.54 16.63 -12.08
N GLY B 493 -44.55 15.83 -13.14
CA GLY B 493 -45.78 15.18 -13.58
C GLY B 493 -46.01 13.83 -12.93
N PHE B 494 -46.35 13.85 -11.64
CA PHE B 494 -46.51 12.63 -10.86
C PHE B 494 -47.87 12.00 -11.12
N ARG B 495 -47.89 10.80 -11.69
CA ARG B 495 -49.13 10.07 -11.93
C ARG B 495 -48.98 8.63 -11.46
N PRO B 496 -50.04 8.05 -10.89
CA PRO B 496 -49.93 6.67 -10.36
C PRO B 496 -49.90 5.60 -11.42
N THR B 497 -50.24 5.91 -12.67
CA THR B 497 -50.23 4.89 -13.71
C THR B 497 -48.82 4.49 -14.14
N TYR B 498 -47.83 5.34 -13.87
CA TYR B 498 -46.46 5.02 -14.20
C TYR B 498 -45.91 3.97 -13.24
N GLY B 499 -44.87 3.27 -13.69
CA GLY B 499 -44.23 2.25 -12.88
C GLY B 499 -43.24 2.85 -11.90
N VAL B 500 -42.43 1.96 -11.32
CA VAL B 500 -41.39 2.40 -10.40
C VAL B 500 -40.28 3.12 -11.16
N GLY B 501 -39.63 4.07 -10.51
CA GLY B 501 -38.62 4.90 -11.12
C GLY B 501 -39.09 6.26 -11.59
N HIS B 502 -40.40 6.42 -11.81
CA HIS B 502 -41.00 7.72 -12.07
C HIS B 502 -42.06 8.07 -11.04
N GLN B 503 -42.39 7.15 -10.15
CA GLN B 503 -43.27 7.43 -9.02
C GLN B 503 -42.56 8.39 -8.06
N PRO B 504 -43.32 9.24 -7.35
CA PRO B 504 -42.68 10.22 -6.45
C PRO B 504 -42.04 9.53 -5.24
N TYR B 505 -40.81 9.95 -4.94
CA TYR B 505 -40.05 9.39 -3.83
C TYR B 505 -39.73 10.47 -2.80
N ARG B 506 -40.10 10.19 -1.55
CA ARG B 506 -39.81 11.08 -0.43
C ARG B 506 -38.43 10.74 0.11
N VAL B 507 -37.60 11.77 0.30
CA VAL B 507 -36.22 11.62 0.74
C VAL B 507 -36.05 12.42 2.03
N VAL B 508 -35.61 11.75 3.09
CA VAL B 508 -35.28 12.36 4.36
C VAL B 508 -33.80 12.07 4.66
N VAL B 509 -33.03 13.13 4.89
CA VAL B 509 -31.60 13.04 5.11
C VAL B 509 -31.34 13.30 6.59
N LEU B 510 -30.80 12.31 7.30
CA LEU B 510 -30.40 12.44 8.68
C LEU B 510 -28.91 12.76 8.74
N SER B 511 -28.58 13.88 9.37
CA SER B 511 -27.21 14.38 9.46
C SER B 511 -26.81 14.47 10.93
N PHE B 512 -25.56 14.12 11.22
CA PHE B 512 -25.06 14.03 12.59
C PHE B 512 -23.73 14.78 12.70
N GLU B 513 -23.18 14.79 13.91
CA GLU B 513 -21.76 15.03 14.14
C GLU B 513 -21.25 13.93 15.04
N LEU B 514 -19.93 13.75 15.06
CA LEU B 514 -19.30 12.72 15.88
C LEU B 514 -18.25 13.32 16.80
N LEU B 515 -18.54 13.30 18.11
CA LEU B 515 -17.60 13.45 19.21
C LEU B 515 -17.05 14.87 19.41
N HIS B 516 -17.38 15.80 18.50
CA HIS B 516 -16.84 17.15 18.55
C HIS B 516 -17.72 18.13 19.32
N ALA B 517 -18.79 17.67 19.95
CA ALA B 517 -19.77 18.55 20.56
C ALA B 517 -20.49 17.76 21.66
N PRO B 518 -21.07 18.45 22.66
CA PRO B 518 -21.80 17.72 23.70
C PRO B 518 -23.08 17.09 23.16
N ALA B 519 -23.20 15.79 23.35
CA ALA B 519 -24.28 15.02 22.75
C ALA B 519 -25.57 15.17 23.54
N THR B 520 -26.67 15.32 22.80
CA THR B 520 -28.00 15.39 23.39
C THR B 520 -28.91 14.25 22.93
N VAL B 521 -28.58 13.58 21.83
CA VAL B 521 -29.33 12.44 21.33
C VAL B 521 -28.48 11.20 21.60
N CYS B 522 -28.99 10.29 22.42
CA CYS B 522 -28.20 9.15 22.85
C CYS B 522 -28.98 7.85 22.67
N GLY B 523 -28.33 6.75 23.00
CA GLY B 523 -28.89 5.43 22.86
C GLY B 523 -29.82 5.10 24.00
N PRO B 524 -30.58 4.01 23.84
CA PRO B 524 -31.57 3.63 24.86
C PRO B 524 -31.00 2.90 26.07
N LYS B 525 -29.68 2.81 26.23
CA LYS B 525 -29.14 2.05 27.36
C LYS B 525 -29.28 2.84 28.65
N LYS B 526 -29.29 2.10 29.77
CA LYS B 526 -29.28 2.70 31.10
C LYS B 526 -27.85 2.94 31.57
N SER B 527 -27.70 3.95 32.41
CA SER B 527 -26.38 4.29 32.93
C SER B 527 -25.97 3.32 34.03
N THR B 528 -24.66 3.21 34.24
CA THR B 528 -24.05 2.33 35.21
C THR B 528 -23.37 3.21 36.28
N ASN B 529 -23.25 2.69 37.51
CA ASN B 529 -22.62 3.42 38.59
C ASN B 529 -21.13 3.59 38.31
N LEU B 530 -20.56 4.67 38.84
CA LEU B 530 -19.15 5.00 38.62
C LEU B 530 -18.27 4.21 39.58
N VAL B 531 -17.11 3.80 39.09
CA VAL B 531 -16.11 3.09 39.88
C VAL B 531 -14.75 3.75 39.66
N LYS B 532 -13.98 3.86 40.75
CA LYS B 532 -12.74 4.62 40.77
C LYS B 532 -11.55 3.69 40.97
N ASN B 533 -10.43 4.05 40.34
CA ASN B 533 -9.11 3.43 40.52
C ASN B 533 -9.10 1.94 40.19
N LYS B 534 -9.93 1.52 39.22
CA LYS B 534 -10.11 0.11 38.95
C LYS B 534 -10.22 -0.09 37.45
N CYS B 535 -9.51 -1.12 36.94
CA CYS B 535 -9.36 -1.32 35.50
C CYS B 535 -10.67 -1.79 34.88
N VAL B 536 -11.34 -0.87 34.18
CA VAL B 536 -12.65 -1.12 33.59
C VAL B 536 -12.62 -0.63 32.14
N ASN B 537 -13.58 -1.10 31.36
CA ASN B 537 -13.81 -0.53 30.05
C ASN B 537 -15.11 0.25 30.09
N PHE B 538 -15.08 1.47 29.57
CA PHE B 538 -16.11 2.47 29.75
C PHE B 538 -16.65 2.95 28.40
N ASN B 539 -17.89 3.42 28.44
CA ASN B 539 -18.59 3.98 27.28
C ASN B 539 -19.14 5.34 27.73
N PHE B 540 -18.38 6.39 27.47
CA PHE B 540 -18.79 7.77 27.76
C PHE B 540 -19.29 8.38 26.45
N ASN B 541 -20.61 8.43 26.28
CA ASN B 541 -21.30 9.12 25.18
C ASN B 541 -20.86 8.59 23.82
N GLY B 542 -20.68 7.28 23.71
CA GLY B 542 -20.19 6.67 22.50
C GLY B 542 -18.69 6.52 22.42
N LEU B 543 -17.95 7.08 23.36
CA LEU B 543 -16.49 6.94 23.41
C LEU B 543 -16.17 5.73 24.27
N THR B 544 -15.64 4.68 23.66
CA THR B 544 -15.35 3.43 24.33
C THR B 544 -13.84 3.33 24.56
N GLY B 545 -13.45 3.06 25.81
CA GLY B 545 -12.04 2.95 26.11
C GLY B 545 -11.80 2.14 27.37
N THR B 546 -10.58 1.64 27.51
CA THR B 546 -10.21 0.80 28.66
C THR B 546 -9.19 1.54 29.51
N GLY B 547 -9.44 1.59 30.81
CA GLY B 547 -8.52 2.26 31.70
C GLY B 547 -9.04 2.31 33.12
N VAL B 548 -8.32 3.08 33.94
CA VAL B 548 -8.73 3.42 35.29
C VAL B 548 -9.17 4.88 35.29
N LEU B 549 -10.22 5.16 36.05
CA LEU B 549 -10.79 6.49 36.15
C LEU B 549 -10.50 7.02 37.55
N THR B 550 -9.74 8.12 37.62
CA THR B 550 -9.29 8.67 38.88
C THR B 550 -9.73 10.13 39.00
N GLU B 551 -9.49 10.68 40.19
CA GLU B 551 -9.66 12.11 40.41
C GLU B 551 -8.66 12.90 39.57
N SER B 552 -9.09 14.08 39.14
CA SER B 552 -8.26 14.94 38.30
C SER B 552 -8.15 16.32 38.93
N ASN B 553 -6.97 16.93 38.79
CA ASN B 553 -6.74 18.31 39.19
C ASN B 553 -6.73 19.25 37.99
N LYS B 554 -7.21 18.79 36.83
CA LYS B 554 -7.26 19.61 35.64
C LYS B 554 -8.46 20.55 35.72
N LYS B 555 -8.21 21.85 35.65
CA LYS B 555 -9.27 22.85 35.71
C LYS B 555 -9.88 22.99 34.32
N PHE B 556 -10.86 22.14 34.03
CA PHE B 556 -11.62 22.27 32.79
C PHE B 556 -12.46 23.53 32.81
N LEU B 557 -12.48 24.24 31.69
CA LEU B 557 -13.44 25.29 31.51
C LEU B 557 -14.82 24.68 31.28
N PRO B 558 -15.90 25.42 31.60
CA PRO B 558 -17.26 24.84 31.52
C PRO B 558 -17.67 24.32 30.15
N PHE B 559 -17.14 24.89 29.06
CA PHE B 559 -17.49 24.36 27.75
C PHE B 559 -16.73 23.07 27.44
N GLN B 560 -15.57 22.87 28.04
CA GLN B 560 -14.70 21.74 27.71
C GLN B 560 -15.22 20.44 28.29
N GLN B 561 -15.20 19.38 27.48
CA GLN B 561 -15.66 18.07 27.91
C GLN B 561 -14.55 17.04 27.92
N PHE B 562 -13.79 16.89 26.83
CA PHE B 562 -12.75 15.89 26.73
C PHE B 562 -11.40 16.53 27.03
N GLY B 563 -10.45 15.69 27.37
CA GLY B 563 -9.08 16.13 27.58
C GLY B 563 -8.15 15.31 26.73
N ARG B 564 -7.13 15.97 26.17
CA ARG B 564 -6.16 15.26 25.35
C ARG B 564 -4.76 15.67 25.75
N ASP B 565 -3.82 14.75 25.56
CA ASP B 565 -2.43 14.93 25.93
C ASP B 565 -1.66 15.51 24.74
N ILE B 566 -0.33 15.45 24.81
CA ILE B 566 0.50 15.82 23.66
C ILE B 566 0.27 14.85 22.51
N ALA B 567 -0.07 13.60 22.83
CA ALA B 567 -0.31 12.55 21.85
C ALA B 567 -1.69 12.62 21.20
N ASP B 568 -2.55 13.54 21.65
CA ASP B 568 -3.95 13.66 21.22
C ASP B 568 -4.70 12.35 21.41
N THR B 569 -4.50 11.73 22.57
CA THR B 569 -5.24 10.56 23.02
C THR B 569 -6.07 10.99 24.23
N THR B 570 -7.27 10.40 24.37
CA THR B 570 -8.22 10.79 25.41
C THR B 570 -7.68 10.56 26.81
N ASP B 571 -7.39 11.66 27.50
CA ASP B 571 -6.72 11.68 28.79
C ASP B 571 -7.66 12.04 29.93
N ALA B 572 -8.67 12.86 29.68
CA ALA B 572 -9.65 13.23 30.69
C ALA B 572 -11.02 13.26 30.04
N VAL B 573 -12.06 13.04 30.85
CA VAL B 573 -13.42 12.93 30.34
C VAL B 573 -14.36 13.63 31.32
N ARG B 574 -15.39 14.28 30.79
CA ARG B 574 -16.46 14.88 31.59
C ARG B 574 -17.68 13.96 31.50
N ASP B 575 -18.09 13.43 32.66
CA ASP B 575 -19.26 12.56 32.66
C ASP B 575 -20.53 13.39 32.48
N PRO B 576 -21.45 12.94 31.62
CA PRO B 576 -22.69 13.71 31.43
C PRO B 576 -23.66 13.62 32.60
N GLN B 577 -23.71 12.49 33.31
CA GLN B 577 -24.71 12.30 34.35
C GLN B 577 -24.39 13.12 35.59
N THR B 578 -23.13 13.09 36.03
CA THR B 578 -22.64 14.02 37.05
C THR B 578 -21.44 14.77 36.50
N LEU B 579 -21.48 16.10 36.61
CA LEU B 579 -20.57 16.98 35.88
C LEU B 579 -19.24 17.03 36.65
N GLU B 580 -18.47 15.96 36.50
CA GLU B 580 -17.18 15.82 37.16
C GLU B 580 -16.15 15.37 36.14
N ILE B 581 -14.90 15.74 36.38
CA ILE B 581 -13.80 15.45 35.45
C ILE B 581 -13.07 14.21 35.96
N LEU B 582 -13.02 13.18 35.13
CA LEU B 582 -12.38 11.91 35.43
C LEU B 582 -11.10 11.80 34.62
N ASP B 583 -9.97 11.61 35.30
CA ASP B 583 -8.71 11.36 34.62
C ASP B 583 -8.64 9.90 34.20
N ILE B 584 -8.41 9.67 32.92
CA ILE B 584 -8.31 8.34 32.34
C ILE B 584 -6.84 7.98 32.25
N THR B 585 -6.47 6.84 32.84
CA THR B 585 -5.13 6.32 32.66
C THR B 585 -5.25 4.89 32.15
N PRO B 586 -4.37 4.45 31.25
CA PRO B 586 -4.36 3.04 30.86
C PRO B 586 -4.05 2.14 32.05
N CYS B 587 -4.58 0.92 32.00
CA CYS B 587 -4.35 -0.07 33.04
C CYS B 587 -2.89 -0.51 33.02
N SER B 588 -2.48 -1.22 34.08
CA SER B 588 -1.07 -1.57 34.23
C SER B 588 -0.63 -2.58 33.18
N PHE B 589 0.54 -2.35 32.59
CA PHE B 589 1.06 -3.22 31.55
C PHE B 589 2.57 -3.03 31.47
N GLY B 590 3.21 -3.97 30.79
CA GLY B 590 4.65 -3.89 30.60
C GLY B 590 5.13 -5.04 29.75
N GLY B 591 6.42 -5.03 29.46
CA GLY B 591 7.02 -6.09 28.69
C GLY B 591 7.48 -7.22 29.60
N VAL B 592 7.44 -8.45 29.08
CA VAL B 592 7.82 -9.63 29.82
C VAL B 592 9.02 -10.27 29.15
N SER B 593 10.10 -10.42 29.89
CA SER B 593 11.31 -11.08 29.43
C SER B 593 11.49 -12.36 30.21
N VAL B 594 11.84 -13.44 29.51
CA VAL B 594 12.02 -14.74 30.13
C VAL B 594 13.52 -15.02 30.18
N ILE B 595 14.05 -15.12 31.39
CA ILE B 595 15.46 -15.41 31.63
C ILE B 595 15.56 -16.91 31.87
N THR B 596 16.35 -17.59 31.05
CA THR B 596 16.50 -19.02 31.19
C THR B 596 17.94 -19.41 30.94
N PRO B 597 18.40 -20.51 31.54
CA PRO B 597 19.58 -21.20 31.01
C PRO B 597 19.18 -22.07 29.83
N GLY B 598 20.10 -22.86 29.30
CA GLY B 598 19.74 -23.77 28.23
C GLY B 598 18.79 -24.85 28.71
N THR B 599 17.94 -25.31 27.79
CA THR B 599 17.04 -26.42 28.10
C THR B 599 17.80 -27.73 28.25
N ASN B 600 19.00 -27.82 27.70
CA ASN B 600 19.91 -28.91 28.03
C ASN B 600 20.33 -28.86 29.49
N THR B 601 20.42 -27.66 30.06
CA THR B 601 20.83 -27.53 31.46
C THR B 601 19.64 -27.68 32.41
N SER B 602 18.62 -26.83 32.26
CA SER B 602 17.51 -26.83 33.19
C SER B 602 16.28 -26.22 32.50
N ASN B 603 15.13 -26.42 33.13
CA ASN B 603 13.87 -25.87 32.67
C ASN B 603 13.34 -24.76 33.57
N GLN B 604 14.12 -24.35 34.59
CA GLN B 604 13.70 -23.25 35.44
C GLN B 604 13.86 -21.93 34.70
N VAL B 605 12.91 -21.01 34.95
CA VAL B 605 12.91 -19.70 34.31
C VAL B 605 12.68 -18.63 35.35
N ALA B 606 13.06 -17.40 34.99
CA ALA B 606 12.75 -16.21 35.74
C ALA B 606 12.06 -15.24 34.81
N VAL B 607 11.23 -14.36 35.37
CA VAL B 607 10.44 -13.43 34.59
C VAL B 607 10.81 -12.01 35.00
N LEU B 608 11.14 -11.18 34.02
CA LEU B 608 11.40 -9.77 34.24
C LEU B 608 10.26 -8.96 33.64
N TYR B 609 9.55 -8.24 34.51
CA TYR B 609 8.53 -7.29 34.07
C TYR B 609 9.22 -5.94 33.95
N GLN B 610 9.37 -5.48 32.71
CA GLN B 610 10.24 -4.34 32.42
C GLN B 610 9.54 -3.03 32.72
N GLY B 611 10.19 -2.18 33.50
CA GLY B 611 9.64 -0.90 33.87
C GLY B 611 8.45 -0.98 34.80
N VAL B 612 8.29 -2.08 35.51
CA VAL B 612 7.12 -2.34 36.33
C VAL B 612 7.58 -2.47 37.78
N ASN B 613 6.95 -1.70 38.66
CA ASN B 613 7.21 -1.83 40.09
C ASN B 613 6.68 -3.18 40.59
N CYS B 614 7.33 -3.71 41.64
CA CYS B 614 6.98 -5.04 42.11
C CYS B 614 5.64 -5.08 42.84
N THR B 615 5.09 -3.93 43.22
CA THR B 615 3.81 -3.88 43.93
C THR B 615 2.62 -3.85 42.99
N GLU B 616 2.84 -3.68 41.68
CA GLU B 616 1.75 -3.61 40.71
C GLU B 616 1.76 -4.77 39.72
N VAL B 617 2.37 -5.88 40.08
CA VAL B 617 2.34 -7.06 39.22
C VAL B 617 1.68 -8.23 39.95
N ASN B 638 10.51 -15.14 45.83
CA ASN B 638 11.63 -14.66 45.06
C ASN B 638 11.25 -13.47 44.19
N VAL B 639 10.98 -12.34 44.83
CA VAL B 639 10.60 -11.11 44.16
C VAL B 639 11.68 -10.08 44.42
N PHE B 640 12.28 -9.55 43.36
CA PHE B 640 13.36 -8.59 43.48
C PHE B 640 13.03 -7.35 42.65
N GLN B 641 13.33 -6.18 43.17
CA GLN B 641 13.07 -4.93 42.48
C GLN B 641 14.37 -4.38 41.91
N THR B 642 14.41 -4.20 40.61
CA THR B 642 15.55 -3.61 39.90
C THR B 642 15.11 -2.33 39.23
N ARG B 643 16.08 -1.57 38.73
CA ARG B 643 15.78 -0.44 37.86
C ARG B 643 15.25 -0.93 36.51
N ALA B 644 15.70 -2.10 36.06
CA ALA B 644 15.19 -2.67 34.82
C ALA B 644 13.74 -3.13 34.95
N GLY B 645 13.33 -3.55 36.14
CA GLY B 645 11.97 -3.97 36.35
C GLY B 645 11.88 -4.88 37.56
N CYS B 646 10.79 -5.65 37.61
CA CYS B 646 10.56 -6.59 38.70
C CYS B 646 10.93 -8.00 38.24
N LEU B 647 11.78 -8.66 39.02
CA LEU B 647 12.30 -9.97 38.67
C LEU B 647 11.67 -11.01 39.60
N ILE B 648 11.02 -12.01 39.00
CA ILE B 648 10.32 -13.06 39.72
C ILE B 648 11.01 -14.37 39.40
N GLY B 649 11.30 -15.16 40.43
CA GLY B 649 11.89 -16.46 40.25
C GLY B 649 13.40 -16.51 40.40
N ALA B 650 14.05 -15.37 40.62
CA ALA B 650 15.47 -15.31 40.85
C ALA B 650 15.73 -14.66 42.20
N GLU B 651 16.66 -15.24 42.97
CA GLU B 651 17.02 -14.72 44.27
C GLU B 651 18.26 -13.84 44.16
N TYR B 652 18.25 -12.71 44.86
CA TYR B 652 19.38 -11.80 44.81
C TYR B 652 20.49 -12.31 45.72
N VAL B 653 21.71 -12.29 45.20
CA VAL B 653 22.90 -12.74 45.91
C VAL B 653 23.86 -11.56 45.99
N ASN B 654 24.36 -11.29 47.21
CA ASN B 654 25.24 -10.13 47.40
C ASN B 654 26.63 -10.35 46.81
N ASN B 655 27.00 -11.60 46.51
CA ASN B 655 28.27 -11.87 45.85
C ASN B 655 28.23 -11.38 44.41
N SER B 656 29.35 -10.84 43.95
CA SER B 656 29.47 -10.32 42.59
C SER B 656 30.22 -11.33 41.73
N TYR B 657 29.69 -11.60 40.54
CA TYR B 657 30.29 -12.51 39.58
C TYR B 657 30.39 -11.82 38.23
N GLU B 658 31.00 -12.51 37.27
CA GLU B 658 30.97 -12.05 35.90
C GLU B 658 29.57 -12.24 35.33
N CYS B 659 29.16 -11.33 34.46
CA CYS B 659 27.81 -11.35 33.90
C CYS B 659 27.62 -12.55 33.00
N ASP B 660 26.54 -13.29 33.24
CA ASP B 660 26.17 -14.44 32.43
C ASP B 660 24.96 -14.15 31.55
N ILE B 661 23.83 -13.77 32.15
CA ILE B 661 22.64 -13.36 31.43
C ILE B 661 22.35 -11.93 31.83
N PRO B 662 22.46 -10.96 30.93
CA PRO B 662 22.32 -9.55 31.32
C PRO B 662 20.86 -9.18 31.56
N ILE B 663 20.58 -8.65 32.74
CA ILE B 663 19.25 -8.12 33.04
C ILE B 663 19.18 -6.64 32.77
N GLY B 664 20.22 -5.90 33.18
CA GLY B 664 20.25 -4.47 32.98
C GLY B 664 20.48 -3.73 34.27
N ALA B 665 20.92 -2.48 34.15
CA ALA B 665 21.21 -1.57 35.28
C ALA B 665 22.20 -2.19 36.27
N GLY B 666 23.20 -2.89 35.75
CA GLY B 666 24.18 -3.54 36.57
C GLY B 666 23.79 -4.91 37.07
N ILE B 667 22.56 -5.34 36.84
CA ILE B 667 22.07 -6.62 37.34
C ILE B 667 22.22 -7.66 36.24
N CYS B 668 22.75 -8.82 36.59
CA CYS B 668 22.84 -9.96 35.71
C CYS B 668 22.27 -11.18 36.43
N ALA B 669 22.04 -12.26 35.68
CA ALA B 669 21.51 -13.49 36.22
C ALA B 669 22.33 -14.67 35.74
N SER B 670 22.34 -15.73 36.54
CA SER B 670 23.07 -16.94 36.21
C SER B 670 22.39 -18.12 36.85
N TYR B 671 22.79 -19.32 36.42
CA TYR B 671 22.27 -20.56 36.97
C TYR B 671 23.37 -21.26 37.75
N GLN B 672 23.09 -21.58 39.01
CA GLN B 672 24.05 -22.26 39.86
C GLN B 672 23.40 -23.37 40.67
N SER B 688 19.72 -23.34 41.20
CA SER B 688 18.66 -22.37 40.94
C SER B 688 19.20 -21.17 40.18
N ILE B 689 18.31 -20.25 39.82
CA ILE B 689 18.68 -19.04 39.09
C ILE B 689 18.88 -17.92 40.10
N ILE B 690 20.06 -17.32 40.08
CA ILE B 690 20.40 -16.23 40.98
C ILE B 690 20.58 -14.96 40.17
N ALA B 691 20.39 -13.83 40.83
CA ALA B 691 20.60 -12.50 40.25
C ALA B 691 21.58 -11.74 41.13
N TYR B 692 22.49 -11.03 40.49
CA TYR B 692 23.58 -10.37 41.20
C TYR B 692 23.93 -9.08 40.51
N THR B 693 24.70 -8.25 41.20
CA THR B 693 25.37 -7.12 40.56
C THR B 693 26.67 -7.64 39.95
N MET B 694 26.86 -7.39 38.66
CA MET B 694 28.00 -7.96 37.96
C MET B 694 29.30 -7.32 38.43
N SER B 695 30.36 -8.12 38.45
CA SER B 695 31.66 -7.67 38.90
C SER B 695 32.43 -7.10 37.72
N LEU B 696 32.98 -5.91 37.89
CA LEU B 696 33.74 -5.27 36.82
C LEU B 696 35.08 -5.96 36.62
N GLY B 697 35.67 -6.45 37.70
CA GLY B 697 36.94 -7.14 37.62
C GLY B 697 37.56 -7.23 39.00
N ALA B 698 38.73 -7.87 39.04
CA ALA B 698 39.46 -8.00 40.29
C ALA B 698 40.18 -6.70 40.61
N GLU B 699 40.10 -6.28 41.87
CA GLU B 699 40.78 -5.07 42.29
C GLU B 699 42.28 -5.30 42.37
N ASN B 700 43.05 -4.33 41.88
CA ASN B 700 44.50 -4.44 41.79
C ASN B 700 45.09 -3.07 42.11
N SER B 701 45.47 -2.86 43.37
CA SER B 701 46.11 -1.62 43.77
C SER B 701 47.57 -1.68 43.37
N VAL B 702 47.96 -0.84 42.41
CA VAL B 702 49.34 -0.82 41.92
C VAL B 702 50.20 -0.09 42.94
N ALA B 703 51.29 -0.73 43.35
CA ALA B 703 52.16 -0.21 44.40
C ALA B 703 52.99 0.94 43.85
N TYR B 704 52.36 2.11 43.76
CA TYR B 704 53.03 3.30 43.26
C TYR B 704 53.85 3.95 44.36
N SER B 705 55.08 4.34 44.03
CA SER B 705 55.83 5.29 44.83
C SER B 705 56.70 6.08 43.86
N ASN B 706 57.33 7.13 44.39
CA ASN B 706 58.04 8.07 43.53
C ASN B 706 59.46 7.65 43.21
N ASN B 707 59.93 6.50 43.71
CA ASN B 707 61.29 6.07 43.37
C ASN B 707 61.36 4.56 43.15
N SER B 708 60.25 3.89 42.86
CA SER B 708 60.22 2.46 42.63
C SER B 708 59.70 2.16 41.24
N ILE B 709 60.34 1.22 40.56
CA ILE B 709 59.93 0.79 39.23
C ILE B 709 59.82 -0.73 39.25
N ALA B 710 59.00 -1.26 38.35
CA ALA B 710 58.87 -2.70 38.16
C ALA B 710 59.39 -3.03 36.76
N ILE B 711 60.40 -3.88 36.70
CA ILE B 711 61.05 -4.24 35.45
C ILE B 711 60.78 -5.71 35.18
N PRO B 712 60.33 -6.09 33.99
CA PRO B 712 60.10 -7.50 33.69
C PRO B 712 61.41 -8.26 33.54
N THR B 713 61.43 -9.48 34.08
CA THR B 713 62.59 -10.34 33.95
C THR B 713 62.35 -11.50 32.99
N ASN B 714 61.17 -11.60 32.40
CA ASN B 714 60.84 -12.70 31.50
C ASN B 714 59.72 -12.24 30.58
N PHE B 715 59.31 -13.13 29.67
CA PHE B 715 58.27 -12.79 28.73
C PHE B 715 57.47 -14.03 28.36
N THR B 716 56.31 -13.79 27.78
CA THR B 716 55.44 -14.82 27.24
C THR B 716 55.16 -14.45 25.79
N ILE B 717 55.43 -15.38 24.87
CA ILE B 717 55.02 -15.21 23.49
C ILE B 717 53.57 -15.67 23.39
N SER B 718 52.66 -14.72 23.23
CA SER B 718 51.24 -14.99 23.29
C SER B 718 50.63 -14.87 21.89
N VAL B 719 49.93 -15.91 21.46
CA VAL B 719 49.19 -15.87 20.20
C VAL B 719 47.72 -15.81 20.54
N THR B 720 47.02 -14.85 19.95
CA THR B 720 45.59 -14.67 20.15
C THR B 720 44.88 -14.69 18.80
N THR B 721 43.57 -14.94 18.85
CA THR B 721 42.76 -14.97 17.64
C THR B 721 41.93 -13.70 17.52
N GLU B 722 41.78 -13.22 16.30
CA GLU B 722 40.83 -12.16 15.98
C GLU B 722 40.05 -12.57 14.74
N ILE B 723 38.74 -12.75 14.89
CA ILE B 723 37.88 -13.24 13.82
C ILE B 723 37.11 -12.05 13.27
N LEU B 724 37.25 -11.80 11.97
CA LEU B 724 36.59 -10.67 11.33
C LEU B 724 35.80 -11.16 10.13
N PRO B 725 34.50 -10.90 10.06
CA PRO B 725 33.74 -11.20 8.84
C PRO B 725 34.15 -10.27 7.71
N VAL B 726 34.16 -10.82 6.50
CA VAL B 726 34.66 -10.13 5.31
C VAL B 726 33.56 -9.95 4.27
N SER B 727 32.83 -11.02 3.95
CA SER B 727 31.83 -10.98 2.90
C SER B 727 30.53 -11.58 3.40
N MET B 728 29.49 -11.38 2.61
CA MET B 728 28.16 -11.89 2.87
C MET B 728 27.80 -12.95 1.84
N THR B 729 26.59 -13.49 1.96
CA THR B 729 26.01 -14.30 0.91
C THR B 729 25.45 -13.38 -0.16
N LYS B 730 25.94 -13.54 -1.39
CA LYS B 730 25.47 -12.74 -2.51
C LYS B 730 24.12 -13.28 -2.97
N THR B 731 23.07 -12.48 -2.86
CA THR B 731 21.74 -12.90 -3.25
C THR B 731 21.22 -12.05 -4.39
N SER B 732 20.43 -12.69 -5.26
CA SER B 732 19.73 -12.04 -6.34
C SER B 732 18.25 -12.40 -6.24
N VAL B 733 17.38 -11.46 -6.60
CA VAL B 733 15.94 -11.66 -6.51
C VAL B 733 15.33 -11.42 -7.88
N ASP B 734 14.61 -12.41 -8.38
CA ASP B 734 13.70 -12.18 -9.50
C ASP B 734 12.41 -11.61 -8.92
N CYS B 735 12.19 -10.32 -9.14
CA CYS B 735 11.11 -9.59 -8.48
C CYS B 735 9.74 -10.04 -8.99
N THR B 736 9.61 -10.23 -10.31
CA THR B 736 8.35 -10.67 -10.89
C THR B 736 8.00 -12.10 -10.49
N MET B 737 8.99 -12.99 -10.44
CA MET B 737 8.73 -14.37 -10.05
C MET B 737 8.42 -14.47 -8.57
N TYR B 738 9.04 -13.61 -7.74
CA TYR B 738 8.75 -13.61 -6.32
C TYR B 738 7.34 -13.11 -6.03
N ILE B 739 6.97 -11.98 -6.64
CA ILE B 739 5.67 -11.38 -6.35
C ILE B 739 4.55 -12.18 -7.00
N CYS B 740 4.73 -12.56 -8.26
CA CYS B 740 3.62 -13.05 -9.06
C CYS B 740 3.74 -14.51 -9.47
N GLY B 741 4.94 -15.06 -9.54
CA GLY B 741 5.10 -16.40 -10.05
C GLY B 741 4.95 -16.43 -11.56
N ASP B 742 3.96 -17.18 -12.05
CA ASP B 742 3.71 -17.31 -13.48
C ASP B 742 2.43 -16.61 -13.93
N SER B 743 1.80 -15.83 -13.06
CA SER B 743 0.56 -15.14 -13.40
C SER B 743 0.88 -13.89 -14.24
N THR B 744 0.39 -13.88 -15.48
CA THR B 744 0.74 -12.80 -16.41
C THR B 744 0.01 -11.50 -16.08
N GLU B 745 -1.25 -11.58 -15.67
CA GLU B 745 -1.99 -10.39 -15.28
C GLU B 745 -1.47 -9.79 -13.97
N CYS B 746 -0.88 -10.61 -13.10
CA CYS B 746 -0.16 -10.08 -11.95
C CYS B 746 1.05 -9.27 -12.40
N SER B 747 1.77 -9.73 -13.42
CA SER B 747 2.89 -8.95 -13.94
C SER B 747 2.41 -7.69 -14.64
N ASN B 748 1.24 -7.75 -15.27
CA ASN B 748 0.64 -6.57 -15.87
C ASN B 748 0.28 -5.52 -14.81
N LEU B 749 -0.22 -5.98 -13.66
CA LEU B 749 -0.46 -5.07 -12.55
C LEU B 749 0.84 -4.57 -11.92
N LEU B 750 1.87 -5.41 -11.91
CA LEU B 750 3.16 -5.02 -11.35
C LEU B 750 3.86 -3.99 -12.22
N LEU B 751 3.59 -4.00 -13.52
CA LEU B 751 4.12 -2.99 -14.43
C LEU B 751 3.62 -1.58 -14.13
N GLN B 752 2.45 -1.46 -13.48
CA GLN B 752 1.93 -0.15 -13.13
C GLN B 752 2.69 0.50 -11.99
N TYR B 753 3.44 -0.27 -11.20
CA TYR B 753 4.12 0.30 -10.05
C TYR B 753 5.47 0.90 -10.39
N GLY B 754 5.93 0.77 -11.63
CA GLY B 754 7.14 1.45 -12.05
C GLY B 754 8.42 0.67 -11.91
N SER B 755 9.49 1.38 -11.53
CA SER B 755 10.84 0.81 -11.48
C SER B 755 11.24 0.40 -10.07
N PHE B 756 10.30 -0.13 -9.28
CA PHE B 756 10.66 -0.63 -7.97
C PHE B 756 11.53 -1.87 -8.05
N CYS B 757 11.17 -2.81 -8.94
CA CYS B 757 11.92 -4.05 -9.08
C CYS B 757 13.31 -3.79 -9.64
N THR B 758 13.44 -2.82 -10.55
CA THR B 758 14.74 -2.41 -11.06
C THR B 758 15.61 -1.83 -9.95
N GLN B 759 15.01 -1.04 -9.05
CA GLN B 759 15.74 -0.47 -7.92
C GLN B 759 16.24 -1.55 -6.97
N LEU B 760 15.37 -2.52 -6.65
CA LEU B 760 15.77 -3.60 -5.74
C LEU B 760 16.85 -4.49 -6.37
N LYS B 761 16.71 -4.78 -7.67
CA LYS B 761 17.72 -5.57 -8.37
C LYS B 761 19.06 -4.86 -8.45
N ARG B 762 19.03 -3.54 -8.68
CA ARG B 762 20.25 -2.75 -8.74
C ARG B 762 20.94 -2.68 -7.38
N ALA B 763 20.16 -2.52 -6.30
CA ALA B 763 20.72 -2.50 -4.95
C ALA B 763 21.36 -3.84 -4.60
N LEU B 764 20.69 -4.95 -4.94
CA LEU B 764 21.25 -6.26 -4.63
C LEU B 764 22.47 -6.57 -5.49
N THR B 765 22.50 -6.08 -6.73
CA THR B 765 23.69 -6.23 -7.57
C THR B 765 24.87 -5.44 -6.99
N GLY B 766 24.60 -4.25 -6.46
CA GLY B 766 25.65 -3.48 -5.79
C GLY B 766 26.18 -4.18 -4.55
N ILE B 767 25.29 -4.80 -3.77
CA ILE B 767 25.71 -5.59 -2.61
C ILE B 767 26.55 -6.79 -3.05
N ALA B 768 26.12 -7.47 -4.12
CA ALA B 768 26.81 -8.66 -4.59
C ALA B 768 28.21 -8.35 -5.11
N VAL B 769 28.37 -7.24 -5.83
CA VAL B 769 29.72 -6.89 -6.27
C VAL B 769 30.54 -6.31 -5.12
N GLU B 770 29.89 -5.74 -4.10
CA GLU B 770 30.62 -5.22 -2.96
C GLU B 770 31.23 -6.34 -2.12
N GLN B 771 30.56 -7.50 -2.06
CA GLN B 771 31.12 -8.63 -1.32
C GLN B 771 32.41 -9.14 -1.94
N ASP B 772 32.43 -9.28 -3.28
CA ASP B 772 33.64 -9.68 -3.99
C ASP B 772 34.72 -8.63 -3.86
N LYS B 773 34.34 -7.35 -3.89
CA LYS B 773 35.29 -6.26 -3.71
C LYS B 773 35.94 -6.32 -2.33
N ASN B 774 35.12 -6.56 -1.29
CA ASN B 774 35.61 -6.64 0.09
C ASN B 774 36.59 -7.78 0.26
N THR B 775 36.29 -8.93 -0.35
CA THR B 775 37.24 -10.04 -0.35
C THR B 775 38.53 -9.67 -1.08
N GLN B 776 38.45 -8.84 -2.13
CA GLN B 776 39.65 -8.42 -2.83
C GLN B 776 40.54 -7.49 -1.99
N GLU B 777 39.96 -6.54 -1.23
CA GLU B 777 40.88 -5.77 -0.38
C GLU B 777 41.38 -6.56 0.83
N VAL B 778 40.62 -7.55 1.32
CA VAL B 778 41.13 -8.29 2.48
C VAL B 778 42.27 -9.22 2.04
N PHE B 779 42.07 -10.01 0.99
CA PHE B 779 43.00 -11.09 0.70
C PHE B 779 43.96 -10.79 -0.44
N ALA B 780 43.53 -10.09 -1.49
CA ALA B 780 44.38 -9.86 -2.66
C ALA B 780 45.24 -8.61 -2.44
N GLN B 781 46.16 -8.71 -1.48
CA GLN B 781 47.04 -7.61 -1.14
C GLN B 781 48.43 -7.75 -1.74
N VAL B 782 48.77 -8.89 -2.31
CA VAL B 782 50.04 -9.10 -2.98
C VAL B 782 49.78 -9.60 -4.39
N LYS B 783 50.57 -9.11 -5.34
CA LYS B 783 50.47 -9.54 -6.72
C LYS B 783 51.43 -10.68 -7.06
N GLN B 784 52.18 -11.17 -6.07
CA GLN B 784 53.10 -12.28 -6.25
C GLN B 784 52.70 -13.41 -5.31
N ILE B 785 52.53 -14.60 -5.85
CA ILE B 785 52.14 -15.76 -5.06
C ILE B 785 53.41 -16.41 -4.54
N TYR B 786 53.69 -16.21 -3.25
CA TYR B 786 54.91 -16.70 -2.64
C TYR B 786 54.74 -18.13 -2.16
N LYS B 787 55.84 -18.86 -2.12
CA LYS B 787 55.86 -20.24 -1.67
C LYS B 787 56.96 -20.43 -0.65
N THR B 788 56.69 -21.26 0.35
CA THR B 788 57.71 -21.61 1.32
C THR B 788 58.74 -22.55 0.70
N PRO B 789 59.97 -22.58 1.22
CA PRO B 789 60.96 -23.55 0.73
C PRO B 789 60.55 -24.96 1.08
N PRO B 790 61.04 -25.96 0.33
CA PRO B 790 60.70 -27.36 0.65
C PRO B 790 61.17 -27.83 2.01
N ILE B 791 62.31 -27.34 2.49
CA ILE B 791 62.75 -27.63 3.85
C ILE B 791 62.24 -26.52 4.78
N LYS B 792 61.36 -26.90 5.69
CA LYS B 792 60.67 -25.95 6.56
C LYS B 792 61.32 -25.93 7.95
N TYR B 793 62.56 -25.46 7.99
CA TYR B 793 63.24 -25.18 9.25
C TYR B 793 63.45 -23.68 9.35
N PHE B 794 62.94 -23.08 10.42
CA PHE B 794 62.98 -21.64 10.60
C PHE B 794 63.55 -21.27 11.97
N GLY B 795 64.66 -21.89 12.32
CA GLY B 795 65.29 -21.60 13.61
C GLY B 795 64.56 -22.20 14.79
N GLY B 796 63.84 -23.30 14.59
CA GLY B 796 63.06 -23.90 15.64
C GLY B 796 61.61 -23.46 15.69
N PHE B 797 61.21 -22.51 14.86
CA PHE B 797 59.83 -22.06 14.81
C PHE B 797 59.02 -22.98 13.91
N ASN B 798 57.88 -23.45 14.42
CA ASN B 798 57.05 -24.44 13.74
C ASN B 798 55.82 -23.73 13.22
N PHE B 799 55.62 -23.79 11.90
CA PHE B 799 54.47 -23.17 11.25
C PHE B 799 53.56 -24.19 10.59
N SER B 800 53.61 -25.47 11.01
CA SER B 800 52.89 -26.52 10.30
C SER B 800 51.39 -26.39 10.47
N GLN B 801 50.93 -25.79 11.56
CA GLN B 801 49.51 -25.63 11.79
C GLN B 801 48.91 -24.48 11.00
N ILE B 802 49.75 -23.59 10.46
CA ILE B 802 49.26 -22.49 9.65
C ILE B 802 49.71 -22.59 8.20
N LEU B 803 50.73 -23.36 7.89
CA LEU B 803 51.11 -23.58 6.51
C LEU B 803 50.15 -24.59 5.87
N PRO B 804 49.99 -24.56 4.55
CA PRO B 804 49.07 -25.50 3.90
C PRO B 804 49.52 -26.95 4.00
N ASP B 805 48.54 -27.83 4.08
CA ASP B 805 48.80 -29.26 4.15
C ASP B 805 48.78 -29.83 2.74
N PRO B 806 49.88 -30.37 2.23
CA PRO B 806 49.87 -30.95 0.89
C PRO B 806 49.03 -32.20 0.76
N SER B 807 48.81 -32.94 1.86
CA SER B 807 48.03 -34.17 1.80
C SER B 807 46.56 -33.90 1.56
N LYS B 808 46.03 -32.81 2.12
CA LYS B 808 44.62 -32.49 1.94
C LYS B 808 44.38 -31.94 0.54
N PRO B 809 43.26 -32.33 -0.10
CA PRO B 809 42.98 -31.83 -1.46
C PRO B 809 42.66 -30.35 -1.51
N SER B 810 42.17 -29.77 -0.42
CA SER B 810 41.84 -28.35 -0.39
C SER B 810 43.05 -27.46 -0.25
N LYS B 811 44.22 -28.04 0.05
CA LYS B 811 45.50 -27.32 0.25
C LYS B 811 45.37 -26.26 1.35
N ARG B 812 44.66 -26.62 2.41
CA ARG B 812 44.41 -25.73 3.54
C ARG B 812 45.28 -26.12 4.72
N SER B 813 45.49 -25.16 5.62
CA SER B 813 46.18 -25.42 6.86
C SER B 813 45.28 -26.23 7.79
N PRO B 814 45.86 -26.93 8.78
CA PRO B 814 45.03 -27.59 9.80
C PRO B 814 44.11 -26.64 10.55
N ILE B 815 44.61 -25.43 10.85
CA ILE B 815 43.78 -24.43 11.50
C ILE B 815 42.68 -23.95 10.55
N GLU B 816 43.02 -23.74 9.27
CA GLU B 816 42.01 -23.33 8.29
C GLU B 816 40.99 -24.42 8.04
N ASP B 817 41.42 -25.69 8.06
CA ASP B 817 40.49 -26.80 7.91
C ASP B 817 39.54 -26.88 9.10
N LEU B 818 40.07 -26.63 10.31
CA LEU B 818 39.23 -26.58 11.51
C LEU B 818 38.23 -25.43 11.45
N LEU B 819 38.68 -24.26 10.95
CA LEU B 819 37.78 -23.11 10.80
C LEU B 819 36.68 -23.39 9.78
N PHE B 820 37.02 -24.07 8.68
CA PHE B 820 36.02 -24.38 7.68
C PHE B 820 35.06 -25.45 8.16
N ASN B 821 35.52 -26.39 8.99
CA ASN B 821 34.62 -27.40 9.51
C ASN B 821 33.71 -26.85 10.60
N LYS B 822 34.17 -25.87 11.36
CA LYS B 822 33.38 -25.35 12.47
C LYS B 822 32.36 -24.29 12.06
N VAL B 823 32.36 -23.85 10.81
CA VAL B 823 31.38 -22.89 10.31
C VAL B 823 30.50 -23.62 9.28
N THR B 824 29.20 -23.68 9.55
CA THR B 824 28.27 -24.38 8.67
C THR B 824 27.24 -23.41 8.11
N ASP B 845 16.84 -28.20 2.74
CA ASP B 845 15.72 -28.05 1.83
C ASP B 845 15.22 -26.61 1.93
N LEU B 846 15.84 -25.85 2.83
CA LEU B 846 15.57 -24.42 2.94
C LEU B 846 16.02 -23.67 1.69
N ILE B 847 17.20 -24.02 1.18
CA ILE B 847 17.75 -23.35 0.01
C ILE B 847 16.92 -23.64 -1.24
N CYS B 848 16.31 -24.82 -1.35
CA CYS B 848 15.47 -25.13 -2.50
C CYS B 848 14.19 -24.30 -2.47
N ALA B 849 13.53 -24.25 -1.31
CA ALA B 849 12.29 -23.49 -1.18
C ALA B 849 12.53 -21.99 -1.34
N GLN B 850 13.73 -21.53 -0.96
CA GLN B 850 14.12 -20.17 -1.33
C GLN B 850 14.29 -20.02 -2.84
N LYS B 851 14.93 -21.00 -3.49
CA LYS B 851 15.23 -20.87 -4.93
C LYS B 851 13.95 -20.82 -5.77
N PHE B 852 12.99 -21.71 -5.51
CA PHE B 852 11.88 -21.86 -6.46
C PHE B 852 10.89 -20.71 -6.41
N ASN B 853 11.02 -19.78 -5.47
CA ASN B 853 10.27 -18.54 -5.49
C ASN B 853 11.09 -17.36 -5.99
N GLY B 854 12.17 -17.63 -6.73
CA GLY B 854 12.92 -16.58 -7.39
C GLY B 854 14.06 -15.97 -6.60
N LEU B 855 14.53 -16.61 -5.53
CA LEU B 855 15.59 -16.07 -4.70
C LEU B 855 16.82 -16.93 -4.90
N THR B 856 17.82 -16.40 -5.60
CA THR B 856 19.00 -17.18 -5.96
C THR B 856 20.22 -16.70 -5.19
N VAL B 857 21.16 -17.62 -4.96
CA VAL B 857 22.43 -17.31 -4.32
C VAL B 857 23.53 -17.38 -5.37
N LEU B 858 24.19 -16.27 -5.59
CA LEU B 858 25.34 -16.18 -6.48
C LEU B 858 26.59 -16.69 -5.78
N PRO B 859 27.45 -17.43 -6.48
CA PRO B 859 28.69 -17.89 -5.86
C PRO B 859 29.67 -16.74 -5.72
N PRO B 860 30.59 -16.81 -4.77
CA PRO B 860 31.65 -15.80 -4.69
C PRO B 860 32.60 -15.91 -5.88
N LEU B 861 33.18 -14.76 -6.25
CA LEU B 861 34.14 -14.74 -7.34
C LEU B 861 35.42 -15.48 -6.98
N LEU B 862 35.92 -15.29 -5.76
CA LEU B 862 37.08 -16.02 -5.29
C LEU B 862 36.61 -17.28 -4.59
N THR B 863 37.09 -18.44 -5.06
CA THR B 863 36.79 -19.69 -4.40
C THR B 863 37.57 -19.79 -3.09
N ASP B 864 37.20 -20.79 -2.28
CA ASP B 864 37.90 -21.02 -1.02
C ASP B 864 39.34 -21.48 -1.27
N GLU B 865 39.58 -22.17 -2.38
CA GLU B 865 40.94 -22.59 -2.73
C GLU B 865 41.81 -21.39 -3.07
N MET B 866 41.28 -20.41 -3.79
CA MET B 866 42.09 -19.25 -4.15
C MET B 866 42.27 -18.28 -2.99
N ILE B 867 41.29 -18.19 -2.08
CA ILE B 867 41.49 -17.41 -0.86
C ILE B 867 42.53 -18.10 0.02
N ALA B 868 42.52 -19.43 0.07
CA ALA B 868 43.56 -20.17 0.78
C ALA B 868 44.93 -19.98 0.13
N GLN B 869 44.98 -19.85 -1.19
CA GLN B 869 46.24 -19.60 -1.88
C GLN B 869 46.74 -18.19 -1.61
N TYR B 870 45.83 -17.21 -1.51
CA TYR B 870 46.19 -15.88 -1.04
C TYR B 870 46.77 -15.89 0.37
N THR B 871 46.14 -16.62 1.29
CA THR B 871 46.66 -16.68 2.66
C THR B 871 48.00 -17.42 2.70
N SER B 872 48.18 -18.43 1.86
CA SER B 872 49.46 -19.13 1.79
C SER B 872 50.56 -18.22 1.24
N ALA B 873 50.23 -17.41 0.24
CA ALA B 873 51.21 -16.45 -0.29
C ALA B 873 51.58 -15.40 0.74
N LEU B 874 50.59 -14.91 1.50
CA LEU B 874 50.87 -13.94 2.55
C LEU B 874 51.72 -14.56 3.67
N LEU B 875 51.43 -15.82 4.04
CA LEU B 875 52.20 -16.51 5.05
C LEU B 875 53.63 -16.76 4.60
N ALA B 876 53.82 -17.18 3.35
CA ALA B 876 55.16 -17.42 2.83
C ALA B 876 55.96 -16.13 2.71
N GLY B 877 55.29 -15.04 2.33
CA GLY B 877 55.96 -13.75 2.31
C GLY B 877 56.36 -13.25 3.68
N THR B 878 55.48 -13.39 4.67
CA THR B 878 55.80 -12.90 6.00
C THR B 878 56.73 -13.85 6.77
N ILE B 879 56.88 -15.09 6.32
CA ILE B 879 57.80 -16.01 6.97
C ILE B 879 59.18 -15.93 6.35
N THR B 880 59.26 -15.92 5.02
CA THR B 880 60.56 -15.93 4.35
C THR B 880 61.15 -14.54 4.18
N SER B 881 60.33 -13.49 4.22
CA SER B 881 60.82 -12.15 3.90
C SER B 881 60.49 -11.08 4.92
N GLY B 882 59.70 -11.38 5.95
CA GLY B 882 59.39 -10.36 6.95
C GLY B 882 58.37 -9.38 6.46
N TRP B 883 58.62 -8.09 6.70
CA TRP B 883 57.73 -7.04 6.24
C TRP B 883 58.17 -6.41 4.92
N THR B 884 59.25 -6.93 4.32
CA THR B 884 59.81 -6.28 3.14
C THR B 884 58.97 -6.52 1.90
N PHE B 885 58.26 -7.63 1.84
CA PHE B 885 57.43 -7.93 0.67
C PHE B 885 56.20 -7.05 0.60
N GLY B 886 55.77 -6.50 1.73
CA GLY B 886 54.64 -5.59 1.74
C GLY B 886 54.96 -4.18 1.29
N ALA B 887 56.25 -3.84 1.21
CA ALA B 887 56.68 -2.50 0.84
C ALA B 887 57.53 -2.51 -0.43
N GLY B 888 57.51 -3.59 -1.19
CA GLY B 888 58.34 -3.71 -2.36
C GLY B 888 58.66 -5.16 -2.70
N PRO B 889 59.86 -5.39 -3.22
CA PRO B 889 60.29 -6.77 -3.47
C PRO B 889 60.52 -7.54 -2.19
N ALA B 890 60.31 -8.85 -2.26
CA ALA B 890 60.47 -9.71 -1.11
C ALA B 890 61.96 -9.93 -0.85
N LEU B 891 62.42 -9.49 0.32
CA LEU B 891 63.83 -9.54 0.69
C LEU B 891 63.99 -10.66 1.71
N GLN B 892 64.71 -11.72 1.34
CA GLN B 892 64.82 -12.85 2.24
C GLN B 892 65.69 -12.50 3.45
N ILE B 893 65.35 -13.11 4.58
CA ILE B 893 66.02 -12.88 5.85
C ILE B 893 65.79 -14.15 6.66
N PRO B 894 66.77 -14.61 7.46
CA PRO B 894 66.49 -15.70 8.39
C PRO B 894 65.43 -15.30 9.41
N PHE B 895 64.56 -16.26 9.73
CA PHE B 895 63.47 -15.98 10.67
C PHE B 895 63.92 -15.61 12.09
N PRO B 896 64.98 -16.19 12.69
CA PRO B 896 65.46 -15.61 13.95
C PRO B 896 65.90 -14.16 13.83
N MET B 897 66.50 -13.77 12.70
CA MET B 897 66.91 -12.38 12.56
C MET B 897 65.73 -11.46 12.30
N GLN B 898 64.71 -11.94 11.58
CA GLN B 898 63.47 -11.21 11.43
C GLN B 898 62.78 -11.01 12.78
N MET B 899 62.76 -12.05 13.60
CA MET B 899 62.13 -11.95 14.91
C MET B 899 62.95 -11.06 15.84
N ALA B 900 64.27 -11.00 15.64
CA ALA B 900 65.11 -10.07 16.38
C ALA B 900 64.84 -8.63 15.96
N TYR B 901 64.59 -8.40 14.66
CA TYR B 901 64.13 -7.09 14.18
C TYR B 901 62.82 -6.71 14.83
N ARG B 902 61.92 -7.68 14.97
CA ARG B 902 60.62 -7.41 15.58
C ARG B 902 60.74 -7.17 17.08
N PHE B 903 61.76 -7.77 17.72
CA PHE B 903 62.04 -7.42 19.11
C PHE B 903 62.59 -6.00 19.21
N ASN B 904 63.41 -5.58 18.24
CA ASN B 904 63.86 -4.20 18.21
C ASN B 904 62.72 -3.23 17.95
N GLY B 905 61.66 -3.70 17.28
CA GLY B 905 60.51 -2.86 17.02
C GLY B 905 59.70 -2.54 18.25
N ILE B 906 59.77 -3.38 19.29
CA ILE B 906 59.01 -3.17 20.51
C ILE B 906 59.93 -2.73 21.66
N GLY B 907 61.14 -2.28 21.34
CA GLY B 907 62.02 -1.73 22.35
C GLY B 907 62.80 -2.72 23.16
N VAL B 908 62.98 -3.94 22.68
CA VAL B 908 63.80 -4.96 23.32
C VAL B 908 65.03 -5.18 22.46
N THR B 909 66.20 -5.22 23.08
CA THR B 909 67.42 -5.48 22.33
C THR B 909 67.42 -6.90 21.79
N GLN B 910 68.06 -7.10 20.65
CA GLN B 910 67.94 -8.34 19.90
C GLN B 910 68.77 -9.47 20.50
N ASN B 911 69.72 -9.16 21.39
CA ASN B 911 70.45 -10.20 22.10
C ASN B 911 69.55 -10.96 23.07
N VAL B 912 68.45 -10.35 23.51
CA VAL B 912 67.46 -11.04 24.32
C VAL B 912 66.84 -12.19 23.53
N LEU B 913 66.61 -11.96 22.23
CA LEU B 913 66.09 -13.04 21.40
C LEU B 913 67.18 -14.04 21.06
N TYR B 914 68.40 -13.57 20.75
CA TYR B 914 69.43 -14.50 20.33
C TYR B 914 69.90 -15.40 21.46
N GLU B 915 69.82 -14.91 22.70
CA GLU B 915 70.18 -15.72 23.85
C GLU B 915 69.04 -16.65 24.28
N ASN B 916 67.81 -16.35 23.89
CA ASN B 916 66.64 -17.13 24.29
C ASN B 916 65.87 -17.63 23.07
N GLN B 917 66.57 -18.02 22.01
CA GLN B 917 65.93 -18.38 20.75
C GLN B 917 65.12 -19.67 20.87
N LYS B 918 65.67 -20.67 21.55
CA LYS B 918 64.97 -21.94 21.73
C LYS B 918 63.74 -21.77 22.62
N LEU B 919 63.86 -20.95 23.67
CA LEU B 919 62.72 -20.69 24.56
C LEU B 919 61.61 -19.94 23.84
N ILE B 920 61.97 -18.94 23.02
CA ILE B 920 60.97 -18.20 22.25
C ILE B 920 60.30 -19.10 21.23
N ALA B 921 61.07 -19.96 20.56
CA ALA B 921 60.51 -20.90 19.59
C ALA B 921 59.57 -21.90 20.25
N ASN B 922 59.94 -22.42 21.43
CA ASN B 922 59.09 -23.36 22.14
C ASN B 922 57.80 -22.70 22.64
N GLN B 923 57.90 -21.45 23.13
CA GLN B 923 56.72 -20.73 23.57
C GLN B 923 55.78 -20.44 22.41
N PHE B 924 56.34 -20.09 21.24
CA PHE B 924 55.52 -19.85 20.05
C PHE B 924 54.82 -21.13 19.58
N ASN B 925 55.53 -22.26 19.58
CA ASN B 925 54.94 -23.52 19.16
C ASN B 925 53.84 -23.97 20.12
N SER B 926 54.07 -23.82 21.42
CA SER B 926 53.07 -24.15 22.42
C SER B 926 51.84 -23.25 22.29
N ALA B 927 52.06 -21.97 21.98
CA ALA B 927 50.93 -21.04 21.81
C ALA B 927 50.13 -21.38 20.56
N ILE B 928 50.79 -21.79 19.47
CA ILE B 928 50.09 -22.17 18.25
C ILE B 928 49.25 -23.44 18.48
N GLY B 929 49.82 -24.42 19.20
CA GLY B 929 49.06 -25.61 19.57
C GLY B 929 47.89 -25.28 20.47
N LYS B 930 48.05 -24.31 21.37
CA LYS B 930 46.95 -23.88 22.21
C LYS B 930 45.85 -23.17 21.42
N ILE B 931 46.22 -22.43 20.36
CA ILE B 931 45.22 -21.87 19.44
C ILE B 931 44.42 -22.96 18.76
N GLN B 932 45.10 -24.01 18.28
CA GLN B 932 44.37 -25.10 17.62
C GLN B 932 43.44 -25.82 18.58
N ASP B 933 43.91 -26.08 19.81
CA ASP B 933 43.05 -26.72 20.82
C ASP B 933 41.89 -25.81 21.24
N SER B 934 42.15 -24.51 21.37
CA SER B 934 41.11 -23.57 21.80
C SER B 934 40.06 -23.37 20.72
N LEU B 935 40.47 -23.39 19.45
CA LEU B 935 39.49 -23.32 18.38
C LEU B 935 38.68 -24.61 18.29
N SER B 936 39.33 -25.77 18.50
CA SER B 936 38.60 -27.02 18.41
C SER B 936 37.68 -27.27 19.60
N SER B 937 37.95 -26.66 20.75
CA SER B 937 37.20 -26.98 21.97
C SER B 937 36.19 -25.92 22.37
N THR B 938 36.18 -24.74 21.74
CA THR B 938 35.26 -23.68 22.11
C THR B 938 34.23 -23.47 21.01
N PRO B 939 32.92 -23.62 21.31
CA PRO B 939 31.90 -23.47 20.26
C PRO B 939 31.63 -22.01 19.90
N SER B 940 31.79 -21.10 20.86
CA SER B 940 31.43 -19.70 20.66
C SER B 940 32.60 -18.86 20.14
N ALA B 941 33.73 -19.48 19.83
CA ALA B 941 34.88 -18.73 19.31
C ALA B 941 34.62 -18.22 17.91
N LEU B 942 33.94 -19.02 17.08
CA LEU B 942 33.62 -18.70 15.70
C LEU B 942 32.19 -18.22 15.54
N GLY B 943 31.68 -17.49 16.53
CA GLY B 943 30.29 -17.06 16.50
C GLY B 943 29.99 -16.04 15.42
N LYS B 944 30.92 -15.09 15.18
CA LYS B 944 30.64 -13.93 14.33
C LYS B 944 30.29 -14.32 12.89
N LEU B 945 31.16 -15.12 12.25
CA LEU B 945 30.88 -15.66 10.92
C LEU B 945 29.59 -16.46 10.88
N GLN B 946 29.38 -17.31 11.89
CA GLN B 946 28.15 -18.11 11.95
C GLN B 946 26.93 -17.20 12.06
N ASP B 947 27.04 -16.11 12.82
CA ASP B 947 25.97 -15.13 12.94
C ASP B 947 25.65 -14.50 11.60
N VAL B 948 26.68 -14.18 10.82
CA VAL B 948 26.49 -13.62 9.48
C VAL B 948 25.71 -14.60 8.61
N VAL B 949 26.13 -15.87 8.62
CA VAL B 949 25.46 -16.91 7.84
C VAL B 949 24.02 -17.08 8.31
N ASN B 950 23.81 -17.11 9.62
CA ASN B 950 22.48 -17.27 10.20
C ASN B 950 21.58 -16.12 9.81
N HIS B 951 22.10 -14.88 9.86
CA HIS B 951 21.29 -13.71 9.53
C HIS B 951 20.84 -13.78 8.07
N ASN B 952 21.75 -14.18 7.17
CA ASN B 952 21.39 -14.26 5.76
C ASN B 952 20.33 -15.32 5.52
N ALA B 953 20.52 -16.50 6.13
CA ALA B 953 19.56 -17.60 5.98
C ALA B 953 18.21 -17.22 6.57
N GLN B 954 18.23 -16.57 7.74
CA GLN B 954 17.01 -16.18 8.43
C GLN B 954 16.24 -15.15 7.61
N ALA B 955 16.95 -14.18 7.01
CA ALA B 955 16.30 -13.16 6.19
C ALA B 955 15.65 -13.79 4.98
N LEU B 956 16.36 -14.73 4.32
CA LEU B 956 15.79 -15.38 3.14
C LEU B 956 14.58 -16.23 3.52
N ASN B 957 14.65 -16.92 4.66
CA ASN B 957 13.54 -17.74 5.11
C ASN B 957 12.33 -16.88 5.44
N THR B 958 12.57 -15.71 6.06
CA THR B 958 11.50 -14.79 6.40
C THR B 958 10.83 -14.27 5.14
N LEU B 959 11.64 -14.03 4.10
CA LEU B 959 11.10 -13.52 2.84
C LEU B 959 10.23 -14.58 2.18
N VAL B 960 10.63 -15.85 2.25
CA VAL B 960 9.78 -16.91 1.69
C VAL B 960 8.52 -17.08 2.54
N LYS B 961 8.62 -16.88 3.85
CA LYS B 961 7.45 -16.94 4.73
C LYS B 961 6.46 -15.82 4.45
N GLN B 962 6.94 -14.69 3.92
CA GLN B 962 6.06 -13.59 3.58
C GLN B 962 5.20 -13.85 2.35
N LEU B 963 5.45 -14.94 1.62
CA LEU B 963 4.56 -15.33 0.54
C LEU B 963 3.32 -16.08 1.03
N SER B 964 3.25 -16.42 2.32
CA SER B 964 2.11 -17.10 2.90
C SER B 964 1.19 -16.13 3.62
N SER B 965 1.41 -14.83 3.49
CA SER B 965 0.64 -13.84 4.21
C SER B 965 -0.46 -13.31 3.31
N LYS B 966 -1.67 -13.24 3.85
CA LYS B 966 -2.80 -12.77 3.07
C LYS B 966 -2.76 -11.27 2.86
N PHE B 967 -2.13 -10.53 3.79
CA PHE B 967 -2.03 -9.07 3.79
C PHE B 967 -3.40 -8.41 3.74
N GLY B 968 -4.36 -9.01 4.42
CA GLY B 968 -5.72 -8.52 4.43
C GLY B 968 -6.54 -8.88 3.21
N ALA B 969 -6.05 -9.77 2.36
CA ALA B 969 -6.81 -10.27 1.23
C ALA B 969 -7.43 -11.61 1.58
N ILE B 970 -8.22 -12.16 0.65
CA ILE B 970 -8.95 -13.38 0.92
C ILE B 970 -8.07 -14.62 0.91
N SER B 971 -6.94 -14.59 0.22
CA SER B 971 -6.05 -15.73 0.15
C SER B 971 -4.64 -15.25 -0.16
N SER B 972 -3.66 -16.08 0.17
CA SER B 972 -2.27 -15.82 -0.16
C SER B 972 -1.86 -16.46 -1.48
N VAL B 973 -2.78 -17.14 -2.17
CA VAL B 973 -2.52 -17.80 -3.43
C VAL B 973 -3.22 -16.99 -4.51
N LEU B 974 -2.47 -16.61 -5.56
CA LEU B 974 -3.05 -15.84 -6.65
C LEU B 974 -4.03 -16.67 -7.45
N ASN B 975 -3.72 -17.95 -7.66
CA ASN B 975 -4.57 -18.82 -8.48
C ASN B 975 -5.90 -19.11 -7.80
N ASP B 976 -5.91 -19.17 -6.46
CA ASP B 976 -7.16 -19.32 -5.72
C ASP B 976 -8.05 -18.09 -5.91
N ILE B 977 -7.47 -16.89 -5.83
CA ILE B 977 -8.21 -15.65 -6.01
C ILE B 977 -8.74 -15.56 -7.45
N LEU B 978 -7.99 -16.07 -8.42
CA LEU B 978 -8.49 -16.20 -9.77
C LEU B 978 -9.67 -17.16 -9.85
N SER B 979 -9.57 -18.30 -9.17
CA SER B 979 -10.57 -19.36 -9.33
C SER B 979 -11.89 -19.03 -8.63
N ARG B 980 -11.85 -18.32 -7.51
CA ARG B 980 -13.09 -18.09 -6.74
C ARG B 980 -13.69 -16.71 -6.98
N LEU B 981 -13.04 -15.85 -7.76
CA LEU B 981 -13.50 -14.48 -7.93
C LEU B 981 -13.49 -14.09 -9.40
N ASP B 982 -14.48 -13.28 -9.78
CA ASP B 982 -14.50 -12.58 -11.04
C ASP B 982 -13.43 -11.48 -11.04
N PRO B 983 -13.01 -10.98 -12.21
CA PRO B 983 -11.86 -10.02 -12.28
C PRO B 983 -11.96 -8.71 -11.50
N PRO B 984 -13.10 -7.96 -11.46
CA PRO B 984 -12.97 -6.55 -11.05
C PRO B 984 -12.64 -6.29 -9.58
N GLU B 985 -12.91 -7.20 -8.64
CA GLU B 985 -12.33 -7.05 -7.31
C GLU B 985 -11.16 -8.01 -7.08
N ALA B 986 -10.98 -9.01 -7.96
CA ALA B 986 -9.75 -9.78 -7.94
C ALA B 986 -8.54 -8.91 -8.28
N GLU B 987 -8.77 -7.84 -9.06
CA GLU B 987 -7.74 -6.83 -9.28
C GLU B 987 -7.30 -6.20 -7.97
N VAL B 988 -8.27 -5.89 -7.10
CA VAL B 988 -7.98 -5.30 -5.79
C VAL B 988 -7.25 -6.30 -4.90
N GLN B 989 -7.69 -7.56 -4.90
CA GLN B 989 -7.06 -8.58 -4.06
C GLN B 989 -5.61 -8.85 -4.49
N ILE B 990 -5.38 -9.00 -5.80
CA ILE B 990 -4.02 -9.18 -6.31
C ILE B 990 -3.18 -7.93 -6.07
N ASP B 991 -3.78 -6.73 -6.14
CA ASP B 991 -3.05 -5.50 -5.84
C ASP B 991 -2.61 -5.46 -4.39
N ARG B 992 -3.46 -5.95 -3.48
CA ARG B 992 -3.10 -6.04 -2.07
C ARG B 992 -1.95 -7.01 -1.85
N LEU B 993 -1.99 -8.15 -2.54
CA LEU B 993 -0.90 -9.10 -2.44
C LEU B 993 0.40 -8.54 -3.01
N ILE B 994 0.30 -7.78 -4.12
CA ILE B 994 1.48 -7.17 -4.74
C ILE B 994 2.10 -6.12 -3.83
N THR B 995 1.27 -5.27 -3.19
CA THR B 995 1.85 -4.25 -2.33
C THR B 995 2.41 -4.85 -1.04
N GLY B 996 1.84 -5.97 -0.56
CA GLY B 996 2.44 -6.68 0.56
C GLY B 996 3.77 -7.30 0.21
N ARG B 997 3.88 -7.90 -0.98
CA ARG B 997 5.12 -8.54 -1.37
C ARG B 997 6.20 -7.52 -1.73
N LEU B 998 5.81 -6.36 -2.29
CA LEU B 998 6.76 -5.26 -2.44
C LEU B 998 7.25 -4.75 -1.10
N GLN B 999 6.36 -4.65 -0.10
CA GLN B 999 6.78 -4.21 1.23
C GLN B 999 7.78 -5.19 1.83
N SER B 1000 7.52 -6.49 1.67
CA SER B 1000 8.44 -7.52 2.17
C SER B 1000 9.78 -7.46 1.44
N LEU B 1001 9.76 -7.27 0.12
CA LEU B 1001 10.99 -7.27 -0.66
C LEU B 1001 11.83 -6.02 -0.38
N GLN B 1002 11.18 -4.87 -0.25
CA GLN B 1002 11.92 -3.65 0.09
C GLN B 1002 12.46 -3.70 1.51
N THR B 1003 11.74 -4.32 2.45
CA THR B 1003 12.25 -4.52 3.79
C THR B 1003 13.50 -5.41 3.77
N TYR B 1004 13.45 -6.49 2.98
CA TYR B 1004 14.60 -7.39 2.85
C TYR B 1004 15.79 -6.67 2.23
N VAL B 1005 15.56 -5.86 1.19
CA VAL B 1005 16.65 -5.18 0.51
C VAL B 1005 17.26 -4.10 1.40
N THR B 1006 16.44 -3.37 2.16
CA THR B 1006 16.95 -2.38 3.10
C THR B 1006 17.77 -3.01 4.22
N GLN B 1007 17.29 -4.13 4.78
CA GLN B 1007 18.06 -4.85 5.80
C GLN B 1007 19.37 -5.39 5.24
N GLN B 1008 19.34 -5.87 3.98
CA GLN B 1008 20.55 -6.34 3.32
C GLN B 1008 21.53 -5.20 3.08
N LEU B 1009 21.04 -4.00 2.76
CA LEU B 1009 21.91 -2.84 2.56
C LEU B 1009 22.58 -2.41 3.86
N ILE B 1010 21.83 -2.41 4.97
CA ILE B 1010 22.40 -2.04 6.26
C ILE B 1010 23.43 -3.08 6.71
N ARG B 1011 23.12 -4.37 6.52
CA ARG B 1011 24.08 -5.42 6.84
C ARG B 1011 25.29 -5.38 5.93
N ALA B 1012 25.12 -4.97 4.68
CA ALA B 1012 26.24 -4.83 3.76
C ALA B 1012 27.15 -3.68 4.16
N ALA B 1013 26.57 -2.58 4.68
CA ALA B 1013 27.38 -1.50 5.21
C ALA B 1013 28.18 -1.94 6.43
N GLU B 1014 27.55 -2.72 7.31
CA GLU B 1014 28.27 -3.24 8.48
C GLU B 1014 29.39 -4.19 8.08
N ILE B 1015 29.11 -5.10 7.14
CA ILE B 1015 30.12 -6.06 6.68
C ILE B 1015 31.23 -5.35 5.90
N ARG B 1016 30.90 -4.28 5.17
CA ARG B 1016 31.93 -3.50 4.48
C ARG B 1016 32.84 -2.78 5.48
N ALA B 1017 32.27 -2.27 6.58
CA ALA B 1017 33.10 -1.69 7.63
C ALA B 1017 34.01 -2.73 8.27
N SER B 1018 33.48 -3.93 8.52
CA SER B 1018 34.28 -5.01 9.09
C SER B 1018 35.38 -5.46 8.13
N ALA B 1019 35.09 -5.47 6.83
CA ALA B 1019 36.07 -5.88 5.84
C ALA B 1019 37.12 -4.82 5.60
N ASN B 1020 36.76 -3.54 5.69
CA ASN B 1020 37.75 -2.47 5.64
C ASN B 1020 38.68 -2.56 6.84
N LEU B 1021 38.12 -2.88 8.02
CA LEU B 1021 38.94 -3.13 9.20
C LEU B 1021 39.85 -4.34 8.99
N ALA B 1022 39.34 -5.40 8.37
CA ALA B 1022 40.14 -6.60 8.13
C ALA B 1022 41.26 -6.33 7.13
N ALA B 1023 41.00 -5.51 6.11
CA ALA B 1023 42.05 -5.13 5.17
C ALA B 1023 43.11 -4.26 5.84
N THR B 1024 42.68 -3.38 6.75
CA THR B 1024 43.65 -2.59 7.52
C THR B 1024 44.50 -3.46 8.43
N LYS B 1025 43.90 -4.49 9.05
CA LYS B 1025 44.68 -5.40 9.87
C LYS B 1025 45.61 -6.27 9.04
N MET B 1026 45.19 -6.63 7.81
CA MET B 1026 46.06 -7.38 6.93
C MET B 1026 47.26 -6.55 6.48
N SER B 1027 47.03 -5.26 6.22
CA SER B 1027 48.13 -4.39 5.84
C SER B 1027 49.06 -4.10 7.02
N GLU B 1028 48.49 -3.90 8.21
CA GLU B 1028 49.29 -3.35 9.31
C GLU B 1028 49.77 -4.39 10.30
N CYS B 1029 49.07 -5.52 10.46
CA CYS B 1029 49.55 -6.55 11.36
C CYS B 1029 50.27 -7.69 10.66
N VAL B 1030 49.86 -8.04 9.45
CA VAL B 1030 50.48 -9.14 8.72
C VAL B 1030 51.65 -8.64 7.87
N LEU B 1031 51.44 -7.57 7.11
CA LEU B 1031 52.47 -7.05 6.22
C LEU B 1031 53.45 -6.13 6.93
N GLY B 1032 53.29 -5.91 8.22
CA GLY B 1032 54.22 -5.09 8.98
C GLY B 1032 54.00 -5.30 10.46
N GLN B 1033 54.85 -4.63 11.25
CA GLN B 1033 54.74 -4.66 12.69
C GLN B 1033 54.16 -3.33 13.17
N SER B 1034 53.10 -3.39 13.96
CA SER B 1034 52.32 -2.21 14.33
C SER B 1034 52.69 -1.75 15.73
N LYS B 1035 52.81 -0.43 15.89
CA LYS B 1035 52.95 0.20 17.20
C LYS B 1035 51.61 0.62 17.79
N ARG B 1036 50.51 0.39 17.07
CA ARG B 1036 49.21 0.76 17.59
C ARG B 1036 48.78 -0.22 18.67
N VAL B 1037 48.42 0.31 19.84
CA VAL B 1037 48.13 -0.51 21.00
C VAL B 1037 46.78 -1.19 20.81
N ASP B 1038 46.75 -2.51 21.01
CA ASP B 1038 45.60 -3.41 20.91
C ASP B 1038 45.01 -3.49 19.51
N PHE B 1039 45.69 -2.96 18.49
CA PHE B 1039 45.21 -3.15 17.12
C PHE B 1039 45.50 -4.54 16.61
N CYS B 1040 46.61 -5.13 17.04
CA CYS B 1040 47.04 -6.46 16.59
C CYS B 1040 47.27 -7.36 17.77
N GLY B 1041 46.31 -7.42 18.69
CA GLY B 1041 46.37 -8.32 19.82
C GLY B 1041 46.72 -7.59 21.11
N LYS B 1042 46.59 -8.32 22.21
CA LYS B 1042 46.90 -7.80 23.53
C LYS B 1042 48.39 -8.04 23.82
N GLY B 1043 49.10 -6.97 24.14
CA GLY B 1043 50.53 -7.01 24.34
C GLY B 1043 51.25 -6.22 23.25
N TYR B 1044 52.58 -6.23 23.36
CA TYR B 1044 53.41 -5.58 22.35
C TYR B 1044 53.46 -6.47 21.11
N HIS B 1045 52.94 -5.95 20.00
CA HIS B 1045 52.75 -6.77 18.80
C HIS B 1045 54.07 -7.12 18.16
N LEU B 1046 54.25 -8.41 17.86
CA LEU B 1046 55.43 -8.86 17.12
C LEU B 1046 55.11 -9.11 15.65
N MET B 1047 54.17 -10.00 15.36
CA MET B 1047 53.82 -10.30 13.98
C MET B 1047 52.45 -10.98 13.96
N SER B 1048 51.93 -11.24 12.77
CA SER B 1048 50.58 -11.79 12.66
C SER B 1048 50.50 -12.73 11.46
N PHE B 1049 49.53 -13.64 11.53
CA PHE B 1049 49.33 -14.66 10.52
C PHE B 1049 47.87 -14.66 10.07
N PRO B 1050 47.60 -14.57 8.78
CA PRO B 1050 46.22 -14.70 8.30
C PRO B 1050 45.82 -16.15 8.06
N GLN B 1051 44.55 -16.44 8.34
CA GLN B 1051 43.94 -17.70 8.01
C GLN B 1051 42.59 -17.44 7.39
N SER B 1052 42.30 -18.11 6.28
CA SER B 1052 41.00 -17.94 5.65
C SER B 1052 39.92 -18.65 6.45
N ALA B 1053 38.71 -18.11 6.41
CA ALA B 1053 37.56 -18.67 7.09
C ALA B 1053 36.35 -18.44 6.21
N PRO B 1054 35.30 -19.25 6.36
CA PRO B 1054 34.07 -19.03 5.58
C PRO B 1054 33.46 -17.66 5.85
N HIS B 1055 33.45 -16.83 4.79
CA HIS B 1055 33.05 -15.42 4.84
C HIS B 1055 33.87 -14.60 5.83
N GLY B 1056 35.16 -14.90 5.96
CA GLY B 1056 35.93 -14.09 6.90
C GLY B 1056 37.39 -14.45 6.96
N VAL B 1057 38.08 -13.76 7.87
CA VAL B 1057 39.50 -13.94 8.09
C VAL B 1057 39.73 -14.10 9.59
N VAL B 1058 40.71 -14.92 9.95
CA VAL B 1058 41.13 -15.11 11.34
C VAL B 1058 42.60 -14.73 11.43
N PHE B 1059 42.90 -13.75 12.26
CA PHE B 1059 44.26 -13.30 12.48
C PHE B 1059 44.81 -13.95 13.73
N LEU B 1060 45.95 -14.62 13.59
CA LEU B 1060 46.72 -15.11 14.73
C LEU B 1060 47.75 -14.04 15.05
N HIS B 1061 47.53 -13.31 16.12
CA HIS B 1061 48.40 -12.23 16.55
C HIS B 1061 49.44 -12.80 17.51
N VAL B 1062 50.70 -12.77 17.10
CA VAL B 1062 51.83 -13.13 17.95
C VAL B 1062 52.33 -11.85 18.58
N THR B 1063 52.23 -11.76 19.91
CA THR B 1063 52.59 -10.60 20.69
C THR B 1063 53.55 -10.99 21.80
N TYR B 1064 54.24 -9.99 22.31
CA TYR B 1064 55.19 -10.12 23.42
C TYR B 1064 54.50 -9.60 24.67
N VAL B 1065 54.43 -10.43 25.70
CA VAL B 1065 53.82 -10.05 26.96
C VAL B 1065 54.91 -10.06 28.03
N PRO B 1066 55.15 -8.96 28.73
CA PRO B 1066 56.10 -8.99 29.85
C PRO B 1066 55.62 -9.88 30.98
N ALA B 1067 56.57 -10.49 31.69
CA ALA B 1067 56.23 -11.41 32.75
C ALA B 1067 57.35 -11.46 33.78
N GLN B 1068 56.99 -11.90 34.99
CA GLN B 1068 57.90 -12.08 36.13
C GLN B 1068 58.62 -10.78 36.48
N GLU B 1069 57.83 -9.74 36.72
CA GLU B 1069 58.40 -8.43 37.03
C GLU B 1069 58.99 -8.40 38.43
N LYS B 1070 59.92 -7.48 38.63
CA LYS B 1070 60.65 -7.37 39.88
C LYS B 1070 60.76 -5.90 40.25
N ASN B 1071 60.59 -5.61 41.55
CA ASN B 1071 60.76 -4.28 42.08
C ASN B 1071 62.23 -3.85 42.04
N PHE B 1072 62.45 -2.58 41.72
CA PHE B 1072 63.78 -1.98 41.80
C PHE B 1072 63.62 -0.54 42.25
N THR B 1073 64.67 0.00 42.85
CA THR B 1073 64.70 1.42 43.21
C THR B 1073 65.26 2.20 42.03
N THR B 1074 64.51 3.18 41.54
CA THR B 1074 64.90 3.88 40.33
C THR B 1074 65.22 5.33 40.63
N ALA B 1075 65.97 5.95 39.72
CA ALA B 1075 66.36 7.35 39.82
C ALA B 1075 66.29 7.98 38.44
N PRO B 1076 65.93 9.27 38.36
CA PRO B 1076 65.92 9.94 37.05
C PRO B 1076 67.29 10.19 36.46
N ALA B 1077 68.30 10.44 37.29
CA ALA B 1077 69.62 10.78 36.79
C ALA B 1077 70.68 10.34 37.80
N ILE B 1078 71.93 10.30 37.33
CA ILE B 1078 73.07 9.93 38.15
C ILE B 1078 73.98 11.14 38.26
N CYS B 1079 74.32 11.53 39.48
CA CYS B 1079 75.23 12.64 39.71
C CYS B 1079 76.65 12.11 39.81
N HIS B 1080 77.51 12.55 38.90
CA HIS B 1080 78.90 12.12 38.87
C HIS B 1080 79.77 13.28 38.43
N ASP B 1081 80.75 13.63 39.27
CA ASP B 1081 81.70 14.73 39.06
C ASP B 1081 81.01 16.06 38.81
N GLY B 1082 79.90 16.30 39.52
CA GLY B 1082 79.13 17.50 39.31
C GLY B 1082 78.34 17.53 38.02
N LYS B 1083 78.15 16.39 37.37
CA LYS B 1083 77.41 16.30 36.12
C LYS B 1083 76.21 15.38 36.29
N ALA B 1084 75.14 15.68 35.57
CA ALA B 1084 73.94 14.86 35.58
C ALA B 1084 73.94 13.96 34.35
N HIS B 1085 73.85 12.65 34.59
CA HIS B 1085 73.85 11.64 33.54
C HIS B 1085 72.46 11.04 33.42
N PHE B 1086 71.99 10.92 32.18
CA PHE B 1086 70.68 10.40 31.84
C PHE B 1086 70.85 9.18 30.94
N PRO B 1087 69.97 8.18 31.03
CA PRO B 1087 70.14 6.98 30.22
C PRO B 1087 69.84 7.24 28.75
N ARG B 1088 70.67 6.65 27.88
CA ARG B 1088 70.51 6.88 26.45
C ARG B 1088 69.31 6.12 25.89
N GLU B 1089 69.12 4.85 26.28
CA GLU B 1089 67.95 4.10 25.87
C GLU B 1089 67.22 3.40 27.00
N GLY B 1090 67.75 3.42 28.22
CA GLY B 1090 67.15 2.62 29.27
C GLY B 1090 66.68 3.39 30.49
N VAL B 1091 66.91 2.83 31.66
CA VAL B 1091 66.45 3.38 32.92
C VAL B 1091 67.43 2.94 34.00
N PHE B 1092 67.67 3.82 34.98
CA PHE B 1092 68.51 3.49 36.11
C PHE B 1092 67.72 2.69 37.13
N VAL B 1093 68.26 1.54 37.51
CA VAL B 1093 67.65 0.67 38.50
C VAL B 1093 68.68 0.35 39.57
N SER B 1094 68.18 -0.06 40.72
CA SER B 1094 69.04 -0.48 41.82
C SER B 1094 68.37 -1.66 42.51
N ASN B 1095 69.16 -2.70 42.76
CA ASN B 1095 68.71 -3.88 43.49
C ASN B 1095 68.90 -3.73 44.99
N GLY B 1096 69.36 -2.56 45.45
CA GLY B 1096 69.52 -2.31 46.87
C GLY B 1096 70.88 -1.74 47.21
N THR B 1097 71.93 -2.20 46.53
CA THR B 1097 73.29 -1.76 46.82
C THR B 1097 73.98 -1.11 45.63
N HIS B 1098 73.73 -1.59 44.41
CA HIS B 1098 74.44 -1.14 43.23
C HIS B 1098 73.48 -0.58 42.20
N TRP B 1099 73.94 0.42 41.45
CA TRP B 1099 73.12 1.11 40.46
C TRP B 1099 73.52 0.63 39.08
N PHE B 1100 72.51 0.31 38.26
CA PHE B 1100 72.71 -0.19 36.91
C PHE B 1100 71.79 0.57 35.97
N VAL B 1101 72.01 0.40 34.68
CA VAL B 1101 71.10 0.89 33.65
C VAL B 1101 70.64 -0.31 32.83
N THR B 1102 69.34 -0.38 32.59
CA THR B 1102 68.75 -1.52 31.89
C THR B 1102 67.79 -1.02 30.84
N GLN B 1103 67.53 -1.88 29.86
CA GLN B 1103 66.43 -1.61 28.93
C GLN B 1103 65.10 -1.78 29.65
N ARG B 1104 64.09 -1.08 29.15
CA ARG B 1104 62.89 -0.85 29.95
C ARG B 1104 61.98 -2.08 29.99
N ASN B 1105 61.90 -2.85 28.92
CA ASN B 1105 60.94 -3.94 28.81
C ASN B 1105 61.50 -5.29 29.21
N PHE B 1106 62.78 -5.37 29.59
CA PHE B 1106 63.39 -6.63 29.98
C PHE B 1106 64.55 -6.32 30.91
N TYR B 1107 64.67 -7.08 31.99
CA TYR B 1107 65.69 -6.78 32.98
C TYR B 1107 67.04 -7.30 32.48
N GLU B 1108 67.93 -6.37 32.13
CA GLU B 1108 69.29 -6.71 31.72
C GLU B 1108 70.21 -5.65 32.29
N PRO B 1109 70.65 -5.81 33.54
CA PRO B 1109 71.43 -4.76 34.20
C PRO B 1109 72.84 -4.66 33.64
N GLN B 1110 73.28 -3.43 33.45
CA GLN B 1110 74.59 -3.15 32.91
C GLN B 1110 75.24 -2.03 33.72
N ILE B 1111 76.57 -2.01 33.69
CA ILE B 1111 77.34 -0.98 34.40
C ILE B 1111 77.08 0.37 33.74
N ILE B 1112 76.80 1.38 34.56
CA ILE B 1112 76.53 2.73 34.08
C ILE B 1112 77.85 3.32 33.58
N THR B 1113 77.98 3.49 32.28
CA THR B 1113 79.18 4.02 31.65
C THR B 1113 78.84 5.32 30.92
N THR B 1114 79.84 5.91 30.30
CA THR B 1114 79.62 7.07 29.45
C THR B 1114 79.14 6.70 28.06
N ASP B 1115 79.11 5.41 27.73
CA ASP B 1115 78.66 4.96 26.42
C ASP B 1115 77.15 4.75 26.35
N ASN B 1116 76.50 4.49 27.49
CA ASN B 1116 75.06 4.32 27.52
C ASN B 1116 74.34 5.42 28.31
N THR B 1117 75.05 6.49 28.65
CA THR B 1117 74.47 7.66 29.28
C THR B 1117 74.94 8.91 28.56
N PHE B 1118 74.17 9.99 28.69
CA PHE B 1118 74.56 11.28 28.17
C PHE B 1118 74.47 12.32 29.28
N VAL B 1119 75.22 13.41 29.11
CA VAL B 1119 75.40 14.42 30.14
C VAL B 1119 74.60 15.66 29.76
N SER B 1120 73.84 16.19 30.72
CA SER B 1120 73.11 17.44 30.50
C SER B 1120 73.05 18.19 31.83
N GLY B 1121 73.84 19.24 31.95
CA GLY B 1121 73.78 20.12 33.10
C GLY B 1121 74.46 19.55 34.33
N ASN B 1122 74.28 20.25 35.45
CA ASN B 1122 74.83 19.82 36.72
C ASN B 1122 73.77 19.07 37.53
N CYS B 1123 74.09 18.78 38.79
CA CYS B 1123 73.22 17.98 39.65
C CYS B 1123 72.22 18.80 40.45
N ASP B 1124 72.18 20.12 40.26
CA ASP B 1124 71.38 20.98 41.11
C ASP B 1124 69.93 21.14 40.65
N VAL B 1125 69.60 20.68 39.45
CA VAL B 1125 68.30 20.97 38.84
C VAL B 1125 67.36 19.78 38.91
N VAL B 1126 67.88 18.57 38.69
CA VAL B 1126 67.05 17.38 38.60
C VAL B 1126 66.59 16.97 39.99
N ILE B 1127 65.28 16.76 40.14
CA ILE B 1127 64.71 16.32 41.40
C ILE B 1127 64.81 14.79 41.47
N GLY B 1128 65.46 14.30 42.51
CA GLY B 1128 65.62 12.87 42.68
C GLY B 1128 66.91 12.27 42.17
N ILE B 1129 67.88 13.10 41.78
CA ILE B 1129 69.15 12.61 41.29
C ILE B 1129 69.94 11.99 42.45
N VAL B 1130 70.59 10.86 42.18
CA VAL B 1130 71.34 10.15 43.21
C VAL B 1130 72.81 10.14 42.82
N ASN B 1131 73.66 9.94 43.82
CA ASN B 1131 75.11 9.93 43.64
C ASN B 1131 75.57 8.51 43.33
N ASN B 1132 76.20 8.33 42.17
CA ASN B 1132 76.80 7.06 41.81
C ASN B 1132 77.92 7.33 40.82
N THR B 1133 78.88 6.41 40.77
CA THR B 1133 79.99 6.54 39.83
C THR B 1133 79.56 6.13 38.42
N VAL B 1134 80.21 6.75 37.44
CA VAL B 1134 79.97 6.45 36.03
C VAL B 1134 81.31 6.03 35.43
N TYR B 1135 81.34 4.81 34.88
CA TYR B 1135 82.59 4.24 34.39
C TYR B 1135 83.01 4.87 33.08
N ASP B 1136 84.31 5.03 32.90
CA ASP B 1136 84.90 5.53 31.66
C ASP B 1136 85.84 4.46 31.11
N PRO B 1137 85.60 3.95 29.91
CA PRO B 1137 86.51 2.92 29.37
C PRO B 1137 87.91 3.43 29.05
N LEU B 1138 88.07 4.73 28.78
CA LEU B 1138 89.38 5.30 28.51
C LEU B 1138 90.26 5.37 29.76
N GLN B 1139 89.64 5.41 30.94
CA GLN B 1139 90.33 5.57 32.22
C GLN B 1139 91.26 4.41 32.60
N PRO B 1140 90.89 3.11 32.44
CA PRO B 1140 91.92 2.08 32.69
C PRO B 1140 93.00 2.05 31.62
N GLU B 1141 92.69 2.47 30.39
CA GLU B 1141 93.71 2.49 29.34
C GLU B 1141 94.77 3.54 29.63
N LEU B 1142 94.35 4.72 30.09
CA LEU B 1142 95.31 5.78 30.42
C LEU B 1142 95.79 5.71 31.87
N ASP B 1143 95.19 4.88 32.71
CA ASP B 1143 95.68 4.70 34.07
C ASP B 1143 96.93 3.81 34.11
N SER B 1144 97.05 2.89 33.17
CA SER B 1144 98.22 2.00 33.11
C SER B 1144 99.30 2.61 32.23
N GLN C 14 -42.32 52.44 10.82
CA GLN C 14 -41.73 53.44 11.70
C GLN C 14 -40.23 53.59 11.43
N CYS C 15 -39.82 53.21 10.22
CA CYS C 15 -38.41 53.25 9.85
C CYS C 15 -37.99 54.68 9.54
N VAL C 16 -36.99 55.17 10.26
CA VAL C 16 -36.39 56.47 10.01
C VAL C 16 -34.88 56.28 9.84
N ASN C 17 -34.30 57.10 8.98
CA ASN C 17 -32.84 57.10 8.78
C ASN C 17 -32.24 58.13 9.71
N LEU C 18 -31.62 57.67 10.79
CA LEU C 18 -31.44 58.49 11.97
C LEU C 18 -30.00 58.52 12.51
N ILE C 19 -29.17 57.52 12.19
CA ILE C 19 -27.85 57.34 12.79
C ILE C 19 -26.79 57.66 11.74
N THR C 20 -25.81 58.48 12.11
CA THR C 20 -24.66 58.69 11.26
C THR C 20 -23.46 57.90 11.78
N ARG C 21 -22.47 57.70 10.92
CA ARG C 21 -21.33 56.88 11.29
C ARG C 21 -20.06 57.37 10.59
N THR C 22 -18.97 57.43 11.34
CA THR C 22 -17.65 57.72 10.82
C THR C 22 -16.75 56.51 11.07
N GLN C 23 -15.67 56.40 10.28
CA GLN C 23 -14.78 55.27 10.40
C GLN C 23 -13.32 55.71 10.32
N SER C 24 -12.48 54.97 11.04
CA SER C 24 -11.03 55.10 11.03
C SER C 24 -10.42 53.71 10.89
N TYR C 25 -9.10 53.65 10.82
CA TYR C 25 -8.39 52.39 10.58
C TYR C 25 -7.32 52.19 11.65
N THR C 26 -7.27 50.99 12.24
CA THR C 26 -6.30 50.69 13.27
C THR C 26 -5.76 49.28 13.08
N ASN C 27 -4.91 48.87 14.01
CA ASN C 27 -4.16 47.63 13.92
C ASN C 27 -4.76 46.59 14.86
N SER C 28 -4.88 45.36 14.38
CA SER C 28 -5.48 44.29 15.18
C SER C 28 -4.56 43.78 16.28
N PHE C 29 -3.24 43.94 16.12
CA PHE C 29 -2.21 43.40 17.01
C PHE C 29 -2.38 41.88 17.08
N THR C 30 -2.62 41.30 18.25
CA THR C 30 -2.76 39.85 18.38
C THR C 30 -4.12 39.44 18.92
N ARG C 31 -5.14 40.27 18.70
CA ARG C 31 -6.47 39.98 19.19
C ARG C 31 -7.20 39.02 18.24
N GLY C 32 -8.32 38.48 18.72
CA GLY C 32 -9.19 37.64 17.91
C GLY C 32 -8.96 36.16 17.99
N VAL C 33 -8.11 35.70 18.89
CA VAL C 33 -7.84 34.27 19.04
C VAL C 33 -8.97 33.61 19.83
N TYR C 34 -9.44 32.47 19.34
CA TYR C 34 -10.48 31.70 19.99
C TYR C 34 -10.07 30.23 20.05
N TYR C 35 -10.76 29.48 20.90
CA TYR C 35 -10.52 28.05 21.01
C TYR C 35 -11.12 27.36 19.79
N PRO C 36 -10.33 26.62 19.00
CA PRO C 36 -10.85 26.07 17.74
C PRO C 36 -11.77 24.88 17.92
N ASP C 37 -11.79 24.22 19.07
CA ASP C 37 -12.61 23.04 19.25
C ASP C 37 -13.06 22.97 20.71
N LYS C 38 -13.63 21.83 21.09
CA LYS C 38 -14.21 21.62 22.40
C LYS C 38 -13.37 20.66 23.25
N VAL C 39 -12.06 20.70 23.07
CA VAL C 39 -11.15 19.73 23.68
C VAL C 39 -10.19 20.48 24.59
N PHE C 40 -10.12 20.05 25.85
CA PHE C 40 -9.10 20.55 26.77
C PHE C 40 -7.73 20.07 26.32
N ARG C 41 -6.76 20.97 26.28
CA ARG C 41 -5.38 20.62 26.02
C ARG C 41 -4.49 21.36 27.00
N SER C 42 -3.48 20.67 27.53
CA SER C 42 -2.66 21.22 28.60
C SER C 42 -1.19 21.12 28.23
N SER C 43 -0.50 22.28 28.25
CA SER C 43 0.94 22.40 28.02
C SER C 43 1.38 21.82 26.68
N VAL C 44 0.64 22.15 25.62
CA VAL C 44 0.92 21.61 24.29
C VAL C 44 1.07 22.77 23.31
N LEU C 45 1.57 22.45 22.12
CA LEU C 45 1.66 23.38 21.01
C LEU C 45 0.80 22.79 19.89
N HIS C 46 -0.37 23.36 19.67
CA HIS C 46 -1.37 22.78 18.78
C HIS C 46 -1.54 23.66 17.55
N SER C 47 -1.34 23.10 16.37
CA SER C 47 -1.47 23.84 15.13
C SER C 47 -2.83 23.54 14.50
N THR C 48 -3.59 24.59 14.21
CA THR C 48 -4.92 24.41 13.62
C THR C 48 -5.14 25.43 12.50
N GLN C 49 -5.85 24.98 11.46
CA GLN C 49 -6.17 25.81 10.30
C GLN C 49 -7.67 26.10 10.35
N ASP C 50 -8.03 27.36 10.54
CA ASP C 50 -9.44 27.71 10.71
C ASP C 50 -9.65 29.15 10.27
N LEU C 51 -10.85 29.66 10.49
CA LEU C 51 -11.15 31.06 10.18
C LEU C 51 -10.67 31.91 11.35
N PHE C 52 -9.48 32.46 11.22
CA PHE C 52 -8.86 33.26 12.27
C PHE C 52 -8.71 34.71 11.80
N LEU C 53 -8.72 35.62 12.76
CA LEU C 53 -8.37 37.00 12.46
C LEU C 53 -6.86 37.09 12.30
N PRO C 54 -6.36 37.56 11.15
CA PRO C 54 -4.90 37.65 10.97
C PRO C 54 -4.28 38.69 11.87
N PHE C 55 -3.06 38.42 12.30
CA PHE C 55 -2.37 39.30 13.22
C PHE C 55 -1.93 40.57 12.54
N PHE C 56 -1.99 41.69 13.29
CA PHE C 56 -1.61 43.04 12.84
C PHE C 56 -2.37 43.45 11.58
N SER C 57 -3.65 43.13 11.52
CA SER C 57 -4.43 43.39 10.32
C SER C 57 -5.15 44.74 10.42
N ASN C 58 -5.73 45.14 9.30
CA ASN C 58 -6.46 46.40 9.19
C ASN C 58 -7.86 46.21 9.75
N VAL C 59 -8.13 46.82 10.90
CA VAL C 59 -9.41 46.69 11.59
C VAL C 59 -10.07 48.06 11.61
N THR C 60 -11.32 48.12 11.19
CA THR C 60 -12.02 49.39 11.06
C THR C 60 -12.66 49.79 12.39
N TRP C 61 -12.36 51.00 12.84
CA TRP C 61 -12.96 51.58 14.03
C TRP C 61 -14.16 52.41 13.60
N PHE C 62 -15.35 52.04 14.07
CA PHE C 62 -16.58 52.76 13.75
C PHE C 62 -17.03 53.59 14.94
N HIS C 63 -17.31 54.86 14.69
CA HIS C 63 -18.00 55.73 15.64
C HIS C 63 -19.40 55.98 15.10
N ALA C 64 -20.39 55.43 15.78
CA ALA C 64 -21.80 55.62 15.43
C ALA C 64 -22.36 56.71 16.33
N ILE C 65 -22.90 57.75 15.70
CA ILE C 65 -23.29 58.98 16.39
C ILE C 65 -24.77 59.24 16.10
N HIS C 66 -25.51 59.55 17.17
CA HIS C 66 -26.79 60.24 17.10
C HIS C 66 -26.65 61.59 17.79
N VAL C 67 -27.02 62.65 17.06
CA VAL C 67 -27.23 63.96 17.65
C VAL C 67 -28.71 64.32 17.53
N SER C 68 -29.19 65.10 18.49
CA SER C 68 -30.58 65.49 18.52
C SER C 68 -30.73 66.96 18.12
N ARG C 75 -30.34 62.17 7.57
CA ARG C 75 -30.19 61.38 6.35
C ARG C 75 -29.65 60.00 6.66
N PHE C 76 -29.61 59.12 5.66
CA PHE C 76 -29.13 57.76 5.85
C PHE C 76 -27.62 57.76 5.75
N ASP C 77 -26.95 57.70 6.90
CA ASP C 77 -25.49 57.71 6.96
C ASP C 77 -24.98 56.55 7.82
N ASN C 78 -25.63 55.39 7.71
CA ASN C 78 -25.20 54.18 8.42
C ASN C 78 -25.08 53.06 7.39
N PRO C 79 -23.97 53.00 6.66
CA PRO C 79 -23.84 52.01 5.59
C PRO C 79 -23.70 50.59 6.12
N VAL C 80 -23.98 49.64 5.22
CA VAL C 80 -24.04 48.22 5.57
C VAL C 80 -22.71 47.57 5.27
N LEU C 81 -22.21 46.79 6.23
CA LEU C 81 -20.93 46.11 6.12
C LEU C 81 -21.12 44.68 5.61
N PRO C 82 -20.25 44.20 4.73
CA PRO C 82 -20.32 42.79 4.33
C PRO C 82 -19.81 41.88 5.45
N PHE C 83 -20.29 40.63 5.43
CA PHE C 83 -19.91 39.69 6.47
C PHE C 83 -18.64 38.93 6.14
N ASN C 84 -18.39 38.68 4.86
CA ASN C 84 -17.24 37.92 4.32
C ASN C 84 -17.28 36.52 4.91
N ASP C 85 -16.20 36.03 5.53
CA ASP C 85 -16.14 34.66 6.05
C ASP C 85 -16.35 34.60 7.55
N GLY C 86 -16.55 35.73 8.21
CA GLY C 86 -16.66 35.78 9.65
C GLY C 86 -16.22 37.14 10.14
N VAL C 87 -16.67 37.51 11.34
CA VAL C 87 -16.48 38.86 11.85
C VAL C 87 -15.89 38.78 13.24
N TYR C 88 -14.77 39.46 13.44
CA TYR C 88 -14.29 39.79 14.78
C TYR C 88 -14.87 41.14 15.18
N PHE C 89 -15.52 41.18 16.33
CA PHE C 89 -16.18 42.37 16.84
C PHE C 89 -15.58 42.72 18.19
N ALA C 90 -15.34 44.01 18.42
CA ALA C 90 -14.81 44.45 19.70
C ALA C 90 -15.46 45.75 20.10
N SER C 91 -15.59 45.99 21.40
CA SER C 91 -16.15 47.24 21.88
C SER C 91 -15.68 47.49 23.30
N THR C 92 -15.13 48.68 23.55
CA THR C 92 -14.82 49.11 24.91
C THR C 92 -15.99 49.85 25.55
N GLU C 93 -16.98 50.25 24.77
CA GLU C 93 -18.15 50.97 25.26
C GLU C 93 -19.03 50.01 26.06
N LYS C 94 -19.82 50.58 26.98
CA LYS C 94 -20.63 49.81 27.92
C LYS C 94 -21.75 49.03 27.22
N SER C 95 -22.39 48.16 27.99
CA SER C 95 -23.32 47.17 27.46
C SER C 95 -24.75 47.67 27.33
N ASN C 96 -25.05 48.89 27.75
CA ASN C 96 -26.43 49.35 27.78
C ASN C 96 -26.86 50.04 26.49
N ILE C 97 -25.94 50.68 25.77
CA ILE C 97 -26.30 51.29 24.49
C ILE C 97 -26.17 50.29 23.35
N ILE C 98 -25.08 49.53 23.30
CA ILE C 98 -24.91 48.52 22.26
C ILE C 98 -25.64 47.26 22.71
N ARG C 99 -26.58 46.77 21.89
CA ARG C 99 -27.43 45.70 22.39
C ARG C 99 -27.73 44.59 21.39
N GLY C 100 -26.88 44.38 20.40
CA GLY C 100 -27.07 43.17 19.62
C GLY C 100 -26.71 43.38 18.16
N TRP C 101 -27.08 42.39 17.35
CA TRP C 101 -26.65 42.36 15.96
C TRP C 101 -27.77 41.84 15.06
N ILE C 102 -27.59 42.09 13.76
CA ILE C 102 -28.49 41.70 12.69
C ILE C 102 -27.67 40.98 11.63
N PHE C 103 -28.18 39.85 11.14
CA PHE C 103 -27.50 39.08 10.10
C PHE C 103 -28.50 38.66 9.02
N GLY C 104 -28.02 38.63 7.78
CA GLY C 104 -28.85 38.24 6.66
C GLY C 104 -28.17 38.61 5.36
N THR C 105 -28.95 38.57 4.28
CA THR C 105 -28.47 38.93 2.96
C THR C 105 -29.16 40.15 2.38
N THR C 106 -30.50 40.15 2.39
CA THR C 106 -31.28 41.27 1.85
C THR C 106 -32.01 42.07 2.92
N LEU C 107 -32.19 41.50 4.11
CA LEU C 107 -32.85 42.14 5.27
C LEU C 107 -34.27 42.60 4.96
N ASP C 108 -34.99 41.79 4.18
CA ASP C 108 -36.41 42.04 3.97
C ASP C 108 -37.20 40.75 4.10
N SER C 109 -38.49 40.78 3.78
CA SER C 109 -39.34 39.61 4.00
C SER C 109 -39.12 38.51 2.98
N LYS C 110 -38.37 38.77 1.90
CA LYS C 110 -38.14 37.73 0.89
C LYS C 110 -37.21 36.65 1.38
N THR C 111 -36.25 36.99 2.24
CA THR C 111 -35.23 36.05 2.69
C THR C 111 -35.28 35.90 4.21
N GLN C 112 -34.58 34.88 4.69
CA GLN C 112 -34.40 34.67 6.11
C GLN C 112 -33.53 35.76 6.74
N SER C 113 -33.78 36.03 8.02
CA SER C 113 -33.05 37.05 8.75
C SER C 113 -32.89 36.62 10.20
N LEU C 114 -31.73 36.96 10.77
CA LEU C 114 -31.33 36.55 12.11
C LEU C 114 -31.11 37.80 12.96
N LEU C 115 -31.71 37.81 14.15
CA LEU C 115 -31.61 38.97 15.04
C LEU C 115 -31.22 38.51 16.44
N ILE C 116 -30.17 39.12 16.98
CA ILE C 116 -29.75 38.90 18.36
C ILE C 116 -29.97 40.20 19.13
N VAL C 117 -30.77 40.15 20.18
CA VAL C 117 -31.07 41.31 21.02
C VAL C 117 -30.73 40.97 22.46
N ASN C 118 -29.86 41.77 23.06
CA ASN C 118 -29.57 41.66 24.48
C ASN C 118 -30.34 42.74 25.22
N ASN C 119 -30.84 42.40 26.41
CA ASN C 119 -31.39 43.39 27.32
C ASN C 119 -31.02 42.97 28.73
N ALA C 120 -31.54 43.69 29.74
CA ALA C 120 -30.98 43.65 31.08
C ALA C 120 -31.26 42.34 31.82
N THR C 121 -32.19 41.52 31.33
CA THR C 121 -32.51 40.25 31.96
C THR C 121 -31.95 39.04 31.22
N ASN C 122 -31.98 39.05 29.90
CA ASN C 122 -31.62 37.86 29.12
C ASN C 122 -31.16 38.32 27.73
N VAL C 123 -30.94 37.33 26.85
CA VAL C 123 -30.69 37.55 25.44
C VAL C 123 -31.72 36.74 24.65
N VAL C 124 -32.26 37.33 23.59
CA VAL C 124 -33.27 36.68 22.78
C VAL C 124 -32.86 36.74 21.32
N ILE C 125 -33.00 35.61 20.62
CA ILE C 125 -32.50 35.43 19.27
C ILE C 125 -33.66 34.92 18.42
N LYS C 126 -33.87 35.55 17.26
CA LYS C 126 -34.83 35.07 16.29
C LYS C 126 -34.13 34.72 14.98
N VAL C 127 -34.69 33.75 14.27
CA VAL C 127 -34.54 33.62 12.83
C VAL C 127 -35.94 33.58 12.24
N CYS C 128 -36.30 34.64 11.52
CA CYS C 128 -37.63 34.80 10.96
C CYS C 128 -37.42 35.31 9.53
N GLU C 129 -38.47 35.84 8.93
CA GLU C 129 -38.31 36.79 7.82
C GLU C 129 -38.66 38.18 8.34
N PHE C 130 -37.65 38.88 8.83
CA PHE C 130 -37.80 40.26 9.27
C PHE C 130 -37.83 41.21 8.07
N GLN C 131 -38.72 42.20 8.12
CA GLN C 131 -38.66 43.31 7.16
C GLN C 131 -37.92 44.44 7.85
N PHE C 132 -36.59 44.40 7.74
CA PHE C 132 -35.74 45.31 8.51
C PHE C 132 -35.77 46.72 7.95
N CYS C 133 -35.66 47.69 8.87
CA CYS C 133 -35.55 49.09 8.47
C CYS C 133 -34.13 49.37 7.99
N ASN C 134 -33.98 50.52 7.30
CA ASN C 134 -32.67 50.91 6.80
C ASN C 134 -31.73 51.29 7.93
N ASP C 135 -32.24 51.95 8.97
CA ASP C 135 -31.46 52.35 10.14
C ASP C 135 -32.13 51.74 11.37
N PRO C 136 -31.90 50.45 11.63
CA PRO C 136 -32.64 49.77 12.70
C PRO C 136 -32.04 50.04 14.08
N PHE C 137 -32.92 50.25 15.05
CA PHE C 137 -32.50 50.50 16.42
C PHE C 137 -33.60 50.10 17.40
N LEU C 138 -33.19 49.52 18.52
CA LEU C 138 -34.07 49.28 19.66
C LEU C 138 -34.27 50.61 20.39
N ASP C 139 -35.53 51.04 20.58
CA ASP C 139 -35.75 52.30 21.29
C ASP C 139 -36.51 52.04 22.58
N VAL C 140 -36.02 52.62 23.68
CA VAL C 140 -36.67 52.48 24.98
C VAL C 140 -37.57 53.68 25.22
N TYR C 141 -38.74 53.44 25.84
CA TYR C 141 -39.62 54.53 26.23
C TYR C 141 -40.51 54.07 27.37
N TYR C 142 -41.03 55.05 28.11
CA TYR C 142 -41.88 54.76 29.26
C TYR C 142 -43.30 54.50 28.79
N HIS C 143 -43.88 53.40 29.26
CA HIS C 143 -45.28 53.07 29.03
C HIS C 143 -46.07 53.42 30.28
N LYS C 144 -47.09 54.25 30.13
CA LYS C 144 -47.90 54.72 31.25
C LYS C 144 -48.94 53.70 31.69
N ASN C 145 -49.33 52.77 30.81
CA ASN C 145 -50.21 51.69 31.23
C ASN C 145 -49.42 50.61 31.97
N ASN C 146 -48.25 50.25 31.46
CA ASN C 146 -47.36 49.34 32.18
C ASN C 146 -46.60 50.06 33.30
N LYS C 147 -46.58 51.41 33.26
CA LYS C 147 -45.89 52.27 34.22
C LYS C 147 -44.41 51.93 34.35
N SER C 148 -43.77 51.64 33.22
CA SER C 148 -42.39 51.18 33.26
C SER C 148 -41.69 51.51 31.94
N TRP C 149 -40.36 51.58 32.00
CA TRP C 149 -39.56 51.77 30.79
C TRP C 149 -39.48 50.45 30.04
N MET C 150 -40.15 50.37 28.91
CA MET C 150 -40.13 49.17 28.09
C MET C 150 -39.43 49.43 26.76
N GLU C 151 -38.99 48.35 26.14
CA GLU C 151 -38.19 48.40 24.93
C GLU C 151 -39.08 48.09 23.73
N SER C 152 -38.80 48.76 22.62
CA SER C 152 -39.57 48.55 21.40
C SER C 152 -38.65 48.24 20.25
N GLU C 153 -39.06 47.26 19.45
CA GLU C 153 -38.36 46.82 18.26
C GLU C 153 -39.05 47.29 16.99
N PHE C 154 -39.98 48.24 17.10
CA PHE C 154 -40.73 48.70 15.93
C PHE C 154 -39.88 49.53 14.99
N ARG C 155 -38.77 50.09 15.46
CA ARG C 155 -37.81 50.74 14.60
C ARG C 155 -36.74 49.78 14.08
N VAL C 156 -36.62 48.59 14.67
CA VAL C 156 -35.75 47.57 14.10
C VAL C 156 -36.35 47.02 12.81
N TYR C 157 -37.65 46.74 12.82
CA TYR C 157 -38.30 46.09 11.69
C TYR C 157 -39.76 46.52 11.68
N SER C 158 -40.42 46.29 10.55
CA SER C 158 -41.84 46.57 10.43
C SER C 158 -42.71 45.34 10.66
N SER C 159 -42.21 44.15 10.37
CA SER C 159 -42.99 42.93 10.47
C SER C 159 -42.07 41.74 10.70
N ALA C 160 -42.66 40.64 11.15
CA ALA C 160 -41.91 39.40 11.36
C ALA C 160 -42.89 38.25 11.16
N ASN C 161 -42.77 37.57 10.02
CA ASN C 161 -43.68 36.50 9.65
C ASN C 161 -42.89 35.27 9.23
N ASN C 162 -43.59 34.12 9.23
CA ASN C 162 -43.07 32.80 8.84
C ASN C 162 -41.82 32.43 9.65
N CYS C 163 -41.87 32.70 10.96
CA CYS C 163 -40.66 32.65 11.77
C CYS C 163 -40.26 31.21 12.08
N THR C 164 -38.96 30.93 11.95
CA THR C 164 -38.48 29.55 11.96
C THR C 164 -37.69 29.16 13.20
N PHE C 165 -37.10 30.12 13.93
CA PHE C 165 -36.24 29.75 15.04
C PHE C 165 -36.31 30.82 16.13
N GLU C 166 -36.28 30.38 17.39
CA GLU C 166 -36.29 31.27 18.53
C GLU C 166 -35.44 30.65 19.64
N TYR C 167 -34.63 31.47 20.30
CA TYR C 167 -33.73 30.98 21.34
C TYR C 167 -33.49 32.07 22.37
N VAL C 168 -33.84 31.81 23.62
CA VAL C 168 -33.66 32.74 24.73
C VAL C 168 -32.66 32.12 25.70
N SER C 169 -31.65 32.89 26.10
CA SER C 169 -30.64 32.41 27.02
C SER C 169 -30.18 33.53 27.94
N GLN C 170 -29.25 33.21 28.83
CA GLN C 170 -28.61 34.22 29.67
C GLN C 170 -27.79 35.19 28.80
N PRO C 171 -27.80 36.49 29.11
CA PRO C 171 -27.20 37.47 28.20
C PRO C 171 -25.67 37.42 28.25
N PHE C 172 -25.07 37.96 27.19
CA PHE C 172 -23.61 38.05 27.10
C PHE C 172 -23.09 39.47 26.92
N LEU C 173 -23.93 40.48 27.12
CA LEU C 173 -23.48 41.87 27.20
C LEU C 173 -23.80 42.38 28.60
N MET C 174 -22.89 42.16 29.53
CA MET C 174 -23.00 42.64 30.89
C MET C 174 -21.82 43.54 31.24
N ASP C 175 -21.88 44.15 32.41
CA ASP C 175 -20.80 44.98 32.91
C ASP C 175 -19.89 44.20 33.85
N LYS C 184 -13.41 50.52 29.95
CA LYS C 184 -12.79 49.77 31.03
C LYS C 184 -12.88 48.28 30.77
N ASN C 185 -14.02 47.84 30.26
CA ASN C 185 -14.27 46.42 29.96
C ASN C 185 -14.35 46.27 28.44
N LEU C 186 -13.36 45.59 27.86
CA LEU C 186 -13.34 45.31 26.43
C LEU C 186 -14.07 44.01 26.16
N ARG C 187 -15.07 44.07 25.28
CA ARG C 187 -15.89 42.93 24.95
C ARG C 187 -15.53 42.49 23.53
N GLU C 188 -15.13 41.24 23.38
CA GLU C 188 -14.70 40.70 22.10
C GLU C 188 -15.58 39.52 21.72
N PHE C 189 -15.97 39.49 20.45
CA PHE C 189 -16.84 38.46 19.91
C PHE C 189 -16.29 38.00 18.58
N VAL C 190 -16.49 36.73 18.27
CA VAL C 190 -16.14 36.15 16.98
C VAL C 190 -17.38 35.45 16.47
N PHE C 191 -17.82 35.84 15.28
CA PHE C 191 -18.98 35.25 14.62
C PHE C 191 -18.51 34.50 13.38
N LYS C 192 -18.84 33.22 13.32
CA LYS C 192 -18.55 32.38 12.16
C LYS C 192 -19.85 31.75 11.67
N ASN C 193 -19.95 31.59 10.36
CA ASN C 193 -21.09 30.92 9.74
C ASN C 193 -20.55 29.74 8.93
N ILE C 194 -20.50 28.57 9.56
CA ILE C 194 -19.91 27.38 8.99
C ILE C 194 -21.01 26.32 8.95
N ASP C 195 -21.23 25.78 7.74
CA ASP C 195 -22.12 24.65 7.37
C ASP C 195 -23.41 24.58 8.16
N GLY C 196 -24.07 25.75 8.29
CA GLY C 196 -25.36 25.80 8.94
C GLY C 196 -25.36 26.37 10.34
N TYR C 197 -24.33 26.08 11.11
CA TYR C 197 -24.16 26.64 12.44
C TYR C 197 -23.54 28.03 12.45
N PHE C 198 -24.18 28.92 13.20
CA PHE C 198 -23.64 30.23 13.57
C PHE C 198 -22.93 30.11 14.91
N LYS C 199 -21.61 30.20 14.90
CA LYS C 199 -20.80 30.04 16.09
C LYS C 199 -20.41 31.41 16.63
N ILE C 200 -20.68 31.64 17.92
CA ILE C 200 -20.32 32.87 18.61
C ILE C 200 -19.33 32.51 19.71
N TYR C 201 -18.19 33.20 19.71
CA TYR C 201 -17.15 33.12 20.72
C TYR C 201 -17.07 34.47 21.40
N SER C 202 -16.81 34.49 22.70
CA SER C 202 -16.80 35.77 23.40
C SER C 202 -15.77 35.79 24.50
N LYS C 203 -15.41 37.01 24.89
CA LYS C 203 -14.50 37.26 26.00
C LYS C 203 -14.74 38.66 26.54
N HIS C 204 -14.64 38.80 27.87
CA HIS C 204 -14.70 40.10 28.54
C HIS C 204 -13.39 40.31 29.26
N THR C 205 -12.68 41.38 28.92
CA THR C 205 -11.35 41.61 29.49
C THR C 205 -11.29 42.98 30.15
N PRO C 206 -10.93 43.10 31.43
CA PRO C 206 -10.74 44.41 32.05
C PRO C 206 -9.50 45.10 31.50
N ILE C 207 -9.64 46.16 30.71
CA ILE C 207 -8.50 46.83 30.11
C ILE C 207 -8.16 48.11 30.87
N ASN C 208 -6.96 48.13 31.46
CA ASN C 208 -6.45 49.34 32.13
C ASN C 208 -6.42 50.48 31.12
N LEU C 209 -6.83 51.69 31.57
CA LEU C 209 -6.95 52.90 30.74
C LEU C 209 -5.76 53.11 29.80
N GLY C 210 -6.06 53.10 28.50
CA GLY C 210 -5.04 53.20 27.48
C GLY C 210 -5.67 52.93 26.13
N ARG C 211 -4.86 52.32 25.25
CA ARG C 211 -5.30 51.90 23.93
C ARG C 211 -6.43 50.89 24.10
N ASP C 212 -7.52 51.10 23.36
CA ASP C 212 -8.70 50.24 23.51
C ASP C 212 -8.39 48.79 23.12
N LEU C 213 -7.75 48.58 21.96
CA LEU C 213 -7.26 47.25 21.57
C LEU C 213 -5.90 46.98 22.22
N PRO C 214 -5.83 46.24 23.32
CA PRO C 214 -4.58 46.12 24.06
C PRO C 214 -3.67 45.07 23.42
N GLN C 215 -2.44 45.02 23.94
CA GLN C 215 -1.50 43.99 23.55
C GLN C 215 -1.85 42.69 24.29
N GLY C 216 -1.04 41.67 24.06
CA GLY C 216 -1.22 40.42 24.77
C GLY C 216 -2.33 39.57 24.19
N PHE C 217 -2.56 38.42 24.83
CA PHE C 217 -3.52 37.44 24.37
C PHE C 217 -4.69 37.30 25.34
N SER C 218 -5.90 37.42 24.81
CA SER C 218 -7.12 37.04 25.52
C SER C 218 -7.90 36.08 24.62
N ALA C 219 -7.78 34.78 24.88
CA ALA C 219 -8.44 33.78 24.06
C ALA C 219 -9.94 33.80 24.28
N LEU C 220 -10.71 33.63 23.19
CA LEU C 220 -12.16 33.71 23.25
C LEU C 220 -12.77 32.32 23.46
N GLU C 221 -13.44 32.14 24.58
CA GLU C 221 -14.11 30.87 24.87
C GLU C 221 -15.31 30.68 23.95
N PRO C 222 -15.58 29.45 23.50
CA PRO C 222 -16.79 29.19 22.71
C PRO C 222 -18.06 29.38 23.52
N LEU C 223 -18.84 30.39 23.14
CA LEU C 223 -19.99 30.81 23.92
C LEU C 223 -21.28 30.13 23.48
N VAL C 224 -21.73 30.38 22.25
CA VAL C 224 -23.04 29.90 21.82
C VAL C 224 -22.95 29.39 20.38
N ASP C 225 -23.31 28.13 20.17
CA ASP C 225 -23.39 27.56 18.83
C ASP C 225 -24.87 27.43 18.45
N LEU C 226 -25.32 28.29 17.51
CA LEU C 226 -26.73 28.39 17.11
C LEU C 226 -26.99 27.58 15.85
N PRO C 227 -28.05 26.76 15.83
CA PRO C 227 -28.47 25.99 14.63
C PRO C 227 -29.30 26.83 13.65
N ILE C 228 -28.62 27.59 12.79
CA ILE C 228 -29.32 28.57 11.95
C ILE C 228 -29.56 28.07 10.54
N GLY C 229 -28.49 27.81 9.79
CA GLY C 229 -28.62 27.32 8.43
C GLY C 229 -29.16 28.28 7.39
N ILE C 230 -28.77 29.56 7.45
CA ILE C 230 -29.18 30.53 6.45
C ILE C 230 -27.94 31.11 5.77
N ASN C 231 -28.18 31.85 4.69
CA ASN C 231 -27.12 32.58 3.97
C ASN C 231 -26.92 33.93 4.64
N ILE C 232 -25.66 34.24 4.96
CA ILE C 232 -25.30 35.51 5.59
C ILE C 232 -24.11 36.08 4.84
N THR C 233 -24.29 37.26 4.23
CA THR C 233 -23.21 37.98 3.57
C THR C 233 -23.12 39.44 3.97
N ARG C 234 -24.05 39.92 4.80
CA ARG C 234 -24.18 41.32 5.20
C ARG C 234 -24.65 41.35 6.65
N PHE C 235 -24.22 42.36 7.40
CA PHE C 235 -24.63 42.41 8.79
C PHE C 235 -24.86 43.86 9.23
N GLN C 236 -25.50 43.97 10.39
CA GLN C 236 -25.78 45.24 11.06
C GLN C 236 -25.60 45.03 12.56
N THR C 237 -25.31 46.13 13.24
CA THR C 237 -25.09 46.12 14.67
C THR C 237 -26.13 47.04 15.31
N LEU C 238 -26.73 46.59 16.41
CA LEU C 238 -27.99 47.17 16.89
C LEU C 238 -27.75 48.07 18.11
N LEU C 239 -28.31 49.27 18.04
CA LEU C 239 -28.13 50.32 19.03
C LEU C 239 -29.40 50.54 19.83
N ALA C 240 -29.23 50.87 21.11
CA ALA C 240 -30.34 51.30 21.97
C ALA C 240 -30.40 52.82 22.01
N LEU C 241 -31.59 53.36 21.72
CA LEU C 241 -31.80 54.80 21.72
C LEU C 241 -32.88 55.18 22.72
N HIS C 242 -32.62 56.27 23.44
CA HIS C 242 -33.42 56.72 24.55
C HIS C 242 -34.24 57.93 24.13
N ARG C 243 -35.49 58.00 24.55
CA ARG C 243 -36.30 59.16 24.27
C ARG C 243 -35.89 60.33 25.18
N SER C 244 -36.09 61.54 24.68
CA SER C 244 -35.56 62.72 25.36
C SER C 244 -36.38 63.12 26.57
N TYR C 245 -37.69 63.35 26.37
CA TYR C 245 -38.63 63.86 27.40
C TYR C 245 -38.13 65.16 28.01
N LEU C 246 -37.67 66.06 27.15
CA LEU C 246 -37.22 67.37 27.60
C LEU C 246 -37.44 68.44 26.51
N SER C 253 -35.38 65.82 16.75
CA SER C 253 -34.67 65.56 18.00
C SER C 253 -35.55 64.79 18.98
N GLY C 254 -36.18 63.73 18.49
CA GLY C 254 -37.03 62.90 19.33
C GLY C 254 -36.31 61.90 20.21
N TRP C 255 -35.02 61.71 20.01
CA TRP C 255 -34.24 60.74 20.76
C TRP C 255 -33.06 61.43 21.44
N THR C 256 -32.63 60.87 22.56
CA THR C 256 -31.45 61.38 23.25
C THR C 256 -30.21 61.08 22.42
N ALA C 257 -29.28 62.04 22.38
CA ALA C 257 -28.03 61.89 21.63
C ALA C 257 -27.17 60.76 22.19
N GLY C 258 -26.54 60.01 21.30
CA GLY C 258 -25.80 58.82 21.69
C GLY C 258 -24.52 58.68 20.90
N ALA C 259 -23.60 57.89 21.45
CA ALA C 259 -22.30 57.65 20.84
C ALA C 259 -21.89 56.21 21.09
N ALA C 260 -21.29 55.58 20.09
CA ALA C 260 -20.81 54.21 20.22
C ALA C 260 -19.52 54.04 19.42
N ALA C 261 -18.57 53.31 19.98
CA ALA C 261 -17.30 53.01 19.33
C ALA C 261 -17.10 51.51 19.27
N TYR C 262 -16.86 50.97 18.08
CA TYR C 262 -16.66 49.52 17.98
C TYR C 262 -15.74 49.15 16.81
N TYR C 263 -14.92 48.12 17.02
CA TYR C 263 -13.94 47.67 16.05
C TYR C 263 -14.44 46.43 15.32
N VAL C 264 -14.26 46.43 14.01
CA VAL C 264 -14.69 45.32 13.16
C VAL C 264 -13.48 44.84 12.35
N GLY C 265 -13.17 43.55 12.46
CA GLY C 265 -12.18 42.91 11.63
C GLY C 265 -12.76 41.67 10.98
N TYR C 266 -12.01 41.14 10.00
CA TYR C 266 -12.50 40.04 9.18
C TYR C 266 -11.60 38.82 9.31
N LEU C 267 -12.22 37.66 9.46
CA LEU C 267 -11.50 36.40 9.55
C LEU C 267 -11.12 35.88 8.18
N GLN C 268 -10.04 35.10 8.13
CA GLN C 268 -9.52 34.47 6.94
C GLN C 268 -9.22 33.01 7.22
N PRO C 269 -9.32 32.14 6.19
CA PRO C 269 -8.91 30.74 6.36
C PRO C 269 -7.40 30.65 6.46
N ARG C 270 -6.88 30.34 7.65
CA ARG C 270 -5.49 30.63 7.93
C ARG C 270 -5.05 29.75 9.10
N THR C 271 -3.76 29.45 9.15
CA THR C 271 -3.19 28.49 10.11
C THR C 271 -2.53 29.21 11.27
N PHE C 272 -2.90 28.82 12.49
CA PHE C 272 -2.32 29.33 13.72
C PHE C 272 -1.62 28.19 14.47
N LEU C 273 -0.66 28.56 15.30
CA LEU C 273 -0.08 27.64 16.27
C LEU C 273 -0.32 28.20 17.67
N LEU C 274 -1.01 27.43 18.51
CA LEU C 274 -1.51 27.87 19.79
C LEU C 274 -0.71 27.22 20.91
N LYS C 275 -0.43 27.98 21.97
CA LYS C 275 0.28 27.46 23.14
C LYS C 275 -0.73 27.27 24.27
N TYR C 276 -0.96 26.02 24.65
CA TYR C 276 -1.80 25.69 25.80
C TYR C 276 -0.90 25.50 27.02
N ASN C 277 -1.18 26.25 28.08
CA ASN C 277 -0.39 26.17 29.31
C ASN C 277 -0.91 25.02 30.18
N GLU C 278 -0.46 24.96 31.43
CA GLU C 278 -0.82 23.85 32.31
C GLU C 278 -2.27 23.94 32.79
N ASN C 279 -2.87 25.12 32.73
CA ASN C 279 -4.28 25.28 33.10
C ASN C 279 -5.22 25.20 31.91
N GLY C 280 -4.70 24.92 30.72
CA GLY C 280 -5.52 24.77 29.54
C GLY C 280 -5.91 26.04 28.85
N THR C 281 -5.31 27.17 29.22
CA THR C 281 -5.64 28.46 28.62
C THR C 281 -4.69 28.73 27.46
N ILE C 282 -5.24 29.17 26.33
CA ILE C 282 -4.42 29.64 25.22
C ILE C 282 -3.81 30.96 25.63
N THR C 283 -2.52 30.94 25.98
CA THR C 283 -1.86 32.14 26.47
C THR C 283 -1.05 32.85 25.41
N ASP C 284 -0.72 32.17 24.30
CA ASP C 284 0.13 32.77 23.28
C ASP C 284 -0.11 32.01 21.98
N ALA C 285 0.20 32.68 20.87
CA ALA C 285 -0.02 32.08 19.56
C ALA C 285 0.94 32.71 18.57
N VAL C 286 1.16 32.01 17.46
CA VAL C 286 1.83 32.57 16.29
C VAL C 286 0.96 32.33 15.06
N ASP C 287 0.75 33.39 14.29
CA ASP C 287 0.13 33.29 12.99
C ASP C 287 1.23 33.04 11.96
N CYS C 288 1.04 32.04 11.12
CA CYS C 288 2.15 31.49 10.36
C CYS C 288 2.57 32.35 9.17
N ALA C 289 1.65 33.08 8.55
CA ALA C 289 1.98 33.82 7.34
C ALA C 289 2.35 35.27 7.57
N LEU C 290 2.17 35.80 8.79
CA LEU C 290 2.42 37.22 9.04
C LEU C 290 3.89 37.60 8.85
N ASP C 291 4.81 36.76 9.31
CA ASP C 291 6.25 36.93 9.21
C ASP C 291 6.94 35.63 8.78
N PRO C 292 8.09 35.74 8.10
CA PRO C 292 8.88 34.53 7.81
C PRO C 292 9.35 33.82 9.08
N LEU C 293 9.75 34.59 10.09
CA LEU C 293 10.14 34.01 11.38
C LEU C 293 8.96 33.27 12.00
N SER C 294 7.77 33.86 11.92
CA SER C 294 6.55 33.20 12.38
C SER C 294 6.34 31.86 11.69
N GLU C 295 6.59 31.83 10.38
CA GLU C 295 6.48 30.60 9.59
C GLU C 295 7.51 29.57 10.02
N THR C 296 8.71 30.03 10.40
CA THR C 296 9.71 29.14 10.98
C THR C 296 9.25 28.59 12.33
N LYS C 297 8.56 29.42 13.13
CA LYS C 297 8.00 28.97 14.39
C LYS C 297 6.92 27.92 14.17
N CYS C 298 6.09 28.10 13.14
CA CYS C 298 5.07 27.11 12.81
C CYS C 298 5.68 25.82 12.29
N THR C 299 6.75 25.92 11.51
CA THR C 299 7.39 24.72 10.96
C THR C 299 8.11 23.94 12.05
N LEU C 300 8.83 24.62 12.93
CA LEU C 300 9.58 23.97 13.99
C LEU C 300 8.71 23.56 15.17
N LYS C 301 7.44 24.01 15.19
CA LYS C 301 6.49 23.77 16.28
C LYS C 301 7.03 24.27 17.62
N SER C 302 7.71 25.41 17.59
CA SER C 302 8.33 25.98 18.77
C SER C 302 8.20 27.49 18.75
N PHE C 303 8.13 28.08 19.93
CA PHE C 303 8.07 29.53 20.06
C PHE C 303 9.43 30.19 20.17
N THR C 304 10.48 29.43 20.45
CA THR C 304 11.84 29.93 20.42
C THR C 304 12.59 29.22 19.30
N VAL C 305 13.20 30.01 18.42
CA VAL C 305 13.94 29.48 17.27
C VAL C 305 15.41 29.80 17.48
N GLU C 306 16.25 28.77 17.43
CA GLU C 306 17.67 28.93 17.62
C GLU C 306 18.31 29.53 16.37
N LYS C 307 19.58 29.89 16.48
CA LYS C 307 20.31 30.49 15.37
C LYS C 307 20.55 29.45 14.28
N GLY C 308 20.24 29.80 13.04
CA GLY C 308 20.44 28.89 11.94
C GLY C 308 19.62 29.32 10.73
N ILE C 309 19.64 28.46 9.72
CA ILE C 309 18.89 28.65 8.49
C ILE C 309 17.93 27.47 8.35
N TYR C 310 16.66 27.78 8.12
CA TYR C 310 15.60 26.77 8.19
C TYR C 310 14.76 26.84 6.92
N GLN C 311 14.59 25.69 6.26
CA GLN C 311 13.69 25.59 5.13
C GLN C 311 12.25 25.53 5.65
N THR C 312 11.42 26.46 5.21
CA THR C 312 10.08 26.60 5.75
C THR C 312 8.98 26.26 4.75
N SER C 313 9.04 26.81 3.55
CA SER C 313 8.00 26.56 2.56
C SER C 313 8.59 26.75 1.16
N ASN C 314 7.71 26.79 0.17
CA ASN C 314 8.09 27.01 -1.21
C ASN C 314 7.32 28.21 -1.75
N PHE C 315 8.04 29.16 -2.31
CA PHE C 315 7.41 30.26 -3.03
C PHE C 315 6.94 29.77 -4.38
N ARG C 316 5.69 30.11 -4.72
CA ARG C 316 5.10 29.75 -6.00
C ARG C 316 4.18 30.88 -6.43
N VAL C 317 4.34 31.33 -7.67
CA VAL C 317 3.44 32.36 -8.19
C VAL C 317 2.15 31.68 -8.68
N GLN C 318 1.03 32.29 -8.34
CA GLN C 318 -0.32 31.77 -8.54
C GLN C 318 -0.86 32.18 -9.91
N PRO C 319 -1.75 31.37 -10.49
CA PRO C 319 -2.36 31.76 -11.77
C PRO C 319 -3.28 32.96 -11.62
N THR C 320 -3.34 33.75 -12.69
CA THR C 320 -4.07 35.02 -12.68
C THR C 320 -5.46 34.93 -13.31
N GLU C 321 -5.59 34.25 -14.45
CA GLU C 321 -6.91 34.01 -15.04
C GLU C 321 -6.96 32.62 -15.65
N SER C 322 -8.17 32.17 -15.94
CA SER C 322 -8.40 30.86 -16.54
C SER C 322 -8.67 31.00 -18.03
N ILE C 323 -8.05 30.14 -18.83
CA ILE C 323 -8.28 30.08 -20.26
C ILE C 323 -8.75 28.68 -20.63
N VAL C 324 -9.74 28.61 -21.50
CA VAL C 324 -10.26 27.34 -22.02
C VAL C 324 -10.10 27.36 -23.53
N ARG C 325 -9.43 26.35 -24.07
CA ARG C 325 -9.21 26.24 -25.51
C ARG C 325 -9.87 24.96 -26.00
N PHE C 326 -11.02 25.12 -26.64
CA PHE C 326 -11.77 24.02 -27.25
C PHE C 326 -11.86 24.29 -28.75
N PRO C 327 -12.06 23.27 -29.58
CA PRO C 327 -12.08 23.49 -31.03
C PRO C 327 -13.26 24.33 -31.49
N ASN C 328 -13.03 25.11 -32.55
CA ASN C 328 -13.98 26.13 -32.96
C ASN C 328 -15.17 25.56 -33.70
N ILE C 329 -15.05 24.35 -34.24
CA ILE C 329 -16.12 23.77 -35.05
C ILE C 329 -17.27 23.37 -34.12
N THR C 330 -18.46 23.90 -34.43
CA THR C 330 -19.64 23.72 -33.59
C THR C 330 -20.73 23.06 -34.43
N ASN C 331 -21.00 21.79 -34.14
CA ASN C 331 -22.03 21.03 -34.82
C ASN C 331 -22.98 20.44 -33.79
N LEU C 332 -24.28 20.52 -34.09
CA LEU C 332 -25.27 19.88 -33.24
C LEU C 332 -25.15 18.37 -33.40
N CYS C 333 -25.07 17.66 -32.28
CA CYS C 333 -24.61 16.29 -32.44
C CYS C 333 -25.79 15.35 -32.69
N PRO C 334 -25.64 14.39 -33.63
CA PRO C 334 -26.77 13.50 -33.93
C PRO C 334 -27.02 12.53 -32.78
N PHE C 335 -27.75 13.02 -31.79
CA PHE C 335 -28.06 12.29 -30.56
C PHE C 335 -29.48 11.76 -30.54
N ASP C 336 -30.43 12.45 -31.18
CA ASP C 336 -31.82 12.03 -31.17
C ASP C 336 -32.09 10.82 -32.04
N GLU C 337 -31.18 10.50 -32.96
CA GLU C 337 -31.28 9.24 -33.70
C GLU C 337 -31.01 8.04 -32.81
N VAL C 338 -30.16 8.20 -31.79
CA VAL C 338 -29.80 7.09 -30.93
C VAL C 338 -30.88 6.85 -29.87
N PHE C 339 -31.25 7.87 -29.13
CA PHE C 339 -32.04 7.68 -27.92
C PHE C 339 -33.55 7.80 -28.13
N ASN C 340 -33.97 8.37 -29.26
CA ASN C 340 -35.39 8.51 -29.58
C ASN C 340 -35.79 7.58 -30.72
N ALA C 341 -35.01 6.54 -30.97
CA ALA C 341 -35.32 5.59 -32.04
C ALA C 341 -36.50 4.72 -31.65
N THR C 342 -37.37 4.45 -32.63
CA THR C 342 -38.56 3.65 -32.36
C THR C 342 -38.21 2.18 -32.14
N ARG C 343 -37.23 1.67 -32.87
CA ARG C 343 -36.80 0.29 -32.76
C ARG C 343 -35.33 0.21 -32.38
N PHE C 344 -35.01 -0.68 -31.45
CA PHE C 344 -33.64 -1.01 -31.12
C PHE C 344 -33.31 -2.41 -31.61
N ALA C 345 -32.01 -2.67 -31.75
CA ALA C 345 -31.52 -3.95 -32.23
C ALA C 345 -31.51 -4.98 -31.10
N SER C 346 -31.36 -6.23 -31.51
CA SER C 346 -31.25 -7.35 -30.58
C SER C 346 -29.90 -7.32 -29.86
N VAL C 347 -29.79 -8.12 -28.79
CA VAL C 347 -28.57 -8.11 -27.99
C VAL C 347 -27.43 -8.82 -28.70
N TYR C 348 -27.72 -9.84 -29.53
CA TYR C 348 -26.64 -10.49 -30.26
C TYR C 348 -26.20 -9.68 -31.47
N ALA C 349 -27.04 -8.75 -31.92
CA ALA C 349 -26.72 -7.88 -33.04
C ALA C 349 -26.80 -6.43 -32.59
N TRP C 350 -26.17 -6.12 -31.45
CA TRP C 350 -26.27 -4.80 -30.81
C TRP C 350 -25.71 -3.71 -31.72
N ASN C 351 -26.39 -2.57 -31.71
CA ASN C 351 -26.10 -1.52 -32.67
C ASN C 351 -25.01 -0.60 -32.14
N ARG C 352 -23.93 -0.44 -32.90
CA ARG C 352 -22.78 0.37 -32.52
C ARG C 352 -22.74 1.57 -33.45
N LYS C 353 -22.92 2.76 -32.89
CA LYS C 353 -22.94 3.99 -33.69
C LYS C 353 -21.77 4.88 -33.33
N ARG C 354 -21.11 5.38 -34.37
CA ARG C 354 -20.01 6.33 -34.30
C ARG C 354 -20.50 7.67 -33.73
N ILE C 355 -19.64 8.34 -32.95
CA ILE C 355 -19.85 9.75 -32.65
C ILE C 355 -18.53 10.47 -32.88
N SER C 356 -18.52 11.39 -33.85
CA SER C 356 -17.33 12.19 -34.12
C SER C 356 -17.75 13.47 -34.82
N ASN C 357 -16.87 14.48 -34.72
CA ASN C 357 -17.00 15.79 -35.37
C ASN C 357 -18.32 16.47 -35.03
N CYS C 358 -18.62 16.53 -33.73
CA CYS C 358 -19.85 17.15 -33.27
C CYS C 358 -19.58 17.77 -31.91
N VAL C 359 -20.45 18.71 -31.53
CA VAL C 359 -20.43 19.30 -30.19
C VAL C 359 -21.64 18.76 -29.45
N ALA C 360 -21.38 18.04 -28.36
CA ALA C 360 -22.41 17.28 -27.66
C ALA C 360 -22.78 17.99 -26.38
N ASP C 361 -24.07 18.31 -26.24
CA ASP C 361 -24.61 18.87 -25.02
C ASP C 361 -25.16 17.71 -24.20
N TYR C 362 -24.44 17.33 -23.15
CA TYR C 362 -24.90 16.28 -22.26
C TYR C 362 -25.80 16.79 -21.15
N SER C 363 -26.15 18.08 -21.17
CA SER C 363 -27.17 18.58 -20.25
C SER C 363 -28.55 18.07 -20.65
N VAL C 364 -28.76 17.81 -21.95
CA VAL C 364 -30.07 17.34 -22.41
C VAL C 364 -30.28 15.88 -22.09
N LEU C 365 -29.23 15.17 -21.67
CA LEU C 365 -29.42 13.84 -21.07
C LEU C 365 -30.23 13.96 -19.79
N TYR C 366 -29.96 14.99 -19.00
CA TYR C 366 -30.63 15.16 -17.72
C TYR C 366 -31.86 16.04 -17.82
N ASN C 367 -31.98 16.83 -18.90
CA ASN C 367 -33.15 17.68 -19.08
C ASN C 367 -34.41 16.84 -19.33
N PHE C 368 -34.33 15.93 -20.29
CA PHE C 368 -35.34 14.90 -20.49
C PHE C 368 -34.65 13.56 -20.23
N ALA C 369 -35.23 12.76 -19.34
CA ALA C 369 -34.54 11.56 -18.85
C ALA C 369 -35.54 10.52 -18.39
N PRO C 370 -35.79 9.50 -19.20
CA PRO C 370 -36.47 8.28 -18.71
C PRO C 370 -35.51 7.25 -18.14
N PHE C 371 -34.26 7.62 -17.88
CA PHE C 371 -33.18 6.67 -17.64
C PHE C 371 -33.23 6.20 -16.19
N PHE C 372 -33.63 4.94 -15.99
CA PHE C 372 -33.73 4.43 -14.62
C PHE C 372 -32.34 4.16 -14.04
N ALA C 373 -31.43 3.63 -14.86
CA ALA C 373 -30.06 3.36 -14.45
C ALA C 373 -29.11 4.23 -15.26
N PHE C 374 -28.28 5.01 -14.57
CA PHE C 374 -27.31 5.91 -15.20
C PHE C 374 -25.99 5.70 -14.45
N LYS C 375 -25.19 4.74 -14.88
CA LYS C 375 -24.02 4.29 -14.12
C LYS C 375 -22.76 4.48 -14.95
N CYS C 376 -21.93 5.45 -14.57
CA CYS C 376 -20.67 5.71 -15.26
C CYS C 376 -19.53 5.11 -14.45
N TYR C 377 -18.55 4.55 -15.15
CA TYR C 377 -17.51 3.76 -14.49
C TYR C 377 -16.22 4.53 -14.29
N GLY C 378 -15.61 5.02 -15.37
CA GLY C 378 -14.35 5.70 -15.28
C GLY C 378 -14.39 7.21 -15.35
N VAL C 379 -15.57 7.82 -15.26
CA VAL C 379 -15.70 9.26 -15.50
C VAL C 379 -16.88 9.79 -14.71
N SER C 380 -16.75 11.02 -14.20
CA SER C 380 -17.85 11.69 -13.54
C SER C 380 -18.94 12.06 -14.53
N PRO C 381 -20.22 12.00 -14.14
CA PRO C 381 -21.29 12.44 -15.05
C PRO C 381 -21.34 13.94 -15.25
N THR C 382 -21.15 14.76 -14.20
CA THR C 382 -21.23 16.21 -14.41
C THR C 382 -19.95 16.79 -14.98
N LYS C 383 -18.86 16.03 -15.00
CA LYS C 383 -17.64 16.48 -15.64
C LYS C 383 -17.54 16.00 -17.07
N LEU C 384 -18.60 15.35 -17.58
CA LEU C 384 -18.67 14.98 -18.99
C LEU C 384 -18.78 16.20 -19.89
N ASN C 385 -19.28 17.32 -19.37
CA ASN C 385 -19.39 18.55 -20.13
C ASN C 385 -18.07 19.29 -20.22
N ASP C 386 -17.04 18.86 -19.47
CA ASP C 386 -15.78 19.57 -19.41
C ASP C 386 -14.64 18.80 -20.05
N LEU C 387 -14.89 17.60 -20.55
CA LEU C 387 -13.85 16.73 -21.08
C LEU C 387 -14.05 16.55 -22.58
N CYS C 388 -12.97 16.60 -23.34
CA CYS C 388 -13.04 16.49 -24.79
C CYS C 388 -12.60 15.10 -25.23
N PHE C 389 -13.37 14.50 -26.11
CA PHE C 389 -13.33 13.07 -26.33
C PHE C 389 -13.14 12.75 -27.80
N THR C 390 -12.58 11.58 -28.05
CA THR C 390 -12.83 10.83 -29.27
C THR C 390 -13.11 9.41 -28.83
N ASN C 391 -13.22 8.48 -29.78
CA ASN C 391 -13.58 7.07 -29.53
C ASN C 391 -14.93 6.93 -28.85
N VAL C 392 -15.87 7.81 -29.15
CA VAL C 392 -17.21 7.75 -28.57
C VAL C 392 -18.09 6.83 -29.40
N TYR C 393 -18.61 5.80 -28.74
CA TYR C 393 -19.44 4.77 -29.34
C TYR C 393 -20.72 4.63 -28.55
N ALA C 394 -21.84 4.46 -29.24
CA ALA C 394 -23.13 4.22 -28.62
C ALA C 394 -23.61 2.82 -29.01
N ASP C 395 -23.69 1.92 -28.03
CA ASP C 395 -24.04 0.52 -28.27
C ASP C 395 -25.40 0.26 -27.63
N SER C 396 -26.42 0.08 -28.47
CA SER C 396 -27.80 -0.06 -28.01
C SER C 396 -28.29 -1.49 -28.23
N PHE C 397 -29.00 -2.01 -27.23
CA PHE C 397 -29.63 -3.32 -27.30
C PHE C 397 -30.75 -3.36 -26.26
N VAL C 398 -31.47 -4.49 -26.23
CA VAL C 398 -32.58 -4.70 -25.29
C VAL C 398 -32.33 -6.02 -24.59
N ILE C 399 -32.35 -6.01 -23.24
CA ILE C 399 -32.09 -7.22 -22.47
C ILE C 399 -33.18 -7.41 -21.41
N ARG C 400 -33.08 -8.56 -20.73
CA ARG C 400 -33.96 -9.01 -19.67
C ARG C 400 -33.59 -8.28 -18.36
N GLY C 401 -34.56 -8.22 -17.44
CA GLY C 401 -34.41 -7.39 -16.25
C GLY C 401 -33.32 -7.82 -15.29
N ASN C 402 -33.07 -9.12 -15.16
CA ASN C 402 -32.02 -9.58 -14.27
C ASN C 402 -30.62 -9.53 -14.89
N GLU C 403 -30.53 -9.22 -16.18
CA GLU C 403 -29.27 -9.23 -16.91
C GLU C 403 -28.58 -7.87 -16.94
N VAL C 404 -29.16 -6.86 -16.30
CA VAL C 404 -28.58 -5.52 -16.32
C VAL C 404 -27.31 -5.43 -15.47
N SER C 405 -27.12 -6.36 -14.53
CA SER C 405 -25.87 -6.41 -13.78
C SER C 405 -24.75 -7.05 -14.59
N GLN C 406 -25.07 -7.78 -15.64
CA GLN C 406 -24.05 -8.41 -16.48
C GLN C 406 -23.43 -7.45 -17.48
N ILE C 407 -24.03 -6.28 -17.69
CA ILE C 407 -23.43 -5.25 -18.57
C ILE C 407 -22.48 -4.45 -17.70
N ALA C 408 -21.28 -4.99 -17.51
CA ALA C 408 -20.28 -4.50 -16.57
C ALA C 408 -18.95 -5.19 -16.91
N PRO C 409 -17.81 -4.55 -16.63
CA PRO C 409 -16.53 -5.22 -16.85
C PRO C 409 -16.31 -6.39 -15.90
N GLY C 410 -15.80 -7.49 -16.44
CA GLY C 410 -15.47 -8.65 -15.64
C GLY C 410 -16.64 -9.46 -15.14
N GLN C 411 -17.78 -9.39 -15.80
CA GLN C 411 -18.95 -10.14 -15.37
C GLN C 411 -19.06 -11.48 -16.10
N THR C 412 -19.57 -12.47 -15.38
CA THR C 412 -19.82 -13.80 -15.91
C THR C 412 -21.33 -13.99 -16.07
N GLY C 413 -21.74 -14.43 -17.25
CA GLY C 413 -23.16 -14.62 -17.49
C GLY C 413 -23.38 -15.18 -18.88
N ASN C 414 -24.65 -15.25 -19.27
CA ASN C 414 -24.97 -15.76 -20.59
C ASN C 414 -24.73 -14.69 -21.65
N ILE C 415 -25.29 -13.48 -21.47
CA ILE C 415 -25.10 -12.46 -22.47
C ILE C 415 -23.73 -11.81 -22.35
N ALA C 416 -23.09 -11.91 -21.18
CA ALA C 416 -21.74 -11.39 -21.01
C ALA C 416 -20.73 -12.22 -21.76
N ASP C 417 -20.96 -13.53 -21.88
CA ASP C 417 -20.04 -14.40 -22.60
C ASP C 417 -20.42 -14.59 -24.06
N TYR C 418 -21.71 -14.60 -24.38
CA TYR C 418 -22.16 -15.01 -25.71
C TYR C 418 -22.80 -13.90 -26.51
N ASN C 419 -23.20 -12.78 -25.89
CA ASN C 419 -23.85 -11.72 -26.63
C ASN C 419 -23.07 -10.42 -26.63
N TYR C 420 -22.67 -9.91 -25.46
CA TYR C 420 -21.97 -8.63 -25.37
C TYR C 420 -20.94 -8.72 -24.25
N LYS C 421 -19.66 -8.66 -24.61
CA LYS C 421 -18.57 -8.70 -23.64
C LYS C 421 -17.93 -7.33 -23.53
N LEU C 422 -17.76 -6.85 -22.29
CA LEU C 422 -17.09 -5.59 -22.01
C LEU C 422 -15.65 -5.83 -21.59
N PRO C 423 -14.71 -4.97 -22.00
CA PRO C 423 -13.33 -5.16 -21.58
C PRO C 423 -13.14 -4.80 -20.11
N ASP C 424 -12.03 -5.30 -19.55
CA ASP C 424 -11.74 -5.05 -18.14
C ASP C 424 -11.36 -3.59 -17.89
N ASP C 425 -10.71 -2.94 -18.85
CA ASP C 425 -10.33 -1.54 -18.75
C ASP C 425 -11.35 -0.62 -19.40
N PHE C 426 -12.63 -0.96 -19.30
CA PHE C 426 -13.69 -0.19 -19.93
C PHE C 426 -13.87 1.16 -19.26
N THR C 427 -13.95 2.21 -20.07
CA THR C 427 -14.28 3.55 -19.60
C THR C 427 -15.50 4.04 -20.34
N GLY C 428 -16.50 4.50 -19.60
CA GLY C 428 -17.73 4.97 -20.19
C GLY C 428 -18.89 4.82 -19.21
N CYS C 429 -20.09 4.84 -19.78
CA CYS C 429 -21.33 4.85 -19.00
C CYS C 429 -22.29 3.81 -19.55
N VAL C 430 -23.05 3.17 -18.66
CA VAL C 430 -24.16 2.31 -19.05
C VAL C 430 -25.48 2.99 -18.65
N ILE C 431 -26.43 2.96 -19.57
CA ILE C 431 -27.73 3.61 -19.41
C ILE C 431 -28.77 2.53 -19.63
N ALA C 432 -29.75 2.43 -18.72
CA ALA C 432 -30.80 1.44 -18.85
C ALA C 432 -32.15 2.08 -18.55
N TRP C 433 -33.12 1.85 -19.43
CA TRP C 433 -34.47 2.34 -19.18
C TRP C 433 -35.50 1.39 -19.75
N ASN C 434 -36.69 1.39 -19.16
CA ASN C 434 -37.70 0.41 -19.49
C ASN C 434 -38.45 0.79 -20.76
N SER C 435 -38.93 -0.23 -21.47
CA SER C 435 -39.52 -0.06 -22.79
C SER C 435 -40.77 -0.93 -22.95
N ASN C 436 -41.65 -0.90 -21.94
CA ASN C 436 -42.90 -1.64 -22.06
C ASN C 436 -43.83 -1.03 -23.11
N LYS C 437 -43.78 0.29 -23.27
CA LYS C 437 -44.70 0.96 -24.19
C LYS C 437 -44.33 0.74 -25.65
N LEU C 438 -43.06 0.45 -25.94
CA LEU C 438 -42.59 0.34 -27.32
C LEU C 438 -42.01 -1.02 -27.68
N ASP C 439 -41.41 -1.74 -26.72
CA ASP C 439 -40.71 -2.99 -27.01
C ASP C 439 -41.39 -4.20 -26.37
N SER C 440 -42.70 -4.13 -26.17
CA SER C 440 -43.45 -5.26 -25.63
C SER C 440 -44.79 -5.34 -26.34
N LYS C 441 -45.26 -6.57 -26.52
CA LYS C 441 -46.56 -6.83 -27.12
C LYS C 441 -47.34 -7.80 -26.25
N VAL C 442 -48.67 -7.67 -26.27
CA VAL C 442 -49.53 -8.47 -25.39
C VAL C 442 -49.52 -9.94 -25.82
N GLY C 443 -49.31 -10.22 -27.10
CA GLY C 443 -49.12 -11.58 -27.57
C GLY C 443 -47.72 -12.11 -27.42
N GLY C 444 -46.77 -11.25 -27.02
CA GLY C 444 -45.39 -11.66 -26.87
C GLY C 444 -44.50 -11.06 -27.95
N ASN C 445 -43.65 -10.12 -27.57
CA ASN C 445 -42.75 -9.49 -28.53
C ASN C 445 -41.53 -10.39 -28.69
N TYR C 446 -41.46 -11.07 -29.83
CA TYR C 446 -40.41 -12.06 -30.09
C TYR C 446 -39.32 -11.53 -30.99
N ASN C 447 -39.28 -10.22 -31.23
CA ASN C 447 -38.29 -9.64 -32.13
C ASN C 447 -36.90 -9.56 -31.54
N TYR C 448 -36.76 -9.73 -30.23
CA TYR C 448 -35.47 -9.65 -29.54
C TYR C 448 -35.02 -11.04 -29.14
N LEU C 449 -33.83 -11.42 -29.59
CA LEU C 449 -33.29 -12.75 -29.40
C LEU C 449 -31.91 -12.64 -28.78
N TYR C 450 -31.48 -13.73 -28.13
CA TYR C 450 -30.17 -13.81 -27.52
C TYR C 450 -29.51 -15.13 -27.89
N ARG C 451 -28.18 -15.10 -27.97
CA ARG C 451 -27.38 -16.27 -28.33
C ARG C 451 -27.15 -17.10 -27.08
N LEU C 452 -27.95 -18.16 -26.92
CA LEU C 452 -27.85 -19.01 -25.74
C LEU C 452 -26.60 -19.90 -25.79
N PHE C 453 -26.29 -20.44 -26.96
CA PHE C 453 -25.25 -21.45 -27.11
C PHE C 453 -24.14 -20.94 -28.01
N ARG C 454 -22.90 -21.12 -27.58
CA ARG C 454 -21.75 -20.85 -28.43
C ARG C 454 -20.56 -21.66 -27.93
N LYS C 455 -19.63 -21.93 -28.84
CA LYS C 455 -18.50 -22.79 -28.53
C LYS C 455 -17.46 -22.09 -27.67
N SER C 456 -17.38 -20.76 -27.74
CA SER C 456 -16.36 -20.02 -27.00
C SER C 456 -16.90 -18.64 -26.64
N ASN C 457 -16.24 -18.01 -25.68
CA ASN C 457 -16.65 -16.70 -25.22
C ASN C 457 -16.29 -15.62 -26.25
N LEU C 458 -17.00 -14.50 -26.17
CA LEU C 458 -16.76 -13.37 -27.06
C LEU C 458 -15.62 -12.51 -26.56
N LYS C 459 -14.98 -11.82 -27.50
CA LYS C 459 -14.01 -10.79 -27.16
C LYS C 459 -14.74 -9.49 -26.86
N PRO C 460 -14.07 -8.54 -26.22
CA PRO C 460 -14.65 -7.21 -26.01
C PRO C 460 -15.06 -6.56 -27.33
N PHE C 461 -16.27 -5.98 -27.32
CA PHE C 461 -16.82 -5.19 -28.44
C PHE C 461 -16.87 -5.97 -29.76
N GLU C 462 -17.21 -7.26 -29.67
CA GLU C 462 -17.30 -8.11 -30.85
C GLU C 462 -18.74 -8.60 -30.97
N ARG C 463 -19.23 -8.67 -32.21
CA ARG C 463 -20.63 -8.99 -32.48
C ARG C 463 -20.70 -10.25 -33.32
N ASP C 464 -21.60 -11.16 -32.94
CA ASP C 464 -21.77 -12.44 -33.60
C ASP C 464 -23.21 -12.55 -34.11
N ILE C 465 -23.36 -12.67 -35.42
CA ILE C 465 -24.67 -12.79 -36.06
C ILE C 465 -24.76 -14.05 -36.91
N SER C 466 -23.86 -15.01 -36.69
CA SER C 466 -23.85 -16.23 -37.48
C SER C 466 -24.89 -17.20 -36.95
N THR C 467 -25.83 -17.60 -37.81
CA THR C 467 -26.91 -18.50 -37.42
C THR C 467 -26.58 -19.94 -37.81
N GLU C 468 -25.46 -20.43 -37.28
CA GLU C 468 -25.05 -21.81 -37.47
C GLU C 468 -25.48 -22.65 -36.26
N ILE C 469 -25.64 -23.95 -36.50
CA ILE C 469 -26.13 -24.85 -35.46
C ILE C 469 -25.00 -25.11 -34.47
N TYR C 470 -25.37 -25.44 -33.23
CA TYR C 470 -24.42 -25.74 -32.18
C TYR C 470 -24.50 -27.21 -31.80
N GLN C 471 -23.33 -27.84 -31.63
CA GLN C 471 -23.25 -29.24 -31.24
C GLN C 471 -23.13 -29.29 -29.73
N ALA C 472 -24.24 -29.60 -29.05
CA ALA C 472 -24.26 -29.63 -27.59
C ALA C 472 -23.88 -30.99 -27.02
N GLY C 473 -23.67 -32.00 -27.85
CA GLY C 473 -23.33 -33.32 -27.38
C GLY C 473 -22.15 -33.92 -28.12
N ASN C 474 -21.89 -35.20 -27.87
CA ASN C 474 -20.80 -35.88 -28.58
C ASN C 474 -21.20 -36.20 -30.02
N LYS C 475 -22.49 -36.40 -30.28
CA LYS C 475 -22.97 -36.72 -31.61
C LYS C 475 -22.97 -35.47 -32.47
N PRO C 476 -22.46 -35.54 -33.70
CA PRO C 476 -22.50 -34.38 -34.60
C PRO C 476 -23.92 -34.07 -35.06
N CYS C 477 -24.13 -32.81 -35.43
CA CYS C 477 -25.44 -32.33 -35.82
C CYS C 477 -25.61 -32.23 -37.33
N ASN C 478 -24.55 -31.83 -38.04
CA ASN C 478 -24.50 -31.70 -39.51
C ASN C 478 -25.58 -30.74 -40.03
N GLY C 479 -25.84 -29.68 -39.29
CA GLY C 479 -26.76 -28.64 -39.73
C GLY C 479 -28.22 -28.92 -39.49
N VAL C 480 -28.57 -30.01 -38.79
CA VAL C 480 -29.94 -30.39 -38.55
C VAL C 480 -30.17 -30.43 -37.04
N ALA C 481 -31.17 -29.69 -36.57
CA ALA C 481 -31.48 -29.66 -35.15
C ALA C 481 -32.17 -30.95 -34.72
N GLY C 482 -32.10 -31.23 -33.43
CA GLY C 482 -32.70 -32.44 -32.89
C GLY C 482 -32.19 -32.78 -31.50
N PHE C 483 -31.94 -34.07 -31.26
CA PHE C 483 -31.33 -34.48 -30.00
C PHE C 483 -29.87 -34.04 -29.97
N ASN C 484 -29.48 -33.40 -28.86
CA ASN C 484 -28.16 -32.78 -28.67
C ASN C 484 -27.82 -31.76 -29.75
N CYS C 485 -28.84 -31.15 -30.35
CA CYS C 485 -28.65 -30.16 -31.43
C CYS C 485 -29.70 -29.08 -31.23
N TYR C 486 -29.27 -27.91 -30.81
CA TYR C 486 -30.18 -26.81 -30.55
C TYR C 486 -29.74 -25.58 -31.33
N PHE C 487 -30.72 -24.79 -31.76
CA PHE C 487 -30.43 -23.50 -32.35
C PHE C 487 -29.85 -22.58 -31.30
N PRO C 488 -28.79 -21.81 -31.62
CA PRO C 488 -28.15 -20.96 -30.60
C PRO C 488 -29.00 -19.78 -30.17
N LEU C 489 -30.01 -19.41 -30.95
CA LEU C 489 -30.77 -18.20 -30.72
C LEU C 489 -32.09 -18.54 -30.04
N ARG C 490 -32.36 -17.91 -28.90
CA ARG C 490 -33.62 -18.03 -28.21
C ARG C 490 -34.30 -16.66 -28.13
N SER C 491 -35.60 -16.64 -28.32
CA SER C 491 -36.36 -15.40 -28.29
C SER C 491 -36.88 -15.14 -26.88
N TYR C 492 -36.84 -13.87 -26.48
CA TYR C 492 -37.38 -13.48 -25.19
C TYR C 492 -38.90 -13.46 -25.24
N GLY C 493 -39.53 -13.93 -24.16
CA GLY C 493 -40.96 -13.84 -24.05
C GLY C 493 -41.38 -12.54 -23.40
N PHE C 494 -41.23 -11.43 -24.13
CA PHE C 494 -41.53 -10.12 -23.56
C PHE C 494 -43.03 -9.87 -23.66
N ARG C 495 -43.69 -9.79 -22.51
CA ARG C 495 -45.10 -9.48 -22.37
C ARG C 495 -45.27 -8.43 -21.28
N PRO C 496 -46.25 -7.52 -21.43
CA PRO C 496 -46.40 -6.45 -20.43
C PRO C 496 -46.97 -6.94 -19.10
N THR C 497 -47.53 -8.14 -19.05
CA THR C 497 -48.12 -8.65 -17.81
C THR C 497 -47.07 -9.10 -16.81
N TYR C 498 -45.83 -9.32 -17.25
CA TYR C 498 -44.78 -9.74 -16.34
C TYR C 498 -44.32 -8.55 -15.48
N GLY C 499 -43.85 -8.87 -14.28
CA GLY C 499 -43.30 -7.88 -13.39
C GLY C 499 -41.85 -7.58 -13.70
N VAL C 500 -41.23 -6.80 -12.81
CA VAL C 500 -39.83 -6.44 -12.97
C VAL C 500 -38.95 -7.65 -12.74
N GLY C 501 -37.76 -7.64 -13.34
CA GLY C 501 -36.89 -8.79 -13.39
C GLY C 501 -36.96 -9.58 -14.67
N HIS C 502 -38.06 -9.45 -15.42
CA HIS C 502 -38.18 -10.02 -16.74
C HIS C 502 -38.67 -9.04 -17.79
N GLN C 503 -38.99 -7.80 -17.39
CA GLN C 503 -39.37 -6.78 -18.35
C GLN C 503 -38.18 -6.39 -19.22
N PRO C 504 -38.42 -6.02 -20.47
CA PRO C 504 -37.31 -5.57 -21.32
C PRO C 504 -36.81 -4.19 -20.92
N TYR C 505 -35.50 -4.08 -20.73
CA TYR C 505 -34.84 -2.79 -20.62
C TYR C 505 -33.97 -2.51 -21.84
N ARG C 506 -34.15 -1.33 -22.41
CA ARG C 506 -33.26 -0.78 -23.41
C ARG C 506 -31.99 -0.33 -22.71
N VAL C 507 -30.87 -0.94 -23.06
CA VAL C 507 -29.58 -0.68 -22.44
C VAL C 507 -28.64 -0.20 -23.54
N VAL C 508 -28.02 0.96 -23.30
CA VAL C 508 -27.08 1.57 -24.23
C VAL C 508 -25.80 1.91 -23.47
N VAL C 509 -24.67 1.60 -24.09
CA VAL C 509 -23.36 1.79 -23.50
C VAL C 509 -22.66 2.88 -24.30
N LEU C 510 -22.24 3.93 -23.62
CA LEU C 510 -21.41 4.96 -24.21
C LEU C 510 -19.97 4.67 -23.84
N SER C 511 -19.11 4.58 -24.84
CA SER C 511 -17.70 4.30 -24.65
C SER C 511 -16.90 5.49 -25.16
N PHE C 512 -15.85 5.84 -24.42
CA PHE C 512 -14.98 6.97 -24.71
C PHE C 512 -13.53 6.49 -24.68
N GLU C 513 -12.59 7.43 -24.91
CA GLU C 513 -11.19 7.25 -24.55
C GLU C 513 -10.74 8.54 -23.88
N LEU C 514 -9.61 8.45 -23.18
CA LEU C 514 -9.05 9.60 -22.48
C LEU C 514 -7.65 9.92 -23.00
N LEU C 515 -7.54 11.01 -23.74
CA LEU C 515 -6.34 11.84 -23.94
C LEU C 515 -5.27 11.17 -24.82
N HIS C 516 -5.49 9.94 -25.28
CA HIS C 516 -4.49 9.24 -26.07
C HIS C 516 -4.61 9.52 -27.57
N ALA C 517 -5.51 10.42 -27.96
CA ALA C 517 -5.76 10.73 -29.36
C ALA C 517 -6.29 12.15 -29.43
N PRO C 518 -6.20 12.80 -30.60
CA PRO C 518 -6.90 14.08 -30.78
C PRO C 518 -8.41 13.94 -30.64
N ALA C 519 -9.02 14.89 -29.95
CA ALA C 519 -10.42 14.83 -29.59
C ALA C 519 -11.27 15.62 -30.57
N THR C 520 -12.51 15.15 -30.75
CA THR C 520 -13.43 15.80 -31.68
C THR C 520 -14.77 16.19 -31.07
N VAL C 521 -15.12 15.69 -29.88
CA VAL C 521 -16.42 15.93 -29.28
C VAL C 521 -16.26 16.37 -27.81
N CYS C 522 -16.94 17.47 -27.47
CA CYS C 522 -17.17 17.96 -26.10
C CYS C 522 -18.25 19.02 -26.09
N GLY C 523 -18.41 19.63 -24.91
CA GLY C 523 -19.61 20.34 -24.52
C GLY C 523 -19.66 21.79 -24.93
N PRO C 524 -20.68 22.51 -24.43
CA PRO C 524 -20.93 23.88 -24.89
C PRO C 524 -20.06 24.94 -24.23
N LYS C 525 -18.93 24.55 -23.63
CA LYS C 525 -18.04 25.51 -22.99
C LYS C 525 -17.36 26.38 -24.04
N LYS C 526 -17.41 27.69 -23.83
CA LYS C 526 -16.92 28.64 -24.80
C LYS C 526 -15.44 28.94 -24.60
N SER C 527 -14.76 29.20 -25.71
CA SER C 527 -13.32 29.42 -25.71
C SER C 527 -12.97 30.78 -25.13
N THR C 528 -11.80 30.87 -24.53
CA THR C 528 -11.22 32.08 -24.01
C THR C 528 -10.05 32.42 -24.94
N ASN C 529 -9.65 33.70 -24.98
CA ASN C 529 -8.52 34.09 -25.82
C ASN C 529 -7.21 33.54 -25.25
N LEU C 530 -6.19 33.55 -26.09
CA LEU C 530 -4.92 32.93 -25.77
C LEU C 530 -3.95 33.97 -25.21
N VAL C 531 -3.25 33.60 -24.14
CA VAL C 531 -2.32 34.49 -23.48
C VAL C 531 -0.93 33.87 -23.53
N LYS C 532 0.08 34.73 -23.60
CA LYS C 532 1.47 34.31 -23.68
C LYS C 532 2.26 34.88 -22.51
N ASN C 533 3.21 34.09 -22.02
CA ASN C 533 4.18 34.48 -20.99
C ASN C 533 3.52 34.91 -19.69
N LYS C 534 2.38 34.30 -19.35
CA LYS C 534 1.65 34.65 -18.15
C LYS C 534 1.21 33.38 -17.44
N CYS C 535 1.39 33.36 -16.12
CA CYS C 535 1.02 32.21 -15.30
C CYS C 535 -0.50 32.07 -15.27
N VAL C 536 -1.03 31.09 -15.99
CA VAL C 536 -2.47 30.87 -16.08
C VAL C 536 -2.73 29.38 -15.89
N ASN C 537 -3.95 29.07 -15.49
CA ASN C 537 -4.44 27.70 -15.54
C ASN C 537 -5.31 27.51 -16.78
N PHE C 538 -4.96 26.50 -17.57
CA PHE C 538 -5.52 26.27 -18.89
C PHE C 538 -6.25 24.95 -18.94
N ASN C 539 -7.23 24.88 -19.84
CA ASN C 539 -8.03 23.68 -20.10
C ASN C 539 -7.99 23.47 -21.61
N PHE C 540 -7.01 22.70 -22.07
CA PHE C 540 -6.85 22.36 -23.49
C PHE C 540 -7.45 20.98 -23.71
N ASN C 541 -8.66 20.95 -24.28
CA ASN C 541 -9.36 19.72 -24.70
C ASN C 541 -9.57 18.75 -23.55
N GLY C 542 -9.89 19.28 -22.38
CA GLY C 542 -10.05 18.47 -21.18
C GLY C 542 -8.78 18.29 -20.38
N LEU C 543 -7.64 18.74 -20.89
CA LEU C 543 -6.36 18.65 -20.19
C LEU C 543 -6.19 19.94 -19.39
N THR C 544 -6.23 19.83 -18.06
CA THR C 544 -6.13 20.99 -17.19
C THR C 544 -4.74 21.06 -16.59
N GLY C 545 -4.16 22.25 -16.59
CA GLY C 545 -2.84 22.42 -16.00
C GLY C 545 -2.49 23.88 -15.81
N THR C 546 -1.54 24.12 -14.92
CA THR C 546 -1.12 25.48 -14.58
C THR C 546 0.28 25.72 -15.12
N GLY C 547 0.46 26.82 -15.84
CA GLY C 547 1.76 27.15 -16.37
C GLY C 547 1.72 28.42 -17.19
N VAL C 548 2.85 28.71 -17.82
CA VAL C 548 2.98 29.76 -18.81
C VAL C 548 3.07 29.10 -20.18
N LEU C 549 2.49 29.77 -21.18
CA LEU C 549 2.44 29.28 -22.54
C LEU C 549 3.32 30.18 -23.40
N THR C 550 4.31 29.58 -24.06
CA THR C 550 5.30 30.34 -24.81
C THR C 550 5.38 29.83 -26.24
N GLU C 551 5.99 30.65 -27.10
CA GLU C 551 6.33 30.21 -28.44
C GLU C 551 7.43 29.16 -28.37
N SER C 552 7.29 28.11 -29.18
CA SER C 552 8.22 26.99 -29.16
C SER C 552 8.92 26.85 -30.51
N ASN C 553 10.19 26.45 -30.47
CA ASN C 553 10.96 26.18 -31.67
C ASN C 553 11.03 24.69 -31.99
N LYS C 554 10.23 23.88 -31.31
CA LYS C 554 10.22 22.44 -31.53
C LYS C 554 9.32 22.13 -32.72
N LYS C 555 9.90 21.55 -33.77
CA LYS C 555 9.17 21.27 -34.99
C LYS C 555 8.27 20.04 -34.82
N PHE C 556 6.99 20.27 -34.59
CA PHE C 556 6.04 19.18 -34.46
C PHE C 556 5.66 18.68 -35.84
N LEU C 557 5.54 17.36 -35.96
CA LEU C 557 5.01 16.78 -37.18
C LEU C 557 3.50 17.00 -37.23
N PRO C 558 2.91 17.01 -38.45
CA PRO C 558 1.47 17.30 -38.58
C PRO C 558 0.52 16.42 -37.78
N PHE C 559 0.88 15.16 -37.52
CA PHE C 559 0.00 14.32 -36.72
C PHE C 559 0.17 14.59 -35.24
N GLN C 560 1.33 15.06 -34.82
CA GLN C 560 1.67 15.20 -33.41
C GLN C 560 0.96 16.39 -32.79
N GLN C 561 0.31 16.16 -31.66
CA GLN C 561 -0.44 17.19 -30.94
C GLN C 561 0.22 17.51 -29.60
N PHE C 562 0.37 16.52 -28.73
CA PHE C 562 0.95 16.72 -27.42
C PHE C 562 2.46 16.55 -27.46
N GLY C 563 3.12 17.04 -26.43
CA GLY C 563 4.55 16.93 -26.31
C GLY C 563 4.94 16.50 -24.91
N ARG C 564 6.04 15.75 -24.84
CA ARG C 564 6.56 15.29 -23.55
C ARG C 564 8.04 15.58 -23.47
N ASP C 565 8.51 15.75 -22.25
CA ASP C 565 9.92 15.95 -21.95
C ASP C 565 10.59 14.60 -21.70
N ILE C 566 11.80 14.63 -21.13
CA ILE C 566 12.45 13.41 -20.68
C ILE C 566 11.67 12.76 -19.54
N ALA C 567 10.98 13.56 -18.73
CA ALA C 567 10.19 13.09 -17.60
C ALA C 567 8.84 12.51 -18.00
N ASP C 568 8.47 12.55 -19.28
CA ASP C 568 7.15 12.20 -19.79
C ASP C 568 6.05 12.99 -19.08
N THR C 569 6.30 14.29 -18.94
CA THR C 569 5.37 15.27 -18.42
C THR C 569 4.98 16.18 -19.57
N THR C 570 3.74 16.67 -19.57
CA THR C 570 3.21 17.48 -20.66
C THR C 570 4.01 18.76 -20.83
N ASP C 571 4.77 18.82 -21.93
CA ASP C 571 5.76 19.86 -22.18
C ASP C 571 5.30 20.83 -23.26
N ALA C 572 4.51 20.38 -24.22
CA ALA C 572 4.00 21.26 -25.25
C ALA C 572 2.61 20.81 -25.66
N VAL C 573 1.87 21.71 -26.28
CA VAL C 573 0.49 21.42 -26.68
C VAL C 573 0.19 22.19 -27.97
N ARG C 574 -0.63 21.59 -28.83
CA ARG C 574 -1.07 22.24 -30.05
C ARG C 574 -2.54 22.61 -29.89
N ASP C 575 -2.83 23.91 -29.98
CA ASP C 575 -4.17 24.41 -29.82
C ASP C 575 -5.04 23.97 -30.99
N PRO C 576 -6.26 23.48 -30.74
CA PRO C 576 -7.09 22.98 -31.86
C PRO C 576 -7.58 24.07 -32.81
N GLN C 577 -7.77 25.30 -32.33
CA GLN C 577 -8.33 26.34 -33.19
C GLN C 577 -7.28 26.90 -34.14
N THR C 578 -6.15 27.37 -33.59
CA THR C 578 -5.05 27.87 -34.40
C THR C 578 -3.84 26.98 -34.16
N LEU C 579 -3.23 26.53 -35.25
CA LEU C 579 -2.31 25.39 -35.21
C LEU C 579 -0.87 25.90 -35.07
N GLU C 580 -0.55 26.32 -33.86
CA GLU C 580 0.82 26.60 -33.46
C GLU C 580 1.10 25.79 -32.20
N ILE C 581 2.37 25.65 -31.89
CA ILE C 581 2.79 24.84 -30.75
C ILE C 581 3.11 25.76 -29.59
N LEU C 582 2.41 25.55 -28.47
CA LEU C 582 2.60 26.33 -27.26
C LEU C 582 3.37 25.49 -26.28
N ASP C 583 4.59 25.92 -25.98
CA ASP C 583 5.40 25.27 -24.95
C ASP C 583 4.86 25.63 -23.57
N ILE C 584 4.61 24.61 -22.76
CA ILE C 584 4.08 24.77 -21.41
C ILE C 584 5.26 24.71 -20.46
N THR C 585 5.44 25.75 -19.66
CA THR C 585 6.45 25.75 -18.63
C THR C 585 5.78 26.03 -17.29
N PRO C 586 6.10 25.29 -16.24
CA PRO C 586 5.49 25.58 -14.93
C PRO C 586 5.89 26.95 -14.41
N CYS C 587 4.99 27.54 -13.64
CA CYS C 587 5.16 28.91 -13.14
C CYS C 587 6.32 28.96 -12.16
N SER C 588 6.79 30.18 -11.89
CA SER C 588 8.00 30.37 -11.10
C SER C 588 7.81 29.91 -9.67
N PHE C 589 8.82 29.23 -9.14
CA PHE C 589 8.74 28.63 -7.81
C PHE C 589 10.16 28.40 -7.31
N GLY C 590 10.26 28.11 -6.02
CA GLY C 590 11.53 27.81 -5.41
C GLY C 590 11.32 27.53 -3.94
N GLY C 591 12.41 27.11 -3.29
CA GLY C 591 12.38 26.90 -1.86
C GLY C 591 12.70 28.19 -1.12
N VAL C 592 12.14 28.34 0.07
CA VAL C 592 12.36 29.52 0.90
C VAL C 592 13.02 29.08 2.19
N SER C 593 14.18 29.65 2.47
CA SER C 593 14.91 29.40 3.71
C SER C 593 14.92 30.67 4.54
N VAL C 594 14.71 30.54 5.84
CA VAL C 594 14.67 31.69 6.74
C VAL C 594 15.92 31.66 7.60
N ILE C 595 16.76 32.67 7.42
CA ILE C 595 17.99 32.81 8.19
C ILE C 595 17.68 33.71 9.37
N THR C 596 17.92 33.19 10.58
CA THR C 596 17.65 33.95 11.77
C THR C 596 18.77 33.73 12.78
N PRO C 597 19.03 34.70 13.64
CA PRO C 597 19.72 34.40 14.90
C PRO C 597 18.71 33.86 15.91
N GLY C 598 19.13 33.67 17.15
CA GLY C 598 18.20 33.24 18.17
C GLY C 598 17.15 34.30 18.46
N THR C 599 15.97 33.84 18.88
CA THR C 599 14.94 34.77 19.31
C THR C 599 15.29 35.45 20.63
N ASN C 600 16.23 34.87 21.39
CA ASN C 600 16.83 35.60 22.51
C ASN C 600 17.64 36.79 22.02
N THR C 601 18.23 36.68 20.82
CA THR C 601 19.07 37.75 20.29
C THR C 601 18.25 38.81 19.57
N SER C 602 17.52 38.40 18.52
CA SER C 602 16.77 39.35 17.72
C SER C 602 15.63 38.65 17.00
N ASN C 603 14.70 39.44 16.50
CA ASN C 603 13.61 38.95 15.66
C ASN C 603 13.79 39.26 14.19
N GLN C 604 14.92 39.85 13.80
CA GLN C 604 15.17 40.14 12.40
C GLN C 604 15.54 38.85 11.67
N VAL C 605 15.07 38.73 10.42
CA VAL C 605 15.32 37.56 9.60
C VAL C 605 15.77 38.00 8.21
N ALA C 606 16.45 37.08 7.53
CA ALA C 606 16.74 37.18 6.11
C ALA C 606 16.08 36.00 5.41
N VAL C 607 15.75 36.18 4.14
CA VAL C 607 15.03 35.16 3.38
C VAL C 607 15.85 34.79 2.16
N LEU C 608 16.14 33.51 2.00
CA LEU C 608 16.88 33.00 0.85
C LEU C 608 15.90 32.26 -0.06
N TYR C 609 15.75 32.76 -1.27
CA TYR C 609 15.00 32.06 -2.31
C TYR C 609 16.02 31.21 -3.06
N GLN C 610 15.93 29.90 -2.87
CA GLN C 610 16.99 29.00 -3.31
C GLN C 610 16.91 28.75 -4.81
N GLY C 611 18.04 28.93 -5.50
CA GLY C 611 18.13 28.64 -6.91
C GLY C 611 17.34 29.57 -7.80
N VAL C 612 16.99 30.75 -7.31
CA VAL C 612 16.13 31.69 -8.01
C VAL C 612 16.90 32.99 -8.20
N ASN C 613 16.95 33.47 -9.44
CA ASN C 613 17.55 34.77 -9.72
C ASN C 613 16.70 35.88 -9.08
N CYS C 614 17.35 37.00 -8.77
CA CYS C 614 16.70 38.04 -8.00
C CYS C 614 15.65 38.82 -8.77
N THR C 615 15.58 38.66 -10.09
CA THR C 615 14.57 39.34 -10.89
C THR C 615 13.26 38.57 -11.00
N GLU C 616 13.22 37.32 -10.54
CA GLU C 616 12.02 36.50 -10.58
C GLU C 616 11.40 36.32 -9.19
N VAL C 617 11.44 37.37 -8.37
CA VAL C 617 10.84 37.32 -7.05
C VAL C 617 10.29 38.68 -6.66
N ASN C 638 18.09 45.74 0.37
CA ASN C 638 18.96 44.65 0.81
C ASN C 638 18.69 43.39 0.00
N VAL C 639 18.98 43.45 -1.29
CA VAL C 639 18.81 42.34 -2.21
C VAL C 639 20.18 41.94 -2.73
N PHE C 640 20.57 40.69 -2.50
CA PHE C 640 21.88 40.21 -2.90
C PHE C 640 21.72 38.94 -3.71
N GLN C 641 22.54 38.78 -4.74
CA GLN C 641 22.50 37.60 -5.59
C GLN C 641 23.66 36.69 -5.23
N THR C 642 23.34 35.47 -4.81
CA THR C 642 24.31 34.41 -4.58
C THR C 642 24.07 33.28 -5.58
N ARG C 643 25.03 32.37 -5.66
CA ARG C 643 24.83 31.20 -6.50
C ARG C 643 23.82 30.25 -5.84
N ALA C 644 23.72 30.30 -4.51
CA ALA C 644 22.69 29.55 -3.81
C ALA C 644 21.30 30.08 -4.09
N GLY C 645 21.16 31.38 -4.27
CA GLY C 645 19.86 31.97 -4.58
C GLY C 645 19.88 33.45 -4.28
N CYS C 646 18.68 34.02 -4.18
CA CYS C 646 18.52 35.44 -3.89
C CYS C 646 18.29 35.65 -2.40
N LEU C 647 19.10 36.51 -1.80
CA LEU C 647 19.05 36.77 -0.36
C LEU C 647 18.45 38.15 -0.12
N ILE C 648 17.37 38.19 0.65
CA ILE C 648 16.64 39.42 0.95
C ILE C 648 16.77 39.70 2.44
N GLY C 649 17.12 40.93 2.78
CA GLY C 649 17.19 41.34 4.17
C GLY C 649 18.57 41.31 4.78
N ALA C 650 19.58 40.84 4.06
CA ALA C 650 20.96 40.85 4.53
C ALA C 650 21.83 41.61 3.53
N GLU C 651 22.67 42.51 4.03
CA GLU C 651 23.55 43.29 3.18
C GLU C 651 24.89 42.58 3.06
N TYR C 652 25.49 42.68 1.89
CA TYR C 652 26.77 42.04 1.65
C TYR C 652 27.91 42.90 2.17
N VAL C 653 28.87 42.26 2.84
CA VAL C 653 30.02 42.93 3.43
C VAL C 653 31.28 42.36 2.80
N ASN C 654 32.16 43.24 2.32
CA ASN C 654 33.39 42.80 1.68
C ASN C 654 34.37 42.21 2.67
N ASN C 655 34.28 42.60 3.95
CA ASN C 655 35.10 42.00 4.99
C ASN C 655 34.68 40.54 5.23
N SER C 656 35.68 39.67 5.37
CA SER C 656 35.47 38.24 5.52
C SER C 656 35.60 37.84 6.98
N TYR C 657 34.69 36.97 7.43
CA TYR C 657 34.68 36.47 8.79
C TYR C 657 34.56 34.96 8.76
N GLU C 658 34.62 34.35 9.93
CA GLU C 658 34.34 32.93 10.06
C GLU C 658 32.85 32.70 9.85
N CYS C 659 32.50 31.55 9.27
CA CYS C 659 31.12 31.25 8.95
C CYS C 659 30.30 31.06 10.22
N ASP C 660 29.17 31.77 10.31
CA ASP C 660 28.26 31.64 11.44
C ASP C 660 26.99 30.90 11.04
N ILE C 661 26.24 31.41 10.07
CA ILE C 661 25.08 30.74 9.51
C ILE C 661 25.38 30.46 8.04
N PRO C 662 25.45 29.21 7.63
CA PRO C 662 25.84 28.90 6.24
C PRO C 662 24.71 29.19 5.25
N ILE C 663 25.01 30.00 4.24
CA ILE C 663 24.09 30.20 3.13
C ILE C 663 24.41 29.24 1.99
N GLY C 664 25.68 29.13 1.64
CA GLY C 664 26.08 28.27 0.56
C GLY C 664 26.90 29.04 -0.46
N ALA C 665 27.64 28.29 -1.30
CA ALA C 665 28.50 28.84 -2.35
C ALA C 665 29.52 29.85 -1.81
N GLY C 666 30.05 29.55 -0.62
CA GLY C 666 31.00 30.43 0.01
C GLY C 666 30.39 31.56 0.81
N ILE C 667 29.08 31.70 0.80
CA ILE C 667 28.40 32.80 1.46
C ILE C 667 27.89 32.32 2.81
N CYS C 668 28.08 33.14 3.84
CA CYS C 668 27.59 32.89 5.18
C CYS C 668 26.93 34.15 5.70
N ALA C 669 26.10 33.98 6.73
CA ALA C 669 25.37 35.09 7.33
C ALA C 669 25.66 35.15 8.83
N SER C 670 25.57 36.35 9.38
CA SER C 670 25.80 36.55 10.80
C SER C 670 25.03 37.78 11.26
N TYR C 671 24.91 37.92 12.57
CA TYR C 671 24.22 39.07 13.17
C TYR C 671 25.24 39.95 13.85
N GLN C 672 25.25 41.23 13.48
CA GLN C 672 26.19 42.19 14.07
C GLN C 672 25.48 43.47 14.49
N SER C 688 22.17 44.42 12.70
CA SER C 688 21.51 43.85 11.53
C SER C 688 22.16 42.54 11.11
N ILE C 689 21.58 41.89 10.10
CA ILE C 689 22.10 40.63 9.57
C ILE C 689 22.93 40.95 8.35
N ILE C 690 24.18 40.50 8.36
CA ILE C 690 25.11 40.71 7.26
C ILE C 690 25.42 39.37 6.60
N ALA C 691 25.80 39.43 5.33
CA ALA C 691 26.20 38.27 4.56
C ALA C 691 27.56 38.54 3.95
N TYR C 692 28.42 37.51 3.95
CA TYR C 692 29.82 37.72 3.60
C TYR C 692 30.37 36.44 2.98
N THR C 693 31.46 36.61 2.23
CA THR C 693 32.27 35.48 1.81
C THR C 693 33.11 35.06 3.00
N MET C 694 33.13 33.77 3.32
CA MET C 694 33.78 33.30 4.54
C MET C 694 35.29 33.46 4.45
N SER C 695 35.93 33.58 5.61
CA SER C 695 37.37 33.58 5.69
C SER C 695 37.85 32.16 5.93
N LEU C 696 38.75 31.68 5.07
CA LEU C 696 39.27 30.34 5.24
C LEU C 696 40.24 30.27 6.42
N GLY C 697 41.02 31.32 6.61
CA GLY C 697 41.95 31.37 7.72
C GLY C 697 42.82 32.60 7.62
N ALA C 698 43.69 32.74 8.60
CA ALA C 698 44.62 33.86 8.64
C ALA C 698 45.75 33.64 7.65
N GLU C 699 46.16 34.70 6.98
CA GLU C 699 47.28 34.62 6.05
C GLU C 699 48.59 34.44 6.82
N ASN C 700 49.40 33.49 6.38
CA ASN C 700 50.65 33.16 7.07
C ASN C 700 51.66 32.72 6.00
N SER C 701 52.60 33.59 5.69
CA SER C 701 53.65 33.25 4.75
C SER C 701 54.86 32.73 5.51
N VAL C 702 55.19 31.46 5.31
CA VAL C 702 56.32 30.84 5.99
C VAL C 702 57.60 31.29 5.31
N ALA C 703 58.54 31.82 6.09
CA ALA C 703 59.79 32.35 5.56
C ALA C 703 60.73 31.19 5.23
N TYR C 704 60.47 30.55 4.10
CA TYR C 704 61.30 29.46 3.64
C TYR C 704 62.56 30.00 2.98
N SER C 705 63.69 29.39 3.31
CA SER C 705 64.89 29.54 2.51
C SER C 705 65.66 28.22 2.58
N ASN C 706 66.70 28.12 1.78
CA ASN C 706 67.41 26.85 1.63
C ASN C 706 68.47 26.63 2.69
N ASN C 707 68.67 27.57 3.61
CA ASN C 707 69.66 27.35 4.68
C ASN C 707 69.19 27.88 6.03
N SER C 708 67.89 28.08 6.22
CA SER C 708 67.36 28.58 7.48
C SER C 708 66.40 27.56 8.06
N ILE C 709 66.48 27.38 9.37
CA ILE C 709 65.60 26.47 10.10
C ILE C 709 65.01 27.23 11.27
N ALA C 710 63.84 26.79 11.72
CA ALA C 710 63.20 27.34 12.90
C ALA C 710 63.14 26.26 13.96
N ILE C 711 63.76 26.52 15.11
CA ILE C 711 63.87 25.54 16.19
C ILE C 711 63.10 26.08 17.38
N PRO C 712 62.23 25.29 18.00
CA PRO C 712 61.51 25.78 19.19
C PRO C 712 62.44 25.88 20.39
N THR C 713 62.23 26.91 21.19
CA THR C 713 63.00 27.11 22.41
C THR C 713 62.16 26.88 23.66
N ASN C 714 60.88 26.60 23.51
CA ASN C 714 59.98 26.39 24.64
C ASN C 714 58.83 25.51 24.19
N PHE C 715 57.91 25.24 25.11
CA PHE C 715 56.78 24.39 24.79
C PHE C 715 55.60 24.78 25.66
N THR C 716 54.42 24.35 25.24
CA THR C 716 53.21 24.42 26.03
C THR C 716 52.61 23.03 26.12
N ILE C 717 52.25 22.61 27.33
CA ILE C 717 51.54 21.36 27.55
C ILE C 717 50.06 21.68 27.40
N SER C 718 49.47 21.28 26.28
CA SER C 718 48.10 21.63 25.95
C SER C 718 47.20 20.42 26.14
N VAL C 719 46.10 20.61 26.86
CA VAL C 719 45.08 19.58 27.04
C VAL C 719 43.86 20.00 26.23
N THR C 720 43.37 19.10 25.39
CA THR C 720 42.19 19.35 24.57
C THR C 720 41.12 18.30 24.83
N THR C 721 39.89 18.62 24.48
CA THR C 721 38.77 17.72 24.67
C THR C 721 38.39 17.08 23.35
N GLU C 722 38.00 15.81 23.40
CA GLU C 722 37.38 15.12 22.28
C GLU C 722 36.17 14.34 22.76
N ILE C 723 34.99 14.70 22.26
CA ILE C 723 33.74 14.12 22.72
C ILE C 723 33.30 13.11 21.67
N LEU C 724 33.07 11.86 22.08
CA LEU C 724 32.66 10.80 21.17
C LEU C 724 31.43 10.10 21.72
N PRO C 725 30.33 10.05 20.97
CA PRO C 725 29.19 9.24 21.40
C PRO C 725 29.51 7.75 21.32
N VAL C 726 28.97 7.00 22.28
CA VAL C 726 29.27 5.58 22.42
C VAL C 726 28.01 4.73 22.27
N SER C 727 26.94 5.09 22.97
CA SER C 727 25.72 4.29 22.99
C SER C 727 24.52 5.18 22.68
N MET C 728 23.41 4.52 22.40
CA MET C 728 22.14 5.18 22.13
C MET C 728 21.15 4.91 23.26
N THR C 729 19.95 5.41 23.07
CA THR C 729 18.83 5.02 23.91
C THR C 729 18.29 3.69 23.42
N LYS C 730 18.27 2.70 24.29
CA LYS C 730 17.75 1.38 23.95
C LYS C 730 16.23 1.40 24.01
N THR C 731 15.58 1.15 22.87
CA THR C 731 14.13 1.20 22.80
C THR C 731 13.58 -0.18 22.45
N SER C 732 12.40 -0.47 23.00
CA SER C 732 11.64 -1.67 22.71
C SER C 732 10.23 -1.27 22.34
N VAL C 733 9.68 -1.93 21.33
CA VAL C 733 8.35 -1.63 20.81
C VAL C 733 7.51 -2.89 20.84
N ASP C 734 6.35 -2.81 21.49
CA ASP C 734 5.32 -3.83 21.31
C ASP C 734 4.54 -3.47 20.05
N CYS C 735 4.75 -4.24 18.99
CA CYS C 735 4.21 -3.92 17.68
C CYS C 735 2.69 -4.01 17.66
N THR C 736 2.13 -5.05 18.28
CA THR C 736 0.69 -5.26 18.31
C THR C 736 -0.01 -4.18 19.13
N MET C 737 0.57 -3.78 20.26
CA MET C 737 -0.06 -2.78 21.10
C MET C 737 0.20 -1.37 20.61
N TYR C 738 1.27 -1.15 19.85
CA TYR C 738 1.43 0.13 19.18
C TYR C 738 0.40 0.29 18.06
N ILE C 739 0.26 -0.73 17.22
CA ILE C 739 -0.64 -0.63 16.07
C ILE C 739 -2.10 -0.71 16.52
N CYS C 740 -2.42 -1.66 17.39
CA CYS C 740 -3.79 -2.00 17.68
C CYS C 740 -4.26 -1.68 19.08
N GLY C 741 -3.35 -1.57 20.04
CA GLY C 741 -3.75 -1.36 21.41
C GLY C 741 -4.30 -2.62 22.03
N ASP C 742 -5.59 -2.61 22.40
CA ASP C 742 -6.23 -3.73 23.06
C ASP C 742 -7.31 -4.40 22.22
N SER C 743 -7.42 -4.04 20.94
CA SER C 743 -8.46 -4.61 20.08
C SER C 743 -8.04 -5.99 19.61
N THR C 744 -8.87 -6.99 19.88
CA THR C 744 -8.52 -8.37 19.54
C THR C 744 -8.61 -8.62 18.05
N GLU C 745 -9.66 -8.10 17.41
CA GLU C 745 -9.83 -8.28 15.97
C GLU C 745 -8.81 -7.50 15.16
N CYS C 746 -8.31 -6.38 15.71
CA CYS C 746 -7.19 -5.69 15.05
C CYS C 746 -5.93 -6.55 15.08
N SER C 747 -5.68 -7.24 16.19
CA SER C 747 -4.55 -8.16 16.24
C SER C 747 -4.76 -9.35 15.33
N ASN C 748 -6.01 -9.79 15.16
CA ASN C 748 -6.32 -10.87 14.23
C ASN C 748 -6.04 -10.44 12.79
N LEU C 749 -6.37 -9.20 12.45
CA LEU C 749 -6.02 -8.68 11.12
C LEU C 749 -4.52 -8.45 10.98
N LEU C 750 -3.83 -8.12 12.08
CA LEU C 750 -2.39 -7.94 12.05
C LEU C 750 -1.64 -9.25 11.88
N LEU C 751 -2.25 -10.37 12.32
CA LEU C 751 -1.66 -11.68 12.07
C LEU C 751 -1.59 -12.04 10.59
N GLN C 752 -2.46 -11.46 9.77
CA GLN C 752 -2.42 -11.73 8.34
C GLN C 752 -1.28 -11.03 7.61
N TYR C 753 -0.63 -10.05 8.24
CA TYR C 753 0.50 -9.37 7.62
C TYR C 753 1.81 -10.14 7.77
N GLY C 754 1.83 -11.23 8.51
CA GLY C 754 3.00 -12.07 8.58
C GLY C 754 3.92 -11.77 9.74
N SER C 755 5.23 -11.87 9.49
CA SER C 755 6.26 -11.72 10.52
C SER C 755 6.90 -10.35 10.50
N PHE C 756 6.12 -9.29 10.23
CA PHE C 756 6.67 -7.94 10.24
C PHE C 756 7.03 -7.51 11.66
N CYS C 757 6.13 -7.76 12.62
CA CYS C 757 6.37 -7.35 14.01
C CYS C 757 7.53 -8.11 14.63
N THR C 758 7.67 -9.38 14.28
CA THR C 758 8.82 -10.17 14.74
C THR C 758 10.13 -9.61 14.19
N GLN C 759 10.11 -9.17 12.92
CA GLN C 759 11.29 -8.56 12.32
C GLN C 759 11.66 -7.25 12.99
N LEU C 760 10.66 -6.41 13.29
CA LEU C 760 10.93 -5.14 13.96
C LEU C 760 11.44 -5.33 15.38
N LYS C 761 10.85 -6.29 16.12
CA LYS C 761 11.32 -6.59 17.47
C LYS C 761 12.73 -7.17 17.46
N ARG C 762 13.04 -8.01 16.47
CA ARG C 762 14.38 -8.59 16.37
C ARG C 762 15.42 -7.53 16.04
N ALA C 763 15.09 -6.60 15.15
CA ALA C 763 16.00 -5.52 14.81
C ALA C 763 16.25 -4.60 16.00
N LEU C 764 15.20 -4.28 16.75
CA LEU C 764 15.38 -3.42 17.92
C LEU C 764 16.12 -4.12 19.04
N THR C 765 15.94 -5.44 19.19
CA THR C 765 16.71 -6.20 20.16
C THR C 765 18.19 -6.23 19.78
N GLY C 766 18.47 -6.36 18.49
CA GLY C 766 19.85 -6.28 18.03
C GLY C 766 20.49 -4.94 18.29
N ILE C 767 19.75 -3.84 18.08
CA ILE C 767 20.24 -2.51 18.39
C ILE C 767 20.47 -2.36 19.89
N ALA C 768 19.56 -2.90 20.71
CA ALA C 768 19.65 -2.77 22.16
C ALA C 768 20.86 -3.52 22.72
N VAL C 769 21.14 -4.72 22.20
CA VAL C 769 22.34 -5.41 22.66
C VAL C 769 23.60 -4.82 22.04
N GLU C 770 23.46 -4.15 20.89
CA GLU C 770 24.60 -3.50 20.24
C GLU C 770 25.09 -2.31 21.06
N GLN C 771 24.16 -1.59 21.71
CA GLN C 771 24.56 -0.45 22.54
C GLN C 771 25.37 -0.90 23.75
N ASP C 772 24.96 -1.97 24.41
CA ASP C 772 25.71 -2.51 25.53
C ASP C 772 27.05 -3.07 25.06
N LYS C 773 27.09 -3.66 23.86
CA LYS C 773 28.35 -4.11 23.29
C LYS C 773 29.29 -2.94 23.02
N ASN C 774 28.75 -1.81 22.55
CA ASN C 774 29.55 -0.61 22.31
C ASN C 774 30.16 -0.10 23.60
N THR C 775 29.37 -0.09 24.68
CA THR C 775 29.90 0.32 25.98
C THR C 775 30.98 -0.65 26.49
N GLN C 776 30.81 -1.96 26.22
CA GLN C 776 31.84 -2.93 26.58
C GLN C 776 33.14 -2.72 25.81
N GLU C 777 33.06 -2.43 24.51
CA GLU C 777 34.29 -2.21 23.74
C GLU C 777 34.98 -0.92 24.16
N VAL C 778 34.23 0.12 24.47
CA VAL C 778 34.90 1.38 24.83
C VAL C 778 35.48 1.31 26.24
N PHE C 779 34.68 0.93 27.23
CA PHE C 779 35.09 1.12 28.61
C PHE C 779 35.64 -0.12 29.29
N ALA C 780 35.22 -1.32 28.89
CA ALA C 780 35.66 -2.55 29.55
C ALA C 780 36.91 -3.12 28.86
N GLN C 781 37.95 -2.29 28.82
CA GLN C 781 39.21 -2.66 28.19
C GLN C 781 40.23 -3.20 29.17
N VAL C 782 39.94 -3.19 30.47
CA VAL C 782 40.80 -3.80 31.48
C VAL C 782 39.95 -4.70 32.35
N LYS C 783 40.49 -5.87 32.70
CA LYS C 783 39.82 -6.78 33.61
C LYS C 783 40.35 -6.66 35.03
N GLN C 784 41.23 -5.70 35.28
CA GLN C 784 41.69 -5.37 36.62
C GLN C 784 41.23 -3.96 36.96
N ILE C 785 40.61 -3.80 38.12
CA ILE C 785 40.16 -2.50 38.59
C ILE C 785 41.30 -1.88 39.40
N TYR C 786 42.08 -1.02 38.76
CA TYR C 786 43.22 -0.40 39.41
C TYR C 786 42.79 0.72 40.33
N LYS C 787 43.58 0.94 41.37
CA LYS C 787 43.30 1.94 42.38
C LYS C 787 44.46 2.92 42.48
N THR C 788 44.14 4.17 42.69
CA THR C 788 45.12 5.21 42.96
C THR C 788 45.62 5.06 44.40
N PRO C 789 46.92 5.27 44.64
CA PRO C 789 47.42 5.26 46.02
C PRO C 789 46.82 6.39 46.83
N PRO C 790 46.70 6.22 48.15
CA PRO C 790 46.02 7.23 48.98
C PRO C 790 46.69 8.59 49.01
N ILE C 791 48.01 8.65 48.90
CA ILE C 791 48.71 9.92 48.74
C ILE C 791 48.78 10.27 47.25
N LYS C 792 48.24 11.43 46.90
CA LYS C 792 48.11 11.83 45.51
C LYS C 792 49.19 12.82 45.12
N TYR C 793 50.44 12.38 45.20
CA TYR C 793 51.58 13.16 44.77
C TYR C 793 52.26 12.42 43.62
N PHE C 794 52.36 13.07 42.47
CA PHE C 794 52.91 12.48 41.26
C PHE C 794 53.93 13.40 40.62
N GLY C 795 54.85 13.92 41.44
CA GLY C 795 55.88 14.81 40.92
C GLY C 795 55.38 16.21 40.64
N GLY C 796 54.36 16.66 41.36
CA GLY C 796 53.78 17.97 41.11
C GLY C 796 52.61 17.97 40.16
N PHE C 797 52.24 16.82 39.60
CA PHE C 797 51.12 16.74 38.68
C PHE C 797 49.84 16.52 39.46
N ASN C 798 48.84 17.34 39.17
CA ASN C 798 47.56 17.34 39.88
C ASN C 798 46.53 16.63 39.01
N PHE C 799 45.97 15.53 39.51
CA PHE C 799 44.94 14.80 38.80
C PHE C 799 43.60 14.82 39.53
N SER C 800 43.38 15.80 40.41
CA SER C 800 42.19 15.78 41.25
C SER C 800 40.92 16.08 40.47
N GLN C 801 41.02 16.78 39.34
CA GLN C 801 39.85 17.07 38.52
C GLN C 801 39.44 15.89 37.64
N ILE C 802 40.28 14.87 37.52
CA ILE C 802 39.94 13.69 36.74
C ILE C 802 39.90 12.42 37.57
N LEU C 803 40.43 12.42 38.79
CA LEU C 803 40.26 11.31 39.70
C LEU C 803 38.91 11.43 40.42
N PRO C 804 38.35 10.30 40.89
CA PRO C 804 37.05 10.35 41.55
C PRO C 804 37.05 11.14 42.85
N ASP C 805 35.92 11.78 43.14
CA ASP C 805 35.74 12.54 44.35
C ASP C 805 35.06 11.67 45.38
N PRO C 806 35.70 11.35 46.51
CA PRO C 806 35.06 10.49 47.52
C PRO C 806 33.93 11.17 48.27
N SER C 807 33.90 12.50 48.32
CA SER C 807 32.89 13.21 49.09
C SER C 807 31.52 13.11 48.43
N LYS C 808 31.47 13.00 47.10
CA LYS C 808 30.20 12.91 46.41
C LYS C 808 29.78 11.44 46.25
N PRO C 809 28.49 11.14 46.40
CA PRO C 809 28.05 9.73 46.37
C PRO C 809 28.15 9.08 45.01
N SER C 810 28.24 9.84 43.93
CA SER C 810 28.34 9.28 42.59
C SER C 810 29.72 8.72 42.28
N LYS C 811 30.73 9.06 43.09
CA LYS C 811 32.12 8.59 42.95
C LYS C 811 32.69 8.97 41.59
N ARG C 812 32.33 10.14 41.11
CA ARG C 812 32.80 10.64 39.83
C ARG C 812 33.82 11.74 40.04
N SER C 813 34.55 12.04 38.97
CA SER C 813 35.45 13.17 38.96
C SER C 813 34.66 14.46 38.88
N PRO C 814 35.27 15.60 39.29
CA PRO C 814 34.59 16.89 39.08
C PRO C 814 34.27 17.18 37.62
N ILE C 815 35.17 16.80 36.72
CA ILE C 815 34.93 16.94 35.29
C ILE C 815 33.80 16.01 34.84
N GLU C 816 33.79 14.77 35.35
CA GLU C 816 32.72 13.83 34.98
C GLU C 816 31.36 14.28 35.53
N ASP C 817 31.34 14.84 36.74
CA ASP C 817 30.11 15.41 37.28
C ASP C 817 29.62 16.58 36.44
N LEU C 818 30.54 17.42 35.98
CA LEU C 818 30.14 18.56 35.16
C LEU C 818 29.64 18.10 33.79
N LEU C 819 30.27 17.06 33.24
CA LEU C 819 29.80 16.48 31.97
C LEU C 819 28.43 15.85 32.12
N PHE C 820 28.17 15.19 33.26
CA PHE C 820 26.88 14.57 33.49
C PHE C 820 25.79 15.59 33.74
N ASN C 821 26.12 16.72 34.36
CA ASN C 821 25.11 17.75 34.57
C ASN C 821 24.78 18.52 33.31
N LYS C 822 25.72 18.62 32.37
CA LYS C 822 25.50 19.38 31.15
C LYS C 822 24.82 18.60 30.03
N VAL C 823 24.54 17.31 30.23
CA VAL C 823 23.78 16.52 29.27
C VAL C 823 22.47 16.10 29.95
N THR C 824 21.35 16.45 29.34
CA THR C 824 20.05 16.11 29.89
C THR C 824 19.34 15.07 29.03
N ASP C 845 5.33 14.81 30.12
CA ASP C 845 4.28 13.84 29.81
C ASP C 845 4.55 13.15 28.48
N LEU C 846 5.68 13.49 27.86
CA LEU C 846 6.11 12.80 26.66
C LEU C 846 6.48 11.35 26.95
N ILE C 847 7.16 11.11 28.06
CA ILE C 847 7.61 9.76 28.40
C ILE C 847 6.41 8.86 28.71
N CYS C 848 5.42 9.40 29.43
CA CYS C 848 4.20 8.63 29.71
C CYS C 848 3.41 8.35 28.45
N ALA C 849 3.35 9.32 27.53
CA ALA C 849 2.65 9.12 26.27
C ALA C 849 3.34 8.12 25.37
N GLN C 850 4.68 8.07 25.40
CA GLN C 850 5.40 7.03 24.69
C GLN C 850 5.16 5.66 25.32
N LYS C 851 5.19 5.60 26.66
CA LYS C 851 5.05 4.32 27.36
C LYS C 851 3.66 3.73 27.17
N PHE C 852 2.62 4.59 27.19
CA PHE C 852 1.24 4.12 27.08
C PHE C 852 0.91 3.54 25.72
N ASN C 853 1.68 3.88 24.68
CA ASN C 853 1.46 3.37 23.34
C ASN C 853 2.45 2.27 22.97
N GLY C 854 3.16 1.72 23.93
CA GLY C 854 4.01 0.57 23.70
C GLY C 854 5.47 0.85 23.42
N LEU C 855 5.94 2.06 23.68
CA LEU C 855 7.32 2.43 23.37
C LEU C 855 8.06 2.55 24.70
N THR C 856 8.90 1.57 25.00
CA THR C 856 9.59 1.52 26.28
C THR C 856 11.08 1.73 26.08
N VAL C 857 11.73 2.29 27.10
CA VAL C 857 13.16 2.52 27.09
C VAL C 857 13.80 1.55 28.07
N LEU C 858 14.62 0.66 27.55
CA LEU C 858 15.40 -0.27 28.35
C LEU C 858 16.60 0.45 28.95
N PRO C 859 16.95 0.14 30.21
CA PRO C 859 18.13 0.76 30.81
C PRO C 859 19.41 0.17 30.22
N PRO C 860 20.51 0.91 30.24
CA PRO C 860 21.79 0.33 29.87
C PRO C 860 22.23 -0.72 30.87
N LEU C 861 23.01 -1.69 30.37
CA LEU C 861 23.49 -2.78 31.24
C LEU C 861 24.48 -2.25 32.28
N LEU C 862 25.38 -1.36 31.88
CA LEU C 862 26.29 -0.74 32.83
C LEU C 862 25.67 0.56 33.33
N THR C 863 25.64 0.73 34.64
CA THR C 863 25.20 2.00 35.20
C THR C 863 26.28 3.05 35.04
N ASP C 864 25.93 4.29 35.38
CA ASP C 864 26.86 5.40 35.25
C ASP C 864 28.01 5.28 36.25
N GLU C 865 27.74 4.73 37.43
CA GLU C 865 28.82 4.56 38.40
C GLU C 865 29.77 3.44 38.00
N MET C 866 29.29 2.43 37.25
CA MET C 866 30.18 1.37 36.80
C MET C 866 31.05 1.83 35.64
N ILE C 867 30.51 2.68 34.76
CA ILE C 867 31.32 3.28 33.70
C ILE C 867 32.34 4.23 34.31
N ALA C 868 31.93 4.95 35.37
CA ALA C 868 32.87 5.82 36.09
C ALA C 868 33.94 4.99 36.80
N GLN C 869 33.59 3.79 37.26
CA GLN C 869 34.58 2.91 37.90
C GLN C 869 35.56 2.34 36.87
N TYR C 870 35.07 2.02 35.67
CA TYR C 870 35.96 1.68 34.55
C TYR C 870 36.91 2.82 34.20
N THR C 871 36.41 4.06 34.13
CA THR C 871 37.31 5.17 33.83
C THR C 871 38.27 5.44 34.96
N SER C 872 37.85 5.22 36.21
CA SER C 872 38.77 5.37 37.33
C SER C 872 39.86 4.32 37.31
N ALA C 873 39.52 3.09 36.90
CA ALA C 873 40.52 2.05 36.73
C ALA C 873 41.50 2.38 35.62
N LEU C 874 40.99 2.95 34.51
CA LEU C 874 41.87 3.37 33.42
C LEU C 874 42.79 4.51 33.84
N LEU C 875 42.26 5.49 34.59
CA LEU C 875 43.08 6.56 35.15
C LEU C 875 44.14 6.03 36.10
N ALA C 876 43.77 5.12 37.00
CA ALA C 876 44.73 4.62 37.97
C ALA C 876 45.82 3.78 37.31
N GLY C 877 45.44 2.95 36.33
CA GLY C 877 46.44 2.19 35.60
C GLY C 877 47.36 3.05 34.76
N THR C 878 46.82 4.11 34.15
CA THR C 878 47.63 4.99 33.32
C THR C 878 48.58 5.84 34.17
N ILE C 879 48.10 6.42 35.27
CA ILE C 879 48.93 7.26 36.10
C ILE C 879 49.97 6.43 36.85
N THR C 880 49.58 5.31 37.45
CA THR C 880 50.52 4.54 38.25
C THR C 880 51.43 3.65 37.43
N SER C 881 51.06 3.29 36.21
CA SER C 881 51.83 2.30 35.48
C SER C 881 52.14 2.66 34.02
N GLY C 882 51.65 3.78 33.51
CA GLY C 882 51.98 4.16 32.16
C GLY C 882 51.23 3.38 31.11
N TRP C 883 51.92 2.97 30.05
CA TRP C 883 51.30 2.14 29.02
C TRP C 883 51.50 0.66 29.27
N THR C 884 52.10 0.29 30.41
CA THR C 884 52.45 -1.10 30.66
C THR C 884 51.23 -1.94 31.01
N PHE C 885 50.21 -1.35 31.61
CA PHE C 885 49.02 -2.11 31.99
C PHE C 885 48.17 -2.46 30.78
N GLY C 886 48.32 -1.74 29.67
CA GLY C 886 47.60 -2.06 28.46
C GLY C 886 48.22 -3.18 27.64
N ALA C 887 49.43 -3.61 27.99
CA ALA C 887 50.13 -4.63 27.24
C ALA C 887 50.49 -5.84 28.10
N GLY C 888 49.96 -5.93 29.32
CA GLY C 888 50.30 -7.01 30.22
C GLY C 888 50.07 -6.61 31.66
N PRO C 889 50.91 -7.12 32.56
CA PRO C 889 50.82 -6.71 33.96
C PRO C 889 51.20 -5.26 34.16
N ALA C 890 50.54 -4.62 35.13
CA ALA C 890 50.80 -3.21 35.42
C ALA C 890 52.12 -3.09 36.17
N LEU C 891 53.09 -2.44 35.53
CA LEU C 891 54.41 -2.21 36.10
C LEU C 891 54.47 -0.77 36.58
N GLN C 892 54.70 -0.58 37.87
CA GLN C 892 54.71 0.77 38.43
C GLN C 892 55.93 1.54 37.94
N ILE C 893 55.77 2.85 37.81
CA ILE C 893 56.84 3.75 37.37
C ILE C 893 56.49 5.12 37.95
N PRO C 894 57.45 5.91 38.41
CA PRO C 894 57.15 7.28 38.82
C PRO C 894 56.64 8.11 37.65
N PHE C 895 55.64 8.95 37.93
CA PHE C 895 55.04 9.76 36.88
C PHE C 895 55.98 10.76 36.19
N PRO C 896 56.93 11.43 36.87
CA PRO C 896 57.94 12.17 36.09
C PRO C 896 58.75 11.30 35.15
N MET C 897 59.04 10.07 35.55
CA MET C 897 59.80 9.18 34.68
C MET C 897 58.93 8.64 33.54
N GLN C 898 57.64 8.39 33.80
CA GLN C 898 56.71 8.03 32.74
C GLN C 898 56.55 9.17 31.73
N MET C 899 56.45 10.40 32.21
CA MET C 899 56.29 11.53 31.31
C MET C 899 57.60 11.80 30.57
N ALA C 900 58.74 11.45 31.17
CA ALA C 900 60.02 11.52 30.46
C ALA C 900 60.11 10.46 29.37
N TYR C 901 59.55 9.27 29.62
CA TYR C 901 59.41 8.27 28.57
C TYR C 901 58.55 8.79 27.42
N ARG C 902 57.48 9.51 27.75
CA ARG C 902 56.60 10.04 26.72
C ARG C 902 57.25 11.19 25.94
N PHE C 903 58.10 11.98 26.61
CA PHE C 903 58.91 12.96 25.89
C PHE C 903 59.91 12.27 24.98
N ASN C 904 60.48 11.15 25.43
CA ASN C 904 61.37 10.39 24.57
C ASN C 904 60.61 9.75 23.42
N GLY C 905 59.30 9.53 23.61
CA GLY C 905 58.45 9.00 22.57
C GLY C 905 58.14 10.01 21.49
N ILE C 906 58.23 11.30 21.82
CA ILE C 906 57.93 12.34 20.84
C ILE C 906 59.23 13.01 20.35
N GLY C 907 60.37 12.39 20.61
CA GLY C 907 61.62 12.89 20.08
C GLY C 907 62.28 14.00 20.87
N VAL C 908 61.95 14.13 22.16
CA VAL C 908 62.55 15.10 23.05
C VAL C 908 63.32 14.35 24.13
N THR C 909 64.53 14.80 24.45
CA THR C 909 65.34 14.09 25.43
C THR C 909 64.75 14.25 26.83
N GLN C 910 65.15 13.33 27.72
CA GLN C 910 64.57 13.27 29.06
C GLN C 910 64.99 14.46 29.92
N ASN C 911 66.17 15.03 29.65
CA ASN C 911 66.67 16.11 30.46
C ASN C 911 65.86 17.38 30.28
N VAL C 912 65.19 17.54 29.13
CA VAL C 912 64.30 18.67 28.91
C VAL C 912 63.15 18.62 29.90
N LEU C 913 62.66 17.43 30.20
CA LEU C 913 61.62 17.29 31.21
C LEU C 913 62.17 17.42 32.62
N TYR C 914 63.32 16.77 32.89
CA TYR C 914 63.80 16.73 34.28
C TYR C 914 64.32 18.08 34.74
N GLU C 915 64.75 18.94 33.81
CA GLU C 915 65.14 20.29 34.16
C GLU C 915 63.95 21.23 34.25
N ASN C 916 62.80 20.86 33.68
CA ASN C 916 61.63 21.71 33.64
C ASN C 916 60.41 21.03 34.24
N GLN C 917 60.61 20.21 35.27
CA GLN C 917 59.52 19.38 35.81
C GLN C 917 58.44 20.21 36.47
N LYS C 918 58.84 21.22 37.24
CA LYS C 918 57.88 22.10 37.88
C LYS C 918 57.08 22.90 36.86
N LEU C 919 57.75 23.38 35.81
CA LEU C 919 57.08 24.14 34.75
C LEU C 919 56.09 23.28 33.98
N ILE C 920 56.46 22.04 33.67
CA ILE C 920 55.56 21.13 32.95
C ILE C 920 54.37 20.76 33.82
N ALA C 921 54.61 20.51 35.11
CA ALA C 921 53.51 20.21 36.03
C ALA C 921 52.56 21.39 36.18
N ASN C 922 53.10 22.61 36.28
CA ASN C 922 52.24 23.80 36.39
C ASN C 922 51.43 24.04 35.12
N GLN C 923 52.06 23.84 33.95
CA GLN C 923 51.35 24.00 32.69
C GLN C 923 50.25 22.96 32.54
N PHE C 924 50.51 21.72 32.98
CA PHE C 924 49.49 20.68 32.94
C PHE C 924 48.32 20.98 33.88
N ASN C 925 48.62 21.46 35.09
CA ASN C 925 47.56 21.78 36.05
C ASN C 925 46.71 22.95 35.56
N SER C 926 47.36 23.98 34.99
CA SER C 926 46.64 25.11 34.43
C SER C 926 45.78 24.69 33.23
N ALA C 927 46.29 23.76 32.42
CA ALA C 927 45.52 23.27 31.27
C ALA C 927 44.29 22.48 31.71
N ILE C 928 44.42 21.67 32.76
CA ILE C 928 43.28 20.92 33.29
C ILE C 928 42.23 21.87 33.87
N GLY C 929 42.68 22.89 34.60
CA GLY C 929 41.76 23.91 35.08
C GLY C 929 41.06 24.67 33.97
N LYS C 930 41.78 24.92 32.87
CA LYS C 930 41.16 25.55 31.70
C LYS C 930 40.15 24.65 31.02
N ILE C 931 40.38 23.33 31.02
CA ILE C 931 39.36 22.38 30.55
C ILE C 931 38.10 22.46 31.39
N GLN C 932 38.26 22.51 32.72
CA GLN C 932 37.08 22.59 33.58
C GLN C 932 36.32 23.90 33.38
N ASP C 933 37.04 25.02 33.27
CA ASP C 933 36.39 26.31 33.02
C ASP C 933 35.71 26.37 31.65
N SER C 934 36.38 25.83 30.62
CA SER C 934 35.84 25.89 29.27
C SER C 934 34.63 24.97 29.11
N LEU C 935 34.64 23.83 29.79
CA LEU C 935 33.45 22.96 29.77
C LEU C 935 32.31 23.58 30.56
N SER C 936 32.61 24.27 31.67
CA SER C 936 31.53 24.87 32.44
C SER C 936 30.96 26.10 31.77
N SER C 937 31.73 26.78 30.92
CA SER C 937 31.33 28.06 30.37
C SER C 937 30.76 27.97 28.96
N THR C 938 30.76 26.79 28.33
CA THR C 938 30.31 26.67 26.94
C THR C 938 29.07 25.79 26.87
N PRO C 939 27.96 26.28 26.31
CA PRO C 939 26.76 25.44 26.18
C PRO C 939 26.84 24.42 25.05
N SER C 940 27.64 24.72 24.03
CA SER C 940 27.75 23.88 22.84
C SER C 940 28.94 22.93 22.88
N ALA C 941 29.61 22.80 24.02
CA ALA C 941 30.78 21.93 24.11
C ALA C 941 30.37 20.47 24.05
N LEU C 942 29.27 20.12 24.70
CA LEU C 942 28.73 18.76 24.79
C LEU C 942 27.55 18.56 23.85
N GLY C 943 27.62 19.19 22.67
CA GLY C 943 26.51 19.13 21.74
C GLY C 943 26.23 17.76 21.17
N LYS C 944 27.29 16.99 20.86
CA LYS C 944 27.16 15.74 20.09
C LYS C 944 26.30 14.70 20.81
N LEU C 945 26.62 14.41 22.07
CA LEU C 945 25.82 13.53 22.92
C LEU C 945 24.38 14.02 23.05
N GLN C 946 24.21 15.33 23.28
CA GLN C 946 22.88 15.91 23.39
C GLN C 946 22.10 15.72 22.10
N ASP C 947 22.78 15.86 20.95
CA ASP C 947 22.16 15.65 19.65
C ASP C 947 21.67 14.23 19.52
N VAL C 948 22.47 13.26 19.99
CA VAL C 948 22.07 11.85 19.97
C VAL C 948 20.80 11.64 20.79
N VAL C 949 20.78 12.21 22.01
CA VAL C 949 19.61 12.12 22.89
C VAL C 949 18.39 12.77 22.25
N ASN C 950 18.59 13.96 21.66
CA ASN C 950 17.51 14.69 21.01
C ASN C 950 16.94 13.92 19.85
N HIS C 951 17.82 13.29 19.03
CA HIS C 951 17.36 12.53 17.88
C HIS C 951 16.50 11.35 18.32
N ASN C 952 16.93 10.65 19.38
CA ASN C 952 16.15 9.51 19.87
C ASN C 952 14.79 9.97 20.40
N ALA C 953 14.78 11.06 21.18
CA ALA C 953 13.54 11.59 21.74
C ALA C 953 12.61 12.06 20.63
N GLN C 954 13.16 12.74 19.62
CA GLN C 954 12.37 13.28 18.52
C GLN C 954 11.76 12.15 17.71
N ALA C 955 12.54 11.09 17.48
CA ALA C 955 12.03 9.94 16.72
C ALA C 955 10.87 9.28 17.46
N LEU C 956 11.03 9.10 18.78
CA LEU C 956 9.96 8.50 19.57
C LEU C 956 8.72 9.39 19.58
N ASN C 957 8.91 10.71 19.71
CA ASN C 957 7.79 11.64 19.72
C ASN C 957 7.07 11.62 18.38
N THR C 958 7.82 11.54 17.28
CA THR C 958 7.24 11.51 15.94
C THR C 958 6.42 10.24 15.78
N LEU C 959 6.90 9.13 16.36
CA LEU C 959 6.19 7.87 16.24
C LEU C 959 4.88 7.94 17.04
N VAL C 960 4.89 8.62 18.19
CA VAL C 960 3.65 8.79 18.94
C VAL C 960 2.68 9.71 18.19
N LYS C 961 3.20 10.74 17.49
CA LYS C 961 2.34 11.62 16.71
C LYS C 961 1.74 10.93 15.49
N GLN C 962 2.38 9.86 15.02
CA GLN C 962 1.82 9.11 13.89
C GLN C 962 0.60 8.27 14.27
N LEU C 963 0.28 8.15 15.57
CA LEU C 963 -0.96 7.51 15.99
C LEU C 963 -2.17 8.43 15.91
N SER C 964 -1.97 9.72 15.66
CA SER C 964 -3.08 10.66 15.54
C SER C 964 -3.45 10.92 14.09
N SER C 965 -2.91 10.12 13.16
CA SER C 965 -3.14 10.30 11.74
C SER C 965 -4.15 9.26 11.27
N LYS C 966 -5.09 9.70 10.44
CA LYS C 966 -6.13 8.81 9.94
C LYS C 966 -5.65 7.88 8.85
N PHE C 967 -4.60 8.27 8.11
CA PHE C 967 -4.03 7.50 7.01
C PHE C 967 -5.06 7.17 5.93
N GLY C 968 -5.94 8.13 5.64
CA GLY C 968 -6.97 7.91 4.65
C GLY C 968 -8.23 7.25 5.17
N ALA C 969 -8.32 6.98 6.47
CA ALA C 969 -9.51 6.40 7.07
C ALA C 969 -10.35 7.51 7.70
N ILE C 970 -11.51 7.11 8.21
CA ILE C 970 -12.47 8.09 8.71
C ILE C 970 -12.17 8.52 10.14
N SER C 971 -11.37 7.75 10.87
CA SER C 971 -10.96 8.14 12.22
C SER C 971 -9.60 7.54 12.50
N SER C 972 -8.87 8.18 13.41
CA SER C 972 -7.58 7.68 13.86
C SER C 972 -7.67 6.85 15.13
N VAL C 973 -8.87 6.66 15.66
CA VAL C 973 -9.09 5.86 16.86
C VAL C 973 -9.79 4.57 16.46
N LEU C 974 -9.21 3.43 16.84
CA LEU C 974 -9.80 2.15 16.48
C LEU C 974 -11.11 1.89 17.20
N ASN C 975 -11.24 2.35 18.44
CA ASN C 975 -12.45 2.10 19.21
C ASN C 975 -13.65 2.84 18.63
N ASP C 976 -13.42 4.01 18.02
CA ASP C 976 -14.47 4.68 17.29
C ASP C 976 -14.93 3.86 16.09
N ILE C 977 -13.99 3.26 15.35
CA ILE C 977 -14.33 2.43 14.20
C ILE C 977 -15.08 1.18 14.65
N LEU C 978 -14.72 0.65 15.82
CA LEU C 978 -15.43 -0.52 16.37
C LEU C 978 -16.85 -0.16 16.79
N SER C 979 -17.02 0.97 17.48
CA SER C 979 -18.33 1.32 18.01
C SER C 979 -19.25 1.93 16.96
N ARG C 980 -18.71 2.36 15.81
CA ARG C 980 -19.49 3.05 14.79
C ARG C 980 -19.74 2.25 13.52
N LEU C 981 -18.92 1.24 13.21
CA LEU C 981 -19.00 0.58 11.92
C LEU C 981 -19.23 -0.92 12.06
N ASP C 982 -19.89 -1.47 11.05
CA ASP C 982 -20.07 -2.91 10.94
C ASP C 982 -18.75 -3.56 10.51
N PRO C 983 -18.53 -4.82 10.88
CA PRO C 983 -17.23 -5.47 10.61
C PRO C 983 -16.85 -5.58 9.12
N PRO C 984 -17.81 -5.72 8.15
CA PRO C 984 -17.40 -5.58 6.73
C PRO C 984 -16.68 -4.29 6.35
N GLU C 985 -17.05 -3.15 6.94
CA GLU C 985 -16.36 -1.91 6.66
C GLU C 985 -15.26 -1.64 7.68
N ALA C 986 -15.38 -2.25 8.86
CA ALA C 986 -14.34 -2.14 9.86
C ALA C 986 -13.07 -2.85 9.41
N GLU C 987 -13.20 -3.92 8.59
CA GLU C 987 -12.02 -4.51 7.95
C GLU C 987 -11.22 -3.48 7.16
N VAL C 988 -11.91 -2.69 6.34
CA VAL C 988 -11.22 -1.73 5.47
C VAL C 988 -10.61 -0.60 6.31
N GLN C 989 -11.38 -0.05 7.25
CA GLN C 989 -10.89 1.10 8.01
C GLN C 989 -9.75 0.72 8.97
N ILE C 990 -9.92 -0.39 9.69
CA ILE C 990 -8.86 -0.89 10.56
C ILE C 990 -7.64 -1.31 9.75
N ASP C 991 -7.84 -1.87 8.55
CA ASP C 991 -6.71 -2.27 7.71
C ASP C 991 -5.91 -1.07 7.22
N ARG C 992 -6.59 0.03 6.90
CA ARG C 992 -5.87 1.24 6.52
C ARG C 992 -5.08 1.80 7.70
N LEU C 993 -5.65 1.75 8.91
CA LEU C 993 -4.90 2.18 10.09
C LEU C 993 -3.71 1.27 10.37
N ILE C 994 -3.86 -0.04 10.17
CA ILE C 994 -2.76 -1.00 10.36
C ILE C 994 -1.64 -0.73 9.36
N THR C 995 -1.98 -0.50 8.09
CA THR C 995 -0.89 -0.32 7.12
C THR C 995 -0.19 1.03 7.31
N GLY C 996 -0.91 2.07 7.74
CA GLY C 996 -0.27 3.33 8.06
C GLY C 996 0.65 3.23 9.27
N ARG C 997 0.17 2.60 10.34
CA ARG C 997 0.98 2.48 11.56
C ARG C 997 2.15 1.53 11.37
N LEU C 998 1.97 0.48 10.56
CA LEU C 998 3.05 -0.43 10.24
C LEU C 998 4.13 0.26 9.41
N GLN C 999 3.72 1.12 8.46
CA GLN C 999 4.71 1.85 7.68
C GLN C 999 5.47 2.85 8.54
N SER C 1000 4.77 3.49 9.49
CA SER C 1000 5.44 4.39 10.44
C SER C 1000 6.44 3.65 11.32
N LEU C 1001 6.07 2.45 11.78
CA LEU C 1001 6.95 1.66 12.64
C LEU C 1001 8.17 1.16 11.88
N GLN C 1002 7.99 0.71 10.63
CA GLN C 1002 9.12 0.28 9.82
C GLN C 1002 10.05 1.44 9.48
N THR C 1003 9.48 2.63 9.24
CA THR C 1003 10.30 3.82 9.03
C THR C 1003 11.14 4.14 10.26
N TYR C 1004 10.53 4.07 11.45
CA TYR C 1004 11.25 4.32 12.70
C TYR C 1004 12.37 3.32 12.91
N VAL C 1005 12.10 2.04 12.66
CA VAL C 1005 13.11 1.00 12.85
C VAL C 1005 14.25 1.15 11.84
N THR C 1006 13.95 1.59 10.62
CA THR C 1006 14.99 1.82 9.62
C THR C 1006 15.92 2.98 10.01
N GLN C 1007 15.35 4.11 10.45
CA GLN C 1007 16.20 5.20 10.94
C GLN C 1007 16.97 4.81 12.19
N GLN C 1008 16.39 3.97 13.06
CA GLN C 1008 17.10 3.49 14.23
C GLN C 1008 18.27 2.60 13.84
N LEU C 1009 18.11 1.78 12.80
CA LEU C 1009 19.22 0.94 12.33
C LEU C 1009 20.34 1.77 11.73
N ILE C 1010 20.00 2.80 10.95
CA ILE C 1010 21.02 3.67 10.36
C ILE C 1010 21.76 4.46 11.45
N ARG C 1011 21.01 4.99 12.43
CA ARG C 1011 21.64 5.68 13.55
C ARG C 1011 22.49 4.74 14.40
N ALA C 1012 22.07 3.48 14.52
CA ALA C 1012 22.86 2.50 15.26
C ALA C 1012 24.15 2.18 14.54
N ALA C 1013 24.13 2.15 13.20
CA ALA C 1013 25.36 1.99 12.43
C ALA C 1013 26.31 3.17 12.64
N GLU C 1014 25.76 4.38 12.64
CA GLU C 1014 26.59 5.58 12.88
C GLU C 1014 27.18 5.58 14.29
N ILE C 1015 26.38 5.21 15.29
CA ILE C 1015 26.86 5.18 16.67
C ILE C 1015 27.84 4.04 16.89
N ARG C 1016 27.67 2.92 16.18
CA ARG C 1016 28.64 1.83 16.25
C ARG C 1016 29.99 2.25 15.64
N ALA C 1017 29.95 3.00 14.54
CA ALA C 1017 31.19 3.53 13.97
C ALA C 1017 31.87 4.50 14.92
N SER C 1018 31.09 5.36 15.58
CA SER C 1018 31.64 6.29 16.56
C SER C 1018 32.20 5.55 17.78
N ALA C 1019 31.54 4.48 18.21
CA ALA C 1019 32.01 3.71 19.37
C ALA C 1019 33.23 2.88 19.04
N ASN C 1020 33.33 2.38 17.80
CA ASN C 1020 34.55 1.70 17.38
C ASN C 1020 35.71 2.67 17.32
N LEU C 1021 35.45 3.89 16.85
CA LEU C 1021 36.47 4.94 16.90
C LEU C 1021 36.87 5.26 18.33
N ALA C 1022 35.90 5.34 19.24
CA ALA C 1022 36.17 5.63 20.63
C ALA C 1022 36.96 4.51 21.32
N ALA C 1023 36.67 3.25 20.96
CA ALA C 1023 37.45 2.14 21.49
C ALA C 1023 38.88 2.16 20.95
N THR C 1024 39.05 2.55 19.69
CA THR C 1024 40.39 2.71 19.12
C THR C 1024 41.16 3.83 19.83
N LYS C 1025 40.47 4.94 20.14
CA LYS C 1025 41.13 6.02 20.88
C LYS C 1025 41.43 5.63 22.32
N MET C 1026 40.58 4.79 22.92
CA MET C 1026 40.87 4.27 24.25
C MET C 1026 42.10 3.38 24.25
N SER C 1027 42.24 2.54 23.22
CA SER C 1027 43.40 1.67 23.14
C SER C 1027 44.67 2.46 22.81
N GLU C 1028 44.58 3.43 21.90
CA GLU C 1028 45.77 4.02 21.32
C GLU C 1028 46.18 5.36 21.93
N CYS C 1029 45.25 6.08 22.55
CA CYS C 1029 45.62 7.32 23.22
C CYS C 1029 45.72 7.18 24.73
N VAL C 1030 44.88 6.35 25.34
CA VAL C 1030 44.88 6.20 26.78
C VAL C 1030 45.82 5.08 27.23
N LEU C 1031 45.73 3.92 26.59
CA LEU C 1031 46.53 2.76 26.95
C LEU C 1031 47.91 2.78 26.32
N GLY C 1032 48.22 3.80 25.52
CA GLY C 1032 49.53 3.90 24.91
C GLY C 1032 49.72 5.30 24.37
N GLN C 1033 50.92 5.54 23.86
CA GLN C 1033 51.26 6.81 23.24
C GLN C 1033 51.25 6.64 21.72
N SER C 1034 50.50 7.50 21.04
CA SER C 1034 50.26 7.36 19.61
C SER C 1034 51.12 8.35 18.83
N LYS C 1035 51.74 7.86 17.77
CA LYS C 1035 52.45 8.72 16.82
C LYS C 1035 51.60 9.08 15.61
N ARG C 1036 50.33 8.67 15.58
CA ARG C 1036 49.43 9.08 14.52
C ARG C 1036 49.07 10.55 14.70
N VAL C 1037 49.23 11.32 13.65
CA VAL C 1037 49.06 12.78 13.73
C VAL C 1037 47.57 13.10 13.81
N ASP C 1038 47.20 13.93 14.79
CA ASP C 1038 45.85 14.41 15.11
C ASP C 1038 44.88 13.31 15.50
N PHE C 1039 45.36 12.10 15.78
CA PHE C 1039 44.48 11.07 16.28
C PHE C 1039 44.14 11.26 17.75
N CYS C 1040 45.09 11.78 18.53
CA CYS C 1040 44.92 12.00 19.96
C CYS C 1040 45.23 13.44 20.31
N GLY C 1041 44.63 14.37 19.57
CA GLY C 1041 44.74 15.78 19.87
C GLY C 1041 45.64 16.51 18.89
N LYS C 1042 45.61 17.83 18.99
CA LYS C 1042 46.44 18.70 18.17
C LYS C 1042 47.80 18.85 18.83
N GLY C 1043 48.86 18.50 18.11
CA GLY C 1043 50.20 18.54 18.64
C GLY C 1043 50.77 17.14 18.79
N TYR C 1044 52.00 17.09 19.30
CA TYR C 1044 52.67 15.82 19.55
C TYR C 1044 52.07 15.18 20.79
N HIS C 1045 51.46 14.01 20.61
CA HIS C 1045 50.65 13.41 21.67
C HIS C 1045 51.53 12.86 22.79
N LEU C 1046 51.21 13.25 24.02
CA LEU C 1046 51.88 12.70 25.19
C LEU C 1046 51.04 11.59 25.82
N MET C 1047 49.83 11.92 26.28
CA MET C 1047 48.97 10.90 26.90
C MET C 1047 47.54 11.39 26.84
N SER C 1048 46.62 10.59 27.38
CA SER C 1048 45.21 10.93 27.33
C SER C 1048 44.50 10.34 28.53
N PHE C 1049 43.36 10.94 28.85
CA PHE C 1049 42.56 10.56 30.01
C PHE C 1049 41.10 10.40 29.59
N PRO C 1050 40.47 9.27 29.86
CA PRO C 1050 39.04 9.13 29.60
C PRO C 1050 38.20 9.66 30.74
N GLN C 1051 37.05 10.21 30.37
CA GLN C 1051 36.03 10.64 31.30
C GLN C 1051 34.69 10.14 30.80
N SER C 1052 33.87 9.65 31.72
CA SER C 1052 32.53 9.21 31.38
C SER C 1052 31.65 10.39 31.00
N ALA C 1053 30.68 10.14 30.14
CA ALA C 1053 29.69 11.14 29.78
C ALA C 1053 28.41 10.39 29.48
N PRO C 1054 27.25 11.03 29.61
CA PRO C 1054 25.98 10.36 29.26
C PRO C 1054 25.94 9.95 27.79
N HIS C 1055 25.89 8.64 27.57
CA HIS C 1055 26.00 7.99 26.27
C HIS C 1055 27.28 8.37 25.53
N GLY C 1056 28.39 8.53 26.24
CA GLY C 1056 29.60 8.85 25.51
C GLY C 1056 30.84 8.91 26.39
N VAL C 1057 31.95 9.22 25.73
CA VAL C 1057 33.25 9.34 26.38
C VAL C 1057 33.85 10.68 25.98
N VAL C 1058 34.59 11.28 26.90
CA VAL C 1058 35.33 12.51 26.65
C VAL C 1058 36.80 12.23 26.91
N PHE C 1059 37.63 12.40 25.89
CA PHE C 1059 39.06 12.21 26.02
C PHE C 1059 39.73 13.54 26.26
N LEU C 1060 40.53 13.62 27.32
CA LEU C 1060 41.41 14.75 27.57
C LEU C 1060 42.77 14.38 27.01
N HIS C 1061 43.12 14.98 25.88
CA HIS C 1061 44.36 14.71 25.19
C HIS C 1061 45.42 15.69 25.67
N VAL C 1062 46.44 15.17 26.34
CA VAL C 1062 47.59 15.95 26.78
C VAL C 1062 48.64 15.82 25.67
N THR C 1063 48.94 16.95 25.03
CA THR C 1063 49.86 17.01 23.91
C THR C 1063 50.92 18.07 24.17
N TYR C 1064 52.02 17.93 23.44
CA TYR C 1064 53.17 18.82 23.51
C TYR C 1064 53.12 19.74 22.30
N VAL C 1065 53.02 21.04 22.52
CA VAL C 1065 52.99 22.01 21.44
C VAL C 1065 54.26 22.83 21.51
N PRO C 1066 55.06 22.88 20.44
CA PRO C 1066 56.25 23.72 20.44
C PRO C 1066 55.90 25.21 20.47
N ALA C 1067 56.78 26.00 21.08
CA ALA C 1067 56.51 27.42 21.24
C ALA C 1067 57.82 28.18 21.33
N GLN C 1068 57.73 29.49 21.07
CA GLN C 1068 58.85 30.44 21.12
C GLN C 1068 60.00 30.01 20.20
N GLU C 1069 59.66 29.80 18.93
CA GLU C 1069 60.65 29.34 17.97
C GLU C 1069 61.61 30.45 17.60
N LYS C 1070 62.78 30.05 17.11
CA LYS C 1070 63.86 30.97 16.80
C LYS C 1070 64.51 30.55 15.49
N ASN C 1071 64.94 31.55 14.73
CA ASN C 1071 65.61 31.32 13.45
C ASN C 1071 67.07 30.93 13.67
N PHE C 1072 67.54 29.99 12.85
CA PHE C 1072 68.95 29.61 12.88
C PHE C 1072 69.39 29.33 11.46
N THR C 1073 70.68 29.50 11.20
CA THR C 1073 71.25 29.15 9.91
C THR C 1073 71.71 27.69 9.98
N THR C 1074 71.25 26.87 9.04
CA THR C 1074 71.47 25.45 9.15
C THR C 1074 72.24 24.92 7.94
N ALA C 1075 72.84 23.75 8.11
CA ALA C 1075 73.61 23.08 7.09
C ALA C 1075 73.29 21.60 7.11
N PRO C 1076 73.34 20.92 5.96
CA PRO C 1076 73.10 19.47 5.96
C PRO C 1076 74.23 18.67 6.59
N ALA C 1077 75.48 19.11 6.44
CA ALA C 1077 76.61 18.35 6.96
C ALA C 1077 77.73 19.32 7.30
N ILE C 1078 78.66 18.84 8.13
CA ILE C 1078 79.82 19.62 8.55
C ILE C 1078 81.05 19.01 7.90
N CYS C 1079 81.83 19.84 7.21
CA CYS C 1079 83.07 19.37 6.60
C CYS C 1079 84.22 19.57 7.58
N HIS C 1080 84.84 18.46 7.99
CA HIS C 1080 85.97 18.50 8.89
C HIS C 1080 86.97 17.44 8.49
N ASP C 1081 88.22 17.87 8.27
CA ASP C 1081 89.38 17.02 7.94
C ASP C 1081 89.11 16.19 6.69
N GLY C 1082 88.47 16.80 5.69
CA GLY C 1082 88.12 16.09 4.47
C GLY C 1082 87.01 15.10 4.62
N LYS C 1083 86.25 15.14 5.71
CA LYS C 1083 85.17 14.20 5.96
C LYS C 1083 83.87 14.94 6.17
N ALA C 1084 82.76 14.29 5.82
CA ALA C 1084 81.43 14.86 5.99
C ALA C 1084 80.81 14.25 7.23
N HIS C 1085 80.38 15.09 8.16
CA HIS C 1085 79.77 14.67 9.40
C HIS C 1085 78.29 15.03 9.38
N PHE C 1086 77.46 14.09 9.81
CA PHE C 1086 76.01 14.20 9.85
C PHE C 1086 75.55 13.99 11.28
N PRO C 1087 74.47 14.65 11.71
CA PRO C 1087 74.03 14.50 13.10
C PRO C 1087 73.41 13.13 13.34
N ARG C 1088 73.74 12.54 14.48
CA ARG C 1088 73.22 11.22 14.82
C ARG C 1088 71.73 11.27 15.11
N GLU C 1089 71.30 12.22 15.94
CA GLU C 1089 69.90 12.35 16.29
C GLU C 1089 69.33 13.75 16.10
N GLY C 1090 70.16 14.76 15.83
CA GLY C 1090 69.68 16.12 15.80
C GLY C 1090 69.86 16.83 14.48
N VAL C 1091 70.25 18.10 14.55
CA VAL C 1091 70.35 18.98 13.39
C VAL C 1091 71.41 20.03 13.69
N PHE C 1092 72.19 20.40 12.67
CA PHE C 1092 73.18 21.44 12.82
C PHE C 1092 72.52 22.81 12.72
N VAL C 1093 72.80 23.67 13.70
CA VAL C 1093 72.27 25.01 13.74
C VAL C 1093 73.42 25.98 13.97
N SER C 1094 73.19 27.24 13.61
CA SER C 1094 74.16 28.30 13.84
C SER C 1094 73.42 29.57 14.20
N ASN C 1095 73.89 30.22 15.25
CA ASN C 1095 73.35 31.50 15.72
C ASN C 1095 74.02 32.69 15.05
N GLY C 1096 74.93 32.45 14.12
CA GLY C 1096 75.58 33.52 13.40
C GLY C 1096 77.10 33.40 13.37
N THR C 1097 77.69 32.93 14.47
CA THR C 1097 79.14 32.80 14.56
C THR C 1097 79.61 31.38 14.83
N HIS C 1098 78.86 30.58 15.58
CA HIS C 1098 79.30 29.25 15.97
C HIS C 1098 78.29 28.21 15.55
N TRP C 1099 78.77 27.00 15.31
CA TRP C 1099 77.95 25.89 14.86
C TRP C 1099 77.75 24.92 16.01
N PHE C 1100 76.50 24.48 16.18
CA PHE C 1100 76.13 23.53 17.21
C PHE C 1100 75.24 22.46 16.60
N VAL C 1101 74.97 21.43 17.37
CA VAL C 1101 73.98 20.42 17.02
C VAL C 1101 72.95 20.36 18.14
N THR C 1102 71.68 20.25 17.75
CA THR C 1102 70.61 20.27 18.72
C THR C 1102 69.58 19.23 18.34
N GLN C 1103 68.77 18.83 19.33
CA GLN C 1103 67.61 18.01 19.02
C GLN C 1103 66.57 18.87 18.30
N ARG C 1104 65.72 18.23 17.51
CA ARG C 1104 64.95 18.95 16.52
C ARG C 1104 63.76 19.70 17.10
N ASN C 1105 63.13 19.17 18.15
CA ASN C 1105 61.91 19.76 18.68
C ASN C 1105 62.15 20.70 19.86
N PHE C 1106 63.40 20.91 20.26
CA PHE C 1106 63.71 21.78 21.39
C PHE C 1106 65.13 22.30 21.21
N TYR C 1107 65.32 23.60 21.40
CA TYR C 1107 66.63 24.18 21.16
C TYR C 1107 67.54 23.88 22.36
N GLU C 1108 68.44 22.94 22.17
CA GLU C 1108 69.45 22.59 23.17
C GLU C 1108 70.79 22.49 22.45
N PRO C 1109 71.49 23.61 22.27
CA PRO C 1109 72.70 23.61 21.45
C PRO C 1109 73.85 22.91 22.17
N GLN C 1110 74.55 22.06 21.43
CA GLN C 1110 75.65 21.27 21.96
C GLN C 1110 76.82 21.32 21.00
N ILE C 1111 78.02 21.13 21.54
CA ILE C 1111 79.24 21.15 20.73
C ILE C 1111 79.26 19.96 19.79
N ILE C 1112 79.57 20.23 18.53
CA ILE C 1112 79.61 19.19 17.50
C ILE C 1112 80.82 18.30 17.78
N THR C 1113 80.56 17.07 18.20
CA THR C 1113 81.63 16.13 18.51
C THR C 1113 81.54 14.92 17.57
N THR C 1114 82.43 13.96 17.79
CA THR C 1114 82.33 12.67 17.12
C THR C 1114 81.36 11.73 17.82
N ASP C 1115 80.91 12.07 19.02
CA ASP C 1115 79.94 11.24 19.73
C ASP C 1115 78.51 11.48 19.29
N ASN C 1116 78.21 12.65 18.73
CA ASN C 1116 76.87 12.97 18.27
C ASN C 1116 76.80 13.19 16.77
N THR C 1117 77.87 12.89 16.04
CA THR C 1117 77.88 12.91 14.59
C THR C 1117 78.46 11.59 14.08
N PHE C 1118 78.14 11.28 12.83
CA PHE C 1118 78.74 10.14 12.15
C PHE C 1118 79.29 10.60 10.80
N VAL C 1119 80.26 9.84 10.30
CA VAL C 1119 81.03 10.20 9.12
C VAL C 1119 80.56 9.35 7.95
N SER C 1120 80.29 10.01 6.80
CA SER C 1120 79.95 9.29 5.59
C SER C 1120 80.50 10.08 4.40
N GLY C 1121 81.61 9.62 3.84
CA GLY C 1121 82.16 10.23 2.65
C GLY C 1121 82.98 11.47 2.93
N ASN C 1122 83.33 12.16 1.84
CA ASN C 1122 84.07 13.40 1.91
C ASN C 1122 83.13 14.58 1.70
N CYS C 1123 83.70 15.78 1.57
CA CYS C 1123 82.94 17.00 1.50
C CYS C 1123 82.50 17.38 0.09
N ASP C 1124 82.81 16.55 -0.91
CA ASP C 1124 82.61 16.92 -2.30
C ASP C 1124 81.26 16.52 -2.86
N VAL C 1125 80.43 15.81 -2.10
CA VAL C 1125 79.19 15.26 -2.60
C VAL C 1125 77.98 16.01 -2.08
N VAL C 1126 77.98 16.39 -0.81
CA VAL C 1126 76.82 16.98 -0.17
C VAL C 1126 76.68 18.44 -0.61
N ILE C 1127 75.48 18.81 -1.06
CA ILE C 1127 75.21 20.18 -1.49
C ILE C 1127 74.89 21.01 -0.26
N GLY C 1128 75.67 22.06 -0.04
CA GLY C 1128 75.46 22.93 1.10
C GLY C 1128 76.27 22.61 2.33
N ILE C 1129 77.26 21.73 2.22
CA ILE C 1129 78.12 21.41 3.36
C ILE C 1129 78.99 22.60 3.70
N VAL C 1130 79.15 22.87 5.00
CA VAL C 1130 79.92 24.02 5.46
C VAL C 1130 81.12 23.52 6.24
N ASN C 1131 82.09 24.41 6.42
CA ASN C 1131 83.32 24.10 7.12
C ASN C 1131 83.18 24.49 8.58
N ASN C 1132 83.37 23.52 9.48
CA ASN C 1132 83.42 23.76 10.90
C ASN C 1132 84.26 22.67 11.55
N THR C 1133 84.88 23.00 12.67
CA THR C 1133 85.65 22.01 13.41
C THR C 1133 84.72 21.05 14.15
N VAL C 1134 85.18 19.81 14.26
CA VAL C 1134 84.48 18.77 15.01
C VAL C 1134 85.39 18.34 16.15
N TYR C 1135 84.95 18.58 17.37
CA TYR C 1135 85.77 18.34 18.54
C TYR C 1135 85.86 16.84 18.84
N ASP C 1136 87.06 16.41 19.22
CA ASP C 1136 87.28 15.01 19.56
C ASP C 1136 87.35 14.88 21.07
N PRO C 1137 86.46 14.11 21.70
CA PRO C 1137 86.44 14.05 23.18
C PRO C 1137 87.67 13.40 23.78
N LEU C 1138 88.34 12.51 23.04
CA LEU C 1138 89.51 11.81 23.51
C LEU C 1138 90.80 12.63 23.39
N GLN C 1139 90.77 13.71 22.64
CA GLN C 1139 91.91 14.57 22.36
C GLN C 1139 92.51 15.32 23.56
N PRO C 1140 91.75 15.93 24.49
CA PRO C 1140 92.41 16.56 25.66
C PRO C 1140 93.09 15.59 26.60
N GLU C 1141 92.63 14.35 26.72
CA GLU C 1141 93.33 13.40 27.57
C GLU C 1141 94.64 12.91 26.95
N LEU C 1142 94.69 12.79 25.62
CA LEU C 1142 95.97 12.53 24.99
C LEU C 1142 96.85 13.77 24.92
N ASP C 1143 96.27 14.96 25.03
CA ASP C 1143 97.06 16.18 25.04
C ASP C 1143 97.76 16.40 26.37
N SER C 1144 97.15 15.99 27.48
CA SER C 1144 97.74 16.15 28.79
C SER C 1144 98.54 14.92 29.20
N GLU D 20 -8.87 -10.83 -78.54
CA GLU D 20 -9.33 -10.72 -79.92
C GLU D 20 -10.84 -10.85 -79.98
N VAL D 21 -11.47 -9.92 -80.71
CA VAL D 21 -12.92 -9.92 -80.85
C VAL D 21 -13.37 -11.05 -81.77
N GLN D 22 -14.55 -11.60 -81.48
CA GLN D 22 -15.26 -12.49 -82.39
C GLN D 22 -16.68 -11.97 -82.54
N LEU D 23 -17.14 -11.86 -83.79
CA LEU D 23 -18.42 -11.26 -84.13
C LEU D 23 -19.37 -12.33 -84.64
N VAL D 24 -20.58 -12.38 -84.08
CA VAL D 24 -21.64 -13.24 -84.58
C VAL D 24 -22.82 -12.38 -84.99
N GLU D 25 -23.65 -12.94 -85.86
CA GLU D 25 -24.62 -12.20 -86.66
C GLU D 25 -26.05 -12.59 -86.28
N SER D 26 -27.01 -11.89 -86.88
CA SER D 26 -28.43 -12.17 -86.74
C SER D 26 -28.90 -13.00 -87.93
N GLY D 27 -30.19 -13.33 -87.94
CA GLY D 27 -30.73 -14.15 -89.02
C GLY D 27 -31.05 -13.34 -90.26
N ALA D 28 -30.95 -14.01 -91.41
CA ALA D 28 -31.33 -13.40 -92.68
C ALA D 28 -32.84 -13.24 -92.77
N GLU D 29 -33.28 -12.18 -93.47
CA GLU D 29 -34.70 -11.85 -93.47
C GLU D 29 -35.14 -11.37 -94.85
N VAL D 30 -36.44 -11.49 -95.08
CA VAL D 30 -37.12 -10.94 -96.25
C VAL D 30 -38.35 -10.18 -95.78
N LYS D 31 -38.57 -8.99 -96.34
CA LYS D 31 -39.61 -8.10 -95.84
C LYS D 31 -40.21 -7.31 -97.00
N LYS D 32 -41.53 -7.11 -96.92
CA LYS D 32 -42.22 -6.22 -97.84
C LYS D 32 -41.72 -4.78 -97.67
N PRO D 33 -41.52 -4.04 -98.76
CA PRO D 33 -41.03 -2.66 -98.63
C PRO D 33 -42.03 -1.74 -97.95
N GLY D 34 -41.51 -0.79 -97.17
CA GLY D 34 -42.35 0.09 -96.39
C GLY D 34 -42.33 -0.17 -94.89
N ALA D 35 -41.23 -0.74 -94.38
CA ALA D 35 -41.12 -1.06 -92.98
C ALA D 35 -39.67 -1.01 -92.56
N SER D 36 -39.45 -0.94 -91.25
CA SER D 36 -38.10 -0.88 -90.70
C SER D 36 -37.54 -2.28 -90.50
N VAL D 37 -36.22 -2.39 -90.66
CA VAL D 37 -35.53 -3.64 -90.43
C VAL D 37 -34.67 -3.47 -89.18
N LYS D 38 -34.25 -4.59 -88.60
CA LYS D 38 -33.46 -4.59 -87.37
C LYS D 38 -32.28 -5.54 -87.56
N VAL D 39 -31.08 -5.01 -87.69
CA VAL D 39 -29.88 -5.83 -87.87
C VAL D 39 -29.00 -5.69 -86.64
N SER D 40 -28.59 -6.81 -86.07
CA SER D 40 -27.84 -6.87 -84.83
C SER D 40 -26.41 -7.38 -85.05
N CYS D 41 -25.50 -6.91 -84.19
CA CYS D 41 -24.13 -7.40 -84.13
C CYS D 41 -23.75 -7.61 -82.67
N LYS D 42 -23.45 -8.85 -82.31
CA LYS D 42 -23.06 -9.21 -80.95
C LYS D 42 -21.57 -9.47 -80.89
N VAL D 43 -20.89 -8.82 -79.95
CA VAL D 43 -19.44 -8.85 -79.88
C VAL D 43 -19.02 -9.73 -78.70
N SER D 44 -17.73 -10.04 -78.65
CA SER D 44 -17.17 -10.86 -77.58
C SER D 44 -15.83 -10.30 -77.14
N GLY D 45 -15.45 -10.61 -75.91
CA GLY D 45 -14.16 -10.22 -75.39
C GLY D 45 -13.96 -8.75 -75.04
N TYR D 46 -14.19 -7.85 -75.99
CA TYR D 46 -13.96 -6.43 -75.82
C TYR D 46 -15.30 -5.70 -75.90
N THR D 47 -15.58 -4.87 -74.90
CA THR D 47 -16.86 -4.19 -74.85
C THR D 47 -16.95 -3.09 -75.91
N LEU D 48 -18.19 -2.75 -76.27
CA LEU D 48 -18.50 -1.71 -77.26
C LEU D 48 -17.81 -0.37 -76.98
N THR D 49 -17.66 0.01 -75.71
CA THR D 49 -17.04 1.30 -75.39
C THR D 49 -15.56 1.35 -75.72
N GLU D 50 -14.92 0.21 -75.91
CA GLU D 50 -13.52 0.15 -76.34
C GLU D 50 -13.37 0.01 -77.85
N LEU D 51 -14.47 -0.07 -78.60
CA LEU D 51 -14.44 -0.41 -80.01
C LEU D 51 -15.24 0.58 -80.84
N SER D 52 -14.67 0.99 -81.97
CA SER D 52 -15.43 1.67 -83.01
C SER D 52 -16.17 0.65 -83.87
N MET D 53 -17.45 0.95 -84.14
CA MET D 53 -18.35 0.07 -84.86
C MET D 53 -18.78 0.73 -86.16
N HIS D 54 -18.74 -0.03 -87.25
CA HIS D 54 -19.14 0.46 -88.58
C HIS D 54 -20.00 -0.59 -89.25
N TRP D 55 -20.75 -0.16 -90.26
CA TRP D 55 -21.61 -1.05 -91.03
C TRP D 55 -21.47 -0.78 -92.52
N VAL D 56 -21.57 -1.88 -93.29
CA VAL D 56 -21.23 -1.93 -94.70
C VAL D 56 -22.29 -2.74 -95.45
N ARG D 57 -22.76 -2.24 -96.59
CA ARG D 57 -23.64 -2.98 -97.48
C ARG D 57 -22.83 -3.60 -98.61
N GLN D 58 -23.12 -4.88 -98.93
CA GLN D 58 -22.58 -5.54 -100.11
C GLN D 58 -23.73 -6.04 -100.97
N ALA D 59 -23.93 -5.41 -102.14
CA ALA D 59 -24.92 -5.84 -103.11
C ALA D 59 -24.35 -6.93 -104.02
N PRO D 60 -25.19 -7.85 -104.51
CA PRO D 60 -24.69 -8.85 -105.46
C PRO D 60 -24.39 -8.21 -106.82
N GLY D 61 -23.22 -8.55 -107.37
CA GLY D 61 -22.76 -7.96 -108.61
C GLY D 61 -22.14 -6.59 -108.47
N LYS D 62 -22.01 -6.07 -107.25
CA LYS D 62 -21.43 -4.77 -107.00
C LYS D 62 -20.45 -4.87 -105.84
N GLY D 63 -19.58 -3.87 -105.74
CA GLY D 63 -18.66 -3.83 -104.63
C GLY D 63 -19.35 -3.47 -103.32
N LEU D 64 -18.73 -3.90 -102.23
CA LEU D 64 -19.27 -3.60 -100.91
C LEU D 64 -19.08 -2.13 -100.58
N GLU D 65 -20.12 -1.47 -100.07
CA GLU D 65 -20.10 -0.05 -99.81
C GLU D 65 -20.43 0.25 -98.35
N TRP D 66 -19.87 1.34 -97.84
CA TRP D 66 -19.93 1.68 -96.43
C TRP D 66 -21.24 2.41 -96.12
N MET D 67 -22.06 1.82 -95.24
CA MET D 67 -23.24 2.50 -94.73
C MET D 67 -22.87 3.60 -93.75
N GLY D 68 -21.96 3.30 -92.82
CA GLY D 68 -21.57 4.35 -91.89
C GLY D 68 -21.28 3.82 -90.49
N GLY D 69 -20.80 4.67 -89.59
CA GLY D 69 -20.36 4.15 -88.32
C GLY D 69 -19.85 5.21 -87.38
N PHE D 70 -19.02 4.78 -86.44
CA PHE D 70 -18.62 5.61 -85.32
C PHE D 70 -17.50 6.57 -85.75
N ASP D 71 -17.38 7.67 -85.02
CA ASP D 71 -16.27 8.61 -85.19
C ASP D 71 -15.60 8.82 -83.84
N PRO D 72 -14.32 8.45 -83.68
CA PRO D 72 -13.65 8.61 -82.38
C PRO D 72 -13.45 10.07 -81.94
N GLU D 73 -13.42 11.01 -82.87
CA GLU D 73 -13.27 12.42 -82.52
C GLU D 73 -14.07 13.27 -83.51
N ASP D 74 -14.49 14.45 -83.04
CA ASP D 74 -15.35 15.40 -83.76
C ASP D 74 -16.66 14.74 -84.20
N GLY D 75 -17.45 14.42 -83.20
CA GLY D 75 -18.69 13.68 -83.37
C GLY D 75 -18.58 12.29 -82.77
N GLU D 76 -19.73 11.59 -82.75
CA GLU D 76 -19.74 10.21 -82.31
C GLU D 76 -20.13 9.24 -83.42
N THR D 77 -21.32 9.37 -83.99
CA THR D 77 -21.83 8.38 -84.95
C THR D 77 -22.36 9.12 -86.16
N MET D 78 -21.85 8.78 -87.35
CA MET D 78 -22.20 9.52 -88.55
C MET D 78 -22.34 8.56 -89.71
N TYR D 79 -23.17 8.97 -90.67
CA TYR D 79 -23.75 8.12 -91.70
C TYR D 79 -23.34 8.64 -93.07
N ALA D 80 -23.57 7.83 -94.10
CA ALA D 80 -23.22 8.22 -95.46
C ALA D 80 -24.14 9.33 -95.95
N GLN D 81 -23.74 9.96 -97.06
CA GLN D 81 -24.49 11.08 -97.62
C GLN D 81 -25.68 10.59 -98.43
N LYS D 82 -25.63 9.37 -98.95
CA LYS D 82 -26.73 8.77 -99.69
C LYS D 82 -27.63 7.95 -98.78
N PHE D 83 -27.37 7.97 -97.47
CA PHE D 83 -28.15 7.24 -96.48
C PHE D 83 -28.45 8.08 -95.26
N GLN D 84 -28.21 9.40 -95.33
CA GLN D 84 -28.53 10.30 -94.22
C GLN D 84 -30.04 10.45 -94.06
N GLY D 85 -30.50 10.40 -92.81
CA GLY D 85 -31.91 10.47 -92.51
C GLY D 85 -32.66 9.17 -92.65
N ARG D 86 -31.99 8.09 -93.05
CA ARG D 86 -32.61 6.79 -93.27
C ARG D 86 -32.14 5.72 -92.30
N VAL D 87 -30.86 5.72 -91.94
CA VAL D 87 -30.27 4.69 -91.08
C VAL D 87 -29.95 5.32 -89.73
N THR D 88 -30.50 4.73 -88.66
CA THR D 88 -30.19 5.14 -87.29
C THR D 88 -29.62 3.95 -86.53
N MET D 89 -28.79 4.23 -85.54
CA MET D 89 -27.81 3.26 -85.07
C MET D 89 -27.70 3.36 -83.55
N THR D 90 -28.02 2.25 -82.86
CA THR D 90 -28.05 2.23 -81.41
C THR D 90 -27.05 1.20 -80.88
N GLU D 91 -26.58 1.44 -79.66
CA GLU D 91 -25.57 0.59 -79.02
C GLU D 91 -26.03 0.27 -77.60
N ASP D 92 -26.05 -1.01 -77.25
CA ASP D 92 -26.45 -1.47 -75.93
C ASP D 92 -25.22 -2.06 -75.24
N THR D 93 -24.73 -1.37 -74.21
CA THR D 93 -23.59 -1.84 -73.44
C THR D 93 -23.99 -2.94 -72.47
N SER D 94 -25.25 -2.95 -72.03
CA SER D 94 -25.72 -3.93 -71.07
C SER D 94 -25.81 -5.34 -71.66
N THR D 95 -26.34 -5.44 -72.88
CA THR D 95 -26.37 -6.72 -73.59
C THR D 95 -25.27 -6.83 -74.63
N ASP D 96 -24.43 -5.79 -74.76
CA ASP D 96 -23.26 -5.75 -75.65
C ASP D 96 -23.65 -6.01 -77.12
N THR D 97 -24.64 -5.28 -77.61
CA THR D 97 -25.14 -5.48 -78.96
C THR D 97 -25.25 -4.15 -79.69
N ALA D 98 -24.82 -4.14 -80.95
CA ALA D 98 -24.97 -2.97 -81.82
C ALA D 98 -26.16 -3.22 -82.76
N TYR D 99 -27.21 -2.44 -82.61
CA TYR D 99 -28.36 -2.50 -83.49
C TYR D 99 -28.29 -1.39 -84.53
N MET D 100 -28.78 -1.69 -85.72
CA MET D 100 -28.97 -0.65 -86.72
C MET D 100 -30.30 -0.88 -87.41
N GLU D 101 -31.01 0.21 -87.70
CA GLU D 101 -32.34 0.14 -88.28
C GLU D 101 -32.46 1.14 -89.41
N LEU D 102 -33.32 0.80 -90.37
CA LEU D 102 -33.60 1.62 -91.53
C LEU D 102 -34.99 1.26 -92.05
N SER D 103 -35.75 2.28 -92.41
CA SER D 103 -37.10 2.13 -92.96
C SER D 103 -37.06 2.45 -94.45
N SER D 104 -38.24 2.31 -95.08
CA SER D 104 -38.47 2.59 -96.51
C SER D 104 -37.54 1.75 -97.40
N LEU D 105 -37.82 0.45 -97.39
CA LEU D 105 -37.02 -0.51 -98.14
C LEU D 105 -37.20 -0.30 -99.64
N ARG D 106 -36.18 -0.69 -100.41
CA ARG D 106 -36.19 -0.56 -101.85
C ARG D 106 -35.74 -1.87 -102.46
N SER D 107 -36.14 -2.11 -103.72
CA SER D 107 -35.80 -3.35 -104.41
C SER D 107 -34.30 -3.48 -104.68
N GLU D 108 -33.56 -2.38 -104.70
CA GLU D 108 -32.12 -2.44 -104.87
C GLU D 108 -31.39 -2.78 -103.57
N ASP D 109 -32.10 -2.82 -102.45
CA ASP D 109 -31.49 -3.06 -101.15
C ASP D 109 -31.42 -4.54 -100.80
N THR D 110 -31.68 -5.43 -101.76
CA THR D 110 -31.52 -6.87 -101.56
C THR D 110 -30.02 -7.13 -101.52
N ALA D 111 -29.47 -7.21 -100.32
CA ALA D 111 -28.02 -7.19 -100.17
C ALA D 111 -27.65 -7.82 -98.83
N VAL D 112 -26.35 -8.02 -98.64
CA VAL D 112 -25.83 -8.62 -97.42
C VAL D 112 -25.14 -7.55 -96.59
N TYR D 113 -25.51 -7.45 -95.32
CA TYR D 113 -25.07 -6.37 -94.44
C TYR D 113 -24.00 -6.91 -93.49
N TYR D 114 -22.93 -6.12 -93.32
CA TYR D 114 -21.79 -6.53 -92.51
C TYR D 114 -21.57 -5.51 -91.39
N CYS D 115 -21.24 -6.01 -90.22
CA CYS D 115 -20.75 -5.21 -89.10
C CYS D 115 -19.25 -5.41 -88.94
N ALA D 116 -18.51 -4.30 -88.87
CA ALA D 116 -17.07 -4.34 -88.67
C ALA D 116 -16.71 -3.52 -87.44
N THR D 117 -15.58 -3.86 -86.83
CA THR D 117 -15.16 -3.21 -85.60
C THR D 117 -13.66 -2.99 -85.59
N SER D 118 -13.24 -2.07 -84.73
CA SER D 118 -11.82 -1.78 -84.54
C SER D 118 -11.63 -1.23 -83.13
N THR D 119 -10.38 -1.17 -82.69
CA THR D 119 -10.08 -0.54 -81.41
C THR D 119 -10.30 0.97 -81.50
N ALA D 120 -10.73 1.55 -80.38
CA ALA D 120 -10.96 2.99 -80.32
C ALA D 120 -9.64 3.76 -80.36
N VAL D 121 -8.68 3.38 -79.52
CA VAL D 121 -7.36 3.96 -79.50
C VAL D 121 -6.33 2.83 -79.50
N ALA D 122 -5.05 3.22 -79.43
CA ALA D 122 -3.96 2.25 -79.36
C ALA D 122 -2.84 2.81 -78.51
N GLY D 123 -2.34 2.00 -77.60
CA GLY D 123 -1.17 2.33 -76.82
C GLY D 123 -1.47 2.31 -75.32
N THR D 124 -0.44 2.69 -74.56
CA THR D 124 -0.57 2.82 -73.11
C THR D 124 -1.40 4.06 -72.78
N PRO D 125 -2.00 4.11 -71.58
CA PRO D 125 -2.70 5.34 -71.16
C PRO D 125 -1.83 6.59 -71.10
N ASP D 126 -0.53 6.45 -70.85
CA ASP D 126 0.35 7.62 -70.82
C ASP D 126 0.56 8.19 -72.21
N LEU D 127 0.69 7.32 -73.22
CA LEU D 127 0.92 7.72 -74.60
C LEU D 127 -0.01 6.88 -75.47
N PHE D 128 -1.13 7.46 -75.90
CA PHE D 128 -2.11 6.75 -76.71
C PHE D 128 -2.41 7.57 -77.97
N ASP D 129 -2.74 6.86 -79.05
CA ASP D 129 -3.03 7.49 -80.32
C ASP D 129 -4.38 6.99 -80.84
N TYR D 130 -5.06 7.87 -81.58
CA TYR D 130 -6.39 7.54 -82.10
C TYR D 130 -6.26 6.52 -83.23
N TYR D 131 -7.34 5.75 -83.43
CA TYR D 131 -7.35 4.64 -84.36
C TYR D 131 -8.57 4.74 -85.25
N TYR D 132 -8.36 4.58 -86.56
CA TYR D 132 -9.43 4.63 -87.54
C TYR D 132 -9.31 3.44 -88.48
N GLY D 133 -10.44 2.80 -88.74
CA GLY D 133 -10.50 1.73 -89.73
C GLY D 133 -11.54 0.70 -89.35
N MET D 134 -11.54 -0.37 -90.15
CA MET D 134 -12.43 -1.52 -89.96
C MET D 134 -11.55 -2.77 -89.93
N ASP D 135 -11.34 -3.34 -88.75
CA ASP D 135 -10.40 -4.47 -88.62
C ASP D 135 -11.09 -5.80 -88.85
N VAL D 136 -12.01 -6.18 -87.96
CA VAL D 136 -12.54 -7.53 -87.88
C VAL D 136 -13.96 -7.54 -88.44
N TRP D 137 -14.21 -8.43 -89.40
CA TRP D 137 -15.47 -8.49 -90.11
C TRP D 137 -16.29 -9.66 -89.60
N GLY D 138 -17.52 -9.39 -89.20
CA GLY D 138 -18.45 -10.45 -88.84
C GLY D 138 -19.13 -11.04 -90.04
N GLN D 139 -19.93 -12.07 -89.79
CA GLN D 139 -20.69 -12.69 -90.86
C GLN D 139 -21.86 -11.78 -91.25
N GLY D 140 -22.23 -11.85 -92.52
CA GLY D 140 -23.24 -10.96 -93.06
C GLY D 140 -24.65 -11.49 -92.88
N THR D 141 -25.60 -10.55 -92.86
CA THR D 141 -27.03 -10.86 -92.80
C THR D 141 -27.67 -10.45 -94.12
N THR D 142 -28.33 -11.40 -94.78
CA THR D 142 -28.95 -11.14 -96.08
C THR D 142 -30.33 -10.53 -95.87
N VAL D 143 -30.51 -9.28 -96.28
CA VAL D 143 -31.79 -8.61 -96.27
C VAL D 143 -32.36 -8.62 -97.69
N THR D 144 -33.61 -9.04 -97.81
CA THR D 144 -34.27 -9.24 -99.10
C THR D 144 -35.57 -8.45 -99.13
N VAL D 145 -35.73 -7.63 -100.15
CA VAL D 145 -36.94 -6.83 -100.37
C VAL D 145 -37.61 -7.37 -101.63
N SER D 146 -38.80 -7.94 -101.48
CA SER D 146 -39.54 -8.50 -102.59
C SER D 146 -41.04 -8.35 -102.31
N SER D 147 -41.85 -9.03 -103.13
CA SER D 147 -43.30 -9.00 -102.97
C SER D 147 -43.76 -9.82 -101.77
N GLU E 21 -15.22 13.49 -100.80
CA GLU E 21 -15.39 12.18 -101.42
C GLU E 21 -14.12 11.74 -102.12
N ILE E 22 -13.47 10.71 -101.56
CA ILE E 22 -12.24 10.16 -102.12
C ILE E 22 -12.60 8.97 -102.98
N VAL E 23 -12.28 9.03 -104.26
CA VAL E 23 -12.50 7.90 -105.16
C VAL E 23 -11.21 7.08 -105.27
N MET E 24 -11.36 5.76 -105.21
CA MET E 24 -10.25 4.82 -105.32
C MET E 24 -10.31 4.10 -106.66
N THR E 25 -9.15 3.92 -107.28
CA THR E 25 -9.05 3.12 -108.49
C THR E 25 -8.01 2.01 -108.30
N GLN E 26 -8.31 0.87 -108.91
CA GLN E 26 -7.53 -0.36 -108.78
C GLN E 26 -7.03 -0.78 -110.15
N SER E 27 -5.89 -1.49 -110.16
CA SER E 27 -5.32 -2.00 -111.40
C SER E 27 -4.59 -3.32 -111.14
N PRO E 28 -4.72 -4.32 -112.03
CA PRO E 28 -5.68 -4.39 -113.14
C PRO E 28 -7.07 -4.80 -112.69
N LEU E 29 -8.04 -4.78 -113.60
CA LEU E 29 -9.38 -5.25 -113.27
C LEU E 29 -9.37 -6.75 -112.96
N SER E 30 -8.67 -7.53 -113.77
CA SER E 30 -8.45 -8.95 -113.50
C SER E 30 -7.04 -9.31 -113.95
N SER E 31 -6.24 -9.87 -113.05
CA SER E 31 -4.85 -10.22 -113.35
C SER E 31 -4.68 -11.72 -113.23
N PRO E 32 -4.58 -12.46 -114.34
CA PRO E 32 -4.40 -13.92 -114.25
C PRO E 32 -2.96 -14.27 -113.89
N VAL E 33 -2.78 -14.91 -112.74
CA VAL E 33 -1.47 -15.22 -112.20
C VAL E 33 -1.37 -16.74 -112.05
N THR E 34 -0.20 -17.30 -112.36
CA THR E 34 0.05 -18.72 -112.16
C THR E 34 0.41 -19.00 -110.71
N LEU E 35 0.76 -20.26 -110.43
CA LEU E 35 1.11 -20.68 -109.09
C LEU E 35 2.50 -20.18 -108.73
N GLY E 36 2.60 -19.46 -107.60
CA GLY E 36 3.87 -19.11 -107.01
C GLY E 36 4.49 -17.83 -107.53
N GLN E 37 4.00 -17.29 -108.65
CA GLN E 37 4.54 -16.07 -109.23
C GLN E 37 4.05 -14.84 -108.45
N PRO E 38 4.89 -13.82 -108.31
CA PRO E 38 4.44 -12.59 -107.63
C PRO E 38 3.45 -11.81 -108.48
N ALA E 39 2.49 -11.20 -107.80
CA ALA E 39 1.43 -10.42 -108.44
C ALA E 39 1.38 -9.03 -107.82
N SER E 40 1.15 -8.02 -108.67
CA SER E 40 1.13 -6.62 -108.25
C SER E 40 -0.29 -6.07 -108.35
N ILE E 41 -0.71 -5.37 -107.29
CA ILE E 41 -2.04 -4.76 -107.20
C ILE E 41 -1.85 -3.27 -106.96
N SER E 42 -2.35 -2.44 -107.87
CA SER E 42 -2.12 -1.00 -107.86
C SER E 42 -3.36 -0.29 -107.35
N CYS E 43 -3.16 0.62 -106.38
CA CYS E 43 -4.22 1.45 -105.85
C CYS E 43 -3.85 2.93 -105.94
N ARG E 44 -4.77 3.74 -106.46
CA ARG E 44 -4.61 5.19 -106.48
C ARG E 44 -5.83 5.89 -105.91
N SER E 45 -5.60 7.02 -105.26
CA SER E 45 -6.63 7.90 -104.73
C SER E 45 -6.49 9.28 -105.38
N SER E 46 -7.61 9.91 -105.69
CA SER E 46 -7.57 11.24 -106.29
C SER E 46 -7.16 12.31 -105.28
N GLN E 47 -7.40 12.09 -103.99
CA GLN E 47 -7.01 13.02 -102.94
C GLN E 47 -5.93 12.40 -102.07
N SER E 48 -5.01 13.24 -101.60
CA SER E 48 -3.91 12.76 -100.77
C SER E 48 -4.43 12.30 -99.42
N LEU E 49 -3.93 11.14 -98.96
CA LEU E 49 -4.45 10.49 -97.76
C LEU E 49 -3.68 10.84 -96.49
N VAL E 50 -3.08 12.01 -96.42
CA VAL E 50 -2.38 12.44 -95.21
C VAL E 50 -3.38 12.94 -94.18
N HIS E 51 -3.13 12.60 -92.91
CA HIS E 51 -4.01 12.98 -91.81
C HIS E 51 -3.27 13.93 -90.87
N SER E 52 -4.04 14.64 -90.05
CA SER E 52 -3.46 15.56 -89.07
C SER E 52 -2.75 14.83 -87.93
N ASP E 53 -3.02 13.54 -87.73
CA ASP E 53 -2.26 12.75 -86.78
C ASP E 53 -0.84 12.49 -87.25
N GLY E 54 -0.59 12.55 -88.57
CA GLY E 54 0.72 12.29 -89.15
C GLY E 54 0.78 10.98 -89.91
N ASN E 55 -0.02 10.00 -89.55
CA ASN E 55 -0.04 8.72 -90.23
C ASN E 55 -0.98 8.77 -91.44
N THR E 56 -0.71 7.87 -92.38
CA THR E 56 -1.50 7.73 -93.60
C THR E 56 -2.37 6.49 -93.45
N TYR E 57 -3.67 6.62 -93.72
CA TYR E 57 -4.64 5.60 -93.41
C TYR E 57 -5.04 4.91 -94.71
N LEU E 58 -4.53 3.69 -94.91
CA LEU E 58 -5.03 2.82 -95.96
C LEU E 58 -4.95 1.37 -95.50
N SER E 59 -5.86 0.55 -96.01
CA SER E 59 -6.02 -0.84 -95.62
C SER E 59 -6.16 -1.70 -96.87
N TRP E 60 -5.74 -2.96 -96.74
CA TRP E 60 -5.73 -3.91 -97.85
C TRP E 60 -6.51 -5.14 -97.41
N LEU E 61 -7.56 -5.47 -98.18
CA LEU E 61 -8.52 -6.53 -97.93
C LEU E 61 -8.46 -7.62 -99.00
N GLN E 62 -8.76 -8.84 -98.60
CA GLN E 62 -8.98 -9.97 -99.50
C GLN E 62 -10.34 -10.58 -99.19
N GLN E 63 -11.11 -10.93 -100.22
CA GLN E 63 -12.29 -11.76 -100.00
C GLN E 63 -12.26 -12.93 -100.96
N ARG E 64 -12.54 -14.12 -100.44
CA ARG E 64 -12.84 -15.39 -101.06
C ARG E 64 -14.35 -15.56 -101.18
N PRO E 65 -14.83 -16.36 -102.14
CA PRO E 65 -16.28 -16.58 -102.26
C PRO E 65 -16.84 -17.39 -101.09
N GLY E 66 -17.97 -16.93 -100.55
CA GLY E 66 -18.67 -17.64 -99.51
C GLY E 66 -18.26 -17.32 -98.09
N GLN E 67 -17.23 -16.50 -97.89
CA GLN E 67 -16.77 -16.18 -96.55
C GLN E 67 -16.53 -14.68 -96.43
N PRO E 68 -16.65 -14.12 -95.21
CA PRO E 68 -16.43 -12.68 -95.05
C PRO E 68 -14.99 -12.30 -95.33
N PRO E 69 -14.75 -11.08 -95.82
CA PRO E 69 -13.37 -10.62 -95.99
C PRO E 69 -12.61 -10.51 -94.68
N ARG E 70 -11.32 -10.77 -94.75
CA ARG E 70 -10.40 -10.57 -93.64
C ARG E 70 -9.43 -9.44 -94.02
N LEU E 71 -9.24 -8.51 -93.08
CA LEU E 71 -8.34 -7.39 -93.32
C LEU E 71 -6.91 -7.90 -93.31
N LEU E 72 -6.26 -7.84 -94.47
CA LEU E 72 -4.92 -8.42 -94.52
C LEU E 72 -3.88 -7.44 -93.99
N ILE E 73 -3.72 -6.28 -94.62
CA ILE E 73 -2.63 -5.38 -94.20
C ILE E 73 -3.20 -4.02 -93.83
N TYR E 74 -2.89 -3.56 -92.61
CA TYR E 74 -3.25 -2.24 -92.10
C TYR E 74 -1.97 -1.43 -91.87
N LYS E 75 -1.88 -0.24 -92.50
CA LYS E 75 -0.74 0.74 -92.46
C LYS E 75 0.42 0.39 -93.37
N ILE E 76 0.28 -0.63 -94.21
CA ILE E 76 1.23 -1.10 -95.23
C ILE E 76 2.43 -1.79 -94.56
N SER E 77 3.16 -1.09 -93.70
CA SER E 77 4.26 -1.72 -92.98
C SER E 77 3.81 -2.80 -92.00
N ASN E 78 2.70 -2.58 -91.27
CA ASN E 78 2.35 -3.46 -90.17
C ASN E 78 1.77 -4.79 -90.65
N ARG E 79 2.09 -5.85 -89.91
CA ARG E 79 1.54 -7.20 -90.07
C ARG E 79 0.62 -7.52 -88.89
N PHE E 80 -0.48 -8.23 -89.16
CA PHE E 80 -1.35 -8.71 -88.08
C PHE E 80 -0.90 -10.07 -87.57
N SER E 81 -1.74 -10.69 -86.76
CA SER E 81 -1.53 -12.04 -86.26
C SER E 81 -2.28 -13.04 -87.14
N GLY E 82 -1.61 -14.13 -87.50
CA GLY E 82 -2.19 -15.17 -88.30
C GLY E 82 -2.10 -14.96 -89.81
N VAL E 83 -1.75 -13.76 -90.24
CA VAL E 83 -1.58 -13.48 -91.67
C VAL E 83 -0.15 -13.86 -92.03
N PRO E 84 0.06 -14.65 -93.08
CA PRO E 84 1.43 -15.08 -93.43
C PRO E 84 2.29 -13.93 -93.94
N ASP E 85 3.59 -14.22 -94.03
CA ASP E 85 4.59 -13.29 -94.50
C ASP E 85 4.74 -13.29 -96.02
N ARG E 86 3.81 -13.91 -96.74
CA ARG E 86 3.79 -13.98 -98.19
C ARG E 86 3.21 -12.73 -98.85
N PHE E 87 2.82 -11.74 -98.06
CA PHE E 87 2.27 -10.48 -98.56
C PHE E 87 3.22 -9.34 -98.23
N SER E 88 3.24 -8.32 -99.09
CA SER E 88 4.04 -7.14 -98.81
C SER E 88 3.37 -5.92 -99.43
N GLY E 89 3.67 -4.75 -98.86
CA GLY E 89 3.13 -3.50 -99.37
C GLY E 89 4.22 -2.46 -99.52
N SER E 90 3.98 -1.55 -100.46
CA SER E 90 4.91 -0.44 -100.68
C SER E 90 4.16 0.73 -101.29
N GLY E 91 4.84 1.86 -101.36
CA GLY E 91 4.28 3.07 -101.93
C GLY E 91 3.97 4.10 -100.86
N ALA E 92 3.58 5.28 -101.34
CA ALA E 92 3.35 6.44 -100.47
C ALA E 92 2.51 7.45 -101.23
N GLY E 93 2.06 8.48 -100.51
CA GLY E 93 1.29 9.56 -101.09
C GLY E 93 -0.06 9.14 -101.63
N THR E 94 -0.18 9.12 -102.95
CA THR E 94 -1.37 8.62 -103.63
C THR E 94 -1.09 7.36 -104.44
N ASP E 95 0.06 6.73 -104.26
CA ASP E 95 0.48 5.58 -105.04
C ASP E 95 0.67 4.42 -104.08
N PHE E 96 -0.04 3.30 -104.32
CA PHE E 96 0.05 2.18 -103.41
C PHE E 96 0.16 0.87 -104.18
N THR E 97 1.06 0.00 -103.74
CA THR E 97 1.31 -1.28 -104.41
C THR E 97 1.23 -2.39 -103.38
N LEU E 98 0.48 -3.44 -103.72
CA LEU E 98 0.40 -4.66 -102.94
C LEU E 98 1.08 -5.77 -103.74
N LYS E 99 2.11 -6.39 -103.17
CA LYS E 99 2.86 -7.44 -103.85
C LYS E 99 2.64 -8.76 -103.15
N ILE E 100 2.21 -9.76 -103.91
CA ILE E 100 2.03 -11.11 -103.42
C ILE E 100 3.18 -11.94 -103.97
N SER E 101 4.01 -12.48 -103.06
CA SER E 101 5.21 -13.19 -103.50
C SER E 101 4.87 -14.54 -104.12
N ARG E 102 3.97 -15.29 -103.49
CA ARG E 102 3.58 -16.62 -103.96
C ARG E 102 2.07 -16.71 -103.98
N VAL E 103 1.52 -17.22 -105.08
CA VAL E 103 0.08 -17.39 -105.25
C VAL E 103 -0.22 -18.88 -105.17
N GLU E 104 -1.12 -19.24 -104.25
CA GLU E 104 -1.55 -20.61 -104.04
C GLU E 104 -3.07 -20.70 -104.17
N ALA E 105 -3.63 -21.85 -103.80
CA ALA E 105 -5.06 -22.08 -103.95
C ALA E 105 -5.88 -21.27 -102.96
N GLU E 106 -5.26 -20.77 -101.89
CA GLU E 106 -5.96 -19.94 -100.92
C GLU E 106 -6.00 -18.47 -101.33
N ASP E 107 -5.22 -18.09 -102.33
CA ASP E 107 -5.07 -16.69 -102.72
C ASP E 107 -6.08 -16.26 -103.79
N VAL E 108 -6.98 -17.14 -104.20
CA VAL E 108 -7.99 -16.78 -105.19
C VAL E 108 -9.04 -15.88 -104.54
N GLY E 109 -9.40 -14.81 -105.24
CA GLY E 109 -10.42 -13.91 -104.75
C GLY E 109 -10.16 -12.49 -105.21
N VAL E 110 -10.87 -11.56 -104.58
CA VAL E 110 -10.84 -10.15 -105.00
C VAL E 110 -10.23 -9.32 -103.87
N TYR E 111 -9.27 -8.47 -104.22
CA TYR E 111 -8.53 -7.64 -103.29
C TYR E 111 -9.01 -6.20 -103.38
N TYR E 112 -9.03 -5.52 -102.23
CA TYR E 112 -9.56 -4.17 -102.12
C TYR E 112 -8.58 -3.28 -101.37
N CYS E 113 -8.60 -1.99 -101.71
CA CYS E 113 -7.88 -0.96 -100.96
C CYS E 113 -8.89 0.05 -100.42
N THR E 114 -8.69 0.45 -99.16
CA THR E 114 -9.68 1.22 -98.42
C THR E 114 -9.00 2.36 -97.69
N GLN E 115 -9.64 3.53 -97.62
CA GLN E 115 -9.12 4.66 -96.88
C GLN E 115 -9.95 4.89 -95.61
N ALA E 116 -9.31 5.55 -94.64
CA ALA E 116 -9.99 5.88 -93.40
C ALA E 116 -9.65 7.28 -92.89
N THR E 117 -9.10 8.14 -93.75
CA THR E 117 -8.60 9.44 -93.30
C THR E 117 -9.62 10.56 -93.45
N GLN E 118 -10.47 10.53 -94.48
CA GLN E 118 -11.48 11.55 -94.68
C GLN E 118 -12.83 10.87 -94.92
N PHE E 119 -13.83 11.28 -94.16
CA PHE E 119 -15.16 10.71 -94.29
C PHE E 119 -15.83 11.20 -95.58
N PRO E 120 -16.60 10.35 -96.26
CA PRO E 120 -16.96 8.95 -95.94
C PRO E 120 -15.90 7.91 -96.29
N TYR E 121 -15.98 6.75 -95.63
CA TYR E 121 -15.12 5.63 -95.99
C TYR E 121 -15.55 5.07 -97.34
N THR E 122 -14.60 4.92 -98.24
CA THR E 122 -14.85 4.46 -99.61
C THR E 122 -14.02 3.21 -99.88
N PHE E 123 -14.14 2.70 -101.09
CA PHE E 123 -13.59 1.39 -101.42
C PHE E 123 -12.99 1.43 -102.82
N GLY E 124 -11.97 0.59 -103.02
CA GLY E 124 -11.50 0.30 -104.35
C GLY E 124 -12.41 -0.68 -105.09
N GLN E 125 -12.35 -0.61 -106.43
CA GLN E 125 -13.26 -1.40 -107.25
C GLN E 125 -12.90 -2.88 -107.23
N GLY E 126 -11.69 -3.24 -106.80
CA GLY E 126 -11.34 -4.62 -106.58
C GLY E 126 -10.57 -5.27 -107.71
N THR E 127 -9.58 -6.09 -107.36
CA THR E 127 -8.76 -6.80 -108.34
C THR E 127 -9.00 -8.28 -108.14
N LYS E 128 -9.41 -8.96 -109.21
CA LYS E 128 -9.73 -10.39 -109.14
C LYS E 128 -8.53 -11.21 -109.57
N VAL E 129 -8.05 -12.07 -108.66
CA VAL E 129 -6.92 -12.95 -108.95
C VAL E 129 -7.42 -14.39 -108.85
N ASP E 130 -7.02 -15.21 -109.83
CA ASP E 130 -7.39 -16.61 -109.92
C ASP E 130 -6.14 -17.45 -110.10
N ILE E 131 -6.33 -18.75 -110.40
CA ILE E 131 -5.21 -19.62 -110.74
C ILE E 131 -5.14 -19.74 -112.26
N LYS E 132 -6.20 -20.28 -112.86
CA LYS E 132 -6.25 -20.42 -114.31
C LYS E 132 -7.53 -19.80 -114.87
N GLU F 20 -38.84 -58.48 36.33
CA GLU F 20 -39.56 -59.72 36.61
C GLU F 20 -40.82 -59.79 35.77
N VAL F 21 -41.15 -60.99 35.28
CA VAL F 21 -42.34 -61.17 34.45
C VAL F 21 -43.59 -61.10 35.32
N GLN F 22 -44.54 -60.26 34.93
CA GLN F 22 -45.86 -60.23 35.53
C GLN F 22 -46.91 -60.52 34.47
N LEU F 23 -47.75 -61.52 34.72
CA LEU F 23 -48.74 -61.97 33.75
C LEU F 23 -50.14 -61.68 34.27
N VAL F 24 -50.97 -61.07 33.43
CA VAL F 24 -52.37 -60.83 33.78
C VAL F 24 -53.26 -61.49 32.73
N GLU F 25 -54.50 -61.77 33.14
CA GLU F 25 -55.36 -62.71 32.45
C GLU F 25 -56.56 -62.00 31.82
N SER F 26 -57.31 -62.75 31.02
CA SER F 26 -58.56 -62.29 30.43
C SER F 26 -59.75 -62.83 31.25
N GLY F 27 -60.95 -62.49 30.81
CA GLY F 27 -62.13 -62.89 31.56
C GLY F 27 -62.58 -64.31 31.29
N ALA F 28 -63.22 -64.89 32.31
CA ALA F 28 -63.82 -66.20 32.19
C ALA F 28 -65.08 -66.14 31.34
N GLU F 29 -65.43 -67.27 30.74
CA GLU F 29 -66.55 -67.27 29.79
C GLU F 29 -67.26 -68.62 29.82
N VAL F 30 -68.51 -68.61 29.38
CA VAL F 30 -69.30 -69.80 29.14
C VAL F 30 -69.84 -69.74 27.71
N LYS F 31 -69.80 -70.88 27.02
CA LYS F 31 -70.18 -70.87 25.61
C LYS F 31 -70.79 -72.21 25.21
N LYS F 32 -71.80 -72.15 24.34
CA LYS F 32 -72.31 -73.34 23.67
C LYS F 32 -71.22 -73.94 22.78
N PRO F 33 -71.07 -75.27 22.76
CA PRO F 33 -70.04 -75.88 21.89
C PRO F 33 -70.31 -75.66 20.41
N GLY F 34 -69.24 -75.47 19.66
CA GLY F 34 -69.31 -75.14 18.26
C GLY F 34 -68.86 -73.73 17.90
N ALA F 35 -67.99 -73.11 18.70
CA ALA F 35 -67.54 -71.76 18.43
C ALA F 35 -66.15 -71.55 19.01
N SER F 36 -65.45 -70.53 18.51
CA SER F 36 -64.11 -70.25 18.95
C SER F 36 -64.10 -69.62 20.35
N VAL F 37 -63.02 -69.88 21.09
CA VAL F 37 -62.82 -69.33 22.42
C VAL F 37 -61.56 -68.47 22.41
N LYS F 38 -61.73 -67.17 22.66
CA LYS F 38 -60.63 -66.20 22.59
C LYS F 38 -60.15 -65.91 24.00
N VAL F 39 -58.95 -66.41 24.33
CA VAL F 39 -58.40 -66.25 25.67
C VAL F 39 -57.08 -65.49 25.56
N SER F 40 -56.91 -64.45 26.38
CA SER F 40 -55.76 -63.57 26.31
C SER F 40 -54.87 -63.71 27.55
N CYS F 41 -53.58 -63.48 27.35
CA CYS F 41 -52.62 -63.28 28.42
C CYS F 41 -51.73 -62.08 28.10
N LYS F 42 -51.70 -61.10 29.00
CA LYS F 42 -50.93 -59.88 28.81
C LYS F 42 -49.68 -59.92 29.70
N VAL F 43 -48.55 -59.51 29.11
CA VAL F 43 -47.23 -59.60 29.73
C VAL F 43 -46.77 -58.19 30.10
N SER F 44 -46.22 -58.03 31.31
CA SER F 44 -45.67 -56.75 31.74
C SER F 44 -44.35 -56.99 32.47
N GLY F 45 -43.50 -55.97 32.45
CA GLY F 45 -42.15 -56.06 32.96
C GLY F 45 -41.12 -56.37 31.89
N TYR F 46 -41.35 -57.43 31.13
CA TYR F 46 -40.53 -57.80 29.99
C TYR F 46 -41.43 -57.85 28.74
N THR F 47 -40.85 -57.65 27.57
CA THR F 47 -41.62 -57.83 26.36
C THR F 47 -41.60 -59.29 25.92
N LEU F 48 -42.59 -59.64 25.10
CA LEU F 48 -42.83 -61.05 24.79
C LEU F 48 -41.88 -61.60 23.74
N THR F 49 -41.19 -60.73 22.99
CA THR F 49 -40.27 -61.21 21.96
C THR F 49 -38.99 -61.79 22.55
N GLU F 50 -38.72 -61.53 23.82
CA GLU F 50 -37.63 -62.16 24.54
C GLU F 50 -38.08 -63.41 25.29
N LEU F 51 -39.38 -63.70 25.30
CA LEU F 51 -39.99 -64.58 26.29
C LEU F 51 -40.78 -65.71 25.61
N SER F 52 -40.47 -66.94 26.02
CA SER F 52 -41.21 -68.12 25.56
C SER F 52 -42.57 -68.20 26.25
N MET F 53 -43.61 -68.47 25.46
CA MET F 53 -45.00 -68.43 25.89
C MET F 53 -45.60 -69.83 25.80
N HIS F 54 -46.21 -70.31 26.90
CA HIS F 54 -46.85 -71.61 26.93
C HIS F 54 -48.21 -71.52 27.61
N TRP F 55 -49.03 -72.54 27.38
CA TRP F 55 -50.40 -72.58 27.85
C TRP F 55 -50.73 -73.99 28.33
N VAL F 56 -51.46 -74.07 29.45
CA VAL F 56 -51.71 -75.31 30.18
C VAL F 56 -53.21 -75.39 30.49
N ARG F 57 -53.80 -76.57 30.32
CA ARG F 57 -55.20 -76.81 30.62
C ARG F 57 -55.34 -77.68 31.87
N GLN F 58 -56.29 -77.34 32.74
CA GLN F 58 -56.54 -78.12 33.96
C GLN F 58 -58.04 -78.35 34.12
N ALA F 59 -58.47 -79.62 34.00
CA ALA F 59 -59.84 -79.93 34.37
C ALA F 59 -59.96 -80.04 35.89
N PRO F 60 -61.12 -79.70 36.45
CA PRO F 60 -61.32 -79.90 37.90
C PRO F 60 -61.42 -81.37 38.26
N GLY F 61 -60.73 -81.75 39.33
CA GLY F 61 -60.65 -83.12 39.75
C GLY F 61 -59.62 -83.95 39.04
N LYS F 62 -58.85 -83.36 38.12
CA LYS F 62 -57.81 -84.04 37.39
C LYS F 62 -56.50 -83.25 37.48
N GLY F 63 -55.40 -83.93 37.21
CA GLY F 63 -54.12 -83.25 37.15
C GLY F 63 -54.01 -82.37 35.91
N LEU F 64 -53.27 -81.28 36.06
CA LEU F 64 -53.09 -80.31 35.00
C LEU F 64 -52.08 -80.81 33.97
N GLU F 65 -52.42 -80.65 32.69
CA GLU F 65 -51.58 -81.13 31.60
C GLU F 65 -51.31 -79.97 30.64
N TRP F 66 -50.16 -80.06 29.97
CA TRP F 66 -49.67 -78.95 29.14
C TRP F 66 -50.45 -78.94 27.84
N MET F 67 -50.93 -77.77 27.43
CA MET F 67 -51.66 -77.73 26.16
C MET F 67 -50.74 -77.42 24.98
N GLY F 68 -49.93 -76.36 25.08
CA GLY F 68 -49.11 -76.01 23.94
C GLY F 68 -48.31 -74.73 24.12
N GLY F 69 -47.17 -74.61 23.44
CA GLY F 69 -46.34 -73.45 23.68
C GLY F 69 -45.16 -73.36 22.75
N PHE F 70 -44.25 -72.44 23.09
CA PHE F 70 -43.24 -71.97 22.15
C PHE F 70 -42.07 -72.95 22.06
N ASP F 71 -41.39 -72.91 20.91
CA ASP F 71 -40.15 -73.65 20.68
C ASP F 71 -39.04 -72.65 20.41
N PRO F 72 -38.04 -72.52 21.29
CA PRO F 72 -36.95 -71.55 21.04
C PRO F 72 -36.05 -71.91 19.87
N GLU F 73 -36.02 -73.17 19.44
CA GLU F 73 -35.29 -73.55 18.25
C GLU F 73 -35.98 -74.76 17.61
N ASP F 74 -35.60 -75.03 16.36
CA ASP F 74 -36.12 -76.15 15.54
C ASP F 74 -37.64 -76.07 15.40
N GLY F 75 -38.12 -74.91 14.98
CA GLY F 75 -39.54 -74.62 14.94
C GLY F 75 -39.89 -73.51 15.92
N GLU F 76 -41.17 -73.13 15.89
CA GLU F 76 -41.64 -72.01 16.71
C GLU F 76 -42.69 -72.44 17.73
N THR F 77 -43.72 -73.16 17.31
CA THR F 77 -44.85 -73.48 18.18
C THR F 77 -45.10 -74.99 18.14
N MET F 78 -45.21 -75.59 19.32
CA MET F 78 -45.52 -77.01 19.46
C MET F 78 -46.85 -77.17 20.19
N TYR F 79 -47.73 -78.00 19.64
CA TYR F 79 -49.02 -78.33 20.23
C TYR F 79 -48.99 -79.74 20.77
N ALA F 80 -49.96 -80.06 21.62
CA ALA F 80 -50.10 -81.42 22.11
C ALA F 80 -50.67 -82.31 21.02
N GLN F 81 -50.50 -83.63 21.20
CA GLN F 81 -51.01 -84.56 20.21
C GLN F 81 -52.53 -84.67 20.28
N LYS F 82 -53.11 -84.47 21.45
CA LYS F 82 -54.55 -84.56 21.63
C LYS F 82 -55.26 -83.23 21.40
N PHE F 83 -54.52 -82.16 21.07
CA PHE F 83 -55.11 -80.85 20.82
C PHE F 83 -54.67 -80.28 19.47
N GLN F 84 -53.96 -81.06 18.66
CA GLN F 84 -53.52 -80.60 17.35
C GLN F 84 -54.68 -80.55 16.38
N GLY F 85 -54.70 -79.53 15.51
CA GLY F 85 -55.75 -79.37 14.54
C GLY F 85 -56.92 -78.52 14.98
N ARG F 86 -56.95 -78.10 16.24
CA ARG F 86 -58.01 -77.25 16.76
C ARG F 86 -57.52 -75.90 17.26
N VAL F 87 -56.38 -75.86 17.94
CA VAL F 87 -55.98 -74.71 18.75
C VAL F 87 -54.87 -73.97 18.02
N THR F 88 -54.99 -72.65 17.96
CA THR F 88 -53.94 -71.77 17.44
C THR F 88 -53.64 -70.68 18.47
N MET F 89 -52.40 -70.19 18.43
CA MET F 89 -51.95 -69.13 19.32
C MET F 89 -51.24 -68.05 18.51
N THR F 90 -51.66 -66.80 18.70
CA THR F 90 -51.05 -65.66 18.03
C THR F 90 -50.40 -64.76 19.06
N GLU F 91 -49.33 -64.08 18.65
CA GLU F 91 -48.58 -63.18 19.51
C GLU F 91 -48.55 -61.80 18.88
N ASP F 92 -49.06 -60.80 19.60
CA ASP F 92 -49.07 -59.41 19.13
C ASP F 92 -47.97 -58.65 19.86
N THR F 93 -46.98 -58.17 19.09
CA THR F 93 -45.83 -57.48 19.67
C THR F 93 -46.20 -56.07 20.12
N SER F 94 -47.06 -55.39 19.38
CA SER F 94 -47.39 -54.00 19.68
C SER F 94 -48.18 -53.87 20.99
N THR F 95 -49.13 -54.76 21.23
CA THR F 95 -49.89 -54.74 22.48
C THR F 95 -49.28 -55.65 23.55
N ASP F 96 -48.19 -56.35 23.22
CA ASP F 96 -47.50 -57.30 24.10
C ASP F 96 -48.45 -58.38 24.62
N THR F 97 -49.27 -58.92 23.73
CA THR F 97 -50.36 -59.82 24.11
C THR F 97 -50.18 -61.19 23.47
N ALA F 98 -50.67 -62.22 24.16
CA ALA F 98 -50.78 -63.56 23.58
C ALA F 98 -52.26 -63.92 23.51
N TYR F 99 -52.77 -64.05 22.29
CA TYR F 99 -54.14 -64.46 22.05
C TYR F 99 -54.17 -65.96 21.72
N MET F 100 -55.25 -66.62 22.14
CA MET F 100 -55.40 -68.05 21.90
C MET F 100 -56.82 -68.31 21.43
N GLU F 101 -56.93 -69.15 20.39
CA GLU F 101 -58.22 -69.53 19.81
C GLU F 101 -58.27 -71.05 19.71
N LEU F 102 -59.44 -71.62 19.90
CA LEU F 102 -59.63 -73.06 19.74
C LEU F 102 -61.03 -73.32 19.18
N SER F 103 -61.10 -74.21 18.21
CA SER F 103 -62.36 -74.58 17.59
C SER F 103 -62.72 -76.01 17.99
N SER F 104 -63.90 -76.45 17.53
CA SER F 104 -64.48 -77.78 17.81
C SER F 104 -64.60 -78.02 19.32
N LEU F 105 -65.43 -77.17 19.95
CA LEU F 105 -65.56 -77.20 21.40
C LEU F 105 -66.34 -78.44 21.84
N ARG F 106 -65.92 -79.03 22.96
CA ARG F 106 -66.51 -80.25 23.47
C ARG F 106 -66.95 -80.04 24.91
N SER F 107 -67.89 -80.88 25.37
CA SER F 107 -68.46 -80.72 26.70
C SER F 107 -67.46 -81.01 27.81
N GLU F 108 -66.37 -81.71 27.52
CA GLU F 108 -65.33 -82.00 28.49
C GLU F 108 -64.35 -80.84 28.69
N ASP F 109 -64.48 -79.76 27.91
CA ASP F 109 -63.53 -78.66 27.93
C ASP F 109 -63.86 -77.62 29.01
N THR F 110 -64.69 -77.97 29.98
CA THR F 110 -64.94 -77.08 31.11
C THR F 110 -63.71 -77.10 32.02
N ALA F 111 -62.78 -76.17 31.82
CA ALA F 111 -61.47 -76.27 32.44
C ALA F 111 -60.92 -74.89 32.74
N VAL F 112 -59.97 -74.85 33.67
CA VAL F 112 -59.27 -73.63 34.03
C VAL F 112 -57.93 -73.61 33.31
N TYR F 113 -57.63 -72.50 32.63
CA TYR F 113 -56.50 -72.40 31.72
C TYR F 113 -55.45 -71.49 32.32
N TYR F 114 -54.18 -71.90 32.21
CA TYR F 114 -53.04 -71.19 32.77
C TYR F 114 -52.13 -70.72 31.64
N CYS F 115 -51.72 -69.46 31.70
CA CYS F 115 -50.70 -68.93 30.80
C CYS F 115 -49.37 -68.82 31.54
N ALA F 116 -48.36 -69.53 31.04
CA ALA F 116 -47.03 -69.56 31.63
C ALA F 116 -46.03 -68.93 30.67
N THR F 117 -44.99 -68.32 31.22
CA THR F 117 -44.05 -67.58 30.39
C THR F 117 -42.68 -67.62 31.05
N SER F 118 -41.63 -67.83 30.24
CA SER F 118 -40.25 -67.84 30.71
C SER F 118 -39.39 -67.05 29.73
N THR F 119 -38.10 -66.93 30.05
CA THR F 119 -37.15 -66.31 29.15
C THR F 119 -36.81 -67.27 28.00
N ALA F 120 -36.49 -66.71 26.83
CA ALA F 120 -36.08 -67.56 25.72
C ALA F 120 -34.66 -68.09 25.91
N VAL F 121 -33.73 -67.24 26.38
CA VAL F 121 -32.34 -67.61 26.57
C VAL F 121 -31.91 -67.16 27.97
N ALA F 122 -30.66 -67.46 28.30
CA ALA F 122 -30.09 -67.01 29.56
C ALA F 122 -28.60 -66.73 29.37
N GLY F 123 -28.14 -65.60 29.91
CA GLY F 123 -26.73 -65.28 29.95
C GLY F 123 -26.41 -64.01 29.19
N THR F 124 -25.11 -63.75 29.08
CA THR F 124 -24.58 -62.60 28.36
C THR F 124 -24.75 -62.81 26.85
N PRO F 125 -24.69 -61.74 26.06
CA PRO F 125 -24.60 -61.91 24.59
C PRO F 125 -23.39 -62.69 24.13
N ASP F 126 -22.27 -62.63 24.86
CA ASP F 126 -21.10 -63.43 24.49
C ASP F 126 -21.29 -64.89 24.84
N LEU F 127 -21.89 -65.17 26.00
CA LEU F 127 -22.11 -66.54 26.46
C LEU F 127 -23.55 -66.68 26.91
N PHE F 128 -24.36 -67.39 26.12
CA PHE F 128 -25.76 -67.61 26.43
C PHE F 128 -26.14 -69.04 26.07
N ASP F 129 -27.14 -69.56 26.79
CA ASP F 129 -27.67 -70.88 26.51
C ASP F 129 -29.19 -70.81 26.38
N TYR F 130 -29.73 -71.74 25.60
CA TYR F 130 -31.17 -71.77 25.36
C TYR F 130 -31.90 -72.19 26.63
N TYR F 131 -33.07 -71.61 26.85
CA TYR F 131 -33.80 -71.78 28.08
C TYR F 131 -35.14 -72.42 27.73
N TYR F 132 -35.48 -73.51 28.43
CA TYR F 132 -36.76 -74.18 28.23
C TYR F 132 -37.43 -74.34 29.58
N GLY F 133 -38.68 -73.93 29.68
CA GLY F 133 -39.40 -74.11 30.93
C GLY F 133 -40.55 -73.14 31.05
N MET F 134 -41.24 -73.26 32.18
CA MET F 134 -42.40 -72.45 32.52
C MET F 134 -42.20 -71.95 33.96
N ASP F 135 -41.67 -70.74 34.09
CA ASP F 135 -41.30 -70.19 35.39
C ASP F 135 -42.42 -69.38 36.01
N VAL F 136 -42.86 -68.33 35.31
CA VAL F 136 -43.88 -67.42 35.80
C VAL F 136 -45.21 -67.82 35.19
N TRP F 137 -46.22 -68.05 36.02
CA TRP F 137 -47.52 -68.51 35.59
C TRP F 137 -48.56 -67.44 35.91
N GLY F 138 -49.45 -67.18 34.96
CA GLY F 138 -50.52 -66.23 35.14
C GLY F 138 -51.71 -66.81 35.87
N GLN F 139 -52.72 -65.96 36.04
CA GLN F 139 -53.96 -66.38 36.66
C GLN F 139 -54.74 -67.31 35.73
N GLY F 140 -55.63 -68.10 36.31
CA GLY F 140 -56.42 -69.03 35.54
C GLY F 140 -57.68 -68.40 34.98
N THR F 141 -58.05 -68.84 33.77
CA THR F 141 -59.27 -68.40 33.12
C THR F 141 -60.21 -69.59 32.97
N THR F 142 -61.47 -69.40 33.35
CA THR F 142 -62.45 -70.48 33.37
C THR F 142 -63.16 -70.54 32.02
N VAL F 143 -63.01 -71.66 31.32
CA VAL F 143 -63.73 -71.92 30.08
C VAL F 143 -64.82 -72.94 30.42
N THR F 144 -66.08 -72.52 30.32
CA THR F 144 -67.20 -73.35 30.74
C THR F 144 -68.05 -73.66 29.50
N VAL F 145 -68.39 -74.94 29.35
CA VAL F 145 -69.15 -75.44 28.22
C VAL F 145 -70.50 -75.90 28.73
N SER F 146 -71.58 -75.21 28.33
CA SER F 146 -72.91 -75.56 28.79
C SER F 146 -73.90 -75.31 27.66
N SER F 147 -75.18 -75.51 27.96
CA SER F 147 -76.26 -75.32 27.00
C SER F 147 -76.58 -73.84 26.78
N GLU G 21 -43.69 -89.97 24.08
CA GLU G 21 -44.19 -89.24 25.23
C GLU G 21 -43.56 -89.79 26.52
N ILE G 22 -43.10 -88.88 27.37
CA ILE G 22 -42.48 -89.25 28.65
C ILE G 22 -43.55 -89.27 29.72
N VAL G 23 -43.63 -90.39 30.46
CA VAL G 23 -44.62 -90.58 31.50
C VAL G 23 -43.95 -90.38 32.87
N MET G 24 -44.67 -89.75 33.79
CA MET G 24 -44.17 -89.42 35.12
C MET G 24 -44.93 -90.21 36.17
N THR G 25 -44.25 -90.56 37.26
CA THR G 25 -44.92 -91.09 38.43
C THR G 25 -44.43 -90.40 39.71
N GLN G 26 -45.38 -90.11 40.59
CA GLN G 26 -45.14 -89.44 41.86
C GLN G 26 -45.37 -90.42 43.01
N SER G 27 -44.55 -90.31 44.06
CA SER G 27 -44.66 -91.21 45.20
C SER G 27 -44.35 -90.47 46.49
N PRO G 28 -45.17 -90.64 47.55
CA PRO G 28 -46.45 -91.36 47.60
C PRO G 28 -47.59 -90.52 47.02
N LEU G 29 -48.76 -91.14 46.81
CA LEU G 29 -49.92 -90.39 46.32
C LEU G 29 -50.40 -89.36 47.34
N SER G 30 -50.41 -89.73 48.62
CA SER G 30 -50.76 -88.82 49.70
C SER G 30 -49.81 -89.07 50.87
N SER G 31 -49.27 -88.00 51.43
CA SER G 31 -48.34 -88.10 52.56
C SER G 31 -48.81 -87.20 53.70
N PRO G 32 -49.33 -87.76 54.79
CA PRO G 32 -49.72 -86.93 55.94
C PRO G 32 -48.51 -86.60 56.81
N VAL G 33 -48.13 -85.32 56.82
CA VAL G 33 -46.92 -84.86 57.51
C VAL G 33 -47.34 -83.91 58.63
N THR G 34 -46.72 -84.08 59.79
CA THR G 34 -46.99 -83.21 60.93
C THR G 34 -46.23 -81.90 60.81
N LEU G 35 -46.35 -81.06 61.83
CA LEU G 35 -45.75 -79.73 61.83
C LEU G 35 -44.27 -79.83 62.16
N GLY G 36 -43.42 -79.38 61.24
CA GLY G 36 -41.99 -79.30 61.46
C GLY G 36 -41.20 -80.50 60.97
N GLN G 37 -41.86 -81.62 60.69
CA GLN G 37 -41.15 -82.81 60.25
C GLN G 37 -40.83 -82.73 58.76
N PRO G 38 -39.72 -83.33 58.32
CA PRO G 38 -39.40 -83.34 56.89
C PRO G 38 -40.36 -84.24 56.12
N ALA G 39 -40.57 -83.88 54.85
CA ALA G 39 -41.38 -84.67 53.93
C ALA G 39 -40.58 -84.91 52.65
N SER G 40 -40.55 -86.16 52.20
CA SER G 40 -39.79 -86.56 51.01
C SER G 40 -40.77 -87.11 49.97
N ILE G 41 -40.74 -86.50 48.79
CA ILE G 41 -41.62 -86.89 47.68
C ILE G 41 -40.77 -87.17 46.45
N SER G 42 -40.94 -88.34 45.85
CA SER G 42 -40.13 -88.78 44.74
C SER G 42 -40.88 -88.65 43.41
N CYS G 43 -40.16 -88.17 42.39
CA CYS G 43 -40.64 -88.18 41.01
C CYS G 43 -39.73 -89.09 40.20
N ARG G 44 -40.34 -89.99 39.43
CA ARG G 44 -39.64 -90.96 38.61
C ARG G 44 -40.12 -90.89 37.17
N SER G 45 -39.16 -91.00 36.24
CA SER G 45 -39.43 -90.91 34.81
C SER G 45 -39.06 -92.24 34.16
N SER G 46 -39.82 -92.64 33.13
CA SER G 46 -39.51 -93.87 32.43
C SER G 46 -38.40 -93.72 31.38
N GLN G 47 -38.08 -92.49 30.98
CA GLN G 47 -37.04 -92.23 29.99
C GLN G 47 -35.95 -91.36 30.60
N SER G 48 -34.74 -91.47 30.05
CA SER G 48 -33.63 -90.64 30.51
C SER G 48 -33.85 -89.20 30.07
N LEU G 49 -33.78 -88.27 31.02
CA LEU G 49 -34.10 -86.87 30.79
C LEU G 49 -32.87 -86.00 30.58
N VAL G 50 -31.80 -86.56 30.03
CA VAL G 50 -30.61 -85.78 29.72
C VAL G 50 -30.83 -85.02 28.42
N HIS G 51 -30.36 -83.77 28.39
CA HIS G 51 -30.48 -82.89 27.24
C HIS G 51 -29.12 -82.75 26.55
N SER G 52 -29.16 -82.27 25.31
CA SER G 52 -27.92 -82.02 24.57
C SER G 52 -27.16 -80.81 25.10
N ASP G 53 -27.82 -79.93 25.87
CA ASP G 53 -27.13 -78.77 26.43
C ASP G 53 -26.19 -79.16 27.57
N GLY G 54 -26.41 -80.31 28.19
CA GLY G 54 -25.54 -80.77 29.26
C GLY G 54 -26.25 -80.91 30.59
N ASN G 55 -27.10 -79.95 30.93
CA ASN G 55 -27.88 -79.99 32.15
C ASN G 55 -29.27 -80.54 31.87
N THR G 56 -29.83 -81.25 32.86
CA THR G 56 -31.15 -81.83 32.75
C THR G 56 -32.19 -80.90 33.36
N TYR G 57 -33.35 -80.83 32.73
CA TYR G 57 -34.27 -79.69 32.83
C TYR G 57 -35.60 -80.22 33.36
N LEU G 58 -35.87 -79.96 34.64
CA LEU G 58 -37.13 -80.31 35.26
C LEU G 58 -37.61 -79.19 36.17
N SER G 59 -38.92 -78.95 36.15
CA SER G 59 -39.54 -77.89 36.91
C SER G 59 -40.45 -78.48 37.98
N TRP G 60 -40.41 -77.86 39.17
CA TRP G 60 -40.87 -78.46 40.41
C TRP G 60 -41.77 -77.41 41.04
N LEU G 61 -43.09 -77.68 41.12
CA LEU G 61 -44.09 -76.63 41.33
C LEU G 61 -45.03 -76.94 42.49
N GLN G 62 -45.50 -75.87 43.14
CA GLN G 62 -46.50 -75.90 44.20
C GLN G 62 -47.76 -75.18 43.74
N GLN G 63 -48.92 -75.78 43.98
CA GLN G 63 -50.22 -75.17 43.70
C GLN G 63 -51.06 -75.17 44.97
N ARG G 64 -51.66 -74.03 45.29
CA ARG G 64 -52.62 -73.96 46.39
C ARG G 64 -54.04 -73.84 45.85
N PRO G 65 -55.05 -74.29 46.60
CA PRO G 65 -56.45 -74.18 46.14
C PRO G 65 -56.89 -72.73 46.05
N GLY G 66 -57.37 -72.33 44.87
CA GLY G 66 -57.69 -70.95 44.59
C GLY G 66 -56.51 -70.11 44.16
N GLN G 67 -55.35 -70.72 43.92
CA GLN G 67 -54.14 -70.01 43.57
C GLN G 67 -53.47 -70.68 42.38
N PRO G 68 -53.07 -69.93 41.35
CA PRO G 68 -52.32 -70.52 40.26
C PRO G 68 -50.93 -70.91 40.75
N PRO G 69 -50.32 -71.94 40.16
CA PRO G 69 -49.07 -72.46 40.73
C PRO G 69 -47.85 -71.58 40.50
N ARG G 70 -46.96 -71.62 41.49
CA ARG G 70 -45.71 -70.87 41.47
C ARG G 70 -44.52 -71.82 41.47
N LEU G 71 -43.45 -71.38 40.81
CA LEU G 71 -42.26 -72.20 40.63
C LEU G 71 -41.47 -72.33 41.93
N LEU G 72 -41.34 -73.54 42.44
CA LEU G 72 -40.42 -73.73 43.55
C LEU G 72 -38.98 -73.91 43.06
N ILE G 73 -38.72 -74.95 42.27
CA ILE G 73 -37.35 -75.23 41.84
C ILE G 73 -37.30 -75.47 40.34
N TYR G 74 -36.42 -74.74 39.65
CA TYR G 74 -36.19 -74.92 38.23
C TYR G 74 -34.71 -75.27 38.07
N LYS G 75 -34.42 -76.34 37.31
CA LYS G 75 -33.08 -76.87 36.95
C LYS G 75 -32.40 -77.66 38.06
N ILE G 76 -33.10 -77.98 39.15
CA ILE G 76 -32.67 -78.80 40.30
C ILE G 76 -31.65 -78.06 41.15
N SER G 77 -30.53 -77.64 40.55
CA SER G 77 -29.44 -77.01 41.30
C SER G 77 -29.84 -75.67 41.92
N ASN G 78 -30.60 -74.85 41.19
CA ASN G 78 -30.86 -73.48 41.64
C ASN G 78 -32.28 -73.32 42.15
N ARG G 79 -32.41 -72.59 43.27
CA ARG G 79 -33.69 -72.18 43.79
C ARG G 79 -34.21 -70.96 43.03
N PHE G 80 -35.52 -70.91 42.80
CA PHE G 80 -36.10 -69.73 42.19
C PHE G 80 -36.19 -68.59 43.21
N SER G 81 -36.37 -67.37 42.69
CA SER G 81 -36.47 -66.17 43.51
C SER G 81 -37.80 -66.13 44.27
N GLY G 82 -37.72 -65.81 45.57
CA GLY G 82 -38.87 -65.79 46.43
C GLY G 82 -39.19 -67.10 47.13
N VAL G 83 -38.50 -68.17 46.79
CA VAL G 83 -38.75 -69.47 47.43
C VAL G 83 -37.96 -69.51 48.74
N PRO G 84 -38.59 -69.88 49.86
CA PRO G 84 -37.87 -69.97 51.13
C PRO G 84 -36.85 -71.09 51.14
N ASP G 85 -35.97 -71.03 52.14
CA ASP G 85 -34.82 -71.93 52.23
C ASP G 85 -35.16 -73.23 52.95
N ARG G 86 -36.44 -73.50 53.20
CA ARG G 86 -36.89 -74.73 53.82
C ARG G 86 -37.08 -75.86 52.83
N PHE G 87 -37.00 -75.58 51.53
CA PHE G 87 -37.36 -76.53 50.49
C PHE G 87 -36.10 -76.90 49.71
N SER G 88 -35.83 -78.20 49.58
CA SER G 88 -34.60 -78.67 48.98
C SER G 88 -34.89 -79.82 48.02
N GLY G 89 -33.98 -80.04 47.08
CA GLY G 89 -34.07 -81.19 46.21
C GLY G 89 -32.75 -81.94 46.10
N SER G 90 -32.85 -83.24 45.87
CA SER G 90 -31.68 -84.09 45.71
C SER G 90 -32.02 -85.26 44.81
N GLY G 91 -30.99 -85.88 44.23
CA GLY G 91 -31.18 -86.97 43.29
C GLY G 91 -31.04 -86.51 41.85
N ALA G 92 -31.03 -87.49 40.95
CA ALA G 92 -30.63 -87.24 39.56
C ALA G 92 -31.06 -88.42 38.69
N GLY G 93 -30.61 -88.39 37.42
CA GLY G 93 -30.90 -89.46 36.49
C GLY G 93 -32.36 -89.58 36.13
N THR G 94 -33.00 -90.62 36.65
CA THR G 94 -34.45 -90.80 36.53
C THR G 94 -35.14 -90.87 37.88
N ASP G 95 -34.44 -90.56 38.97
CA ASP G 95 -34.98 -90.67 40.32
C ASP G 95 -34.71 -89.37 41.05
N PHE G 96 -35.75 -88.66 41.48
CA PHE G 96 -35.47 -87.41 42.15
C PHE G 96 -36.33 -87.36 43.40
N THR G 97 -35.82 -86.69 44.44
CA THR G 97 -36.54 -86.51 45.69
C THR G 97 -36.59 -85.04 46.07
N LEU G 98 -37.73 -84.62 46.60
CA LEU G 98 -37.96 -83.29 47.14
C LEU G 98 -38.11 -83.43 48.64
N LYS G 99 -37.38 -82.62 49.39
CA LYS G 99 -37.35 -82.68 50.85
C LYS G 99 -37.76 -81.34 51.43
N ILE G 100 -38.75 -81.38 52.32
CA ILE G 100 -39.21 -80.21 53.03
C ILE G 100 -38.79 -80.36 54.49
N SER G 101 -37.91 -79.47 54.94
CA SER G 101 -37.41 -79.56 56.31
C SER G 101 -38.48 -79.15 57.32
N ARG G 102 -39.25 -78.11 57.01
CA ARG G 102 -40.29 -77.61 57.91
C ARG G 102 -41.58 -77.42 57.14
N VAL G 103 -42.63 -78.11 57.56
CA VAL G 103 -43.97 -77.97 56.99
C VAL G 103 -44.78 -77.03 57.88
N GLU G 104 -45.33 -75.98 57.29
CA GLU G 104 -46.07 -74.95 58.03
C GLU G 104 -47.50 -74.88 57.48
N ALA G 105 -48.24 -73.86 57.95
CA ALA G 105 -49.62 -73.67 57.53
C ALA G 105 -49.73 -73.17 56.09
N GLU G 106 -48.65 -72.62 55.53
CA GLU G 106 -48.63 -72.18 54.14
C GLU G 106 -48.20 -73.28 53.18
N ASP G 107 -47.92 -74.49 53.68
CA ASP G 107 -47.36 -75.57 52.88
C ASP G 107 -48.43 -76.54 52.37
N VAL G 108 -49.70 -76.30 52.68
CA VAL G 108 -50.78 -77.14 52.21
C VAL G 108 -50.99 -76.94 50.71
N GLY G 109 -51.18 -78.03 49.98
CA GLY G 109 -51.46 -77.92 48.56
C GLY G 109 -50.94 -79.12 47.80
N VAL G 110 -50.91 -78.97 46.47
CA VAL G 110 -50.62 -80.05 45.54
C VAL G 110 -49.33 -79.74 44.81
N TYR G 111 -48.43 -80.72 44.76
CA TYR G 111 -47.11 -80.55 44.17
C TYR G 111 -47.07 -81.26 42.82
N TYR G 112 -46.34 -80.69 41.87
CA TYR G 112 -46.23 -81.23 40.53
C TYR G 112 -44.77 -81.30 40.09
N CYS G 113 -44.44 -82.36 39.35
CA CYS G 113 -43.16 -82.51 38.69
C CYS G 113 -43.37 -82.53 37.19
N THR G 114 -42.54 -81.78 36.45
CA THR G 114 -42.58 -81.80 35.00
C THR G 114 -41.16 -81.67 34.45
N GLN G 115 -41.00 -82.01 33.18
CA GLN G 115 -39.71 -81.93 32.52
C GLN G 115 -39.72 -80.78 31.51
N ALA G 116 -38.53 -80.51 30.95
CA ALA G 116 -38.43 -79.46 29.93
C ALA G 116 -37.46 -79.84 28.81
N THR G 117 -37.09 -81.11 28.70
CA THR G 117 -36.09 -81.52 27.72
C THR G 117 -36.71 -81.96 26.40
N GLN G 118 -37.51 -83.02 26.43
CA GLN G 118 -38.12 -83.60 25.24
C GLN G 118 -39.61 -83.30 25.19
N PHE G 119 -40.06 -82.78 24.05
CA PHE G 119 -41.47 -82.56 23.77
C PHE G 119 -42.17 -83.89 23.47
N PRO G 120 -43.39 -84.10 23.98
CA PRO G 120 -44.23 -83.16 24.75
C PRO G 120 -43.88 -83.07 26.23
N TYR G 121 -44.14 -81.90 26.81
CA TYR G 121 -44.02 -81.73 28.26
C TYR G 121 -45.15 -82.46 28.96
N THR G 122 -44.84 -83.10 30.08
CA THR G 122 -45.82 -83.87 30.81
C THR G 122 -45.66 -83.59 32.30
N PHE G 123 -46.78 -83.46 33.00
CA PHE G 123 -46.79 -83.25 34.43
C PHE G 123 -47.07 -84.57 35.16
N GLY G 124 -46.67 -84.60 36.42
CA GLY G 124 -47.10 -85.67 37.30
C GLY G 124 -48.54 -85.49 37.74
N GLN G 125 -49.06 -86.53 38.38
CA GLN G 125 -50.45 -86.50 38.84
C GLN G 125 -50.64 -85.65 40.09
N GLY G 126 -49.56 -85.16 40.70
CA GLY G 126 -49.68 -84.24 41.81
C GLY G 126 -49.79 -84.95 43.15
N THR G 127 -49.11 -84.42 44.17
CA THR G 127 -49.16 -84.98 45.51
C THR G 127 -49.79 -83.96 46.45
N LYS G 128 -50.82 -84.38 47.17
CA LYS G 128 -51.54 -83.51 48.09
C LYS G 128 -50.94 -83.63 49.48
N VAL G 129 -50.46 -82.50 50.01
CA VAL G 129 -49.94 -82.43 51.37
C VAL G 129 -50.81 -81.50 52.19
N ASP G 130 -51.17 -81.94 53.39
CA ASP G 130 -52.06 -81.24 54.29
C ASP G 130 -51.40 -81.13 55.67
N ILE G 131 -52.14 -80.68 56.67
CA ILE G 131 -51.61 -80.62 58.03
C ILE G 131 -52.13 -81.82 58.81
N LYS G 132 -53.45 -81.92 58.97
CA LYS G 132 -54.06 -83.05 59.64
C LYS G 132 -55.20 -83.61 58.80
N GLU H 20 -41.10 67.25 19.25
CA GLU H 20 -42.14 68.11 19.79
C GLU H 20 -43.52 67.53 19.51
N VAL H 21 -44.38 67.54 20.52
CA VAL H 21 -45.72 66.98 20.39
C VAL H 21 -46.59 67.97 19.64
N GLN H 22 -47.31 67.48 18.63
CA GLN H 22 -48.26 68.31 17.88
C GLN H 22 -49.66 67.74 18.04
N LEU H 23 -50.61 68.62 18.33
CA LEU H 23 -51.99 68.23 18.61
C LEU H 23 -52.90 68.78 17.52
N VAL H 24 -53.75 67.92 16.96
CA VAL H 24 -54.77 68.38 16.02
C VAL H 24 -56.15 67.94 16.50
N GLU H 25 -57.17 68.64 16.02
CA GLU H 25 -58.53 68.59 16.54
C GLU H 25 -59.50 68.14 15.45
N SER H 26 -60.77 67.99 15.83
CA SER H 26 -61.85 67.69 14.91
C SER H 26 -62.67 68.95 14.64
N GLY H 27 -63.74 68.80 13.87
CA GLY H 27 -64.54 69.94 13.49
C GLY H 27 -65.54 70.32 14.56
N ALA H 28 -65.94 71.60 14.54
CA ALA H 28 -66.93 72.11 15.48
C ALA H 28 -68.31 71.58 15.13
N GLU H 29 -69.18 71.53 16.14
CA GLU H 29 -70.49 70.92 15.98
C GLU H 29 -71.54 71.68 16.76
N VAL H 30 -72.80 71.49 16.33
CA VAL H 30 -73.98 71.95 17.04
C VAL H 30 -74.93 70.75 17.16
N LYS H 31 -75.52 70.57 18.34
CA LYS H 31 -76.33 69.40 18.62
C LYS H 31 -77.49 69.77 19.54
N LYS H 32 -78.63 69.12 19.31
CA LYS H 32 -79.77 69.20 20.23
C LYS H 32 -79.42 68.55 21.57
N PRO H 33 -79.82 69.15 22.70
CA PRO H 33 -79.48 68.58 24.01
C PRO H 33 -80.15 67.24 24.26
N GLY H 34 -79.42 66.38 24.96
CA GLY H 34 -79.84 65.02 25.20
C GLY H 34 -79.11 63.94 24.41
N ALA H 35 -77.91 64.20 23.92
CA ALA H 35 -77.17 63.24 23.12
C ALA H 35 -75.68 63.33 23.45
N SER H 36 -74.97 62.25 23.14
CA SER H 36 -73.55 62.15 23.43
C SER H 36 -72.75 62.90 22.36
N VAL H 37 -71.64 63.49 22.78
CA VAL H 37 -70.77 64.26 21.89
C VAL H 37 -69.42 63.56 21.82
N LYS H 38 -68.97 63.27 20.59
CA LYS H 38 -67.70 62.61 20.34
C LYS H 38 -66.68 63.67 19.90
N VAL H 39 -65.72 63.96 20.77
CA VAL H 39 -64.69 64.96 20.50
C VAL H 39 -63.33 64.27 20.49
N SER H 40 -62.55 64.49 19.43
CA SER H 40 -61.31 63.78 19.19
C SER H 40 -60.11 64.71 19.28
N CYS H 41 -58.97 64.14 19.67
CA CYS H 41 -57.67 64.82 19.61
C CYS H 41 -56.62 63.83 19.12
N LYS H 42 -55.99 64.16 18.00
CA LYS H 42 -54.98 63.30 17.38
C LYS H 42 -53.59 63.85 17.65
N VAL H 43 -52.69 62.97 18.09
CA VAL H 43 -51.35 63.32 18.52
C VAL H 43 -50.38 62.91 17.43
N SER H 44 -49.44 63.79 17.09
CA SER H 44 -48.44 63.49 16.09
C SER H 44 -47.06 63.93 16.58
N GLY H 45 -46.04 63.27 16.09
CA GLY H 45 -44.67 63.47 16.54
C GLY H 45 -44.26 62.48 17.62
N TYR H 46 -45.13 62.28 18.60
CA TYR H 46 -44.96 61.31 19.66
C TYR H 46 -46.15 60.36 19.68
N THR H 47 -45.96 59.17 20.24
CA THR H 47 -47.07 58.29 20.50
C THR H 47 -47.69 58.60 21.87
N LEU H 48 -48.97 58.23 22.01
CA LEU H 48 -49.76 58.72 23.14
C LEU H 48 -49.47 57.98 24.44
N THR H 49 -48.78 56.84 24.39
CA THR H 49 -48.48 56.09 25.61
C THR H 49 -47.37 56.71 26.43
N GLU H 50 -46.65 57.69 25.88
CA GLU H 50 -45.64 58.44 26.62
C GLU H 50 -46.19 59.76 27.15
N LEU H 51 -47.47 60.04 26.95
CA LEU H 51 -48.04 61.36 27.17
C LEU H 51 -49.25 61.28 28.09
N SER H 52 -49.23 62.06 29.16
CA SER H 52 -50.44 62.34 29.94
C SER H 52 -51.36 63.26 29.15
N MET H 53 -52.64 62.90 29.10
CA MET H 53 -53.62 63.51 28.22
C MET H 53 -54.71 64.15 29.07
N HIS H 54 -55.04 65.42 28.79
CA HIS H 54 -55.98 66.18 29.61
C HIS H 54 -56.93 66.97 28.71
N TRP H 55 -58.07 67.36 29.29
CA TRP H 55 -59.14 68.04 28.58
C TRP H 55 -59.76 69.12 29.46
N VAL H 56 -59.99 70.30 28.83
CA VAL H 56 -60.33 71.56 29.49
C VAL H 56 -61.46 72.23 28.69
N ARG H 57 -62.43 72.83 29.39
CA ARG H 57 -63.46 73.63 28.70
C ARG H 57 -63.19 75.11 28.93
N GLN H 58 -63.58 75.94 27.97
CA GLN H 58 -63.61 77.39 28.15
C GLN H 58 -64.92 77.95 27.64
N ALA H 59 -65.71 78.55 28.54
CA ALA H 59 -66.91 79.26 28.15
C ALA H 59 -66.55 80.66 27.65
N PRO H 60 -67.33 81.21 26.72
CA PRO H 60 -67.17 82.63 26.38
C PRO H 60 -67.63 83.53 27.51
N GLY H 61 -66.71 84.38 27.99
CA GLY H 61 -67.00 85.25 29.11
C GLY H 61 -66.78 84.65 30.48
N LYS H 62 -66.20 83.45 30.57
CA LYS H 62 -65.94 82.80 31.84
C LYS H 62 -64.52 82.26 31.87
N GLY H 63 -64.05 81.97 33.07
CA GLY H 63 -62.76 81.31 33.22
C GLY H 63 -62.81 79.86 32.76
N LEU H 64 -61.67 79.35 32.33
CA LEU H 64 -61.57 78.03 31.73
C LEU H 64 -61.29 76.98 32.81
N GLU H 65 -62.05 75.89 32.78
CA GLU H 65 -61.94 74.83 33.78
C GLU H 65 -61.89 73.47 33.08
N TRP H 66 -61.80 72.42 33.89
CA TRP H 66 -61.20 71.15 33.48
C TRP H 66 -62.28 70.08 33.29
N MET H 67 -62.16 69.32 32.18
CA MET H 67 -62.84 68.02 32.10
C MET H 67 -62.11 66.99 32.94
N GLY H 68 -60.87 66.67 32.56
CA GLY H 68 -60.25 65.50 33.14
C GLY H 68 -58.98 65.06 32.45
N GLY H 69 -58.19 64.21 33.09
CA GLY H 69 -56.90 63.87 32.50
C GLY H 69 -56.23 62.71 33.20
N PHE H 70 -55.10 62.31 32.63
CA PHE H 70 -54.44 61.08 33.06
C PHE H 70 -53.64 61.30 34.35
N ASP H 71 -53.47 60.22 35.10
CA ASP H 71 -52.68 60.22 36.33
C ASP H 71 -51.60 59.16 36.22
N PRO H 72 -50.31 59.54 36.18
CA PRO H 72 -49.23 58.53 36.15
C PRO H 72 -49.21 57.56 37.32
N GLU H 73 -49.51 58.01 38.54
CA GLU H 73 -49.46 57.14 39.70
C GLU H 73 -50.76 57.27 40.50
N ASP H 74 -51.03 56.23 41.31
CA ASP H 74 -52.19 56.15 42.20
C ASP H 74 -53.51 56.30 41.43
N GLY H 75 -53.68 55.46 40.42
CA GLY H 75 -54.81 55.52 39.52
C GLY H 75 -54.36 55.80 38.09
N GLU H 76 -55.35 55.85 37.20
CA GLU H 76 -55.08 56.11 35.79
C GLU H 76 -55.66 57.43 35.32
N THR H 77 -56.97 57.64 35.47
CA THR H 77 -57.65 58.79 34.88
C THR H 77 -58.51 59.46 35.95
N MET H 78 -58.41 60.79 36.07
CA MET H 78 -59.14 61.54 37.07
C MET H 78 -60.04 62.55 36.39
N TYR H 79 -61.19 62.80 37.03
CA TYR H 79 -62.27 63.64 36.53
C TYR H 79 -62.55 64.76 37.52
N ALA H 80 -63.31 65.75 37.06
CA ALA H 80 -63.81 66.78 37.96
C ALA H 80 -64.93 66.23 38.83
N GLN H 81 -65.15 66.88 39.98
CA GLN H 81 -66.15 66.40 40.92
C GLN H 81 -67.58 66.73 40.49
N LYS H 82 -67.77 67.82 39.74
CA LYS H 82 -69.09 68.21 39.29
C LYS H 82 -69.45 67.60 37.94
N PHE H 83 -68.50 66.96 37.27
CA PHE H 83 -68.68 66.42 35.92
C PHE H 83 -68.55 64.90 35.89
N GLN H 84 -68.61 64.26 37.05
CA GLN H 84 -68.54 62.81 37.13
C GLN H 84 -69.86 62.20 36.67
N GLY H 85 -69.77 61.06 35.99
CA GLY H 85 -70.95 60.37 35.52
C GLY H 85 -71.41 60.74 34.13
N ARG H 86 -70.79 61.75 33.52
CA ARG H 86 -71.14 62.21 32.19
C ARG H 86 -69.97 62.14 31.21
N VAL H 87 -68.75 62.37 31.68
CA VAL H 87 -67.57 62.36 30.83
C VAL H 87 -66.96 60.96 30.87
N THR H 88 -66.71 60.38 29.70
CA THR H 88 -65.95 59.13 29.63
C THR H 88 -64.87 59.27 28.56
N MET H 89 -63.73 58.62 28.83
CA MET H 89 -62.49 58.92 28.13
C MET H 89 -61.91 57.64 27.55
N THR H 90 -61.67 57.61 26.24
CA THR H 90 -61.07 56.45 25.60
C THR H 90 -59.80 56.86 24.86
N GLU H 91 -58.86 55.92 24.78
CA GLU H 91 -57.60 56.14 24.07
C GLU H 91 -57.39 54.98 23.10
N ASP H 92 -57.22 55.31 21.82
CA ASP H 92 -56.93 54.31 20.79
C ASP H 92 -55.44 54.35 20.51
N THR H 93 -54.75 53.26 20.86
CA THR H 93 -53.31 53.16 20.67
C THR H 93 -52.94 52.86 19.23
N SER H 94 -53.83 52.22 18.47
CA SER H 94 -53.52 51.88 17.09
C SER H 94 -53.50 53.13 16.20
N THR H 95 -54.49 54.00 16.36
CA THR H 95 -54.55 55.24 15.60
C THR H 95 -53.94 56.43 16.34
N ASP H 96 -53.45 56.20 17.57
CA ASP H 96 -52.82 57.22 18.42
C ASP H 96 -53.74 58.41 18.69
N THR H 97 -55.01 58.12 19.00
CA THR H 97 -56.02 59.14 19.18
C THR H 97 -56.57 59.10 20.60
N ALA H 98 -57.10 60.24 21.04
CA ALA H 98 -57.85 60.32 22.29
C ALA H 98 -59.26 60.78 21.99
N TYR H 99 -60.25 59.95 22.33
CA TYR H 99 -61.64 60.32 22.18
C TYR H 99 -62.26 60.62 23.55
N MET H 100 -63.21 61.55 23.53
CA MET H 100 -63.94 61.99 24.70
C MET H 100 -65.43 61.93 24.37
N GLU H 101 -66.22 61.37 25.28
CA GLU H 101 -67.67 61.35 25.13
C GLU H 101 -68.30 62.05 26.33
N LEU H 102 -69.30 62.87 26.05
CA LEU H 102 -70.03 63.62 27.07
C LEU H 102 -71.51 63.60 26.76
N SER H 103 -72.31 63.11 27.71
CA SER H 103 -73.74 62.94 27.57
C SER H 103 -74.48 63.97 28.42
N SER H 104 -75.80 64.04 28.22
CA SER H 104 -76.73 64.91 28.92
C SER H 104 -76.34 66.39 28.75
N LEU H 105 -76.47 66.84 27.51
CA LEU H 105 -76.09 68.21 27.14
C LEU H 105 -77.01 69.24 27.79
N ARG H 106 -76.44 70.42 28.06
CA ARG H 106 -77.15 71.51 28.69
C ARG H 106 -76.92 72.76 27.84
N SER H 107 -77.83 73.74 27.95
CA SER H 107 -77.73 74.98 27.18
C SER H 107 -76.51 75.83 27.55
N GLU H 108 -75.89 75.60 28.69
CA GLU H 108 -74.66 76.29 29.09
C GLU H 108 -73.40 75.64 28.55
N ASP H 109 -73.51 74.54 27.81
CA ASP H 109 -72.36 73.77 27.34
C ASP H 109 -71.79 74.29 26.02
N THR H 110 -72.26 75.44 25.54
CA THR H 110 -71.70 76.07 24.34
C THR H 110 -70.32 76.61 24.72
N ALA H 111 -69.27 75.88 24.38
CA ALA H 111 -67.94 76.22 24.85
C ALA H 111 -66.88 75.73 23.89
N VAL H 112 -65.68 76.29 24.02
CA VAL H 112 -64.52 75.91 23.24
C VAL H 112 -63.72 74.90 24.06
N TYR H 113 -63.52 73.71 23.49
CA TYR H 113 -62.91 72.59 24.19
C TYR H 113 -61.46 72.42 23.77
N TYR H 114 -60.55 72.38 24.74
CA TYR H 114 -59.12 72.28 24.50
C TYR H 114 -58.61 70.92 24.97
N CYS H 115 -57.81 70.28 24.12
CA CYS H 115 -57.09 69.06 24.46
C CYS H 115 -55.63 69.40 24.70
N ALA H 116 -55.14 69.10 25.91
CA ALA H 116 -53.77 69.37 26.33
C ALA H 116 -53.04 68.07 26.62
N THR H 117 -51.72 68.14 26.62
CA THR H 117 -50.90 66.96 26.87
C THR H 117 -49.56 67.36 27.46
N SER H 118 -48.90 66.39 28.08
CA SER H 118 -47.57 66.59 28.68
C SER H 118 -46.87 65.26 28.80
N THR H 119 -45.56 65.32 29.03
CA THR H 119 -44.76 64.09 29.13
C THR H 119 -45.07 63.35 30.42
N ALA H 120 -45.16 62.02 30.31
CA ALA H 120 -45.51 61.19 31.46
C ALA H 120 -44.37 61.16 32.49
N VAL H 121 -43.13 61.07 32.02
CA VAL H 121 -41.96 61.08 32.91
C VAL H 121 -40.97 62.12 32.40
N ALA H 122 -39.91 62.31 33.19
CA ALA H 122 -38.84 63.22 32.85
C ALA H 122 -37.53 62.64 33.35
N GLY H 123 -36.55 62.53 32.46
CA GLY H 123 -35.22 62.07 32.82
C GLY H 123 -34.81 60.84 32.03
N THR H 124 -33.61 60.35 32.37
CA THR H 124 -33.07 59.15 31.75
C THR H 124 -33.78 57.91 32.31
N PRO H 125 -33.65 56.76 31.64
CA PRO H 125 -34.22 55.52 32.21
C PRO H 125 -33.70 55.13 33.59
N ASP H 126 -32.44 55.41 33.92
CA ASP H 126 -31.94 55.05 35.24
C ASP H 126 -32.46 56.00 36.33
N LEU H 127 -32.64 57.27 36.01
CA LEU H 127 -33.11 58.28 36.95
C LEU H 127 -34.26 59.04 36.28
N PHE H 128 -35.49 58.68 36.60
CA PHE H 128 -36.67 59.31 36.01
C PHE H 128 -37.66 59.67 37.10
N ASP H 129 -38.39 60.76 36.86
CA ASP H 129 -39.38 61.27 37.80
C ASP H 129 -40.70 61.49 37.10
N TYR H 130 -41.79 61.26 37.84
CA TYR H 130 -43.12 61.43 37.29
C TYR H 130 -43.43 62.92 37.12
N TYR H 131 -44.06 63.25 35.99
CA TYR H 131 -44.36 64.63 35.64
C TYR H 131 -45.87 64.86 35.59
N TYR H 132 -46.27 66.05 36.03
CA TYR H 132 -47.64 66.51 35.96
C TYR H 132 -47.65 67.89 35.31
N GLY H 133 -48.69 68.18 34.54
CA GLY H 133 -48.84 69.52 33.99
C GLY H 133 -49.54 69.46 32.64
N MET H 134 -49.64 70.65 32.04
CA MET H 134 -50.28 70.85 30.74
C MET H 134 -49.34 71.71 29.91
N ASP H 135 -48.49 71.07 29.11
CA ASP H 135 -47.46 71.79 28.36
C ASP H 135 -47.95 72.19 26.97
N VAL H 136 -48.32 71.20 26.16
CA VAL H 136 -48.74 71.43 24.78
C VAL H 136 -50.25 71.42 24.71
N TRP H 137 -50.83 72.47 24.15
CA TRP H 137 -52.28 72.59 24.00
C TRP H 137 -52.63 72.62 22.51
N GLY H 138 -53.75 71.96 22.17
CA GLY H 138 -54.24 71.97 20.82
C GLY H 138 -55.28 73.05 20.58
N GLN H 139 -55.76 73.10 19.33
CA GLN H 139 -56.82 74.02 18.97
C GLN H 139 -58.16 73.55 19.51
N GLY H 140 -58.99 74.49 19.94
CA GLY H 140 -60.25 74.14 20.56
C GLY H 140 -61.35 73.86 19.54
N THR H 141 -62.28 73.00 19.95
CA THR H 141 -63.46 72.66 19.16
C THR H 141 -64.69 73.29 19.78
N THR H 142 -65.52 73.92 18.95
CA THR H 142 -66.69 74.64 19.44
C THR H 142 -67.87 73.69 19.57
N VAL H 143 -68.31 73.48 20.82
CA VAL H 143 -69.45 72.65 21.14
C VAL H 143 -70.64 73.57 21.35
N THR H 144 -71.65 73.48 20.47
CA THR H 144 -72.80 74.37 20.54
C THR H 144 -74.05 73.54 20.78
N VAL H 145 -74.78 73.89 21.84
CA VAL H 145 -76.03 73.24 22.22
C VAL H 145 -77.15 74.23 21.99
N SER H 146 -78.03 73.93 21.02
CA SER H 146 -79.09 74.85 20.65
C SER H 146 -80.32 74.04 20.26
N SER H 147 -81.32 74.73 19.68
CA SER H 147 -82.56 74.09 19.24
C SER H 147 -82.41 73.42 17.88
N GLU I 21 -59.86 70.55 46.58
CA GLU I 21 -59.88 71.60 45.56
C GLU I 21 -59.05 72.80 46.01
N ILE I 22 -58.07 73.17 45.19
CA ILE I 22 -57.19 74.30 45.47
C ILE I 22 -57.76 75.54 44.79
N VAL I 23 -58.02 76.57 45.56
CA VAL I 23 -58.51 77.84 45.03
C VAL I 23 -57.37 78.85 45.05
N MET I 24 -57.26 79.62 43.96
CA MET I 24 -56.22 80.62 43.81
C MET I 24 -56.84 81.98 43.53
N THR I 25 -56.02 83.01 43.70
CA THR I 25 -56.40 84.39 43.42
C THR I 25 -55.34 85.03 42.54
N GLN I 26 -55.80 85.76 41.53
CA GLN I 26 -54.96 86.48 40.59
C GLN I 26 -55.04 87.98 40.86
N SER I 27 -53.90 88.66 40.74
CA SER I 27 -53.87 90.09 41.05
C SER I 27 -52.87 90.83 40.18
N PRO I 28 -53.25 92.02 39.65
CA PRO I 28 -54.60 92.57 39.59
C PRO I 28 -55.40 91.98 38.43
N LEU I 29 -56.72 92.22 38.38
CA LEU I 29 -57.55 91.66 37.33
C LEU I 29 -57.20 92.25 35.97
N SER I 30 -57.05 93.58 35.91
CA SER I 30 -56.66 94.27 34.70
C SER I 30 -55.55 95.25 35.05
N SER I 31 -54.44 95.17 34.31
CA SER I 31 -53.27 96.01 34.56
C SER I 31 -52.93 96.80 33.31
N PRO I 32 -53.24 98.10 33.25
CA PRO I 32 -52.86 98.91 32.09
C PRO I 32 -51.37 99.21 32.14
N VAL I 33 -50.64 98.71 31.14
CA VAL I 33 -49.19 98.79 31.10
C VAL I 33 -48.77 99.50 29.81
N THR I 34 -47.79 100.39 29.93
CA THR I 34 -47.29 101.15 28.80
C THR I 34 -46.20 100.27 28.13
N LEU I 35 -45.78 100.67 26.92
CA LEU I 35 -44.78 99.91 26.16
C LEU I 35 -43.44 99.89 26.87
N GLY I 36 -42.88 98.68 27.03
CA GLY I 36 -41.53 98.51 27.53
C GLY I 36 -41.42 98.35 29.02
N GLN I 37 -42.43 98.73 29.78
CA GLN I 37 -42.34 98.71 31.24
C GLN I 37 -42.59 97.30 31.76
N PRO I 38 -41.88 96.86 32.80
CA PRO I 38 -42.17 95.56 33.40
C PRO I 38 -43.46 95.58 34.21
N ALA I 39 -44.16 94.46 34.19
CA ALA I 39 -45.42 94.31 34.91
C ALA I 39 -45.39 93.02 35.71
N SER I 40 -45.92 93.08 36.93
CA SER I 40 -45.89 91.95 37.86
C SER I 40 -47.31 91.46 38.10
N ILE I 41 -47.49 90.14 38.07
CA ILE I 41 -48.78 89.49 38.29
C ILE I 41 -48.61 88.51 39.44
N SER I 42 -49.49 88.60 40.43
CA SER I 42 -49.42 87.77 41.63
C SER I 42 -50.46 86.66 41.58
N CYS I 43 -50.00 85.45 41.85
CA CYS I 43 -50.84 84.27 41.99
C CYS I 43 -50.71 83.75 43.41
N ARG I 44 -51.83 83.61 44.11
CA ARG I 44 -51.83 83.18 45.50
C ARG I 44 -52.71 81.95 45.65
N SER I 45 -52.18 80.92 46.31
CA SER I 45 -52.90 79.66 46.48
C SER I 45 -53.30 79.50 47.94
N SER I 46 -54.53 79.04 48.18
CA SER I 46 -54.98 78.83 49.55
C SER I 46 -54.35 77.61 50.19
N GLN I 47 -53.82 76.69 49.39
CA GLN I 47 -53.15 75.49 49.89
C GLN I 47 -51.72 75.46 49.34
N SER I 48 -50.83 74.88 50.14
CA SER I 48 -49.41 74.80 49.76
C SER I 48 -49.22 73.80 48.64
N LEU I 49 -48.50 74.21 47.60
CA LEU I 49 -48.32 73.42 46.39
C LEU I 49 -47.06 72.55 46.43
N VAL I 50 -46.56 72.21 47.61
CA VAL I 50 -45.43 71.30 47.72
C VAL I 50 -45.88 69.87 47.44
N HIS I 51 -45.07 69.15 46.69
CA HIS I 51 -45.35 67.79 46.27
C HIS I 51 -44.40 66.82 46.96
N SER I 52 -44.79 65.54 46.97
CA SER I 52 -43.94 64.49 47.54
C SER I 52 -42.68 64.26 46.70
N ASP I 53 -42.69 64.63 45.42
CA ASP I 53 -41.48 64.53 44.61
C ASP I 53 -40.47 65.60 44.95
N GLY I 54 -40.87 66.68 45.62
CA GLY I 54 -39.94 67.69 46.06
C GLY I 54 -40.06 69.01 45.34
N ASN I 55 -40.26 68.96 44.02
CA ASN I 55 -40.36 70.14 43.19
C ASN I 55 -41.81 70.62 43.17
N THR I 56 -42.00 71.92 43.38
CA THR I 56 -43.33 72.51 43.32
C THR I 56 -43.73 72.81 41.89
N TYR I 57 -45.01 72.57 41.58
CA TYR I 57 -45.49 72.49 40.20
C TYR I 57 -46.46 73.64 39.95
N LEU I 58 -45.98 74.68 39.28
CA LEU I 58 -46.78 75.82 38.86
C LEU I 58 -46.54 76.05 37.37
N SER I 59 -47.61 76.33 36.63
CA SER I 59 -47.49 76.63 35.21
C SER I 59 -48.20 77.94 34.90
N TRP I 60 -47.54 78.81 34.14
CA TRP I 60 -48.11 80.06 33.67
C TRP I 60 -48.34 79.95 32.17
N LEU I 61 -49.56 80.29 31.74
CA LEU I 61 -49.98 80.24 30.36
C LEU I 61 -50.41 81.63 29.89
N GLN I 62 -50.22 81.89 28.60
CA GLN I 62 -50.66 83.13 27.96
C GLN I 62 -51.61 82.78 26.82
N GLN I 63 -52.77 83.44 26.78
CA GLN I 63 -53.78 83.21 25.77
C GLN I 63 -54.05 84.51 25.02
N ARG I 64 -53.95 84.46 23.69
CA ARG I 64 -54.35 85.52 22.79
C ARG I 64 -55.74 85.25 22.22
N PRO I 65 -56.49 86.28 21.86
CA PRO I 65 -57.81 86.06 21.24
C PRO I 65 -57.65 85.42 19.86
N GLY I 66 -58.39 84.34 19.64
CA GLY I 66 -58.20 83.54 18.44
C GLY I 66 -57.07 82.54 18.51
N GLN I 67 -56.51 82.31 19.70
CA GLN I 67 -55.36 81.44 19.88
C GLN I 67 -55.52 80.64 21.17
N PRO I 68 -55.23 79.33 21.15
CA PRO I 68 -55.25 78.57 22.39
C PRO I 68 -54.09 78.97 23.28
N PRO I 69 -54.21 78.78 24.60
CA PRO I 69 -53.10 79.12 25.50
C PRO I 69 -51.89 78.23 25.29
N ARG I 70 -50.71 78.81 25.43
CA ARG I 70 -49.45 78.10 25.30
C ARG I 70 -48.67 78.21 26.58
N LEU I 71 -47.79 77.24 26.82
CA LEU I 71 -47.05 77.17 28.08
C LEU I 71 -45.98 78.26 28.10
N LEU I 72 -46.14 79.24 28.98
CA LEU I 72 -45.15 80.28 29.10
C LEU I 72 -44.05 79.88 30.08
N ILE I 73 -44.41 79.37 31.26
CA ILE I 73 -43.39 78.90 32.19
C ILE I 73 -43.92 77.67 32.92
N TYR I 74 -43.01 76.73 33.22
CA TYR I 74 -43.29 75.54 34.00
C TYR I 74 -42.30 75.42 35.15
N LYS I 75 -42.82 75.06 36.33
CA LYS I 75 -42.10 74.98 37.61
C LYS I 75 -41.36 76.29 37.92
N ILE I 76 -42.16 77.33 38.16
CA ILE I 76 -41.74 78.61 38.76
C ILE I 76 -40.79 79.41 37.86
N SER I 77 -39.65 78.82 37.50
CA SER I 77 -38.57 79.55 36.83
C SER I 77 -38.00 78.89 35.58
N ASN I 78 -38.40 77.66 35.26
CA ASN I 78 -37.74 76.95 34.16
C ASN I 78 -38.47 77.24 32.85
N ARG I 79 -37.69 77.43 31.79
CA ARG I 79 -38.18 77.98 30.53
C ARG I 79 -38.63 76.88 29.57
N PHE I 80 -39.73 77.14 28.88
CA PHE I 80 -40.21 76.28 27.80
C PHE I 80 -39.54 76.66 26.49
N SER I 81 -39.49 75.70 25.57
CA SER I 81 -38.83 75.91 24.28
C SER I 81 -39.62 76.89 23.42
N GLY I 82 -38.92 77.90 22.90
CA GLY I 82 -39.54 78.95 22.13
C GLY I 82 -40.00 80.15 22.93
N VAL I 83 -39.98 80.05 24.26
CA VAL I 83 -40.37 81.18 25.11
C VAL I 83 -39.18 82.15 25.22
N PRO I 84 -39.35 83.43 24.93
CA PRO I 84 -38.24 84.38 25.01
C PRO I 84 -37.81 84.64 26.45
N ASP I 85 -36.67 85.32 26.57
CA ASP I 85 -36.09 85.69 27.85
C ASP I 85 -36.67 86.97 28.44
N ARG I 86 -37.77 87.47 27.87
CA ARG I 86 -38.46 88.66 28.36
C ARG I 86 -39.37 88.37 29.55
N PHE I 87 -39.53 87.10 29.92
CA PHE I 87 -40.42 86.69 31.00
C PHE I 87 -39.60 86.14 32.16
N SER I 88 -40.01 86.43 33.38
CA SER I 88 -39.36 85.86 34.55
C SER I 88 -40.42 85.40 35.56
N GLY I 89 -40.06 84.42 36.35
CA GLY I 89 -40.92 83.92 37.41
C GLY I 89 -40.18 83.87 38.73
N SER I 90 -40.93 84.09 39.80
CA SER I 90 -40.35 84.09 41.13
C SER I 90 -41.42 83.73 42.15
N GLY I 91 -40.98 83.47 43.38
CA GLY I 91 -41.90 83.17 44.46
C GLY I 91 -41.90 81.69 44.81
N ALA I 92 -42.53 81.39 45.94
CA ALA I 92 -42.56 80.04 46.49
C ALA I 92 -43.70 79.96 47.50
N GLY I 93 -43.85 78.77 48.09
CA GLY I 93 -44.88 78.51 49.07
C GLY I 93 -46.27 78.65 48.50
N THR I 94 -46.96 79.71 48.91
CA THR I 94 -48.27 80.04 48.37
C THR I 94 -48.29 81.34 47.59
N ASP I 95 -47.15 82.02 47.44
CA ASP I 95 -47.11 83.32 46.78
C ASP I 95 -46.16 83.25 45.59
N PHE I 96 -46.68 83.53 44.39
CA PHE I 96 -45.90 83.47 43.17
C PHE I 96 -46.10 84.75 42.38
N THR I 97 -45.06 85.17 41.66
CA THR I 97 -45.12 86.35 40.80
C THR I 97 -44.57 85.99 39.42
N LEU I 98 -45.25 86.50 38.40
CA LEU I 98 -44.79 86.46 37.02
C LEU I 98 -44.53 87.88 36.55
N LYS I 99 -43.31 88.14 36.09
CA LYS I 99 -42.88 89.48 35.70
C LYS I 99 -42.59 89.50 34.20
N ILE I 100 -43.08 90.54 33.54
CA ILE I 100 -42.85 90.76 32.12
C ILE I 100 -41.97 92.00 31.98
N SER I 101 -40.73 91.80 31.54
CA SER I 101 -39.75 92.88 31.52
C SER I 101 -40.05 93.90 30.41
N ARG I 102 -40.51 93.42 29.25
CA ARG I 102 -40.87 94.29 28.14
C ARG I 102 -42.24 93.87 27.63
N VAL I 103 -43.16 94.82 27.54
CA VAL I 103 -44.51 94.57 27.03
C VAL I 103 -44.61 95.16 25.63
N GLU I 104 -45.00 94.33 24.67
CA GLU I 104 -45.11 94.72 23.27
C GLU I 104 -46.54 94.46 22.78
N ALA I 105 -46.73 94.62 21.47
CA ALA I 105 -48.06 94.43 20.87
C ALA I 105 -48.48 92.98 20.82
N GLU I 106 -47.54 92.03 20.98
CA GLU I 106 -47.87 90.62 20.99
C GLU I 106 -48.11 90.08 22.39
N ASP I 107 -48.06 90.93 23.41
CA ASP I 107 -48.22 90.51 24.80
C ASP I 107 -49.65 90.71 25.29
N VAL I 108 -50.54 91.24 24.46
CA VAL I 108 -51.91 91.49 24.87
C VAL I 108 -52.66 90.16 24.99
N GLY I 109 -53.40 89.99 26.07
CA GLY I 109 -54.16 88.77 26.25
C GLY I 109 -54.34 88.46 27.72
N VAL I 110 -54.72 87.20 27.98
CA VAL I 110 -55.13 86.76 29.31
C VAL I 110 -54.12 85.75 29.82
N TYR I 111 -53.65 85.95 31.04
CA TYR I 111 -52.64 85.10 31.67
C TYR I 111 -53.26 84.25 32.75
N TYR I 112 -52.80 83.00 32.86
CA TYR I 112 -53.35 82.03 33.79
C TYR I 112 -52.24 81.37 34.59
N CYS I 113 -52.46 81.18 35.88
CA CYS I 113 -51.60 80.36 36.73
C CYS I 113 -52.37 79.10 37.12
N THR I 114 -51.70 77.95 37.01
CA THR I 114 -52.34 76.69 37.33
C THR I 114 -51.39 75.77 38.09
N GLN I 115 -51.98 74.87 38.87
CA GLN I 115 -51.26 73.91 39.68
C GLN I 115 -51.47 72.51 39.13
N ALA I 116 -50.51 71.62 39.41
CA ALA I 116 -50.57 70.25 38.93
C ALA I 116 -50.22 69.25 40.03
N THR I 117 -50.24 69.67 41.29
CA THR I 117 -49.87 68.79 42.39
C THR I 117 -51.05 67.97 42.90
N GLN I 118 -52.10 68.65 43.34
CA GLN I 118 -53.24 67.99 43.99
C GLN I 118 -54.45 68.04 43.08
N PHE I 119 -55.07 66.87 42.85
CA PHE I 119 -56.26 66.77 42.03
C PHE I 119 -57.48 67.30 42.82
N PRO I 120 -58.44 67.96 42.16
CA PRO I 120 -58.55 68.28 40.73
C PRO I 120 -57.68 69.46 40.28
N TYR I 121 -57.39 69.52 38.98
CA TYR I 121 -56.66 70.64 38.41
C TYR I 121 -57.59 71.85 38.30
N THR I 122 -57.23 72.93 38.97
CA THR I 122 -58.01 74.15 38.98
C THR I 122 -57.17 75.29 38.40
N PHE I 123 -57.85 76.22 37.74
CA PHE I 123 -57.19 77.30 37.03
C PHE I 123 -57.65 78.65 37.58
N GLY I 124 -56.81 79.65 37.39
CA GLY I 124 -57.14 80.99 37.79
C GLY I 124 -58.18 81.62 36.88
N GLN I 125 -58.74 82.74 37.35
CA GLN I 125 -59.72 83.50 36.58
C GLN I 125 -59.08 84.26 35.42
N GLY I 126 -57.76 84.41 35.41
CA GLY I 126 -57.07 85.07 34.33
C GLY I 126 -56.88 86.55 34.58
N THR I 127 -55.77 87.07 34.06
CA THR I 127 -55.46 88.49 34.14
C THR I 127 -55.33 89.05 32.73
N LYS I 128 -56.09 90.09 32.43
CA LYS I 128 -56.10 90.68 31.10
C LYS I 128 -55.10 91.82 31.05
N VAL I 129 -54.13 91.72 30.14
CA VAL I 129 -53.13 92.77 29.91
C VAL I 129 -53.32 93.32 28.51
N ASP I 130 -53.36 94.65 28.41
CA ASP I 130 -53.55 95.36 27.15
C ASP I 130 -52.43 96.39 26.96
N ILE I 131 -52.58 97.26 25.97
CA ILE I 131 -51.63 98.35 25.77
C ILE I 131 -52.20 99.65 26.33
N LYS I 132 -53.35 100.07 25.82
CA LYS I 132 -54.00 101.27 26.33
C LYS I 132 -55.45 100.98 26.69
C1 NAG J . -10.11 8.86 -59.46
C2 NAG J . -10.88 8.97 -60.77
C3 NAG J . -11.98 10.02 -60.65
C4 NAG J . -12.88 9.74 -59.45
C5 NAG J . -12.04 9.52 -58.18
C6 NAG J . -12.86 9.03 -57.00
C7 NAG J . -9.55 8.40 -62.76
C8 NAG J . -8.62 8.92 -63.82
N2 NAG J . -9.98 9.31 -61.87
O3 NAG J . -12.75 10.04 -61.84
O4 NAG J . -13.76 10.85 -59.26
O5 NAG J . -11.03 8.52 -58.41
O6 NAG J . -13.22 7.67 -57.15
O7 NAG J . -9.89 7.23 -62.71
C1 NAG J . -15.14 10.47 -59.45
C2 NAG J . -16.01 11.46 -58.67
C3 NAG J . -17.49 11.11 -58.83
C4 NAG J . -17.86 11.03 -60.30
C5 NAG J . -16.92 10.06 -61.03
C6 NAG J . -17.16 10.02 -62.52
C7 NAG J . -14.88 12.44 -56.71
C8 NAG J . -14.60 12.30 -55.25
N2 NAG J . -15.64 11.49 -57.26
O3 NAG J . -18.28 12.11 -58.18
O4 NAG J . -19.20 10.59 -60.45
O5 NAG J . -15.55 10.46 -60.84
O6 NAG J . -18.54 10.13 -62.83
O7 NAG J . -14.43 13.37 -57.38
C1 NAG K . 70.13 3.60 -8.83
C2 NAG K . 71.47 3.69 -9.55
C3 NAG K . 71.54 4.96 -10.38
C4 NAG K . 70.34 5.07 -11.32
C5 NAG K . 69.04 4.93 -10.53
C6 NAG K . 67.80 4.90 -11.40
C7 NAG K . 73.34 2.56 -8.44
C8 NAG K . 74.43 2.67 -7.41
N2 NAG K . 72.57 3.63 -8.60
O3 NAG K . 72.76 4.97 -11.12
O4 NAG K . 70.37 6.32 -12.00
O5 NAG K . 69.06 3.71 -9.78
O6 NAG K . 66.65 4.63 -10.62
O7 NAG K . 73.16 1.53 -9.08
C1 NAG K . 70.62 6.11 -13.41
C2 NAG K . 70.04 7.28 -14.18
C3 NAG K . 70.30 7.11 -15.67
C4 NAG K . 71.80 6.91 -15.93
C5 NAG K . 72.33 5.76 -15.08
C6 NAG K . 73.83 5.62 -15.17
C7 NAG K . 68.07 8.48 -13.33
C8 NAG K . 66.59 8.46 -13.14
N2 NAG K . 68.60 7.41 -13.93
O3 NAG K . 69.83 8.25 -16.39
O4 NAG K . 72.01 6.60 -17.31
O5 NAG K . 72.04 6.00 -13.69
O6 NAG K . 74.48 6.11 -14.00
O7 NAG K . 68.75 9.43 -12.95
C1 NAG L . 59.44 22.07 -13.20
C2 NAG L . 60.53 22.61 -14.15
C3 NAG L . 59.92 23.40 -15.30
C4 NAG L . 58.86 22.56 -16.02
C5 NAG L . 57.82 22.07 -15.02
C6 NAG L . 56.80 21.13 -15.62
C7 NAG L . 61.40 24.53 -12.76
C8 NAG L . 62.65 25.10 -12.16
N2 NAG L . 61.57 23.38 -13.45
O3 NAG L . 60.94 23.79 -16.21
O4 NAG L . 58.21 23.34 -17.02
O5 NAG L . 58.47 21.33 -13.96
O6 NAG L . 57.17 19.78 -15.45
O7 NAG L . 60.30 25.08 -12.62
C1 NAG L . 58.58 22.86 -18.33
C2 NAG L . 57.44 23.17 -19.30
C3 NAG L . 57.81 22.72 -20.71
C4 NAG L . 59.14 23.34 -21.13
C5 NAG L . 60.22 23.02 -20.09
C6 NAG L . 61.53 23.71 -20.38
C7 NAG L . 55.23 23.20 -18.23
C8 NAG L . 54.02 22.39 -17.87
N2 NAG L . 56.20 22.54 -18.87
O3 NAG L . 56.79 23.12 -21.61
O4 NAG L . 59.54 22.81 -22.39
O5 NAG L . 59.80 23.48 -18.80
O6 NAG L . 61.76 24.79 -19.48
O7 NAG L . 55.33 24.39 -17.95
C1 NAG M . 70.12 -15.11 -4.16
C2 NAG M . 69.45 -14.55 -5.41
C3 NAG M . 68.26 -15.41 -5.81
C4 NAG M . 68.66 -16.87 -5.92
C5 NAG M . 69.40 -17.34 -4.67
C6 NAG M . 69.97 -18.74 -4.80
C7 NAG M . 69.48 -12.14 -5.95
C8 NAG M . 68.95 -10.79 -5.60
N2 NAG M . 69.04 -13.16 -5.20
O3 NAG M . 67.73 -14.93 -7.03
O4 NAG M . 67.48 -17.67 -6.07
O5 NAG M . 70.50 -16.46 -4.39
O6 NAG M . 71.38 -18.70 -4.99
O7 NAG M . 70.27 -12.32 -6.88
C1 NAG M . 67.38 -18.23 -7.39
C2 NAG M . 66.54 -19.50 -7.30
C3 NAG M . 66.37 -20.12 -8.68
C4 NAG M . 65.80 -19.10 -9.67
C5 NAG M . 66.65 -17.83 -9.66
C6 NAG M . 66.05 -16.72 -10.49
C7 NAG M . 66.53 -20.88 -5.27
C8 NAG M . 67.29 -21.86 -4.44
N2 NAG M . 67.14 -20.46 -6.39
O3 NAG M . 65.50 -21.24 -8.59
O4 NAG M . 65.78 -19.64 -10.98
O5 NAG M . 66.77 -17.32 -8.32
O6 NAG M . 64.88 -16.19 -9.88
O7 NAG M . 65.41 -20.49 -4.95
C1 NAG N . 84.24 -7.57 -0.21
C2 NAG N . 85.29 -8.04 -1.22
C3 NAG N . 86.68 -7.62 -0.77
C4 NAG N . 86.74 -6.12 -0.54
C5 NAG N . 85.63 -5.68 0.43
C6 NAG N . 85.53 -4.18 0.55
C7 NAG N . 84.67 -10.06 -2.48
C8 NAG N . 84.70 -11.55 -2.51
N2 NAG N . 85.22 -9.49 -1.41
O3 NAG N . 87.62 -7.99 -1.77
O4 NAG N . 87.99 -5.79 0.05
O5 NAG N . 84.36 -6.14 -0.04
O6 NAG N . 84.46 -3.67 -0.23
O7 NAG N . 84.15 -9.40 -3.38
C1 NAG N . 88.83 -5.00 -0.83
C2 NAG N . 90.20 -4.85 -0.16
C3 NAG N . 91.14 -4.05 -1.06
C4 NAG N . 91.20 -4.67 -2.46
C5 NAG N . 89.79 -4.83 -3.03
C6 NAG N . 89.78 -5.55 -4.35
C7 NAG N . 90.72 -4.65 2.23
C8 NAG N . 90.49 -3.87 3.49
N2 NAG N . 90.08 -4.21 1.14
O3 NAG N . 92.44 -4.01 -0.48
O4 NAG N . 91.97 -3.83 -3.32
O5 NAG N . 88.98 -5.60 -2.13
O6 NAG N . 89.39 -6.91 -4.20
O7 NAG N . 91.47 -5.63 2.19
C1 NAG O . 86.32 -18.68 16.12
C2 NAG O . 85.89 -20.12 16.42
C3 NAG O . 86.01 -20.40 17.91
C4 NAG O . 87.42 -20.10 18.39
C5 NAG O . 87.80 -18.66 18.03
C6 NAG O . 89.24 -18.32 18.37
C7 NAG O . 84.26 -21.04 14.83
C8 NAG O . 82.81 -21.20 14.50
N2 NAG O . 84.54 -20.37 15.95
O3 NAG O . 85.69 -21.77 18.15
O4 NAG O . 87.48 -20.25 19.81
O5 NAG O . 87.65 -18.46 16.61
O6 NAG O . 90.15 -19.22 17.74
O7 NAG O . 85.14 -21.49 14.11
C1 NAG O . 88.29 -21.39 20.20
C2 NAG O . 87.87 -21.80 21.62
C3 NAG O . 88.67 -23.02 22.08
C4 NAG O . 88.54 -24.14 21.07
C5 NAG O . 88.93 -23.67 19.67
C6 NAG O . 88.70 -24.71 18.60
C7 NAG O . 87.15 -20.42 23.51
C8 NAG O . 87.47 -19.24 24.38
N2 NAG O . 88.03 -20.69 22.54
O3 NAG O . 88.21 -23.44 23.35
O4 NAG O . 89.39 -25.23 21.45
O5 NAG O . 88.14 -22.53 19.31
O6 NAG O . 87.33 -25.08 18.53
O7 NAG O . 86.14 -21.09 23.68
C1 NAG P . -25.15 -52.93 13.14
C2 NAG P . -26.19 -54.05 13.11
C3 NAG P . -26.62 -54.31 11.67
C4 NAG P . -27.09 -53.03 10.99
C5 NAG P . -26.07 -51.90 11.17
C6 NAG P . -26.59 -50.55 10.73
C7 NAG P . -26.08 -55.70 14.92
C8 NAG P . -25.45 -56.98 15.40
N2 NAG P . -25.68 -55.26 13.73
O3 NAG P . -27.68 -55.27 11.67
O4 NAG P . -27.24 -53.29 9.59
O5 NAG P . -25.70 -51.76 12.56
O6 NAG P . -27.70 -50.14 11.53
O7 NAG P . -26.92 -55.11 15.58
C1 NAG P . -28.61 -53.16 9.15
C2 NAG P . -28.60 -53.16 7.62
C3 NAG P . -30.03 -53.04 7.07
C4 NAG P . -30.91 -54.12 7.68
C5 NAG P . -30.85 -54.07 9.20
C6 NAG P . -31.63 -55.18 9.87
C7 NAG P . -26.52 -52.28 6.63
C8 NAG P . -25.80 -51.07 6.14
N2 NAG P . -27.76 -52.09 7.09
O3 NAG P . -30.01 -53.17 5.66
O4 NAG P . -32.26 -53.92 7.27
O5 NAG P . -29.48 -54.20 9.63
O6 NAG P . -33.03 -54.97 9.74
O7 NAG P . -26.00 -53.39 6.64
C1 NAG Q . 61.22 -17.59 31.71
C2 NAG Q . 62.15 -18.39 32.62
C3 NAG Q . 62.35 -19.79 32.05
C4 NAG Q . 61.00 -20.48 31.81
C5 NAG Q . 60.12 -19.58 30.93
C6 NAG Q . 58.72 -20.12 30.74
C7 NAG Q . 63.76 -16.96 33.80
C8 NAG Q . 65.13 -16.35 33.78
N2 NAG Q . 63.44 -17.72 32.76
O3 NAG Q . 63.13 -20.56 32.97
O4 NAG Q . 61.20 -21.74 31.19
O5 NAG Q . 59.98 -18.30 31.54
O6 NAG Q . 57.81 -19.08 30.41
O7 NAG Q . 62.97 -16.77 34.72
C1 NAG Q . 60.80 -22.79 32.09
C2 NAG Q . 60.51 -24.06 31.28
C3 NAG Q . 60.11 -25.20 32.22
C4 NAG Q . 61.17 -25.42 33.28
C5 NAG Q . 61.46 -24.11 34.02
C6 NAG Q . 62.61 -24.22 35.00
C7 NAG Q . 59.74 -23.63 29.00
C8 NAG Q . 58.54 -23.38 28.12
N2 NAG Q . 59.47 -23.81 30.29
O3 NAG Q . 59.92 -26.39 31.45
O4 NAG Q . 60.73 -26.40 34.22
O5 NAG Q . 61.83 -23.08 33.09
O6 NAG Q . 63.87 -24.04 34.34
O7 NAG Q . 60.88 -23.65 28.55
C1 NAG R . 55.94 -29.19 14.18
C2 NAG R . 56.79 -30.38 14.69
C3 NAG R . 56.16 -31.71 14.29
C4 NAG R . 54.71 -31.78 14.74
C5 NAG R . 53.94 -30.58 14.19
C6 NAG R . 52.52 -30.50 14.70
C7 NAG R . 58.67 -30.30 13.01
C8 NAG R . 60.16 -30.20 12.89
N2 NAG R . 58.19 -30.29 14.27
O3 NAG R . 56.91 -32.78 14.87
O4 NAG R . 54.10 -32.98 14.26
O5 NAG R . 54.58 -29.37 14.62
O6 NAG R . 52.45 -29.89 15.97
O7 NAG R . 57.95 -30.38 12.02
C1 NAG R . 53.80 -33.87 15.36
C2 NAG R . 52.60 -34.74 14.98
C3 NAG R . 52.28 -35.72 16.11
C4 NAG R . 53.52 -36.52 16.50
C5 NAG R . 54.69 -35.59 16.82
C6 NAG R . 55.97 -36.32 17.08
C7 NAG R . 51.08 -33.65 13.41
C8 NAG R . 49.84 -32.80 13.27
N2 NAG R . 51.45 -33.92 14.66
O3 NAG R . 51.25 -36.60 15.69
O4 NAG R . 53.23 -37.32 17.63
O5 NAG R . 54.92 -34.71 15.71
O6 NAG R . 56.66 -36.61 15.87
O7 NAG R . 51.70 -34.06 12.44
C1 NAG S . 56.85 -4.20 45.11
C2 NAG S . 56.05 -5.47 44.88
C3 NAG S . 54.59 -5.24 45.24
C4 NAG S . 54.45 -4.70 46.65
C5 NAG S . 55.36 -3.48 46.86
C6 NAG S . 55.42 -3.01 48.29
C7 NAG S . 56.49 -7.17 43.16
C8 NAG S . 56.56 -7.45 41.68
N2 NAG S . 56.16 -5.92 43.49
O3 NAG S . 53.87 -6.47 45.12
O4 NAG S . 53.10 -4.27 46.86
O5 NAG S . 56.71 -3.79 46.48
O6 NAG S . 56.32 -1.92 48.45
O7 NAG S . 56.71 -8.03 43.99
C1 NAG S . 52.43 -5.10 47.83
C2 NAG S . 51.15 -4.36 48.27
C3 NAG S . 50.39 -5.19 49.28
C4 NAG S . 50.10 -6.59 48.73
C5 NAG S . 51.40 -7.25 48.26
C6 NAG S . 51.18 -8.58 47.58
C7 NAG S . 51.13 -1.91 48.22
C8 NAG S . 51.55 -0.66 48.92
N2 NAG S . 51.48 -3.06 48.81
O3 NAG S . 49.16 -4.54 49.60
O4 NAG S . 49.50 -7.40 49.73
O5 NAG S . 52.07 -6.40 47.32
O6 NAG S . 50.32 -8.45 46.46
O7 NAG S . 50.51 -1.89 47.16
C1 NAG T . 73.02 -6.25 43.25
C2 NAG T . 73.38 -7.06 44.48
C3 NAG T . 74.89 -7.04 44.70
C4 NAG T . 75.63 -7.51 43.46
C5 NAG T . 75.17 -6.72 42.23
C6 NAG T . 75.73 -7.26 40.93
C7 NAG T . 71.60 -7.17 46.17
C8 NAG T . 71.01 -6.53 47.38
N2 NAG T . 72.69 -6.57 45.65
O3 NAG T . 75.21 -7.88 45.81
O4 NAG T . 77.03 -7.32 43.62
O5 NAG T . 73.73 -6.76 42.10
O6 NAG T . 74.89 -8.25 40.37
O7 NAG T . 71.13 -8.18 45.66
C1 NAG T . 77.73 -8.58 43.79
C2 NAG T . 79.20 -8.27 44.08
C3 NAG T . 79.98 -9.57 44.29
C4 NAG T . 79.32 -10.41 45.38
C5 NAG T . 77.85 -10.64 45.06
C6 NAG T . 77.11 -11.34 46.18
C7 NAG T . 80.44 -6.33 43.22
C8 NAG T . 80.99 -5.66 42.00
N2 NAG T . 79.79 -7.49 43.00
O3 NAG T . 81.31 -9.26 44.65
O4 NAG T . 79.98 -11.66 45.49
O5 NAG T . 77.18 -9.38 44.86
O6 NAG T . 77.12 -10.57 47.37
O7 NAG T . 80.57 -5.86 44.34
C1 NAG U . 75.75 13.80 46.58
C2 NAG U . 74.98 14.01 47.88
C3 NAG U . 74.82 15.50 48.17
C4 NAG U . 76.17 16.21 48.13
C5 NAG U . 76.92 15.90 46.84
C6 NAG U . 78.33 16.42 46.81
C7 NAG U . 73.33 12.34 48.60
C8 NAG U . 71.95 11.79 48.40
N2 NAG U . 73.68 13.36 47.81
O3 NAG U . 74.20 15.67 49.44
O4 NAG U . 75.97 17.62 48.25
O5 NAG U . 77.01 14.48 46.66
O6 NAG U . 79.24 15.46 46.27
O7 NAG U . 74.09 11.87 49.44
C1 NAG U . 76.49 18.08 49.52
C2 NAG U . 76.77 19.58 49.41
C3 NAG U . 77.29 20.11 50.75
C4 NAG U . 76.34 19.75 51.89
C5 NAG U . 76.07 18.24 51.90
C6 NAG U . 75.02 17.85 52.91
C7 NAG U . 77.32 20.27 47.13
C8 NAG U . 78.41 20.53 46.15
N2 NAG U . 77.70 19.88 48.34
O3 NAG U . 77.44 21.53 50.68
O4 NAG U . 76.90 20.14 53.13
O5 NAG U . 75.58 17.83 50.62
O6 NAG U . 73.78 18.49 52.66
O7 NAG U . 76.13 20.43 46.85
C1 NAG V . -35.88 41.55 28.15
C2 NAG V . -37.15 42.11 28.77
C3 NAG V . -38.10 40.97 29.16
C4 NAG V . -38.36 40.05 27.98
C5 NAG V . -37.04 39.61 27.31
C6 NAG V . -37.24 38.88 26.01
C7 NAG V . -36.86 44.29 29.88
C8 NAG V . -36.52 44.99 31.15
N2 NAG V . -36.85 42.95 29.92
O3 NAG V . -39.31 41.51 29.64
O4 NAG V . -39.03 38.89 28.45
O5 NAG V . -36.22 40.75 27.01
O6 NAG V . -38.29 39.44 25.24
O7 NAG V . -37.14 44.90 28.84
C1 NAG V . -40.37 38.77 27.92
C2 NAG V . -40.91 37.39 28.35
C3 NAG V . -42.33 37.21 27.84
C4 NAG V . -43.22 38.37 28.29
C5 NAG V . -42.60 39.70 27.89
C6 NAG V . -43.36 40.89 28.42
C7 NAG V . -39.10 35.74 28.63
C8 NAG V . -38.31 34.66 27.96
N2 NAG V . -40.04 36.33 27.87
O3 NAG V . -42.85 35.97 28.33
O4 NAG V . -44.51 38.24 27.70
O5 NAG V . -41.26 39.80 28.41
O6 NAG V . -44.24 41.41 27.43
O7 NAG V . -38.91 36.08 29.79
C1 NAG W . 58.78 28.91 28.71
C2 NAG W . 59.58 29.99 29.44
C3 NAG W . 59.08 30.14 30.88
C4 NAG W . 57.57 30.38 30.91
C5 NAG W . 56.87 29.26 30.16
C6 NAG W . 55.37 29.46 30.05
C7 NAG W . 61.83 30.07 28.45
C8 NAG W . 63.26 29.66 28.60
N2 NAG W . 61.00 29.68 29.43
O3 NAG W . 59.77 31.23 31.49
O4 NAG W . 57.13 30.42 32.25
O5 NAG W . 57.37 29.19 28.82
O6 NAG W . 54.78 28.47 29.21
O7 NAG W . 61.43 30.71 27.48
C1 NAG W . 56.68 31.74 32.60
C2 NAG W . 55.75 31.66 33.81
C3 NAG W . 55.29 33.05 34.23
C4 NAG W . 56.49 33.96 34.46
C5 NAG W . 57.40 33.96 33.24
C6 NAG W . 58.67 34.75 33.46
C7 NAG W . 54.46 29.58 34.02
C8 NAG W . 53.21 28.84 33.62
N2 NAG W . 54.60 30.81 33.51
O3 NAG W . 54.51 32.96 35.42
O4 NAG W . 56.04 35.30 34.72
O5 NAG W . 57.79 32.62 32.92
O6 NAG W . 59.58 34.03 34.28
O7 NAG W . 55.28 29.09 34.78
C1 NAG X . 45.06 20.20 42.98
C2 NAG X . 45.58 21.04 44.16
C3 NAG X . 44.44 21.40 45.12
C4 NAG X . 43.31 22.09 44.36
C5 NAG X . 42.86 21.20 43.20
C6 NAG X . 41.81 21.86 42.32
C7 NAG X . 46.67 19.21 45.51
C8 NAG X . 47.96 18.81 46.15
N2 NAG X . 46.69 20.39 44.87
O3 NAG X . 44.95 22.27 46.13
O4 NAG X . 42.21 22.32 45.24
O5 NAG X . 43.97 20.89 42.35
O6 NAG X . 42.41 22.77 41.41
O7 NAG X . 45.67 18.50 45.59
C1 NAG X . 42.02 23.73 45.44
C2 NAG X . 40.54 23.99 45.77
C3 NAG X . 40.30 25.47 46.02
C4 NAG X . 41.25 25.99 47.09
C5 NAG X . 42.69 25.68 46.73
C6 NAG X . 43.68 26.04 47.82
C7 NAG X . 39.05 22.32 44.75
C8 NAG X . 38.20 21.98 43.55
N2 NAG X . 39.68 23.50 44.69
O3 NAG X . 38.95 25.66 46.43
O4 NAG X . 41.10 27.40 47.22
O5 NAG X . 42.83 24.25 46.52
O6 NAG X . 44.32 24.89 48.35
O7 NAG X . 39.14 21.58 45.71
C1 NAG Y . 62.89 34.33 10.61
C2 NAG Y . 61.75 34.85 11.48
C3 NAG Y . 60.57 35.29 10.61
C4 NAG Y . 61.02 36.27 9.52
C5 NAG Y . 62.21 35.71 8.75
C6 NAG Y . 62.81 36.70 7.78
C7 NAG Y . 61.37 34.06 13.77
C8 NAG Y . 60.90 32.93 14.63
N2 NAG Y . 61.33 33.86 12.46
O3 NAG Y . 59.58 35.88 11.44
O4 NAG Y . 59.95 36.48 8.61
O5 NAG Y . 63.26 35.33 9.65
O6 NAG Y . 64.22 36.80 7.95
O7 NAG Y . 61.78 35.11 14.25
C1 NAG Y . 59.42 37.82 8.75
C2 NAG Y . 58.77 38.23 7.43
C3 NAG Y . 58.16 39.62 7.55
C4 NAG Y . 57.20 39.70 8.74
C5 NAG Y . 57.89 39.22 10.01
C6 NAG Y . 56.96 39.12 11.19
C7 NAG Y . 59.78 37.20 5.45
C8 NAG Y . 60.84 37.30 4.40
N2 NAG Y . 59.74 38.18 6.34
O3 NAG Y . 57.47 39.95 6.36
O4 NAG Y . 56.74 41.03 8.92
O5 NAG Y . 58.44 37.90 9.82
O6 NAG Y . 55.90 38.20 10.95
O7 NAG Y . 59.00 36.25 5.49
C1 NAG Z . 76.44 32.04 19.53
C2 NAG Z . 76.91 33.45 19.86
C3 NAG Z . 78.29 33.40 20.52
C4 NAG Z . 78.27 32.48 21.74
C5 NAG Z . 77.74 31.11 21.34
C6 NAG Z . 77.54 30.18 22.52
C7 NAG Z . 75.96 35.16 18.38
C8 NAG Z . 76.15 35.96 17.12
N2 NAG Z . 76.94 34.31 18.68
O3 NAG Z . 78.68 34.72 20.91
O4 NAG Z . 79.59 32.35 22.26
O5 NAG Z . 76.45 31.23 20.71
O6 NAG Z . 76.27 30.36 23.12
O7 NAG Z . 74.96 35.29 19.09
C1 NAG Z . 79.69 32.96 23.57
C2 NAG Z . 81.14 32.87 24.04
C3 NAG Z . 81.30 33.54 25.40
C4 NAG Z . 80.78 34.98 25.36
C5 NAG Z . 79.34 35.00 24.83
C6 NAG Z . 78.80 36.39 24.64
C7 NAG Z . 82.66 31.03 23.45
C8 NAG Z . 82.97 29.58 23.62
N2 NAG Z . 81.58 31.48 24.10
O3 NAG Z . 82.66 33.53 25.78
O4 NAG Z . 80.81 35.55 26.66
O5 NAG Z . 79.28 34.35 23.55
O6 NAG Z . 79.75 37.24 24.01
O7 NAG Z . 83.35 31.77 22.74
C1 NAG AA . 86.15 24.59 3.11
C2 NAG AA . 86.07 25.75 2.12
C3 NAG AA . 86.57 25.29 0.74
C4 NAG AA . 87.96 24.67 0.85
C5 NAG AA . 87.97 23.56 1.91
C6 NAG AA . 89.36 23.01 2.19
C7 NAG AA . 84.33 27.42 2.58
C8 NAG AA . 82.90 27.81 2.38
N2 NAG AA . 84.72 26.27 2.02
O3 NAG AA . 86.59 26.41 -0.13
O4 NAG AA . 88.34 24.13 -0.41
O5 NAG AA . 87.48 24.07 3.16
O6 NAG AA . 89.91 23.57 3.37
O7 NAG AA . 85.12 28.11 3.22
C1 NAG AA . 89.44 24.88 -0.97
C2 NAG AA . 90.18 24.00 -1.98
C3 NAG AA . 91.33 24.77 -2.61
C4 NAG AA . 90.83 26.08 -3.23
C5 NAG AA . 90.05 26.89 -2.18
C6 NAG AA . 89.40 28.12 -2.76
C7 NAG AA . 90.00 21.62 -1.37
C8 NAG AA . 90.66 20.48 -0.65
N2 NAG AA . 90.67 22.78 -1.34
O3 NAG AA . 91.94 23.97 -3.61
O4 NAG AA . 91.92 26.85 -3.69
O5 NAG AA . 88.99 26.09 -1.62
O6 NAG AA . 88.08 27.86 -3.22
O7 NAG AA . 88.92 21.51 -1.94
C1 NAG BA . 11.87 -18.20 -44.21
C2 NAG BA . 13.30 -18.67 -43.96
C3 NAG BA . 13.68 -19.78 -44.93
C4 NAG BA . 12.66 -20.92 -44.90
C5 NAG BA . 11.26 -20.37 -45.16
C6 NAG BA . 10.19 -21.42 -45.03
C7 NAG BA . 15.28 -17.43 -43.22
C8 NAG BA . 16.16 -16.23 -43.46
N2 NAG BA . 14.25 -17.57 -44.04
O3 NAG BA . 14.98 -20.28 -44.61
O4 NAG BA . 12.98 -21.88 -45.91
O5 NAG BA . 10.96 -19.35 -44.20
O6 NAG BA . 8.95 -20.85 -44.64
O7 NAG BA . 15.51 -18.23 -42.32
C1 NAG CA . -27.95 -7.31 -46.88
C2 NAG CA . -29.00 -7.13 -45.80
C3 NAG CA . -30.16 -8.10 -46.02
C4 NAG CA . -30.72 -7.97 -47.43
C5 NAG CA . -29.60 -8.12 -48.46
C6 NAG CA . -30.06 -7.87 -49.88
C7 NAG CA . -28.17 -6.29 -43.65
C8 NAG CA . -27.58 -6.66 -42.33
N2 NAG CA . -28.44 -7.30 -44.47
O3 NAG CA . -31.19 -7.85 -45.06
O4 NAG CA . -31.69 -8.97 -47.66
O5 NAG CA . -28.55 -7.16 -48.19
O6 NAG CA . -29.24 -6.90 -50.53
O7 NAG CA . -28.39 -5.12 -43.96
C1 NAG DA . -12.84 -13.87 -37.85
C2 NAG DA . -13.16 -14.48 -36.49
C3 NAG DA . -12.46 -15.83 -36.31
C4 NAG DA . -12.79 -16.76 -37.47
C5 NAG DA . -12.46 -16.09 -38.80
C6 NAG DA . -12.87 -16.90 -40.00
C7 NAG DA . -13.67 -12.77 -34.80
C8 NAG DA . -13.11 -11.90 -33.72
N2 NAG DA . -12.79 -13.57 -35.41
O3 NAG DA . -12.85 -16.42 -35.09
O4 NAG DA . -12.03 -17.96 -37.37
O5 NAG DA . -13.16 -14.83 -38.90
O6 NAG DA . -13.62 -16.12 -40.93
O7 NAG DA . -14.85 -12.74 -35.12
C1 NAG EA . 17.02 19.06 -37.00
C2 NAG EA . 18.04 18.47 -38.00
C3 NAG EA . 19.21 19.44 -38.21
C4 NAG EA . 18.70 20.83 -38.57
C5 NAG EA . 17.70 21.32 -37.53
C6 NAG EA . 17.09 22.66 -37.89
C7 NAG EA . 19.15 16.78 -36.52
C8 NAG EA . 19.50 15.33 -36.41
N2 NAG EA . 18.48 17.13 -37.64
O3 NAG EA . 20.05 18.93 -39.24
O4 NAG EA . 19.80 21.74 -38.62
O5 NAG EA . 16.62 20.38 -37.43
O6 NAG EA . 16.65 22.69 -39.25
O7 NAG EA . 19.48 17.58 -35.63
C1 NAG FA . -9.59 -45.31 -8.19
C2 NAG FA . -9.51 -46.51 -7.21
C3 NAG FA . -8.20 -47.27 -7.41
C4 NAG FA . -8.02 -47.67 -8.87
C5 NAG FA . -8.15 -46.44 -9.78
C6 NAG FA . -8.10 -46.78 -11.25
C7 NAG FA . -8.97 -45.30 -5.07
C8 NAG FA . -9.43 -45.11 -3.67
N2 NAG FA . -9.71 -46.14 -5.81
O3 NAG FA . -8.19 -48.43 -6.59
O4 NAG FA . -6.76 -48.27 -9.07
O5 NAG FA . -9.40 -45.78 -9.55
O6 NAG FA . -8.50 -48.13 -11.48
O7 NAG FA . -7.97 -44.72 -5.51
C1 NAG GA . -34.03 -50.06 -15.79
C2 NAG GA . -32.67 -50.75 -15.59
C3 NAG GA . -32.61 -52.03 -16.42
C4 NAG GA . -33.80 -52.93 -16.13
C5 NAG GA . -35.11 -52.16 -16.31
C6 NAG GA . -36.33 -52.95 -15.91
C7 NAG GA . -30.86 -49.20 -15.01
C8 NAG GA . -29.76 -48.34 -15.53
N2 NAG GA . -31.57 -49.87 -15.92
O3 NAG GA . -31.40 -52.72 -16.13
O4 NAG GA . -33.79 -54.06 -16.99
O5 NAG GA . -35.10 -50.98 -15.49
O6 NAG GA . -37.41 -52.11 -15.52
O7 NAG GA . -31.09 -49.30 -13.81
C1 NAG HA . 71.48 -23.79 8.52
C2 NAG HA . 72.55 -23.91 9.60
C3 NAG HA . 73.56 -24.99 9.23
C4 NAG HA . 72.86 -26.31 8.92
C5 NAG HA . 71.75 -26.10 7.88
C6 NAG HA . 70.91 -27.33 7.64
C7 NAG HA . 72.86 -21.75 10.74
C8 NAG HA . 73.66 -20.48 10.80
N2 NAG HA . 73.23 -22.63 9.80
O3 NAG HA . 74.48 -25.17 10.30
O4 NAG HA . 73.79 -27.26 8.42
O5 NAG HA . 70.85 -25.07 8.33
O6 NAG HA . 69.54 -27.00 7.45
O7 NAG HA . 71.92 -21.96 11.50
C1 NAG IA . -10.82 -28.85 38.89
C2 NAG IA . -9.86 -28.28 39.95
C3 NAG IA . -10.30 -28.73 41.34
C4 NAG IA . -11.75 -28.37 41.61
C5 NAG IA . -12.64 -28.93 40.50
C6 NAG IA . -14.08 -28.51 40.63
C7 NAG IA . -7.45 -27.89 39.85
C8 NAG IA . -6.11 -28.47 39.52
N2 NAG IA . -8.49 -28.69 39.67
O3 NAG IA . -9.46 -28.11 42.32
O4 NAG IA . -12.17 -28.90 42.85
O5 NAG IA . -12.19 -28.47 39.22
O6 NAG IA . -14.56 -27.93 39.42
O7 NAG IA . -7.57 -26.74 40.27
C1 NAG JA . -41.50 -31.67 10.13
C2 NAG JA . -41.87 -30.84 8.90
C3 NAG JA . -43.30 -30.30 9.02
C4 NAG JA . -44.28 -31.43 9.29
C5 NAG JA . -43.83 -32.25 10.51
C6 NAG JA . -44.69 -33.45 10.77
C7 NAG JA . -40.01 -29.73 7.73
C8 NAG JA . -39.13 -28.52 7.68
N2 NAG JA . -40.93 -29.74 8.71
O3 NAG JA . -43.66 -29.62 7.83
O4 NAG JA . -45.57 -30.91 9.53
O5 NAG JA . -42.49 -32.73 10.32
O6 NAG JA . -44.06 -34.65 10.31
O7 NAG JA . -39.92 -30.65 6.92
C1 NAG KA . -27.83 -22.58 19.25
C2 NAG KA . -28.09 -21.11 18.93
C3 NAG KA . -27.92 -20.25 20.19
C4 NAG KA . -28.80 -20.77 21.32
C5 NAG KA . -28.51 -22.25 21.56
C6 NAG KA . -29.43 -22.87 22.59
C7 NAG KA . -27.57 -20.51 16.61
C8 NAG KA . -26.54 -20.02 15.66
N2 NAG KA . -27.20 -20.64 17.88
O3 NAG KA . -28.26 -18.90 19.89
O4 NAG KA . -28.55 -20.05 22.51
O5 NAG KA . -28.69 -23.00 20.35
O6 NAG KA . -30.18 -23.95 22.04
O7 NAG KA . -28.71 -20.80 16.23
C1 NAG LA . 10.05 -43.52 10.71
C2 NAG LA . 10.03 -44.30 12.04
C3 NAG LA . 11.10 -45.41 12.05
C4 NAG LA . 11.00 -46.27 10.80
C5 NAG LA . 11.03 -45.39 9.55
C6 NAG LA . 10.83 -46.18 8.28
C7 NAG LA . 11.15 -42.63 13.55
C8 NAG LA . 10.98 -41.87 14.83
N2 NAG LA . 10.12 -43.44 13.21
O3 NAG LA . 10.93 -46.21 13.21
O4 NAG LA . 12.08 -47.19 10.76
O5 NAG LA . 9.97 -44.44 9.60
O6 NAG LA . 9.49 -46.65 8.16
O7 NAG LA . 12.18 -42.53 12.87
C1 NAG MA . -28.74 14.78 34.56
C2 NAG MA . -28.38 15.17 36.01
C3 NAG MA . -28.27 16.68 36.13
C4 NAG MA . -27.31 17.25 35.09
C5 NAG MA . -27.73 16.79 33.69
C6 NAG MA . -26.76 17.22 32.61
C7 NAG MA . -29.05 13.78 37.91
C8 NAG MA . -30.20 13.35 38.79
N2 NAG MA . -29.36 14.65 36.94
O3 NAG MA . -27.83 17.02 37.44
O4 NAG MA . -27.32 18.67 35.14
O5 NAG MA . -27.79 15.36 33.65
O6 NAG MA . -27.29 16.98 31.32
O7 NAG MA . -27.91 13.37 38.09
C1 NAG NA . -49.16 7.71 11.10
C2 NAG NA . -49.62 7.17 12.46
C3 NAG NA . -50.88 6.31 12.28
C4 NAG NA . -51.95 7.08 11.53
C5 NAG NA . -51.40 7.60 10.21
C6 NAG NA . -52.39 8.47 9.45
C7 NAG NA . -47.88 6.86 14.16
C8 NAG NA . -46.83 5.95 14.70
N2 NAG NA . -48.57 6.40 13.10
O3 NAG NA . -51.36 5.91 13.56
O4 NAG NA . -53.07 6.23 11.26
O5 NAG NA . -50.24 8.42 10.45
O6 NAG NA . -51.77 9.13 8.36
O7 NAG NA . -48.10 7.96 14.66
C1 NAG OA . 59.08 10.67 47.57
C2 NAG OA . 60.04 11.82 47.83
C3 NAG OA . 60.49 11.81 49.29
C4 NAG OA . 59.29 11.79 50.23
C5 NAG OA . 58.34 10.65 49.86
C6 NAG OA . 57.06 10.66 50.65
C7 NAG OA . 61.25 12.46 45.79
C8 NAG OA . 62.50 12.28 44.99
N2 NAG OA . 61.18 11.77 46.93
O3 NAG OA . 61.30 12.95 49.55
O4 NAG OA . 59.73 11.63 51.57
O5 NAG OA . 57.97 10.73 48.48
O6 NAG OA . 55.93 10.82 49.81
O7 NAG OA . 60.33 13.19 45.42
C1 NAG PA . -6.18 50.15 5.92
C2 NAG PA . -4.71 50.58 5.79
C3 NAG PA . -4.61 52.01 5.28
C4 NAG PA . -5.39 52.18 3.98
C5 NAG PA . -6.84 51.71 4.17
C6 NAG PA . -7.64 51.73 2.90
C7 NAG PA . -2.78 49.95 7.17
C8 NAG PA . -2.22 49.88 8.55
N2 NAG PA . -4.01 50.44 7.06
O3 NAG PA . -3.24 52.34 5.07
O4 NAG PA . -5.40 53.55 3.58
O5 NAG PA . -6.85 50.36 4.66
O6 NAG PA . -8.91 51.13 3.07
O7 NAG PA . -2.14 49.58 6.19
C1 NAG QA . -44.70 33.39 4.14
C2 NAG QA . -45.22 32.08 3.55
C3 NAG QA . -46.17 32.36 2.39
C4 NAG QA . -47.28 33.30 2.81
C5 NAG QA . -46.70 34.58 3.44
C6 NAG QA . -47.75 35.49 4.01
C7 NAG QA . -43.68 30.19 3.84
C8 NAG QA . -42.54 29.41 3.25
N2 NAG QA . -44.11 31.23 3.13
O3 NAG QA . -46.71 31.13 1.91
O4 NAG QA . -48.07 33.66 1.69
O5 NAG QA . -45.83 34.23 4.52
O6 NAG QA . -47.93 35.28 5.39
O7 NAG QA . -44.19 29.87 4.92
C1 NAG RA . -25.92 34.48 -0.49
C2 NAG RA . -25.93 33.78 -1.85
C3 NAG RA . -25.04 34.51 -2.84
C4 NAG RA . -25.42 35.98 -2.93
C5 NAG RA . -25.42 36.61 -1.54
C6 NAG RA . -25.92 38.03 -1.54
C7 NAG RA . -26.04 31.41 -2.50
C8 NAG RA . -25.50 30.03 -2.23
N2 NAG RA . -25.54 32.38 -1.73
O3 NAG RA . -25.14 33.91 -4.13
O4 NAG RA . -24.49 36.67 -3.76
O5 NAG RA . -26.27 35.86 -0.66
O6 NAG RA . -27.30 38.10 -1.19
O7 NAG RA . -26.89 31.62 -3.35
C1 NAG SA . -2.91 28.05 36.95
C2 NAG SA . -2.68 29.54 37.26
C3 NAG SA . -2.01 29.72 38.63
C4 NAG SA . -2.78 28.97 39.71
C5 NAG SA . -2.95 27.51 39.31
C6 NAG SA . -3.78 26.72 40.29
C7 NAG SA . -0.70 29.99 35.78
C8 NAG SA . -0.21 30.88 34.67
N2 NAG SA . -1.94 30.25 36.20
O3 NAG SA . -1.94 31.11 38.95
O4 NAG SA . -2.08 29.04 40.95
O5 NAG SA . -3.62 27.43 38.04
O6 NAG SA . -5.09 27.26 40.42
O7 NAG SA . 0.02 29.10 36.24
C1 NAG TA . -11.04 25.61 -36.44
C2 NAG TA . -10.18 26.63 -37.19
C3 NAG TA . -9.61 26.01 -38.47
C4 NAG TA . -8.88 24.71 -38.16
C5 NAG TA . -9.77 23.76 -37.35
C6 NAG TA . -9.05 22.52 -36.88
C7 NAG TA . -10.41 29.06 -37.46
C8 NAG TA . -11.33 30.19 -37.80
N2 NAG TA . -10.93 27.84 -37.49
O3 NAG TA . -8.74 26.92 -39.10
O4 NAG TA . -8.47 24.07 -39.36
O5 NAG TA . -10.25 24.42 -36.18
O6 NAG TA . -9.95 21.53 -36.44
O7 NAG TA . -9.23 29.26 -37.15
C1 NAG UA . -38.98 11.76 -30.51
C2 NAG UA . -39.01 13.22 -30.96
C3 NAG UA . -40.45 13.74 -30.98
C4 NAG UA . -41.34 12.84 -31.81
C5 NAG UA . -41.23 11.40 -31.31
C6 NAG UA . -42.00 10.41 -32.17
C7 NAG UA . -36.97 14.51 -30.50
C8 NAG UA . -36.24 15.35 -29.50
N2 NAG UA . -38.16 14.05 -30.12
O3 NAG UA . -40.46 15.06 -31.51
O4 NAG UA . -42.70 13.26 -31.73
O5 NAG UA . -39.86 10.98 -31.33
O6 NAG UA . -41.31 9.17 -32.27
O7 NAG UA . -36.50 14.24 -31.60
C1 NAG VA . 70.43 28.97 -1.61
C2 NAG VA . 71.71 28.53 -2.31
C3 NAG VA . 72.53 29.75 -2.74
C4 NAG VA . 71.66 30.71 -3.56
C5 NAG VA . 70.38 31.05 -2.81
C6 NAG VA . 69.41 31.87 -3.64
C7 NAG VA . 72.42 26.32 -1.50
C8 NAG VA . 73.31 25.58 -0.56
N2 NAG VA . 72.51 27.66 -1.46
O3 NAG VA . 73.65 29.34 -3.50
O4 NAG VA . 72.38 31.90 -3.82
O5 NAG VA . 69.68 29.85 -2.45
O6 NAG VA . 68.20 31.17 -3.85
O7 NAG VA . 71.64 25.74 -2.25
#